data_9PMW
#
_entry.id   9PMW
#
loop_
_entity.id
_entity.type
_entity.pdbx_description
1 polymer HHL1
2 polymer HD4
3 polymer HL2
4 polymer Huntingtin
5 polymer '40-kDa huntingtin-associated protein'
#
loop_
_entity_poly.entity_id
_entity_poly.type
_entity_poly.pdbx_seq_one_letter_code
_entity_poly.pdbx_strand_id
1 'polypeptide(L)' (ACE)YLIRSSFNWFVFVEVPC(NH2) C
2 'polypeptide(L)' (ACE)(DTY)DIWCETNKQTGILVLC(NH2) D
3 'polypeptide(L)' (ACE)YTARYLTLGTLHYKC(NH2) E
4 'polypeptide(L)'
;MATLEKLMKAFESLKSFQQQQQQQQQQQQQQQQQQQQQQQPPPPPPPPPPPQLPQPPPQAQPLLPQPQPPPPPPPPPPGP
AVAEEPLHRPKKELSATKKDRVNHCLTICENIVAQSVRNSPEFQKLLGIAMELFLLCSDDAESDVRMVADECLNKVIKAL
MDSNLPRLQLELYKEIKKNGAPRSLRAALWRFAELAHLVRPQKCRPYLVNLLPCLTRTSKRPEESVQETLAAAVPKIMAS
FGNFANDNEIKVLLKAFIANLKSSSPTIRRTAAGSAVSICQHSRRTQYFYSWLLNVLLGLLVPVEDEHSTLLILGVLLTL
RYLVPLLQQQVKDTSLKGSFGVTRKEMEVSPSAEQLVQVYELTLHHTQHQDHNVVTGALELLQQLFRTPPPELLQTLTAV
GGIGQLTAAKEESGGRSRSGSIVELIAGGGSSCSPVLSRKQKGKVLLGEEEALEDDSESRSDVSSSALTASVKDEISGEL
AASSGVSTPGSAGHDIITEQPRSQHTLQADSVDLASCDLTSSATDGDEEDILSHSSSQVSAVPSDPAMDLNDGTQASSPI
SDSSQTTTEGPDSAVTPSDSSEIVLDGTDNQYLGLQIGQPQDEDEEATGILPDEASEAFRNSSMALQQAHLLKNMSHCRQ
PSDSSVDKFVLRDEATEPGDQENKPCRIKGDIGQSTDDDSAPLVHCVRLLSASFLLTGGKNVLVPDRDVRVSVKALALSC
VGAAVALHPESFFSKLYKVPLDTTEYPEEQYVSDILNYIDHGDPQVRGATAILCGTLICSILSRSRFHVGDWMGTIRTLT
GNTFSLADCIPLLRKTLKDESSVTCKLACTAVRNCVMSLCSSSYSELGLQLIIDVLTLRNSSYWLVRTELLETLAEIDFR
LVSFLEAKAENLHRGAHHYTGLLKLQERVLNNVVIHLLGDEDPRVRHVAAASLIRLVPKLFYKCDQGQADPVVAVARDQS
SVYLKLLMHETQPPSHFSVSTITRIYRGYNLLPSITDVTMENNLSRVIAAVSHELITSTTRALTFGCCEALCLLSTAFPV
CIWSLGWHCGPPLLSASDESRKSCTVGMATMILTLLSSAWFPLDLSAHQDALILAGNLLAASAPKSLRSSWASEEEANPA
ATKQEEVWPALGDRALVPMVEQLFSHLLKVINICAHVLDDVAPGPAIKAALPSLTNPPSLSPIRRKGKEKEPGEQASVPL
SPKKGSEASAASRQSDTSGPVTTSKSSSLGSFYHLPSYLKLHDVLKATHANYKVTLDLQNSTEKFGGFLRSALDVLSQIL
ELATLQDIGKCVEEILGYLKSCFSREPMMATVCVQQLLKTLFGTNLASQFDGLSSNPSKSQGRAQRLGSSSVRPGLYHYC
FMAPYTHFTQALADASLRNMVQAEQENDTSGWFDVLQKVSTQLKTNLTSVTKNRADKNAIHNHIRLFEPLVIKALKQYTT
TTCVQLQKQVLDLLAQLVQLRVNYCLLDSDQVFIGFVLKQFEYIEVGQFRESEAIIPNIFFFLVLLSYERYHSKQIIGIP
KIIQLCDGIMASGRKAVTHAIPALQPIVHDLFVLRGTNKADAGKELETQKEVVVSMLLRLIQYHQVLEMFILVLQQCHKE
NEDKWKRLSRQIADIILPMLAKQQMHIDSHEALGVLNTLFEILAPSSLRPVDMLLRSMFVTPNTMASVSTVQLWISGILA
ILRVLISQSTEDIVLSRIQELSFSPYLISCTVINRLRDGDSTSTLEEHSEGKQIKNLPEETFSRFLLQLVGILLEDIVTK
QLKVEMSEQQHTFYCQELGTLLMCLIHIFKSGMFRRITAAATRLFRSDGCGGSFYTLDSLNLRARSMITTHPALVLLWCQ
ILLLVNHTDYRWWAEVQQTPKRHSLSSTKLLSPQMSGEEEDSDLAAKLGMCNREIVRRGALILFCDYVCQNLHDSEHLTW
LIVNHIQDLISLSHEPPVQDFISAVHRNSAASGLFIQAIQSRCENLSTPTMLKKTLQCLEGIHLSQSGAVLTLYVDRLLC
TPFRVLARMVDILACRRVEMLLAANLQSSMAQLPMEELNRIQEYLQSSGLAQRHQRLYSLLDRFRLSTMQDSLSPSPPVS
SHPLDGDGHVSLETVSPDKDWYVHLVKSQCWTRSDSALLEGAELVNRIPAEDMNAFMMNSEFNLSLLAPCLSLGMSEISG
GQKSALFEAAREVTLARVSGTVQQLPAVHHVFQPELPAEPAAYWSKLNDLFGDAALYQSLPTLARALAQYLVVVSKLPSH
LHLPPEKEKDIVKFVVATLEALSWHLIHEQIPLSLDLQAGLDCCCLALQLPGLWSVVSSTEFVTHACSLIHCVHFILEAV
AVQPGEQLLSPERRTNTPKAISEEEEEVDPNTQNPKYITAACEMVAEMVESLQSVLALGHKRNSGVPAFLTPLLRNIIIS
LARLPLVNSYTRVPPLVWKLGWSPKPGGDFGTAFPEIPVEFLQEKEVFKEFIYRINTLGWTSRTQFEETWATLLGVLVTQ
PLVMEQEESPPEEDTERTQINVLAVQAITSLVLSAMTVPVAGNPAVSCLEQQPRNKPLKALDTRFGRKLSIIRGIVEQEI
QAMVSKRENIATHHLYQAWDPVPSLSPATTGALISHEKLLLQINPERELGSMSYKLGQVSIHSVWLGNSITPLREEEWDE
EEEEEADAPAPSSPPTSPVNSRKHRAGVDIHSCSQFLLELYSRWILPSSSARRTPAILISEVVRSLLVVSDLFTERNQFE
LMYVTLTELRRVHPSEDEILAQYLVPATCKAAAVLGMDKAVAEPVSRLLESTLRSSHLPSRVGALHGILYVLECDLLDDT
AKQLIPVISDYLLSNLKGIAHCVNIHSQQHVLVMCATAFYLIENYPLDVGPEFSASIIQMCGVMLSGSEESTPSIIYHCA
LRGLERLLLSEQLSRLDAESLVKLSVDRVNVHSPHRAMAALGLMLTCMYTGKEKVSPGRTSDPNPAAPDSESVIVAMERV
SVLFDRIRKGFPCEARVVARILPQFLDDFFPPQDIMNKVIGEFLSNQQPYPQFMATVVYKVFQTLHSTGQSSMVRDWVML
SLSNFTQRAPVAMATWSLSCFFVSASTSPWVAAILPHVISRMGKLEQVDVNLFCLVATDFYRHQIEEELDRRAFQSVLEV
VAAPGSPYHRLLTCLRNVHKVTTCGGSGDYKDDDDK
;
A
5 'polypeptide(L)'
;MHHHHHHSSGRENLYFQGMAAAAAGLGGGGAGPGPEAGDFLARYRLVSNKLKKRFLRKPNVAEAGEQFGQLGRELRAQEC
LPYAAWCQLAVARCQQALFHGPGEALALTEAARLFLRQERDARQRLVCPAAYGEPLQAAASALGAAVRLHLELGQPAAAA
ALCLELAAALRDLGQPAAAAGHFQRAAQLQLPQLPLAALQALGEAASCQLLARDYTGALAVFTRMQRLAREHGSHPVQSL
PPPPPPAPQPGPGATPALPAALLPPNSGSAAPSPAALGAFSDVLVRCEVSRVLLLLLLQPPPAKLLPEHAQTLEKYSWEA
FDSHGQESSGQLPEELFLLLQSLVMATHEKDTEAIKSLQVEMWPLLTAEQNHLLHLVLQETISPSGQGV
;
B
#
# COMPACT_ATOMS: atom_id res chain seq x y z
N TYR A 2 22.30 23.74 -34.84
CA TYR A 2 21.48 23.09 -33.71
C TYR A 2 20.22 23.93 -33.42
N LEU A 3 19.35 23.48 -32.44
CA LEU A 3 18.38 24.27 -31.68
C LEU A 3 19.03 24.89 -30.42
N ILE A 4 18.54 26.06 -29.99
CA ILE A 4 18.89 26.72 -28.71
C ILE A 4 17.64 27.39 -28.08
N ARG A 5 17.61 27.59 -26.75
CA ARG A 5 16.45 28.14 -26.04
C ARG A 5 16.30 29.66 -26.28
N SER A 6 15.07 30.12 -26.53
CA SER A 6 14.77 31.40 -27.20
C SER A 6 15.11 32.71 -26.48
N SER A 7 15.43 32.66 -25.18
CA SER A 7 15.52 33.80 -24.23
C SER A 7 14.19 34.52 -23.92
N PHE A 8 13.27 34.70 -24.89
CA PHE A 8 11.95 35.31 -24.61
C PHE A 8 10.92 34.35 -24.00
N ASN A 9 11.09 33.03 -24.14
CA ASN A 9 10.21 32.02 -23.55
C ASN A 9 11.00 30.72 -23.28
N TRP A 10 10.92 30.18 -22.05
CA TRP A 10 11.66 28.98 -21.66
C TRP A 10 11.29 27.73 -22.49
N PHE A 11 10.03 27.63 -22.90
CA PHE A 11 9.51 26.49 -23.66
C PHE A 11 9.74 26.60 -25.17
N VAL A 12 10.17 27.77 -25.66
CA VAL A 12 10.44 28.00 -27.09
C VAL A 12 11.93 27.85 -27.39
N PHE A 13 12.22 27.19 -28.50
CA PHE A 13 13.56 26.96 -29.02
C PHE A 13 13.63 27.45 -30.48
N VAL A 14 14.82 27.87 -30.90
CA VAL A 14 15.10 28.51 -32.19
C VAL A 14 16.37 27.91 -32.79
N GLU A 15 16.46 27.85 -34.12
CA GLU A 15 17.63 27.30 -34.79
C GLU A 15 18.81 28.27 -34.85
N VAL A 16 20.03 27.72 -34.86
CA VAL A 16 21.28 28.44 -35.11
C VAL A 16 22.07 27.74 -36.22
N PRO A 17 22.69 28.49 -37.17
CA PRO A 17 23.36 27.92 -38.34
C PRO A 17 24.41 26.85 -38.00
N CYS A 18 24.35 25.77 -38.87
CA CYS A 18 25.28 24.62 -38.75
C CYS A 18 25.84 24.08 -40.07
N ASP B 3 3.02 -14.75 55.67
CA ASP B 3 4.44 -14.41 55.76
C ASP B 3 5.08 -14.99 57.04
N ILE B 4 6.41 -15.10 56.99
CA ILE B 4 7.25 -15.63 58.09
C ILE B 4 7.33 -14.72 59.32
N TRP B 5 7.06 -13.41 59.19
CA TRP B 5 7.09 -12.47 60.32
C TRP B 5 5.89 -12.71 61.25
N CYS B 6 4.68 -12.77 60.61
CA CYS B 6 3.45 -13.36 61.18
C CYS B 6 3.69 -14.75 61.79
N GLU B 7 4.19 -15.72 60.95
CA GLU B 7 4.22 -17.16 61.26
C GLU B 7 5.17 -17.53 62.43
N THR B 8 6.32 -16.87 62.57
CA THR B 8 7.20 -17.08 63.74
C THR B 8 7.05 -16.02 64.85
N ASN B 9 6.01 -15.18 64.76
CA ASN B 9 5.71 -14.08 65.68
C ASN B 9 6.91 -13.13 65.92
N LYS B 10 7.50 -12.64 64.82
CA LYS B 10 8.58 -11.65 64.81
C LYS B 10 8.09 -10.34 64.20
N GLN B 11 8.44 -9.24 64.86
CA GLN B 11 8.22 -7.89 64.32
C GLN B 11 9.03 -7.66 63.03
N THR B 12 8.44 -6.92 62.10
CA THR B 12 9.12 -6.44 60.88
C THR B 12 10.01 -5.22 61.17
N GLY B 13 10.98 -4.96 60.30
CA GLY B 13 11.99 -3.91 60.48
C GLY B 13 11.52 -2.49 60.12
N ILE B 14 12.41 -1.53 60.38
CA ILE B 14 12.29 -0.11 60.03
C ILE B 14 13.44 0.24 59.06
N LEU B 15 13.20 1.07 58.03
CA LEU B 15 14.26 1.59 57.18
C LEU B 15 14.76 2.98 57.62
N VAL B 16 16.07 3.20 57.51
CA VAL B 16 16.77 4.45 57.79
C VAL B 16 17.99 4.53 56.86
N LEU B 17 18.38 5.72 56.41
CA LEU B 17 19.66 5.89 55.69
C LEU B 17 20.87 5.65 56.64
N CYS B 18 21.99 5.15 56.08
CA CYS B 18 23.25 4.88 56.80
C CYS B 18 23.13 3.99 58.04
N TYR C 2 -6.11 -61.92 3.18
CA TYR C 2 -4.90 -61.03 2.90
C TYR C 2 -3.93 -61.34 4.04
N THR C 3 -2.58 -61.38 3.75
CA THR C 3 -1.52 -61.74 4.72
C THR C 3 -0.47 -60.64 4.79
N ALA C 4 -0.06 -60.29 6.00
CA ALA C 4 1.03 -59.36 6.27
C ALA C 4 2.19 -60.05 7.01
N ARG C 5 3.34 -59.38 7.07
CA ARG C 5 4.52 -59.78 7.83
C ARG C 5 5.12 -58.52 8.45
N TYR C 6 5.50 -58.62 9.71
CA TYR C 6 6.09 -57.53 10.49
C TYR C 6 7.43 -58.00 11.09
N LEU C 7 8.20 -57.07 11.69
CA LEU C 7 9.43 -57.38 12.42
C LEU C 7 9.13 -57.88 13.84
N THR C 8 8.42 -57.06 14.62
CA THR C 8 8.19 -57.26 16.06
C THR C 8 6.88 -57.99 16.35
N LEU C 9 5.85 -57.72 15.54
CA LEU C 9 4.70 -58.60 15.35
C LEU C 9 5.11 -59.73 14.39
N GLY C 10 4.36 -60.83 14.40
CA GLY C 10 4.63 -61.98 13.51
C GLY C 10 4.17 -61.80 12.06
N THR C 11 3.83 -62.93 11.41
CA THR C 11 3.00 -62.91 10.19
C THR C 11 1.53 -63.15 10.53
N LEU C 12 0.66 -62.27 10.03
CA LEU C 12 -0.73 -62.16 10.45
C LEU C 12 -1.66 -62.19 9.24
N HIS C 13 -2.91 -62.65 9.45
CA HIS C 13 -3.90 -62.84 8.38
C HIS C 13 -5.15 -62.02 8.69
N TYR C 14 -5.66 -61.35 7.66
CA TYR C 14 -6.90 -60.59 7.67
C TYR C 14 -7.89 -61.19 6.66
N LYS C 15 -9.16 -61.27 7.07
CA LYS C 15 -10.29 -61.81 6.29
C LYS C 15 -10.64 -60.86 5.13
N CYS C 16 -10.19 -61.07 3.84
CA CYS C 16 -10.73 -60.32 2.69
C CYS C 16 -12.16 -60.66 2.49
N THR D 97 -36.29 -24.49 49.97
CA THR D 97 -36.39 -23.05 49.59
C THR D 97 -35.02 -22.44 49.40
N LYS D 98 -34.78 -21.72 48.29
CA LYS D 98 -33.47 -21.11 47.98
C LYS D 98 -33.12 -19.93 48.87
N LYS D 99 -34.09 -19.10 49.26
CA LYS D 99 -33.88 -17.79 49.90
C LYS D 99 -33.10 -17.88 51.22
N ASP D 100 -33.44 -18.81 52.10
CA ASP D 100 -32.76 -19.00 53.38
C ASP D 100 -31.26 -19.33 53.21
N ARG D 101 -30.95 -20.32 52.36
CA ARG D 101 -29.58 -20.75 52.08
C ARG D 101 -28.79 -19.69 51.32
N VAL D 102 -29.37 -19.06 50.30
CA VAL D 102 -28.72 -17.96 49.57
C VAL D 102 -28.36 -16.82 50.52
N ASN D 103 -29.28 -16.37 51.37
CA ASN D 103 -29.01 -15.29 52.32
C ASN D 103 -27.96 -15.70 53.37
N HIS D 104 -28.02 -16.94 53.86
CA HIS D 104 -27.01 -17.47 54.79
C HIS D 104 -25.62 -17.49 54.15
N CYS D 105 -25.47 -18.05 52.94
CA CYS D 105 -24.21 -18.05 52.21
C CYS D 105 -23.66 -16.64 51.99
N LEU D 106 -24.46 -15.74 51.40
CA LEU D 106 -24.03 -14.38 51.11
C LEU D 106 -23.68 -13.59 52.39
N THR D 107 -24.35 -13.87 53.51
CA THR D 107 -24.03 -13.25 54.81
C THR D 107 -22.68 -13.73 55.34
N ILE D 108 -22.43 -15.04 55.36
CA ILE D 108 -21.15 -15.61 55.83
C ILE D 108 -19.99 -15.17 54.93
N CYS D 109 -20.22 -15.18 53.61
CA CYS D 109 -19.28 -14.71 52.60
C CYS D 109 -18.90 -13.24 52.81
N GLU D 110 -19.89 -12.35 52.88
CA GLU D 110 -19.63 -10.92 53.06
C GLU D 110 -18.97 -10.61 54.41
N ASN D 111 -19.36 -11.29 55.49
CA ASN D 111 -18.73 -11.16 56.80
C ASN D 111 -17.23 -11.52 56.76
N ILE D 112 -16.86 -12.62 56.12
CA ILE D 112 -15.48 -13.08 56.04
C ILE D 112 -14.63 -12.15 55.16
N VAL D 113 -15.08 -11.74 53.97
CA VAL D 113 -14.25 -10.88 53.12
C VAL D 113 -14.15 -9.45 53.64
N ALA D 114 -15.20 -8.92 54.31
CA ALA D 114 -15.18 -7.56 54.85
C ALA D 114 -14.28 -7.41 56.10
N GLN D 115 -14.05 -8.48 56.86
CA GLN D 115 -13.20 -8.48 58.05
C GLN D 115 -11.72 -8.26 57.68
N SER D 116 -11.08 -7.24 58.23
CA SER D 116 -9.74 -6.77 57.80
C SER D 116 -8.55 -7.49 58.46
N VAL D 117 -8.71 -8.03 59.67
CA VAL D 117 -7.61 -8.62 60.46
C VAL D 117 -7.05 -9.92 59.85
N ARG D 118 -7.94 -10.83 59.40
CA ARG D 118 -7.66 -12.07 58.63
C ARG D 118 -6.59 -13.03 59.20
N ASN D 119 -6.23 -12.94 60.49
CA ASN D 119 -5.05 -13.63 61.04
C ASN D 119 -5.27 -14.31 62.43
N SER D 120 -6.43 -14.13 63.06
CA SER D 120 -6.72 -14.74 64.38
C SER D 120 -7.16 -16.22 64.29
N PRO D 121 -6.99 -17.02 65.35
CA PRO D 121 -7.42 -18.42 65.34
C PRO D 121 -8.96 -18.55 65.24
N GLU D 122 -9.71 -17.65 65.87
CA GLU D 122 -11.18 -17.62 65.75
C GLU D 122 -11.65 -17.28 64.33
N PHE D 123 -10.89 -16.49 63.57
CA PHE D 123 -11.16 -16.29 62.15
C PHE D 123 -10.91 -17.56 61.34
N GLN D 124 -9.87 -18.34 61.68
CA GLN D 124 -9.63 -19.62 61.02
C GLN D 124 -10.66 -20.70 61.38
N LYS D 125 -11.22 -20.70 62.61
CA LYS D 125 -12.38 -21.53 62.96
C LYS D 125 -13.61 -21.16 62.12
N LEU D 126 -13.93 -19.87 62.02
CA LEU D 126 -15.03 -19.39 61.17
C LEU D 126 -14.78 -19.72 59.68
N LEU D 127 -13.54 -19.59 59.21
CA LEU D 127 -13.20 -19.87 57.82
C LEU D 127 -13.44 -21.35 57.45
N GLY D 128 -13.00 -22.28 58.30
CA GLY D 128 -13.26 -23.71 58.08
C GLY D 128 -14.75 -24.02 58.00
N ILE D 129 -15.55 -23.47 58.92
CA ILE D 129 -17.02 -23.59 58.90
C ILE D 129 -17.62 -23.04 57.61
N ALA D 130 -17.09 -21.95 57.05
CA ALA D 130 -17.56 -21.40 55.78
C ALA D 130 -17.17 -22.25 54.57
N MET D 131 -15.97 -22.84 54.56
CA MET D 131 -15.58 -23.77 53.50
C MET D 131 -16.48 -25.01 53.52
N GLU D 132 -16.77 -25.56 54.70
CA GLU D 132 -17.75 -26.63 54.87
C GLU D 132 -19.16 -26.20 54.41
N LEU D 133 -19.63 -25.00 54.77
CA LEU D 133 -20.92 -24.49 54.34
C LEU D 133 -21.02 -24.40 52.81
N PHE D 134 -20.07 -23.74 52.14
CA PHE D 134 -20.17 -23.55 50.70
C PHE D 134 -20.00 -24.86 49.93
N LEU D 135 -19.09 -25.74 50.33
CA LEU D 135 -18.92 -27.05 49.69
C LEU D 135 -20.12 -27.98 49.92
N LEU D 136 -20.82 -27.87 51.05
CA LEU D 136 -22.13 -28.51 51.23
C LEU D 136 -23.15 -27.93 50.23
N CYS D 137 -23.27 -26.61 50.17
CA CYS D 137 -24.19 -25.93 49.26
C CYS D 137 -23.90 -26.17 47.78
N SER D 138 -22.66 -26.50 47.41
CA SER D 138 -22.33 -26.95 46.04
C SER D 138 -23.08 -28.22 45.61
N ASP D 139 -23.56 -29.05 46.55
CA ASP D 139 -24.35 -30.25 46.25
C ASP D 139 -25.88 -30.05 46.33
N ASP D 140 -26.39 -28.85 46.61
CA ASP D 140 -27.82 -28.68 46.83
C ASP D 140 -28.67 -28.90 45.56
N ALA D 141 -29.91 -29.35 45.74
CA ALA D 141 -30.85 -29.54 44.64
C ALA D 141 -31.23 -28.20 43.96
N GLU D 142 -31.29 -27.10 44.69
CA GLU D 142 -31.70 -25.80 44.13
C GLU D 142 -30.53 -25.09 43.44
N SER D 143 -30.63 -24.89 42.12
CA SER D 143 -29.54 -24.37 41.29
C SER D 143 -28.98 -23.02 41.74
N ASP D 144 -29.84 -22.12 42.22
CA ASP D 144 -29.41 -20.84 42.80
C ASP D 144 -28.50 -21.01 44.03
N VAL D 145 -28.75 -22.01 44.87
CA VAL D 145 -27.90 -22.26 46.04
C VAL D 145 -26.51 -22.76 45.61
N ARG D 146 -26.44 -23.62 44.59
CA ARG D 146 -25.18 -24.06 43.99
C ARG D 146 -24.40 -22.86 43.42
N MET D 147 -25.04 -22.06 42.56
CA MET D 147 -24.40 -20.89 41.92
C MET D 147 -23.89 -19.88 42.94
N VAL D 148 -24.67 -19.59 43.98
CA VAL D 148 -24.24 -18.68 45.06
C VAL D 148 -23.06 -19.23 45.84
N ALA D 149 -23.07 -20.50 46.24
CA ALA D 149 -21.94 -21.06 46.99
C ALA D 149 -20.65 -21.16 46.14
N ASP D 150 -20.75 -21.39 44.84
CA ASP D 150 -19.60 -21.29 43.93
C ASP D 150 -19.02 -19.87 43.89
N GLU D 151 -19.88 -18.86 43.75
CA GLU D 151 -19.46 -17.46 43.78
C GLU D 151 -18.84 -17.10 45.14
N CYS D 152 -19.38 -17.61 46.25
CA CYS D 152 -18.82 -17.41 47.58
C CYS D 152 -17.46 -18.08 47.75
N LEU D 153 -17.26 -19.30 47.25
CA LEU D 153 -15.94 -19.93 47.26
C LEU D 153 -14.94 -19.12 46.45
N ASN D 154 -15.31 -18.68 45.25
CA ASN D 154 -14.42 -17.88 44.43
C ASN D 154 -14.10 -16.53 45.09
N LYS D 155 -15.08 -15.83 45.68
CA LYS D 155 -14.88 -14.59 46.45
C LYS D 155 -13.95 -14.81 47.63
N VAL D 156 -14.28 -15.72 48.54
CA VAL D 156 -13.53 -15.92 49.78
C VAL D 156 -12.11 -16.42 49.52
N ILE D 157 -11.89 -17.22 48.47
CA ILE D 157 -10.54 -17.61 48.07
C ILE D 157 -9.77 -16.37 47.63
N LYS D 158 -10.24 -15.64 46.61
CA LYS D 158 -9.52 -14.47 46.09
C LYS D 158 -9.35 -13.34 47.10
N ALA D 159 -10.26 -13.20 48.05
CA ALA D 159 -10.14 -12.28 49.17
C ALA D 159 -9.06 -12.68 50.19
N LEU D 160 -8.71 -13.97 50.29
CA LEU D 160 -7.81 -14.48 51.34
C LEU D 160 -6.50 -15.11 50.83
N MET D 161 -6.24 -15.17 49.51
CA MET D 161 -5.01 -15.82 49.00
C MET D 161 -3.70 -15.23 49.53
N ASP D 162 -3.67 -13.94 49.87
CA ASP D 162 -2.48 -13.31 50.45
C ASP D 162 -2.27 -13.66 51.94
N SER D 163 -3.24 -14.28 52.60
CA SER D 163 -3.31 -14.40 54.06
C SER D 163 -3.59 -15.81 54.60
N ASN D 164 -4.34 -16.67 53.89
CA ASN D 164 -4.83 -17.95 54.43
C ASN D 164 -4.88 -19.14 53.45
N LEU D 165 -4.12 -19.15 52.36
CA LEU D 165 -3.92 -20.37 51.54
C LEU D 165 -3.59 -21.63 52.35
N PRO D 166 -2.74 -21.59 53.40
CA PRO D 166 -2.47 -22.79 54.19
C PRO D 166 -3.66 -23.35 54.99
N ARG D 167 -4.80 -22.65 55.08
CA ARG D 167 -6.07 -23.25 55.51
C ARG D 167 -7.11 -23.42 54.39
N LEU D 168 -7.21 -22.52 53.41
CA LEU D 168 -8.06 -22.74 52.24
C LEU D 168 -7.76 -24.08 51.55
N GLN D 169 -6.49 -24.38 51.29
CA GLN D 169 -6.09 -25.65 50.68
C GLN D 169 -6.28 -26.85 51.60
N LEU D 170 -6.18 -26.68 52.93
CA LEU D 170 -6.45 -27.74 53.89
C LEU D 170 -7.93 -28.15 53.91
N GLU D 171 -8.85 -27.19 53.86
CA GLU D 171 -10.28 -27.49 53.84
C GLU D 171 -10.72 -28.08 52.49
N LEU D 172 -10.17 -27.60 51.36
CA LEU D 172 -10.40 -28.22 50.07
C LEU D 172 -9.85 -29.68 50.04
N TYR D 173 -8.72 -29.95 50.68
CA TYR D 173 -8.23 -31.32 50.86
C TYR D 173 -9.12 -32.16 51.77
N LYS D 174 -9.61 -31.61 52.88
CA LYS D 174 -10.52 -32.33 53.79
C LYS D 174 -11.83 -32.75 53.11
N GLU D 175 -12.31 -32.03 52.10
CA GLU D 175 -13.42 -32.47 51.27
C GLU D 175 -13.00 -33.56 50.27
N ILE D 176 -11.85 -33.41 49.58
CA ILE D 176 -11.41 -34.46 48.64
C ILE D 176 -11.09 -35.79 49.34
N LYS D 177 -10.64 -35.76 50.61
CA LYS D 177 -10.37 -36.97 51.38
C LYS D 177 -11.63 -37.77 51.74
N LYS D 178 -12.77 -37.10 51.89
CA LYS D 178 -14.07 -37.71 52.25
C LYS D 178 -14.68 -38.59 51.15
N ASN D 179 -14.28 -38.41 49.88
CA ASN D 179 -14.78 -39.18 48.74
C ASN D 179 -16.33 -39.13 48.63
N GLY D 180 -16.91 -37.97 48.88
CA GLY D 180 -18.36 -37.75 48.99
C GLY D 180 -19.13 -37.69 47.67
N ALA D 181 -20.20 -36.89 47.65
CA ALA D 181 -21.06 -36.74 46.47
C ALA D 181 -20.34 -36.06 45.30
N PRO D 182 -20.73 -36.32 44.04
CA PRO D 182 -20.06 -35.81 42.85
C PRO D 182 -19.81 -34.29 42.86
N ARG D 183 -20.81 -33.48 43.23
CA ARG D 183 -20.71 -32.03 43.16
C ARG D 183 -19.79 -31.42 44.22
N SER D 184 -19.88 -31.83 45.48
CA SER D 184 -19.02 -31.27 46.53
C SER D 184 -17.57 -31.71 46.37
N LEU D 185 -17.33 -32.95 45.93
CA LEU D 185 -16.02 -33.47 45.56
C LEU D 185 -15.40 -32.66 44.41
N ARG D 186 -16.12 -32.50 43.30
CA ARG D 186 -15.69 -31.66 42.16
C ARG D 186 -15.41 -30.22 42.56
N ALA D 187 -16.29 -29.61 43.35
CA ALA D 187 -16.14 -28.23 43.81
C ALA D 187 -14.86 -27.99 44.62
N ALA D 188 -14.38 -29.01 45.35
CA ALA D 188 -13.07 -28.96 45.98
C ALA D 188 -11.94 -29.31 45.00
N LEU D 189 -12.12 -30.30 44.14
CA LEU D 189 -11.09 -30.86 43.26
C LEU D 189 -10.50 -29.83 42.30
N TRP D 190 -11.33 -29.13 41.52
CA TRP D 190 -10.81 -28.20 40.51
C TRP D 190 -10.19 -26.96 41.15
N ARG D 191 -10.75 -26.47 42.27
CA ARG D 191 -10.17 -25.40 43.09
C ARG D 191 -8.81 -25.78 43.67
N PHE D 192 -8.65 -26.97 44.24
CA PHE D 192 -7.37 -27.43 44.74
C PHE D 192 -6.32 -27.52 43.62
N ALA D 193 -6.71 -27.95 42.42
CA ALA D 193 -5.84 -27.97 41.27
C ALA D 193 -5.44 -26.56 40.77
N GLU D 194 -6.27 -25.52 40.94
CA GLU D 194 -5.86 -24.13 40.67
C GLU D 194 -4.84 -23.63 41.69
N LEU D 195 -5.11 -23.86 42.97
CA LEU D 195 -4.28 -23.39 44.07
C LEU D 195 -2.97 -24.18 44.22
N ALA D 196 -2.82 -25.34 43.59
CA ALA D 196 -1.63 -26.20 43.71
C ALA D 196 -0.32 -25.48 43.36
N HIS D 197 -0.31 -24.56 42.38
CA HIS D 197 0.90 -23.81 42.00
C HIS D 197 1.39 -22.81 43.06
N LEU D 198 0.56 -22.44 44.03
CA LEU D 198 0.85 -21.48 45.10
C LEU D 198 1.43 -22.12 46.36
N VAL D 199 1.42 -23.45 46.48
CA VAL D 199 1.92 -24.15 47.68
C VAL D 199 3.45 -24.07 47.80
N ARG D 200 3.96 -23.90 49.02
CA ARG D 200 5.41 -23.80 49.29
C ARG D 200 6.14 -25.12 49.02
N PRO D 201 7.39 -25.10 48.52
CA PRO D 201 8.29 -26.26 48.52
C PRO D 201 8.40 -26.99 49.86
N GLN D 202 8.29 -26.25 50.96
CA GLN D 202 8.25 -26.77 52.33
C GLN D 202 7.08 -27.73 52.62
N LYS D 203 6.01 -27.71 51.80
CA LYS D 203 4.77 -28.49 52.01
C LYS D 203 4.36 -29.37 50.82
N CYS D 204 5.05 -29.30 49.68
CA CYS D 204 4.79 -30.15 48.51
C CYS D 204 4.86 -31.66 48.83
N ARG D 205 5.90 -32.11 49.54
CA ARG D 205 6.09 -33.51 49.95
C ARG D 205 4.92 -34.03 50.82
N PRO D 206 4.53 -33.38 51.93
CA PRO D 206 3.30 -33.71 52.66
C PRO D 206 2.05 -33.76 51.78
N TYR D 207 1.80 -32.76 50.94
CA TYR D 207 0.57 -32.73 50.13
C TYR D 207 0.53 -33.84 49.08
N LEU D 208 1.63 -34.16 48.40
CA LEU D 208 1.70 -35.31 47.51
C LEU D 208 1.36 -36.63 48.22
N VAL D 209 2.02 -36.92 49.35
CA VAL D 209 1.79 -38.16 50.11
C VAL D 209 0.34 -38.29 50.54
N ASN D 210 -0.28 -37.19 50.96
CA ASN D 210 -1.68 -37.14 51.32
C ASN D 210 -2.63 -37.21 50.10
N LEU D 211 -2.26 -36.68 48.94
CA LEU D 211 -3.11 -36.70 47.74
C LEU D 211 -3.05 -38.01 46.95
N LEU D 212 -1.96 -38.77 46.95
CA LEU D 212 -1.90 -40.04 46.20
C LEU D 212 -3.06 -40.99 46.57
N PRO D 213 -3.37 -41.28 47.86
CA PRO D 213 -4.58 -42.01 48.24
C PRO D 213 -5.91 -41.40 47.75
N CYS D 214 -6.00 -40.09 47.61
CA CYS D 214 -7.20 -39.43 47.09
C CYS D 214 -7.31 -39.61 45.57
N LEU D 215 -6.23 -39.37 44.83
CA LEU D 215 -6.14 -39.52 43.38
C LEU D 215 -6.41 -40.96 42.93
N THR D 216 -5.95 -41.96 43.69
CA THR D 216 -6.23 -43.38 43.40
C THR D 216 -7.57 -43.88 43.94
N ARG D 217 -8.34 -43.08 44.69
CA ARG D 217 -9.76 -43.35 45.00
C ARG D 217 -10.70 -42.68 44.01
N THR D 218 -10.47 -41.40 43.71
CA THR D 218 -11.32 -40.64 42.78
C THR D 218 -11.24 -41.19 41.34
N SER D 219 -10.14 -41.84 40.97
CA SER D 219 -9.96 -42.52 39.68
C SER D 219 -10.88 -43.72 39.44
N LYS D 220 -11.42 -44.36 40.48
CA LYS D 220 -12.26 -45.57 40.39
C LYS D 220 -13.72 -45.30 40.02
N ARG D 221 -14.17 -44.05 40.10
CA ARG D 221 -15.59 -43.67 40.13
C ARG D 221 -16.28 -43.73 38.77
N PRO D 222 -17.58 -44.06 38.71
CA PRO D 222 -18.29 -44.22 37.45
C PRO D 222 -18.77 -42.89 36.84
N GLU D 223 -18.79 -41.81 37.63
CA GLU D 223 -19.30 -40.51 37.20
C GLU D 223 -18.39 -39.82 36.16
N GLU D 224 -18.88 -39.67 34.93
CA GLU D 224 -18.16 -38.98 33.86
C GLU D 224 -17.88 -37.51 34.15
N SER D 225 -18.73 -36.85 34.94
CA SER D 225 -18.48 -35.49 35.43
C SER D 225 -17.26 -35.43 36.36
N VAL D 226 -17.12 -36.37 37.29
CA VAL D 226 -15.97 -36.45 38.21
C VAL D 226 -14.70 -36.81 37.45
N GLN D 227 -14.79 -37.73 36.49
CA GLN D 227 -13.67 -38.15 35.67
C GLN D 227 -13.17 -37.03 34.73
N GLU D 228 -14.06 -36.21 34.17
CA GLU D 228 -13.67 -35.06 33.34
C GLU D 228 -13.07 -33.92 34.20
N THR D 229 -13.51 -33.75 35.46
CA THR D 229 -12.83 -32.84 36.39
C THR D 229 -11.44 -33.34 36.76
N LEU D 230 -11.30 -34.64 37.02
CA LEU D 230 -10.01 -35.27 37.30
C LEU D 230 -9.02 -35.15 36.13
N ALA D 231 -9.48 -35.22 34.89
CA ALA D 231 -8.66 -34.98 33.71
C ALA D 231 -8.06 -33.57 33.64
N ALA D 232 -8.75 -32.55 34.16
CA ALA D 232 -8.19 -31.20 34.31
C ALA D 232 -7.30 -31.07 35.56
N ALA D 233 -7.62 -31.77 36.65
CA ALA D 233 -6.89 -31.66 37.92
C ALA D 233 -5.50 -32.29 37.91
N VAL D 234 -5.36 -33.52 37.39
CA VAL D 234 -4.07 -34.26 37.40
C VAL D 234 -2.92 -33.50 36.70
N PRO D 235 -3.06 -32.95 35.48
CA PRO D 235 -2.00 -32.15 34.86
C PRO D 235 -1.49 -30.96 35.68
N LYS D 236 -2.32 -30.38 36.55
CA LYS D 236 -1.98 -29.22 37.39
C LYS D 236 -1.40 -29.61 38.74
N ILE D 237 -1.96 -30.65 39.36
CA ILE D 237 -1.42 -31.25 40.59
C ILE D 237 -0.04 -31.87 40.32
N MET D 238 0.14 -32.68 39.28
CA MET D 238 1.44 -33.30 39.01
C MET D 238 2.50 -32.30 38.56
N ALA D 239 2.14 -31.22 37.84
CA ALA D 239 3.06 -30.13 37.55
C ALA D 239 3.54 -29.37 38.81
N SER D 240 2.78 -29.43 39.91
CA SER D 240 3.10 -28.79 41.18
C SER D 240 3.84 -29.71 42.16
N PHE D 241 3.59 -31.01 42.12
CA PHE D 241 4.06 -31.98 43.13
C PHE D 241 4.92 -33.13 42.59
N GLY D 242 5.00 -33.35 41.28
CA GLY D 242 5.64 -34.54 40.69
C GLY D 242 7.16 -34.67 40.92
N ASN D 243 7.87 -33.58 41.22
CA ASN D 243 9.28 -33.64 41.64
C ASN D 243 9.48 -34.17 43.07
N PHE D 244 8.43 -34.24 43.89
CA PHE D 244 8.49 -34.68 45.28
C PHE D 244 8.12 -36.15 45.46
N ALA D 245 7.85 -36.87 44.37
CA ALA D 245 7.48 -38.29 44.37
C ALA D 245 8.70 -39.22 44.37
N ASN D 246 8.57 -40.36 45.02
CA ASN D 246 9.42 -41.52 44.78
C ASN D 246 8.97 -42.26 43.51
N ASP D 247 9.84 -43.10 42.95
CA ASP D 247 9.52 -43.88 41.74
C ASP D 247 8.36 -44.86 41.96
N ASN D 248 8.29 -45.52 43.13
CA ASN D 248 7.21 -46.45 43.45
C ASN D 248 5.85 -45.73 43.59
N GLU D 249 5.84 -44.50 44.09
CA GLU D 249 4.63 -43.68 44.21
C GLU D 249 4.07 -43.30 42.83
N ILE D 250 4.94 -42.94 41.88
CA ILE D 250 4.55 -42.74 40.48
C ILE D 250 3.96 -44.03 39.90
N LYS D 251 4.60 -45.19 40.09
CA LYS D 251 4.10 -46.49 39.60
C LYS D 251 2.73 -46.84 40.18
N VAL D 252 2.49 -46.63 41.47
CA VAL D 252 1.16 -46.83 42.09
C VAL D 252 0.10 -45.91 41.44
N LEU D 253 0.45 -44.65 41.15
CA LEU D 253 -0.43 -43.76 40.39
C LEU D 253 -0.67 -44.21 38.94
N LEU D 254 0.37 -44.61 38.19
CA LEU D 254 0.20 -45.02 36.80
C LEU D 254 -0.63 -46.31 36.68
N LYS D 255 -0.44 -47.28 37.57
CA LYS D 255 -1.24 -48.52 37.59
C LYS D 255 -2.72 -48.24 37.83
N ALA D 256 -3.05 -47.28 38.69
CA ALA D 256 -4.42 -46.87 38.94
C ALA D 256 -5.11 -46.30 37.68
N PHE D 257 -4.39 -45.61 36.80
CA PHE D 257 -4.95 -45.10 35.53
C PHE D 257 -4.89 -46.10 34.38
N ILE D 258 -3.84 -46.93 34.26
CA ILE D 258 -3.81 -47.98 33.22
C ILE D 258 -5.01 -48.94 33.36
N ALA D 259 -5.44 -49.23 34.59
CA ALA D 259 -6.61 -50.07 34.87
C ALA D 259 -7.92 -49.56 34.24
N ASN D 260 -8.03 -48.26 33.95
CA ASN D 260 -9.21 -47.64 33.35
C ASN D 260 -9.19 -47.67 31.81
N LEU D 261 -8.09 -48.03 31.16
CA LEU D 261 -7.99 -48.06 29.70
C LEU D 261 -8.89 -49.13 29.04
N LYS D 262 -9.44 -50.07 29.80
CA LYS D 262 -10.47 -51.04 29.37
C LYS D 262 -11.92 -50.59 29.59
N SER D 263 -12.17 -49.40 30.12
CA SER D 263 -13.53 -48.92 30.44
C SER D 263 -14.42 -48.76 29.20
N SER D 264 -15.71 -49.05 29.34
CA SER D 264 -16.71 -48.80 28.30
C SER D 264 -16.91 -47.31 28.01
N SER D 265 -16.73 -46.45 29.01
CA SER D 265 -16.86 -45.00 28.87
C SER D 265 -15.67 -44.38 28.11
N PRO D 266 -15.89 -43.68 26.97
CA PRO D 266 -14.84 -42.93 26.30
C PRO D 266 -14.18 -41.88 27.21
N THR D 267 -14.97 -41.23 28.07
CA THR D 267 -14.53 -40.23 29.04
C THR D 267 -13.55 -40.83 30.04
N ILE D 268 -13.87 -41.97 30.64
CA ILE D 268 -12.97 -42.65 31.58
C ILE D 268 -11.66 -43.04 30.89
N ARG D 269 -11.72 -43.56 29.66
CA ARG D 269 -10.51 -43.84 28.87
C ARG D 269 -9.69 -42.57 28.58
N ARG D 270 -10.33 -41.45 28.24
CA ARG D 270 -9.65 -40.17 27.97
C ARG D 270 -8.94 -39.62 29.21
N THR D 271 -9.61 -39.61 30.35
CA THR D 271 -9.01 -39.24 31.64
C THR D 271 -7.82 -40.13 31.98
N ALA D 272 -7.93 -41.43 31.77
CA ALA D 272 -6.84 -42.37 31.99
C ALA D 272 -5.63 -42.13 31.07
N ALA D 273 -5.85 -41.98 29.76
CA ALA D 273 -4.80 -41.74 28.80
C ALA D 273 -4.06 -40.43 29.06
N GLY D 274 -4.80 -39.35 29.34
CA GLY D 274 -4.22 -38.06 29.66
C GLY D 274 -3.46 -38.07 30.97
N SER D 275 -4.02 -38.68 32.02
CA SER D 275 -3.40 -38.74 33.34
C SER D 275 -2.11 -39.54 33.32
N ALA D 276 -2.11 -40.70 32.67
CA ALA D 276 -0.92 -41.54 32.52
C ALA D 276 0.26 -40.77 31.90
N VAL D 277 0.10 -40.15 30.72
CA VAL D 277 1.22 -39.42 30.11
C VAL D 277 1.64 -38.19 30.91
N SER D 278 0.68 -37.51 31.55
CA SER D 278 0.93 -36.32 32.34
C SER D 278 1.74 -36.59 33.61
N ILE D 279 1.47 -37.71 34.28
CA ILE D 279 2.23 -38.18 35.44
C ILE D 279 3.68 -38.47 35.04
N CYS D 280 3.92 -39.13 33.90
CA CYS D 280 5.26 -39.31 33.37
C CYS D 280 5.94 -37.96 33.06
N GLN D 281 5.25 -37.03 32.41
CA GLN D 281 5.77 -35.73 31.98
C GLN D 281 6.25 -34.83 33.14
N HIS D 282 5.66 -34.98 34.33
CA HIS D 282 5.97 -34.18 35.52
C HIS D 282 6.71 -34.97 36.62
N SER D 283 7.08 -36.22 36.35
CA SER D 283 8.00 -37.01 37.18
C SER D 283 9.43 -36.45 37.13
N ARG D 284 10.31 -36.89 38.03
CA ARG D 284 11.76 -36.59 37.94
C ARG D 284 12.43 -37.32 36.77
N ARG D 285 12.12 -38.61 36.60
CA ARG D 285 12.76 -39.51 35.64
C ARG D 285 11.94 -39.65 34.36
N THR D 286 11.67 -38.54 33.68
CA THR D 286 10.70 -38.45 32.60
C THR D 286 10.95 -39.48 31.50
N GLN D 287 12.19 -39.66 31.06
CA GLN D 287 12.55 -40.58 29.99
C GLN D 287 12.46 -42.07 30.40
N TYR D 288 12.80 -42.40 31.64
CA TYR D 288 12.56 -43.72 32.23
C TYR D 288 11.07 -44.05 32.36
N PHE D 289 10.25 -43.11 32.82
CA PHE D 289 8.80 -43.32 32.90
C PHE D 289 8.11 -43.36 31.54
N TYR D 290 8.55 -42.61 30.52
CA TYR D 290 8.06 -42.82 29.16
C TYR D 290 8.41 -44.22 28.66
N SER D 291 9.62 -44.72 28.93
CA SER D 291 10.01 -46.08 28.57
C SER D 291 9.19 -47.14 29.34
N TRP D 292 8.99 -46.97 30.65
CA TRP D 292 8.14 -47.86 31.45
C TRP D 292 6.68 -47.87 30.97
N LEU D 293 6.11 -46.71 30.67
CA LEU D 293 4.74 -46.62 30.16
C LEU D 293 4.62 -47.28 28.79
N LEU D 294 5.58 -47.06 27.91
CA LEU D 294 5.68 -47.71 26.61
C LEU D 294 5.88 -49.24 26.73
N ASN D 295 6.59 -49.75 27.76
CA ASN D 295 6.61 -51.18 28.08
C ASN D 295 5.21 -51.69 28.43
N VAL D 296 4.49 -51.04 29.35
CA VAL D 296 3.15 -51.46 29.78
C VAL D 296 2.14 -51.42 28.64
N LEU D 297 2.06 -50.31 27.91
CA LEU D 297 1.11 -50.11 26.83
C LEU D 297 1.29 -51.12 25.69
N LEU D 298 2.51 -51.36 25.22
CA LEU D 298 2.72 -52.41 24.21
C LEU D 298 2.55 -53.80 24.81
N GLY D 299 2.93 -54.04 26.07
CA GLY D 299 2.61 -55.27 26.79
C GLY D 299 1.12 -55.63 26.79
N LEU D 300 0.22 -54.64 26.85
CA LEU D 300 -1.22 -54.87 26.85
C LEU D 300 -1.76 -55.38 25.50
N LEU D 301 -1.05 -55.19 24.38
CA LEU D 301 -1.49 -55.63 23.04
C LEU D 301 -0.50 -56.53 22.27
N VAL D 302 0.76 -56.63 22.67
CA VAL D 302 1.87 -57.27 21.90
C VAL D 302 1.70 -58.74 21.52
N PRO D 303 1.04 -59.64 22.28
CA PRO D 303 0.67 -60.96 21.76
C PRO D 303 -0.53 -60.82 20.79
N VAL D 304 -0.29 -60.19 19.63
CA VAL D 304 -1.33 -59.71 18.71
C VAL D 304 -2.24 -60.80 18.14
N GLU D 305 -1.79 -62.05 18.06
CA GLU D 305 -2.63 -63.19 17.66
C GLU D 305 -3.82 -63.44 18.61
N ASP D 306 -3.72 -63.01 19.87
CA ASP D 306 -4.83 -63.06 20.83
C ASP D 306 -5.84 -61.92 20.57
N GLU D 307 -7.13 -62.21 20.47
CA GLU D 307 -8.15 -61.19 20.29
C GLU D 307 -8.35 -60.38 21.58
N HIS D 308 -8.01 -59.09 21.54
CA HIS D 308 -8.14 -58.15 22.66
C HIS D 308 -9.48 -57.41 22.61
N SER D 309 -9.93 -56.88 23.74
CA SER D 309 -11.11 -56.01 23.82
C SER D 309 -10.94 -54.74 22.99
N THR D 310 -11.95 -54.37 22.20
CA THR D 310 -11.96 -53.11 21.42
C THR D 310 -11.79 -51.87 22.30
N LEU D 311 -12.35 -51.89 23.49
CA LEU D 311 -12.22 -50.82 24.47
C LEU D 311 -10.77 -50.61 24.89
N LEU D 312 -10.06 -51.71 25.18
CA LEU D 312 -8.64 -51.67 25.55
C LEU D 312 -7.75 -51.22 24.37
N ILE D 313 -8.05 -51.66 23.16
CA ILE D 313 -7.34 -51.20 21.96
C ILE D 313 -7.46 -49.68 21.84
N LEU D 314 -8.66 -49.12 21.94
CA LEU D 314 -8.88 -47.68 21.90
C LEU D 314 -8.15 -46.92 23.02
N GLY D 315 -8.23 -47.41 24.27
CA GLY D 315 -7.55 -46.79 25.41
C GLY D 315 -6.03 -46.75 25.23
N VAL D 316 -5.44 -47.84 24.76
CA VAL D 316 -3.99 -47.92 24.51
C VAL D 316 -3.56 -47.09 23.30
N LEU D 317 -4.26 -47.14 22.16
CA LEU D 317 -3.93 -46.29 21.00
C LEU D 317 -4.00 -44.80 21.35
N LEU D 318 -5.00 -44.38 22.12
CA LEU D 318 -5.12 -42.99 22.57
C LEU D 318 -3.95 -42.57 23.48
N THR D 319 -3.55 -43.43 24.41
CA THR D 319 -2.44 -43.15 25.32
C THR D 319 -1.12 -43.00 24.57
N LEU D 320 -0.85 -43.87 23.59
CA LEU D 320 0.29 -43.72 22.70
C LEU D 320 0.24 -42.40 21.90
N ARG D 321 -0.96 -41.97 21.45
CA ARG D 321 -1.14 -40.72 20.71
C ARG D 321 -0.82 -39.49 21.55
N TYR D 322 -1.18 -39.47 22.82
CA TYR D 322 -0.78 -38.43 23.75
C TYR D 322 0.71 -38.51 24.14
N LEU D 323 1.33 -39.70 24.10
CA LEU D 323 2.73 -39.93 24.49
C LEU D 323 3.74 -39.57 23.38
N VAL D 324 3.44 -39.80 22.11
CA VAL D 324 4.45 -39.66 21.05
C VAL D 324 5.00 -38.22 20.84
N PRO D 325 4.26 -37.11 21.07
CA PRO D 325 4.85 -35.76 21.11
C PRO D 325 5.90 -35.54 22.21
N LEU D 326 5.84 -36.29 23.31
CA LEU D 326 6.79 -36.20 24.43
C LEU D 326 8.08 -37.02 24.15
N LEU D 327 8.05 -37.93 23.18
CA LEU D 327 9.20 -38.68 22.67
C LEU D 327 9.97 -37.91 21.57
N GLN D 328 9.42 -36.82 21.04
CA GLN D 328 10.04 -36.00 19.98
C GLN D 328 11.35 -35.31 20.44
N GLN D 329 11.55 -35.13 21.76
CA GLN D 329 12.72 -34.50 22.40
C GLN D 329 12.92 -33.04 21.97
N VAL D 349 17.86 -44.51 31.01
CA VAL D 349 17.34 -45.23 29.84
C VAL D 349 16.34 -44.41 29.04
N SER D 350 16.10 -44.77 27.78
CA SER D 350 15.22 -44.08 26.84
C SER D 350 14.59 -45.05 25.83
N PRO D 351 13.38 -44.81 25.30
CA PRO D 351 12.75 -45.66 24.27
C PRO D 351 13.65 -46.03 23.09
N SER D 352 13.71 -47.32 22.73
CA SER D 352 14.58 -47.85 21.67
C SER D 352 13.91 -47.90 20.29
N ALA D 353 14.70 -47.92 19.21
CA ALA D 353 14.17 -48.03 17.86
C ALA D 353 13.27 -49.26 17.68
N GLU D 354 13.67 -50.41 18.23
CA GLU D 354 12.90 -51.65 18.19
C GLU D 354 11.54 -51.50 18.90
N GLN D 355 11.47 -50.75 19.99
CA GLN D 355 10.22 -50.47 20.67
C GLN D 355 9.34 -49.47 19.91
N LEU D 356 9.94 -48.47 19.27
CA LEU D 356 9.24 -47.50 18.44
C LEU D 356 8.72 -48.12 17.14
N VAL D 357 9.45 -49.00 16.46
CA VAL D 357 8.88 -49.71 15.31
C VAL D 357 7.74 -50.61 15.75
N GLN D 358 7.76 -51.19 16.94
CA GLN D 358 6.60 -51.92 17.42
C GLN D 358 5.35 -51.03 17.55
N VAL D 359 5.45 -49.78 18.03
CA VAL D 359 4.31 -48.83 17.99
C VAL D 359 3.82 -48.63 16.56
N TYR D 360 4.71 -48.41 15.60
CA TYR D 360 4.36 -48.21 14.21
C TYR D 360 3.70 -49.45 13.57
N GLU D 361 4.27 -50.64 13.75
CA GLU D 361 3.75 -51.91 13.25
C GLU D 361 2.38 -52.22 13.85
N LEU D 362 2.22 -52.01 15.15
CA LEU D 362 0.96 -52.17 15.86
C LEU D 362 -0.11 -51.19 15.34
N THR D 363 0.29 -49.97 15.01
CA THR D 363 -0.58 -49.01 14.34
C THR D 363 -0.99 -49.51 12.96
N LEU D 364 -0.08 -50.01 12.12
CA LEU D 364 -0.43 -50.58 10.83
C LEU D 364 -1.39 -51.77 10.93
N HIS D 365 -1.15 -52.66 11.89
CA HIS D 365 -2.05 -53.79 12.18
C HIS D 365 -3.47 -53.32 12.48
N HIS D 366 -3.66 -52.35 13.36
CA HIS D 366 -5.01 -51.89 13.77
C HIS D 366 -5.77 -51.08 12.71
N THR D 367 -5.13 -50.55 11.67
CA THR D 367 -5.83 -50.01 10.48
C THR D 367 -6.61 -51.07 9.67
N GLN D 368 -6.34 -52.36 9.89
CA GLN D 368 -7.02 -53.48 9.22
C GLN D 368 -8.08 -54.14 10.13
N HIS D 369 -8.38 -53.56 11.29
CA HIS D 369 -9.39 -54.06 12.22
C HIS D 369 -10.79 -54.04 11.60
N GLN D 370 -11.69 -54.90 12.09
CA GLN D 370 -13.09 -54.95 11.65
C GLN D 370 -13.85 -53.70 12.08
N ASP D 371 -13.82 -53.36 13.38
CA ASP D 371 -14.45 -52.14 13.92
C ASP D 371 -13.68 -50.89 13.50
N HIS D 372 -14.32 -50.02 12.71
CA HIS D 372 -13.69 -48.82 12.18
C HIS D 372 -13.54 -47.69 13.21
N ASN D 373 -14.10 -47.79 14.41
CA ASN D 373 -13.71 -46.93 15.53
C ASN D 373 -12.25 -47.19 15.99
N VAL D 374 -11.75 -48.43 15.88
CA VAL D 374 -10.33 -48.76 16.09
C VAL D 374 -9.47 -48.26 14.92
N VAL D 375 -9.98 -48.32 13.69
CA VAL D 375 -9.29 -47.78 12.51
C VAL D 375 -9.09 -46.26 12.66
N THR D 376 -10.11 -45.53 13.10
CA THR D 376 -9.99 -44.10 13.45
C THR D 376 -8.89 -43.86 14.48
N GLY D 377 -8.90 -44.56 15.61
CA GLY D 377 -7.84 -44.44 16.63
C GLY D 377 -6.44 -44.77 16.11
N ALA D 378 -6.29 -45.75 15.23
CA ALA D 378 -5.01 -46.09 14.63
C ALA D 378 -4.54 -45.04 13.61
N LEU D 379 -5.41 -44.53 12.75
CA LEU D 379 -5.06 -43.44 11.84
C LEU D 379 -4.72 -42.14 12.58
N GLU D 380 -5.44 -41.79 13.65
CA GLU D 380 -5.08 -40.65 14.51
C GLU D 380 -3.71 -40.83 15.19
N LEU D 381 -3.39 -42.03 15.68
CA LEU D 381 -2.05 -42.35 16.17
C LEU D 381 -0.98 -42.22 15.07
N LEU D 382 -1.25 -42.73 13.88
CA LEU D 382 -0.32 -42.67 12.74
C LEU D 382 -0.04 -41.23 12.29
N GLN D 383 -1.05 -40.37 12.39
CA GLN D 383 -0.94 -38.94 12.14
C GLN D 383 -0.01 -38.25 13.14
N GLN D 384 -0.05 -38.58 14.43
CA GLN D 384 0.95 -38.09 15.37
C GLN D 384 2.35 -38.70 15.16
N LEU D 385 2.45 -39.97 14.78
CA LEU D 385 3.74 -40.58 14.40
C LEU D 385 4.41 -39.83 13.24
N PHE D 386 3.65 -39.32 12.26
CA PHE D 386 4.20 -38.55 11.15
C PHE D 386 4.28 -37.04 11.39
N ARG D 387 3.44 -36.43 12.23
CA ARG D 387 3.52 -35.00 12.56
C ARG D 387 4.68 -34.68 13.48
N THR D 388 4.97 -35.55 14.45
CA THR D 388 6.09 -35.39 15.37
C THR D 388 6.87 -36.71 15.50
N PRO D 389 7.59 -37.15 14.44
CA PRO D 389 8.31 -38.42 14.44
C PRO D 389 9.44 -38.45 15.48
N PRO D 390 9.45 -39.40 16.43
CA PRO D 390 10.63 -39.63 17.27
C PRO D 390 11.87 -39.91 16.40
N PRO D 391 13.06 -39.39 16.73
CA PRO D 391 14.18 -39.37 15.79
C PRO D 391 14.70 -40.75 15.34
N GLU D 392 14.72 -41.75 16.22
CA GLU D 392 15.14 -43.11 15.85
C GLU D 392 14.12 -43.80 14.92
N LEU D 393 12.83 -43.55 15.12
CA LEU D 393 11.79 -44.01 14.20
C LEU D 393 11.86 -43.26 12.87
N LEU D 394 12.16 -41.96 12.88
CA LEU D 394 12.29 -41.17 11.67
C LEU D 394 13.43 -41.69 10.78
N GLN D 395 14.60 -41.94 11.37
CA GLN D 395 15.73 -42.53 10.65
C GLN D 395 15.34 -43.88 10.02
N THR D 396 14.63 -44.71 10.77
CA THR D 396 14.17 -46.03 10.35
C THR D 396 13.16 -45.97 9.20
N LEU D 397 12.10 -45.15 9.29
CA LEU D 397 11.03 -45.12 8.30
C LEU D 397 11.46 -44.54 6.95
N THR D 398 12.46 -43.67 6.91
CA THR D 398 13.01 -43.12 5.66
C THR D 398 14.16 -43.93 5.07
N ALA D 399 14.84 -44.80 5.83
CA ALA D 399 15.97 -45.60 5.35
C ALA D 399 15.57 -46.73 4.39
N VAL D 400 16.43 -47.00 3.40
CA VAL D 400 16.15 -47.82 2.21
C VAL D 400 15.77 -49.28 2.50
N GLY D 401 16.10 -49.81 3.68
CA GLY D 401 15.56 -51.09 4.18
C GLY D 401 15.36 -51.08 5.70
N GLY D 402 14.97 -49.93 6.25
CA GLY D 402 15.27 -49.55 7.64
C GLY D 402 14.77 -50.49 8.73
N ILE D 403 13.55 -51.04 8.60
CA ILE D 403 13.00 -52.01 9.56
C ILE D 403 13.59 -53.42 9.32
N GLY D 404 13.78 -53.82 8.06
CA GLY D 404 14.40 -55.10 7.71
C GLY D 404 15.88 -55.22 8.09
N GLN D 405 16.55 -54.11 8.35
CA GLN D 405 17.92 -54.04 8.86
C GLN D 405 18.06 -54.19 10.39
N LEU D 406 16.95 -54.24 11.16
CA LEU D 406 16.96 -54.48 12.60
C LEU D 406 17.12 -55.96 12.95
N LYS D 664 -16.02 -53.14 5.94
CA LYS D 664 -15.65 -53.83 7.17
C LYS D 664 -14.39 -54.72 7.00
N PRO D 665 -14.31 -55.68 6.07
CA PRO D 665 -13.14 -56.53 5.89
C PRO D 665 -11.95 -55.82 5.19
N CYS D 666 -10.83 -56.54 5.02
CA CYS D 666 -9.60 -56.01 4.41
C CYS D 666 -9.73 -55.84 2.89
N ARG D 667 -9.45 -54.64 2.36
CA ARG D 667 -9.55 -54.30 0.92
C ARG D 667 -8.27 -54.51 0.11
N ILE D 668 -7.16 -54.85 0.74
CA ILE D 668 -5.90 -55.10 0.05
C ILE D 668 -6.04 -56.36 -0.84
N LYS D 669 -6.00 -56.21 -2.17
CA LYS D 669 -6.31 -57.28 -3.13
C LYS D 669 -5.12 -57.82 -3.93
N GLY D 670 -3.90 -57.45 -3.55
CA GLY D 670 -2.64 -57.85 -4.20
C GLY D 670 -1.42 -57.62 -3.30
N ASP D 671 -0.22 -57.76 -3.85
CA ASP D 671 1.02 -57.48 -3.14
C ASP D 671 1.29 -55.96 -3.06
N ILE D 672 1.34 -55.38 -1.86
CA ILE D 672 1.73 -53.98 -1.60
C ILE D 672 3.10 -53.89 -0.93
N GLY D 673 3.92 -54.94 -1.05
CA GLY D 673 5.15 -55.09 -0.26
C GLY D 673 4.85 -55.35 1.20
N GLN D 674 5.88 -55.31 2.03
CA GLN D 674 5.78 -55.52 3.48
C GLN D 674 6.65 -54.51 4.23
N SER D 675 6.37 -54.30 5.52
CA SER D 675 7.08 -53.34 6.37
C SER D 675 8.58 -53.67 6.51
N THR D 676 8.92 -54.96 6.41
CA THR D 676 10.28 -55.50 6.58
C THR D 676 11.10 -55.64 5.29
N ASP D 677 10.65 -55.12 4.14
CA ASP D 677 11.38 -55.23 2.87
C ASP D 677 12.75 -54.53 2.85
N ASP D 678 13.68 -55.05 2.03
CA ASP D 678 15.04 -54.52 1.85
C ASP D 678 15.18 -53.53 0.68
N ASP D 679 14.28 -53.56 -0.31
CA ASP D 679 14.43 -52.82 -1.56
C ASP D 679 13.93 -51.37 -1.52
N SER D 680 13.17 -51.01 -0.47
CA SER D 680 12.46 -49.73 -0.35
C SER D 680 12.21 -49.36 1.10
N ALA D 681 12.11 -48.06 1.36
CA ALA D 681 11.85 -47.52 2.69
C ALA D 681 10.44 -47.83 3.20
N PRO D 682 10.23 -48.09 4.50
CA PRO D 682 8.91 -48.42 5.07
C PRO D 682 7.76 -47.47 4.67
N LEU D 683 8.02 -46.17 4.48
CA LEU D 683 6.98 -45.21 4.09
C LEU D 683 6.37 -45.48 2.71
N VAL D 684 7.08 -46.16 1.81
CA VAL D 684 6.55 -46.63 0.52
C VAL D 684 5.44 -47.66 0.74
N HIS D 685 5.65 -48.64 1.62
CA HIS D 685 4.62 -49.60 2.03
C HIS D 685 3.44 -48.93 2.75
N CYS D 686 3.73 -48.01 3.67
CA CYS D 686 2.71 -47.32 4.46
C CYS D 686 1.72 -46.55 3.57
N VAL D 687 2.21 -45.76 2.63
CA VAL D 687 1.37 -45.02 1.68
C VAL D 687 0.55 -45.97 0.79
N ARG D 688 1.12 -47.08 0.32
CA ARG D 688 0.35 -48.12 -0.39
C ARG D 688 -0.77 -48.71 0.45
N LEU D 689 -0.49 -49.08 1.71
CA LEU D 689 -1.46 -49.65 2.62
C LEU D 689 -2.64 -48.70 2.87
N LEU D 690 -2.35 -47.45 3.23
CA LEU D 690 -3.38 -46.42 3.46
C LEU D 690 -4.22 -46.20 2.21
N SER D 691 -3.58 -46.11 1.05
CA SER D 691 -4.24 -45.93 -0.23
C SER D 691 -5.15 -47.11 -0.59
N ALA D 692 -4.65 -48.33 -0.55
CA ALA D 692 -5.40 -49.54 -0.90
C ALA D 692 -6.50 -49.90 0.12
N SER D 693 -6.33 -49.57 1.39
CA SER D 693 -7.35 -49.82 2.43
C SER D 693 -8.56 -48.89 2.31
N PHE D 694 -8.32 -47.62 1.97
CA PHE D 694 -9.28 -46.53 2.21
C PHE D 694 -9.61 -45.66 1.01
N LEU D 695 -8.76 -45.57 -0.01
CA LEU D 695 -8.88 -44.56 -1.07
C LEU D 695 -9.01 -45.14 -2.48
N LEU D 696 -8.23 -46.13 -2.86
CA LEU D 696 -8.16 -46.67 -4.21
C LEU D 696 -8.62 -48.14 -4.24
N THR D 697 -9.46 -48.48 -5.21
CA THR D 697 -9.99 -49.85 -5.38
C THR D 697 -9.00 -50.81 -6.03
N GLY D 698 -7.96 -50.29 -6.68
CA GLY D 698 -7.11 -51.01 -7.62
C GLY D 698 -7.48 -50.74 -9.09
N GLY D 699 -8.68 -50.21 -9.35
CA GLY D 699 -9.15 -49.81 -10.68
C GLY D 699 -8.96 -48.31 -10.94
N LYS D 700 -8.37 -47.97 -12.09
CA LYS D 700 -7.93 -46.61 -12.42
C LYS D 700 -9.08 -45.58 -12.36
N ASN D 701 -8.83 -44.42 -11.75
CA ASN D 701 -9.79 -43.30 -11.60
C ASN D 701 -11.13 -43.61 -10.89
N VAL D 702 -11.24 -44.71 -10.12
CA VAL D 702 -12.44 -45.05 -9.34
C VAL D 702 -12.25 -44.68 -7.87
N LEU D 703 -13.19 -43.94 -7.28
CA LEU D 703 -13.20 -43.64 -5.84
C LEU D 703 -13.91 -44.77 -5.06
N VAL D 704 -13.39 -45.15 -3.88
CA VAL D 704 -14.04 -46.12 -2.99
C VAL D 704 -15.35 -45.53 -2.44
N PRO D 705 -16.48 -46.25 -2.48
CA PRO D 705 -17.77 -45.78 -1.95
C PRO D 705 -17.72 -45.26 -0.51
N ASP D 706 -18.55 -44.28 -0.19
CA ASP D 706 -18.65 -43.72 1.17
C ASP D 706 -19.44 -44.62 2.14
N ARG D 707 -20.14 -45.64 1.62
CA ARG D 707 -20.71 -46.76 2.39
C ARG D 707 -19.72 -47.89 2.70
N ASP D 708 -18.65 -48.03 1.91
CA ASP D 708 -17.57 -48.99 2.16
C ASP D 708 -16.56 -48.49 3.20
N VAL D 709 -16.25 -47.20 3.18
CA VAL D 709 -15.43 -46.54 4.21
C VAL D 709 -15.90 -45.10 4.40
N ARG D 710 -16.25 -44.76 5.64
CA ARG D 710 -16.81 -43.47 6.03
C ARG D 710 -15.87 -42.30 5.73
N VAL D 711 -16.43 -41.14 5.42
CA VAL D 711 -15.65 -39.96 4.99
C VAL D 711 -14.67 -39.45 6.05
N SER D 712 -14.95 -39.65 7.34
CA SER D 712 -14.02 -39.37 8.43
C SER D 712 -12.71 -40.16 8.31
N VAL D 713 -12.81 -41.44 7.95
CA VAL D 713 -11.65 -42.31 7.70
C VAL D 713 -10.95 -41.93 6.40
N LYS D 714 -11.67 -41.57 5.33
CA LYS D 714 -11.03 -41.07 4.10
C LYS D 714 -10.23 -39.77 4.32
N ALA D 715 -10.73 -38.84 5.13
CA ALA D 715 -10.01 -37.62 5.49
C ALA D 715 -8.74 -37.92 6.32
N LEU D 716 -8.85 -38.79 7.33
CA LEU D 716 -7.69 -39.23 8.12
C LEU D 716 -6.64 -39.95 7.26
N ALA D 717 -7.04 -40.81 6.33
CA ALA D 717 -6.11 -41.51 5.45
C ALA D 717 -5.40 -40.56 4.48
N LEU D 718 -6.10 -39.64 3.79
CA LEU D 718 -5.46 -38.63 2.94
C LEU D 718 -4.42 -37.78 3.68
N SER D 719 -4.75 -37.34 4.89
CA SER D 719 -3.82 -36.56 5.70
C SER D 719 -2.64 -37.39 6.26
N CYS D 720 -2.81 -38.68 6.55
CA CYS D 720 -1.66 -39.55 6.85
C CYS D 720 -0.72 -39.75 5.65
N VAL D 721 -1.25 -39.85 4.43
CA VAL D 721 -0.40 -39.89 3.22
C VAL D 721 0.37 -38.58 3.09
N GLY D 722 -0.26 -37.42 3.27
CA GLY D 722 0.42 -36.13 3.25
C GLY D 722 1.55 -36.06 4.27
N ALA D 723 1.31 -36.47 5.50
CA ALA D 723 2.34 -36.52 6.53
C ALA D 723 3.47 -37.52 6.22
N ALA D 724 3.24 -38.62 5.50
CA ALA D 724 4.29 -39.51 5.01
C ALA D 724 5.09 -38.90 3.84
N VAL D 725 4.41 -38.25 2.90
CA VAL D 725 5.03 -37.60 1.74
C VAL D 725 5.96 -36.47 2.17
N ALA D 726 5.64 -35.75 3.24
CA ALA D 726 6.52 -34.76 3.84
C ALA D 726 7.90 -35.33 4.24
N LEU D 727 7.92 -36.56 4.74
CA LEU D 727 9.14 -37.27 5.14
C LEU D 727 9.87 -37.92 3.96
N HIS D 728 9.15 -38.41 2.94
CA HIS D 728 9.70 -39.20 1.83
C HIS D 728 8.85 -39.07 0.55
N PRO D 729 9.06 -38.05 -0.31
CA PRO D 729 8.17 -37.72 -1.42
C PRO D 729 7.93 -38.84 -2.42
N GLU D 730 8.93 -39.67 -2.70
CA GLU D 730 8.81 -40.75 -3.67
C GLU D 730 7.83 -41.87 -3.25
N SER D 731 7.35 -41.87 -2.00
CA SER D 731 6.21 -42.70 -1.59
C SER D 731 4.93 -42.38 -2.40
N PHE D 732 4.72 -41.13 -2.82
CA PHE D 732 3.58 -40.70 -3.65
C PHE D 732 3.61 -41.26 -5.08
N PHE D 733 4.79 -41.57 -5.62
CA PHE D 733 4.92 -41.95 -7.04
C PHE D 733 4.80 -43.47 -7.27
N SER D 734 4.54 -44.25 -6.22
CA SER D 734 4.41 -45.70 -6.33
C SER D 734 3.25 -46.14 -7.24
N LYS D 735 3.45 -47.18 -8.06
CA LYS D 735 2.32 -48.02 -8.53
C LYS D 735 1.70 -48.71 -7.31
N LEU D 736 0.37 -48.74 -7.22
CA LEU D 736 -0.32 -49.12 -5.98
C LEU D 736 0.00 -50.54 -5.54
N TYR D 737 0.04 -51.47 -6.49
CA TYR D 737 0.42 -52.87 -6.29
C TYR D 737 1.80 -53.16 -6.90
N LYS D 738 2.64 -53.85 -6.13
CA LYS D 738 4.04 -54.20 -6.41
C LYS D 738 4.15 -55.26 -7.51
N VAL D 739 3.20 -56.20 -7.53
CA VAL D 739 2.93 -57.16 -8.61
C VAL D 739 1.51 -56.90 -9.13
N PRO D 740 1.25 -56.85 -10.45
CA PRO D 740 -0.08 -56.52 -10.98
C PRO D 740 -1.21 -57.43 -10.48
N LEU D 741 -2.40 -56.86 -10.33
CA LEU D 741 -3.66 -57.59 -10.26
C LEU D 741 -3.97 -58.24 -11.62
N ASP D 742 -4.98 -59.12 -11.72
CA ASP D 742 -5.25 -59.82 -12.98
C ASP D 742 -5.64 -58.87 -14.12
N THR D 743 -5.03 -59.05 -15.29
CA THR D 743 -5.16 -58.11 -16.42
C THR D 743 -6.50 -58.21 -17.17
N THR D 744 -7.38 -59.13 -16.79
CA THR D 744 -8.74 -59.23 -17.33
C THR D 744 -9.66 -58.25 -16.63
N GLU D 745 -9.65 -58.18 -15.29
CA GLU D 745 -10.42 -57.19 -14.54
C GLU D 745 -9.74 -55.81 -14.50
N TYR D 746 -8.40 -55.75 -14.53
CA TYR D 746 -7.62 -54.52 -14.41
C TYR D 746 -6.62 -54.34 -15.57
N PRO D 747 -7.07 -53.81 -16.73
CA PRO D 747 -6.23 -53.71 -17.94
C PRO D 747 -5.14 -52.63 -17.87
N GLU D 748 -5.27 -51.62 -17.01
CA GLU D 748 -4.22 -50.62 -16.74
C GLU D 748 -3.83 -50.60 -15.26
N GLU D 749 -2.54 -50.49 -14.96
CA GLU D 749 -2.05 -50.33 -13.59
C GLU D 749 -2.47 -48.99 -12.97
N GLN D 750 -2.83 -49.01 -11.70
CA GLN D 750 -3.18 -47.80 -10.96
C GLN D 750 -2.00 -47.30 -10.12
N TYR D 751 -1.74 -46.01 -10.18
CA TYR D 751 -0.75 -45.33 -9.33
C TYR D 751 -1.38 -44.76 -8.06
N VAL D 752 -0.61 -44.65 -6.98
CA VAL D 752 -1.04 -43.98 -5.75
C VAL D 752 -1.52 -42.57 -6.02
N SER D 753 -0.94 -41.85 -6.98
CA SER D 753 -1.31 -40.48 -7.34
C SER D 753 -2.76 -40.29 -7.81
N ASP D 754 -3.53 -41.35 -8.08
CA ASP D 754 -4.99 -41.28 -8.24
C ASP D 754 -5.71 -40.77 -6.99
N ILE D 755 -5.10 -40.72 -5.80
CA ILE D 755 -5.73 -40.08 -4.64
C ILE D 755 -5.98 -38.58 -4.85
N LEU D 756 -5.32 -37.91 -5.82
CA LEU D 756 -5.66 -36.54 -6.19
C LEU D 756 -7.02 -36.41 -6.89
N ASN D 757 -7.66 -37.50 -7.31
CA ASN D 757 -9.07 -37.47 -7.73
C ASN D 757 -10.04 -37.14 -6.58
N TYR D 758 -9.66 -37.30 -5.32
CA TYR D 758 -10.49 -36.87 -4.17
C TYR D 758 -10.64 -35.35 -4.05
N ILE D 759 -9.99 -34.56 -4.91
CA ILE D 759 -10.23 -33.11 -5.00
C ILE D 759 -11.65 -32.75 -5.47
N ASP D 760 -12.36 -33.64 -6.17
CA ASP D 760 -13.72 -33.38 -6.69
C ASP D 760 -14.83 -34.10 -5.90
N HIS D 761 -14.50 -34.68 -4.75
CA HIS D 761 -15.39 -35.42 -3.85
C HIS D 761 -16.44 -34.51 -3.18
N GLY D 762 -17.59 -35.06 -2.80
CA GLY D 762 -18.71 -34.31 -2.23
C GLY D 762 -18.46 -33.70 -0.85
N ASP D 763 -17.74 -34.38 0.03
CA ASP D 763 -17.39 -33.90 1.37
C ASP D 763 -16.31 -32.78 1.38
N PRO D 764 -16.55 -31.64 2.05
CA PRO D 764 -15.60 -30.53 2.18
C PRO D 764 -14.24 -30.90 2.79
N GLN D 765 -14.21 -31.67 3.88
CA GLN D 765 -12.98 -32.04 4.57
C GLN D 765 -12.10 -32.94 3.71
N VAL D 766 -12.69 -33.82 2.91
CA VAL D 766 -11.96 -34.66 1.96
C VAL D 766 -11.37 -33.86 0.79
N ARG D 767 -12.09 -32.88 0.24
CA ARG D 767 -11.51 -31.98 -0.76
C ARG D 767 -10.34 -31.20 -0.19
N GLY D 768 -10.54 -30.60 0.99
CA GLY D 768 -9.52 -29.82 1.67
C GLY D 768 -8.29 -30.64 2.02
N ALA D 769 -8.46 -31.86 2.55
CA ALA D 769 -7.34 -32.77 2.79
C ALA D 769 -6.57 -33.12 1.50
N THR D 770 -7.23 -33.18 0.36
CA THR D 770 -6.56 -33.35 -0.94
C THR D 770 -5.80 -32.10 -1.35
N ALA D 771 -6.31 -30.90 -1.08
CA ALA D 771 -5.55 -29.68 -1.31
C ALA D 771 -4.31 -29.58 -0.40
N ILE D 772 -4.43 -29.98 0.86
CA ILE D 772 -3.31 -30.06 1.82
C ILE D 772 -2.26 -31.04 1.32
N LEU D 773 -2.66 -32.20 0.80
CA LEU D 773 -1.77 -33.14 0.14
C LEU D 773 -1.00 -32.49 -1.03
N CYS D 774 -1.67 -31.78 -1.95
CA CYS D 774 -0.98 -31.01 -3.00
C CYS D 774 0.07 -30.05 -2.44
N GLY D 775 -0.26 -29.24 -1.45
CA GLY D 775 0.66 -28.28 -0.88
C GLY D 775 1.89 -28.95 -0.28
N THR D 776 1.70 -30.01 0.50
CA THR D 776 2.79 -30.77 1.11
C THR D 776 3.65 -31.47 0.06
N LEU D 777 3.04 -32.07 -0.96
CA LEU D 777 3.73 -32.70 -2.06
C LEU D 777 4.59 -31.71 -2.84
N ILE D 778 4.05 -30.54 -3.21
CA ILE D 778 4.81 -29.51 -3.92
C ILE D 778 6.02 -29.07 -3.09
N CYS D 779 5.79 -28.71 -1.83
CA CYS D 779 6.86 -28.26 -0.97
C CYS D 779 7.98 -29.31 -0.86
N SER D 780 7.62 -30.58 -0.63
CA SER D 780 8.59 -31.62 -0.31
C SER D 780 9.47 -32.00 -1.51
N ILE D 781 8.90 -32.08 -2.72
CA ILE D 781 9.69 -32.30 -3.93
C ILE D 781 10.74 -31.19 -4.12
N LEU D 782 10.37 -29.92 -3.88
CA LEU D 782 11.28 -28.77 -3.99
C LEU D 782 12.34 -28.66 -2.88
N SER D 783 12.18 -29.40 -1.77
CA SER D 783 13.16 -29.49 -0.68
C SER D 783 14.06 -30.72 -0.79
N ARG D 784 13.53 -31.88 -1.19
CA ARG D 784 14.30 -33.13 -1.37
C ARG D 784 15.11 -33.13 -2.66
N SER D 785 14.55 -32.69 -3.77
CA SER D 785 15.38 -32.13 -4.84
C SER D 785 15.80 -30.73 -4.37
N ARG D 786 17.04 -30.32 -4.59
CA ARG D 786 17.50 -28.97 -4.20
C ARG D 786 17.08 -27.95 -5.26
N PHE D 787 15.78 -27.84 -5.52
CA PHE D 787 15.19 -27.18 -6.69
C PHE D 787 15.63 -27.75 -8.05
N HIS D 788 16.29 -28.90 -8.06
CA HIS D 788 16.68 -29.65 -9.27
C HIS D 788 15.57 -30.61 -9.71
N VAL D 789 14.38 -30.07 -9.92
CA VAL D 789 13.14 -30.85 -10.09
C VAL D 789 13.19 -31.79 -11.29
N GLY D 790 13.65 -31.32 -12.44
CA GLY D 790 13.66 -32.13 -13.66
C GLY D 790 14.58 -33.35 -13.57
N ASP D 791 15.66 -33.26 -12.79
CA ASP D 791 16.56 -34.38 -12.52
C ASP D 791 15.90 -35.38 -11.58
N TRP D 792 15.34 -34.91 -10.45
CA TRP D 792 14.68 -35.75 -9.45
C TRP D 792 13.43 -36.45 -10.02
N MET D 793 12.56 -35.71 -10.71
CA MET D 793 11.39 -36.25 -11.39
C MET D 793 11.77 -37.24 -12.48
N GLY D 794 12.86 -37.01 -13.22
CA GLY D 794 13.35 -37.93 -14.24
C GLY D 794 13.78 -39.29 -13.67
N THR D 795 14.49 -39.30 -12.53
CA THR D 795 14.81 -40.52 -11.78
C THR D 795 13.55 -41.26 -11.34
N ILE D 796 12.59 -40.57 -10.73
CA ILE D 796 11.33 -41.18 -10.27
C ILE D 796 10.49 -41.71 -11.43
N ARG D 797 10.45 -41.02 -12.57
CA ARG D 797 9.77 -41.45 -13.79
C ARG D 797 10.38 -42.72 -14.38
N THR D 798 11.71 -42.88 -14.39
CA THR D 798 12.36 -44.13 -14.83
C THR D 798 12.07 -45.30 -13.87
N LEU D 799 12.03 -45.06 -12.56
CA LEU D 799 11.75 -46.10 -11.57
C LEU D 799 10.28 -46.58 -11.57
N THR D 800 9.33 -45.69 -11.84
CA THR D 800 7.88 -45.93 -11.61
C THR D 800 7.02 -45.96 -12.88
N GLY D 801 7.41 -45.25 -13.94
CA GLY D 801 6.59 -45.03 -15.13
C GLY D 801 5.62 -43.84 -15.04
N ASN D 802 5.60 -43.05 -13.96
CA ASN D 802 4.67 -41.92 -13.79
C ASN D 802 4.85 -40.81 -14.82
N THR D 803 3.80 -40.58 -15.62
CA THR D 803 3.64 -39.39 -16.47
C THR D 803 3.26 -38.13 -15.66
N PHE D 804 2.99 -38.27 -14.36
CA PHE D 804 2.56 -37.19 -13.47
C PHE D 804 3.58 -36.05 -13.40
N SER D 805 3.10 -34.80 -13.34
CA SER D 805 3.94 -33.61 -13.24
C SER D 805 3.67 -32.82 -11.96
N LEU D 806 4.70 -32.15 -11.45
CA LEU D 806 4.55 -31.21 -10.33
C LEU D 806 3.56 -30.08 -10.64
N ALA D 807 3.53 -29.59 -11.89
CA ALA D 807 2.62 -28.53 -12.32
C ALA D 807 1.13 -28.95 -12.22
N ASP D 808 0.82 -30.24 -12.28
CA ASP D 808 -0.57 -30.75 -12.22
C ASP D 808 -1.29 -30.41 -10.90
N CYS D 809 -0.55 -30.15 -9.81
CA CYS D 809 -1.11 -29.79 -8.51
C CYS D 809 -1.63 -28.35 -8.43
N ILE D 810 -1.07 -27.42 -9.19
CA ILE D 810 -1.40 -26.00 -9.05
C ILE D 810 -2.85 -25.70 -9.46
N PRO D 811 -3.41 -26.21 -10.58
CA PRO D 811 -4.83 -26.02 -10.86
C PRO D 811 -5.76 -26.66 -9.81
N LEU D 812 -5.32 -27.66 -9.07
CA LEU D 812 -6.08 -28.23 -7.95
C LEU D 812 -6.12 -27.29 -6.74
N LEU D 813 -5.03 -26.59 -6.43
CA LEU D 813 -5.05 -25.53 -5.42
C LEU D 813 -5.95 -24.37 -5.87
N ARG D 814 -5.81 -23.93 -7.13
CA ARG D 814 -6.57 -22.80 -7.68
C ARG D 814 -8.07 -23.04 -7.66
N LYS D 815 -8.55 -24.23 -8.07
CA LYS D 815 -9.99 -24.54 -8.04
C LYS D 815 -10.55 -24.66 -6.63
N THR D 816 -9.73 -25.07 -5.67
CA THR D 816 -10.16 -25.28 -4.28
C THR D 816 -10.11 -24.01 -3.43
N LEU D 817 -9.34 -22.97 -3.80
CA LEU D 817 -9.48 -21.64 -3.21
C LEU D 817 -10.86 -21.01 -3.53
N LYS D 818 -11.43 -21.36 -4.69
CA LYS D 818 -12.78 -20.99 -5.14
C LYS D 818 -13.87 -21.98 -4.73
N ASP D 819 -13.63 -22.83 -3.73
CA ASP D 819 -14.63 -23.79 -3.26
C ASP D 819 -15.87 -23.08 -2.67
N GLU D 820 -17.04 -23.70 -2.77
CA GLU D 820 -18.25 -23.17 -2.15
C GLU D 820 -18.22 -23.26 -0.62
N SER D 821 -17.42 -24.15 -0.03
CA SER D 821 -17.36 -24.31 1.43
C SER D 821 -16.13 -23.65 2.04
N SER D 822 -16.39 -22.82 3.04
CA SER D 822 -15.39 -22.07 3.81
C SER D 822 -14.37 -22.98 4.50
N VAL D 823 -14.73 -24.20 4.91
CA VAL D 823 -13.77 -25.12 5.52
C VAL D 823 -12.79 -25.65 4.48
N THR D 824 -13.26 -25.95 3.27
CA THR D 824 -12.38 -26.34 2.16
C THR D 824 -11.46 -25.19 1.81
N CYS D 825 -12.01 -23.97 1.78
CA CYS D 825 -11.28 -22.75 1.46
C CYS D 825 -10.16 -22.45 2.47
N LYS D 826 -10.43 -22.61 3.77
CA LYS D 826 -9.41 -22.50 4.83
C LYS D 826 -8.28 -23.50 4.62
N LEU D 827 -8.58 -24.74 4.23
CA LEU D 827 -7.59 -25.78 3.96
C LEU D 827 -6.79 -25.53 2.66
N ALA D 828 -7.41 -25.06 1.60
CA ALA D 828 -6.69 -24.64 0.40
C ALA D 828 -5.76 -23.44 0.69
N CYS D 829 -6.15 -22.54 1.58
CA CYS D 829 -5.28 -21.45 1.99
C CYS D 829 -4.07 -21.97 2.78
N THR D 830 -4.27 -22.91 3.71
CA THR D 830 -3.17 -23.57 4.42
C THR D 830 -2.23 -24.31 3.46
N ALA D 831 -2.75 -24.94 2.41
CA ALA D 831 -1.93 -25.57 1.38
C ALA D 831 -1.05 -24.57 0.61
N VAL D 832 -1.58 -23.39 0.28
CA VAL D 832 -0.77 -22.33 -0.34
C VAL D 832 0.29 -21.81 0.64
N ARG D 833 -0.02 -21.63 1.93
CA ARG D 833 0.97 -21.25 2.96
C ARG D 833 2.14 -22.23 3.08
N ASN D 834 1.93 -23.51 2.78
CA ASN D 834 2.98 -24.52 2.82
C ASN D 834 3.91 -24.50 1.60
N CYS D 835 3.46 -24.09 0.41
CA CYS D 835 4.23 -24.22 -0.82
C CYS D 835 4.53 -22.91 -1.57
N VAL D 836 3.92 -21.77 -1.24
CA VAL D 836 4.06 -20.54 -2.03
C VAL D 836 5.51 -20.07 -2.15
N MET D 837 6.26 -20.01 -1.03
CA MET D 837 7.65 -19.53 -1.06
C MET D 837 8.62 -20.48 -1.74
N SER D 838 8.50 -21.79 -1.55
CA SER D 838 9.29 -22.74 -2.31
C SER D 838 8.92 -22.72 -3.80
N LEU D 839 7.66 -22.52 -4.20
CA LEU D 839 7.34 -22.27 -5.60
C LEU D 839 8.06 -21.02 -6.12
N CYS D 840 8.00 -19.89 -5.41
CA CYS D 840 8.70 -18.65 -5.81
C CYS D 840 10.22 -18.81 -5.96
N SER D 841 10.86 -19.67 -5.17
CA SER D 841 12.30 -19.98 -5.27
C SER D 841 12.67 -20.97 -6.37
N SER D 842 11.71 -21.60 -7.04
CA SER D 842 11.92 -22.70 -7.98
C SER D 842 11.89 -22.27 -9.46
N SER D 843 12.08 -23.22 -10.37
CA SER D 843 11.78 -23.06 -11.80
C SER D 843 10.29 -22.95 -12.13
N TYR D 844 9.39 -23.17 -11.16
CA TYR D 844 7.95 -22.94 -11.23
C TYR D 844 7.53 -21.65 -10.51
N SER D 845 8.39 -20.63 -10.48
CA SER D 845 8.15 -19.38 -9.75
C SER D 845 6.99 -18.53 -10.27
N GLU D 846 6.65 -18.62 -11.56
CA GLU D 846 5.43 -18.01 -12.12
C GLU D 846 4.15 -18.59 -11.49
N LEU D 847 4.10 -19.89 -11.23
CA LEU D 847 2.98 -20.51 -10.53
C LEU D 847 2.90 -20.05 -9.07
N GLY D 848 4.02 -19.72 -8.45
CA GLY D 848 4.06 -19.02 -7.16
C GLY D 848 3.37 -17.66 -7.22
N LEU D 849 3.68 -16.81 -8.21
CA LEU D 849 2.96 -15.55 -8.41
C LEU D 849 1.46 -15.76 -8.65
N GLN D 850 1.10 -16.72 -9.49
CA GLN D 850 -0.30 -17.07 -9.77
C GLN D 850 -1.09 -17.45 -8.51
N LEU D 851 -0.50 -18.22 -7.59
CA LEU D 851 -1.13 -18.49 -6.30
C LEU D 851 -1.22 -17.27 -5.38
N ILE D 852 -0.22 -16.40 -5.33
CA ILE D 852 -0.32 -15.15 -4.53
C ILE D 852 -1.46 -14.28 -5.05
N ILE D 853 -1.61 -14.14 -6.37
CA ILE D 853 -2.73 -13.39 -6.95
C ILE D 853 -4.06 -14.03 -6.53
N ASP D 854 -4.22 -15.34 -6.70
CA ASP D 854 -5.50 -16.00 -6.49
C ASP D 854 -5.94 -16.10 -5.03
N VAL D 855 -5.07 -15.94 -4.04
CA VAL D 855 -5.52 -15.86 -2.64
C VAL D 855 -6.06 -14.48 -2.25
N LEU D 856 -5.74 -13.39 -2.97
CA LEU D 856 -6.13 -12.03 -2.56
C LEU D 856 -7.66 -11.84 -2.45
N THR D 857 -8.44 -12.52 -3.29
CA THR D 857 -9.92 -12.50 -3.26
C THR D 857 -10.51 -12.94 -1.92
N LEU D 858 -9.78 -13.73 -1.12
CA LEU D 858 -10.23 -14.24 0.17
C LEU D 858 -10.26 -13.18 1.28
N ARG D 859 -9.74 -11.97 1.06
CA ARG D 859 -9.89 -10.83 1.97
C ARG D 859 -11.37 -10.48 2.23
N ASN D 860 -12.23 -10.75 1.25
CA ASN D 860 -13.67 -10.51 1.28
C ASN D 860 -14.49 -11.68 1.86
N SER D 861 -13.85 -12.69 2.45
CA SER D 861 -14.55 -13.87 2.98
C SER D 861 -15.38 -13.58 4.24
N SER D 862 -16.55 -14.20 4.33
CA SER D 862 -17.42 -14.15 5.51
C SER D 862 -16.84 -14.88 6.72
N TYR D 863 -16.00 -15.90 6.52
CA TYR D 863 -15.42 -16.69 7.61
C TYR D 863 -14.13 -16.07 8.14
N TRP D 864 -14.09 -15.73 9.43
CA TRP D 864 -12.93 -15.10 10.05
C TRP D 864 -11.66 -15.96 10.00
N LEU D 865 -11.80 -17.29 10.10
CA LEU D 865 -10.67 -18.22 9.99
C LEU D 865 -10.07 -18.30 8.59
N VAL D 866 -10.77 -17.89 7.54
CA VAL D 866 -10.21 -17.73 6.18
C VAL D 866 -9.45 -16.42 6.08
N ARG D 867 -9.97 -15.34 6.67
CA ARG D 867 -9.28 -14.05 6.79
C ARG D 867 -7.96 -14.17 7.55
N THR D 868 -7.93 -14.82 8.72
CA THR D 868 -6.67 -15.00 9.46
C THR D 868 -5.71 -15.92 8.72
N GLU D 869 -6.16 -16.98 8.04
CA GLU D 869 -5.26 -17.82 7.25
C GLU D 869 -4.64 -17.07 6.07
N LEU D 870 -5.37 -16.20 5.40
CA LEU D 870 -4.80 -15.32 4.38
C LEU D 870 -3.73 -14.41 4.99
N LEU D 871 -3.98 -13.79 6.14
CA LEU D 871 -3.01 -12.91 6.79
C LEU D 871 -1.74 -13.66 7.20
N GLU D 872 -1.87 -14.88 7.69
CA GLU D 872 -0.73 -15.73 8.01
C GLU D 872 -0.01 -16.20 6.74
N THR D 873 -0.72 -16.49 5.65
CA THR D 873 -0.12 -16.80 4.34
C THR D 873 0.68 -15.65 3.80
N LEU D 874 0.12 -14.44 3.78
CA LEU D 874 0.80 -13.28 3.23
C LEU D 874 2.02 -12.88 4.05
N ALA D 875 2.01 -13.11 5.37
CA ALA D 875 3.15 -12.88 6.25
C ALA D 875 4.35 -13.82 6.00
N GLU D 876 4.17 -14.97 5.33
CA GLU D 876 5.29 -15.83 4.93
C GLU D 876 6.04 -15.28 3.71
N ILE D 877 5.42 -14.47 2.85
CA ILE D 877 5.95 -14.06 1.54
C ILE D 877 7.10 -13.06 1.66
N ASP D 878 8.21 -13.31 0.97
CA ASP D 878 9.30 -12.36 0.81
C ASP D 878 9.10 -11.47 -0.43
N PHE D 879 8.69 -10.22 -0.21
CA PHE D 879 8.39 -9.30 -1.31
C PHE D 879 9.61 -8.83 -2.09
N ARG D 880 10.84 -9.03 -1.61
CA ARG D 880 12.06 -8.84 -2.43
C ARG D 880 12.11 -9.86 -3.55
N LEU D 881 11.86 -11.13 -3.23
CA LEU D 881 11.76 -12.19 -4.21
C LEU D 881 10.55 -11.98 -5.14
N VAL D 882 9.38 -11.57 -4.61
CA VAL D 882 8.22 -11.22 -5.46
C VAL D 882 8.57 -10.07 -6.40
N SER D 883 9.28 -9.04 -5.94
CA SER D 883 9.73 -7.94 -6.78
C SER D 883 10.68 -8.37 -7.88
N PHE D 884 11.60 -9.31 -7.61
CA PHE D 884 12.39 -9.94 -8.65
C PHE D 884 11.49 -10.64 -9.68
N LEU D 885 10.55 -11.47 -9.24
CA LEU D 885 9.69 -12.21 -10.14
C LEU D 885 8.77 -11.28 -10.96
N GLU D 886 8.19 -10.26 -10.33
CA GLU D 886 7.37 -9.24 -10.99
C GLU D 886 8.16 -8.49 -12.06
N ALA D 887 9.42 -8.15 -11.82
CA ALA D 887 10.25 -7.47 -12.80
C ALA D 887 10.58 -8.35 -14.02
N LYS D 888 10.74 -9.67 -13.84
CA LYS D 888 10.97 -10.59 -14.96
C LYS D 888 9.68 -10.89 -15.75
N ALA D 889 8.54 -10.93 -15.07
CA ALA D 889 7.25 -11.15 -15.71
C ALA D 889 6.89 -10.04 -16.72
N GLU D 890 6.27 -10.44 -17.83
CA GLU D 890 5.62 -9.52 -18.77
C GLU D 890 4.13 -9.89 -18.92
N ASN D 891 3.83 -11.03 -19.51
CA ASN D 891 2.46 -11.50 -19.75
C ASN D 891 1.67 -11.77 -18.44
N LEU D 892 2.33 -12.09 -17.33
CA LEU D 892 1.67 -12.34 -16.04
C LEU D 892 0.96 -11.09 -15.49
N HIS D 893 1.47 -9.89 -15.81
CA HIS D 893 0.78 -8.64 -15.45
C HIS D 893 -0.59 -8.48 -16.11
N ARG D 894 -0.85 -9.17 -17.22
CA ARG D 894 -2.10 -9.06 -17.99
C ARG D 894 -3.28 -9.85 -17.42
N GLY D 895 -3.05 -10.84 -16.57
CA GLY D 895 -4.08 -11.74 -16.05
C GLY D 895 -4.86 -12.45 -17.17
N ALA D 896 -6.09 -12.88 -16.89
CA ALA D 896 -6.96 -13.52 -17.88
C ALA D 896 -7.52 -12.54 -18.93
N HIS D 897 -7.48 -11.22 -18.68
CA HIS D 897 -8.26 -10.22 -19.42
C HIS D 897 -7.45 -9.08 -20.07
N HIS D 898 -6.21 -9.33 -20.46
CA HIS D 898 -5.35 -8.38 -21.19
C HIS D 898 -5.13 -7.03 -20.48
N TYR D 899 -5.08 -7.01 -19.15
CA TYR D 899 -4.89 -5.81 -18.34
C TYR D 899 -3.67 -4.98 -18.73
N THR D 900 -3.78 -3.67 -18.53
CA THR D 900 -2.77 -2.67 -18.85
C THR D 900 -2.30 -2.03 -17.54
N GLY D 901 -1.00 -2.01 -17.30
CA GLY D 901 -0.45 -1.69 -15.97
C GLY D 901 0.16 -2.90 -15.26
N LEU D 902 0.57 -2.72 -14.01
CA LEU D 902 1.37 -3.68 -13.25
C LEU D 902 0.55 -4.43 -12.17
N LEU D 903 1.05 -5.57 -11.69
CA LEU D 903 0.38 -6.36 -10.64
C LEU D 903 0.37 -5.62 -9.31
N LYS D 904 1.45 -4.89 -9.00
CA LYS D 904 1.67 -4.14 -7.75
C LYS D 904 1.32 -4.96 -6.51
N LEU D 905 1.83 -6.18 -6.43
CA LEU D 905 1.44 -7.16 -5.41
C LEU D 905 1.73 -6.66 -4.01
N GLN D 906 2.91 -6.08 -3.76
CA GLN D 906 3.26 -5.57 -2.44
C GLN D 906 2.29 -4.48 -1.99
N GLU D 907 2.02 -3.48 -2.82
CA GLU D 907 1.07 -2.41 -2.50
C GLU D 907 -0.33 -2.95 -2.20
N ARG D 908 -0.82 -3.94 -2.95
CA ARG D 908 -2.12 -4.59 -2.72
C ARG D 908 -2.14 -5.43 -1.45
N VAL D 909 -1.10 -6.21 -1.17
CA VAL D 909 -0.99 -6.95 0.09
C VAL D 909 -0.91 -6.01 1.28
N LEU D 910 -0.06 -4.98 1.22
CA LEU D 910 0.14 -4.07 2.34
C LEU D 910 -1.12 -3.22 2.59
N ASN D 911 -1.66 -2.57 1.56
CA ASN D 911 -2.76 -1.64 1.70
C ASN D 911 -4.15 -2.30 1.66
N ASN D 912 -4.42 -3.10 0.62
CA ASN D 912 -5.75 -3.66 0.35
C ASN D 912 -6.07 -4.93 1.15
N VAL D 913 -5.08 -5.58 1.78
CA VAL D 913 -5.29 -6.73 2.67
C VAL D 913 -4.85 -6.46 4.11
N VAL D 914 -3.55 -6.32 4.39
CA VAL D 914 -3.04 -6.30 5.76
C VAL D 914 -3.49 -5.06 6.53
N ILE D 915 -3.29 -3.86 5.98
CA ILE D 915 -3.76 -2.63 6.64
C ILE D 915 -5.29 -2.52 6.56
N HIS D 916 -5.93 -2.96 5.48
CA HIS D 916 -7.39 -3.01 5.37
C HIS D 916 -8.04 -3.87 6.45
N LEU D 917 -7.47 -5.02 6.79
CA LEU D 917 -7.97 -5.89 7.85
C LEU D 917 -7.64 -5.42 9.27
N LEU D 918 -6.90 -4.31 9.46
CA LEU D 918 -6.87 -3.62 10.75
C LEU D 918 -8.23 -3.00 11.10
N GLY D 919 -9.09 -2.74 10.12
CA GLY D 919 -10.45 -2.26 10.33
C GLY D 919 -11.50 -3.34 10.54
N ASP D 920 -11.12 -4.61 10.65
CA ASP D 920 -12.07 -5.73 10.75
C ASP D 920 -12.86 -5.67 12.08
N GLU D 921 -14.17 -5.94 12.03
CA GLU D 921 -15.05 -5.94 13.18
C GLU D 921 -14.73 -7.04 14.20
N ASP D 922 -14.07 -8.12 13.79
CA ASP D 922 -13.55 -9.14 14.70
C ASP D 922 -12.17 -8.76 15.26
N PRO D 923 -12.01 -8.56 16.58
CA PRO D 923 -10.71 -8.31 17.21
C PRO D 923 -9.64 -9.36 16.89
N ARG D 924 -10.05 -10.62 16.64
CA ARG D 924 -9.13 -11.72 16.31
C ARG D 924 -8.49 -11.53 14.96
N VAL D 925 -9.20 -10.99 13.98
CA VAL D 925 -8.62 -10.66 12.67
C VAL D 925 -7.70 -9.44 12.78
N ARG D 926 -8.07 -8.41 13.56
CA ARG D 926 -7.20 -7.25 13.78
C ARG D 926 -5.87 -7.63 14.44
N HIS D 927 -5.91 -8.48 15.47
CA HIS D 927 -4.72 -8.98 16.15
C HIS D 927 -3.77 -9.73 15.21
N VAL D 928 -4.31 -10.58 14.34
CA VAL D 928 -3.51 -11.31 13.35
C VAL D 928 -2.93 -10.35 12.31
N ALA D 929 -3.72 -9.38 11.82
CA ALA D 929 -3.25 -8.39 10.85
C ALA D 929 -2.10 -7.52 11.40
N ALA D 930 -2.16 -7.12 12.67
CA ALA D 930 -1.09 -6.39 13.34
C ALA D 930 0.20 -7.23 13.46
N ALA D 931 0.11 -8.51 13.81
CA ALA D 931 1.25 -9.41 13.83
C ALA D 931 1.84 -9.67 12.43
N SER D 932 1.02 -9.88 11.41
CA SER D 932 1.44 -10.07 10.03
C SER D 932 2.15 -8.84 9.47
N LEU D 933 1.76 -7.63 9.87
CA LEU D 933 2.42 -6.40 9.46
C LEU D 933 3.87 -6.34 9.95
N ILE D 934 4.12 -6.71 11.22
CA ILE D 934 5.46 -6.73 11.79
C ILE D 934 6.38 -7.72 11.07
N ARG D 935 5.88 -8.92 10.75
CA ARG D 935 6.61 -9.89 9.94
C ARG D 935 6.91 -9.40 8.52
N LEU D 936 6.12 -8.48 7.98
CA LEU D 936 6.32 -7.95 6.63
C LEU D 936 7.38 -6.84 6.54
N VAL D 937 7.54 -5.94 7.53
CA VAL D 937 8.49 -4.80 7.43
C VAL D 937 9.91 -5.20 6.95
N PRO D 938 10.55 -6.27 7.46
CA PRO D 938 11.86 -6.71 6.98
C PRO D 938 11.90 -7.22 5.54
N LYS D 939 10.75 -7.58 4.97
CA LYS D 939 10.59 -8.29 3.69
C LYS D 939 10.13 -7.38 2.55
N LEU D 940 9.74 -6.14 2.83
CA LEU D 940 9.29 -5.19 1.81
C LEU D 940 10.46 -4.75 0.91
N PHE D 941 10.18 -4.51 -0.35
CA PHE D 941 11.09 -3.88 -1.29
C PHE D 941 10.49 -2.60 -1.88
N TYR D 942 11.32 -1.59 -2.05
CA TYR D 942 10.97 -0.33 -2.68
C TYR D 942 12.10 0.13 -3.59
N LYS D 943 11.76 0.67 -4.76
CA LYS D 943 12.71 1.29 -5.68
C LYS D 943 13.40 2.52 -5.07
N CYS D 944 14.56 2.87 -5.61
CA CYS D 944 15.40 4.00 -5.20
C CYS D 944 15.94 3.93 -3.77
N ASP D 945 16.01 2.75 -3.16
CA ASP D 945 16.62 2.59 -1.84
C ASP D 945 18.14 2.71 -1.91
N GLN D 946 18.76 3.40 -0.96
CA GLN D 946 20.20 3.58 -0.91
C GLN D 946 20.95 2.26 -0.66
N GLY D 947 20.38 1.32 0.10
CA GLY D 947 21.02 0.05 0.45
C GLY D 947 20.92 -1.04 -0.62
N GLN D 948 19.97 -0.95 -1.57
CA GLN D 948 19.71 -1.98 -2.59
C GLN D 948 18.99 -1.40 -3.81
N ALA D 949 19.72 -1.21 -4.91
CA ALA D 949 19.21 -0.57 -6.12
C ALA D 949 18.20 -1.44 -6.90
N ASP D 950 18.23 -2.76 -6.71
CA ASP D 950 17.37 -3.73 -7.39
C ASP D 950 17.07 -4.92 -6.46
N PRO D 951 16.01 -5.71 -6.73
CA PRO D 951 15.65 -6.80 -5.85
C PRO D 951 16.64 -8.00 -5.90
N VAL D 952 17.46 -8.16 -6.94
CA VAL D 952 18.50 -9.20 -6.95
C VAL D 952 19.59 -8.87 -5.92
N VAL D 953 20.01 -7.60 -5.81
CA VAL D 953 20.83 -7.13 -4.69
C VAL D 953 20.13 -7.29 -3.34
N ALA D 954 18.83 -7.01 -3.25
CA ALA D 954 18.09 -7.15 -1.99
C ALA D 954 18.01 -8.62 -1.49
N VAL D 955 17.80 -9.57 -2.39
CA VAL D 955 17.83 -11.00 -2.04
C VAL D 955 19.26 -11.45 -1.74
N ALA D 956 20.26 -11.05 -2.53
CA ALA D 956 21.65 -11.41 -2.26
C ALA D 956 22.13 -10.96 -0.88
N ARG D 957 21.88 -9.71 -0.47
CA ARG D 957 22.33 -9.24 0.83
C ARG D 957 21.64 -9.95 1.99
N ASP D 958 20.39 -10.38 1.82
CA ASP D 958 19.69 -11.21 2.78
C ASP D 958 20.37 -12.58 2.93
N GLN D 959 20.59 -13.29 1.83
CA GLN D 959 21.22 -14.62 1.86
C GLN D 959 22.66 -14.58 2.37
N SER D 960 23.45 -13.54 2.05
CA SER D 960 24.79 -13.36 2.59
C SER D 960 24.84 -13.03 4.08
N SER D 961 23.79 -12.41 4.64
CA SER D 961 23.81 -11.84 5.99
C SER D 961 24.03 -12.86 7.12
N VAL D 962 23.53 -14.09 6.96
CA VAL D 962 23.67 -15.16 7.97
C VAL D 962 24.94 -15.99 7.76
N TYR D 963 25.20 -16.49 6.56
CA TYR D 963 26.33 -17.40 6.33
C TYR D 963 27.70 -16.70 6.38
N LEU D 964 27.76 -15.40 6.05
CA LEU D 964 28.97 -14.60 6.09
C LEU D 964 29.03 -13.65 7.30
N LYS D 965 28.24 -13.90 8.36
CA LYS D 965 28.36 -13.20 9.64
C LYS D 965 29.76 -13.47 10.21
N LEU D 966 30.47 -12.44 10.66
CA LEU D 966 31.82 -12.60 11.21
C LEU D 966 31.80 -13.37 12.53
N LEU D 967 32.88 -14.06 12.89
CA LEU D 967 33.09 -14.62 14.23
C LEU D 967 33.74 -13.56 15.12
N MET D 968 32.96 -12.92 15.99
CA MET D 968 33.40 -11.79 16.81
C MET D 968 32.60 -11.70 18.11
N HIS D 969 33.19 -11.06 19.14
CA HIS D 969 32.57 -10.74 20.44
C HIS D 969 33.13 -9.40 20.95
N GLU D 970 32.41 -8.74 21.87
CA GLU D 970 32.64 -7.32 22.26
C GLU D 970 32.58 -6.34 21.08
N THR D 983 20.69 2.71 38.45
CA THR D 983 21.43 3.37 37.37
C THR D 983 21.07 2.80 35.98
N ARG D 984 20.48 1.61 35.92
CA ARG D 984 19.94 0.99 34.70
C ARG D 984 18.74 1.80 34.18
N ILE D 985 18.76 2.19 32.91
CA ILE D 985 17.65 2.93 32.28
C ILE D 985 16.45 2.01 31.96
N TYR D 986 15.25 2.57 31.99
CA TYR D 986 14.00 1.87 31.66
C TYR D 986 13.89 1.54 30.16
N ARG D 987 12.99 0.62 29.79
CA ARG D 987 12.73 0.30 28.39
C ARG D 987 12.28 1.52 27.58
N GLY D 988 12.58 1.54 26.30
CA GLY D 988 12.21 2.63 25.39
C GLY D 988 13.12 3.86 25.47
N TYR D 989 14.19 3.84 26.27
CA TYR D 989 15.26 4.85 26.27
C TYR D 989 16.58 4.28 25.74
N ASN D 990 17.34 5.11 25.04
CA ASN D 990 18.59 4.77 24.37
C ASN D 990 19.46 6.03 24.26
N LEU D 991 20.60 6.06 24.96
CA LEU D 991 21.49 7.22 24.96
C LEU D 991 22.59 7.17 23.90
N LEU D 992 23.02 5.96 23.51
CA LEU D 992 24.11 5.75 22.54
C LEU D 992 23.63 5.94 21.10
N PRO D 993 24.49 6.34 20.15
CA PRO D 993 24.15 6.37 18.72
C PRO D 993 23.82 4.96 18.20
N SER D 994 22.58 4.72 17.79
CA SER D 994 22.21 3.51 17.06
C SER D 994 22.68 3.58 15.61
N ILE D 995 23.35 2.53 15.13
CA ILE D 995 23.81 2.40 13.74
C ILE D 995 22.80 1.54 12.96
N THR D 996 21.64 2.11 12.64
CA THR D 996 20.52 1.43 11.97
C THR D 996 20.76 1.18 10.49
N ASP D 997 20.13 0.14 9.94
CA ASP D 997 20.04 -0.10 8.51
C ASP D 997 19.06 0.88 7.83
N VAL D 998 19.53 1.61 6.82
CA VAL D 998 18.75 2.61 6.08
C VAL D 998 17.52 1.98 5.39
N THR D 999 17.68 0.81 4.79
CA THR D 999 16.59 0.11 4.10
C THR D 999 15.45 -0.25 5.05
N MET D 1000 15.77 -0.78 6.24
CA MET D 1000 14.80 -1.02 7.29
C MET D 1000 14.15 0.27 7.83
N GLU D 1001 14.88 1.37 8.05
CA GLU D 1001 14.27 2.66 8.42
C GLU D 1001 13.31 3.17 7.34
N ASN D 1002 13.66 3.02 6.07
CA ASN D 1002 12.78 3.38 4.97
C ASN D 1002 11.52 2.52 4.91
N ASN D 1003 11.63 1.20 5.08
CA ASN D 1003 10.47 0.31 5.08
C ASN D 1003 9.53 0.64 6.24
N LEU D 1004 10.08 0.86 7.43
CA LEU D 1004 9.34 1.20 8.63
C LEU D 1004 8.65 2.57 8.50
N SER D 1005 9.34 3.57 7.96
CA SER D 1005 8.80 4.91 7.68
C SER D 1005 7.53 4.85 6.84
N ARG D 1006 7.55 4.08 5.75
CA ARG D 1006 6.41 3.89 4.86
C ARG D 1006 5.24 3.16 5.51
N VAL D 1007 5.51 2.11 6.29
CA VAL D 1007 4.50 1.38 7.06
C VAL D 1007 3.84 2.25 8.13
N ILE D 1008 4.61 2.98 8.95
CA ILE D 1008 4.06 3.88 9.97
C ILE D 1008 3.25 5.02 9.36
N ALA D 1009 3.69 5.59 8.22
CA ALA D 1009 2.93 6.57 7.49
C ALA D 1009 1.56 6.03 7.05
N ALA D 1010 1.52 4.85 6.44
CA ALA D 1010 0.29 4.20 6.01
C ALA D 1010 -0.67 3.92 7.18
N VAL D 1011 -0.19 3.35 8.29
CA VAL D 1011 -1.02 3.07 9.47
C VAL D 1011 -1.48 4.38 10.16
N SER D 1012 -0.65 5.43 10.17
CA SER D 1012 -1.05 6.75 10.67
C SER D 1012 -2.06 7.46 9.78
N HIS D 1013 -2.00 7.31 8.45
CA HIS D 1013 -3.02 7.84 7.55
C HIS D 1013 -4.39 7.26 7.86
N GLU D 1014 -4.49 5.93 7.97
CA GLU D 1014 -5.75 5.26 8.30
C GLU D 1014 -6.26 5.63 9.70
N LEU D 1015 -5.38 5.91 10.66
CA LEU D 1015 -5.77 6.39 11.98
C LEU D 1015 -6.37 7.82 11.91
N ILE D 1016 -5.79 8.72 11.11
CA ILE D 1016 -6.30 10.09 10.90
C ILE D 1016 -7.66 10.09 10.21
N THR D 1017 -7.81 9.36 9.11
CA THR D 1017 -9.02 9.32 8.29
C THR D 1017 -10.04 8.27 8.76
N SER D 1018 -9.89 7.75 9.98
CA SER D 1018 -10.70 6.65 10.51
C SER D 1018 -12.16 7.05 10.76
N THR D 1019 -13.09 6.47 9.99
CA THR D 1019 -14.54 6.66 10.15
C THR D 1019 -15.21 5.56 10.98
N THR D 1020 -14.46 4.63 11.56
CA THR D 1020 -14.99 3.46 12.28
C THR D 1020 -14.17 3.19 13.54
N ARG D 1021 -14.83 2.80 14.64
CA ARG D 1021 -14.16 2.51 15.92
C ARG D 1021 -13.16 1.34 15.82
N ALA D 1022 -13.52 0.28 15.11
CA ALA D 1022 -12.67 -0.87 14.82
C ALA D 1022 -11.34 -0.51 14.12
N LEU D 1023 -11.36 0.35 13.08
CA LEU D 1023 -10.15 0.79 12.40
C LEU D 1023 -9.25 1.66 13.28
N THR D 1024 -9.83 2.53 14.12
CA THR D 1024 -9.05 3.26 15.12
C THR D 1024 -8.34 2.30 16.08
N PHE D 1025 -9.06 1.34 16.65
CA PHE D 1025 -8.50 0.33 17.53
C PHE D 1025 -7.40 -0.51 16.87
N GLY D 1026 -7.61 -1.01 15.65
CA GLY D 1026 -6.62 -1.79 14.92
C GLY D 1026 -5.35 -1.02 14.57
N CYS D 1027 -5.46 0.26 14.21
CA CYS D 1027 -4.28 1.08 13.98
C CYS D 1027 -3.49 1.36 15.27
N CYS D 1028 -4.15 1.56 16.42
CA CYS D 1028 -3.45 1.67 17.69
C CYS D 1028 -2.76 0.38 18.12
N GLU D 1029 -3.38 -0.77 17.89
CA GLU D 1029 -2.76 -2.06 18.18
C GLU D 1029 -1.52 -2.28 17.30
N ALA D 1030 -1.66 -2.05 16.00
CA ALA D 1030 -0.57 -2.13 15.06
C ALA D 1030 0.60 -1.20 15.41
N LEU D 1031 0.35 0.07 15.74
CA LEU D 1031 1.41 1.00 16.11
C LEU D 1031 2.05 0.63 17.45
N CYS D 1032 1.26 0.18 18.42
CA CYS D 1032 1.79 -0.27 19.69
C CYS D 1032 2.75 -1.46 19.53
N LEU D 1033 2.34 -2.49 18.79
CA LEU D 1033 3.19 -3.65 18.49
C LEU D 1033 4.39 -3.27 17.63
N LEU D 1034 4.25 -2.44 16.59
CA LEU D 1034 5.39 -1.91 15.82
C LEU D 1034 6.40 -1.20 16.72
N SER D 1035 5.94 -0.38 17.67
CA SER D 1035 6.82 0.32 18.62
C SER D 1035 7.52 -0.62 19.60
N THR D 1036 7.09 -1.87 19.69
CA THR D 1036 7.76 -2.91 20.48
C THR D 1036 8.76 -3.68 19.61
N ALA D 1037 8.37 -4.06 18.40
CA ALA D 1037 9.21 -4.86 17.49
C ALA D 1037 10.30 -4.03 16.80
N PHE D 1038 10.09 -2.73 16.67
CA PHE D 1038 11.02 -1.74 16.17
C PHE D 1038 11.00 -0.53 17.10
N PRO D 1039 11.71 -0.58 18.25
CA PRO D 1039 11.63 0.47 19.26
C PRO D 1039 11.89 1.87 18.74
N VAL D 1040 11.06 2.82 19.18
CA VAL D 1040 11.05 4.20 18.69
C VAL D 1040 12.39 4.90 18.93
N CYS D 1041 13.01 4.65 20.08
CA CYS D 1041 14.31 5.21 20.44
C CYS D 1041 15.50 4.67 19.62
N ILE D 1042 15.36 3.52 18.96
CA ILE D 1042 16.37 2.94 18.07
C ILE D 1042 16.08 3.37 16.63
N TRP D 1043 14.84 3.25 16.18
CA TRP D 1043 14.40 3.51 14.81
C TRP D 1043 13.80 4.92 14.62
N SER D 1044 14.43 5.94 15.20
CA SER D 1044 13.92 7.30 15.24
C SER D 1044 13.63 7.92 13.87
N LEU D 1045 14.33 7.54 12.80
CA LEU D 1045 14.08 8.05 11.45
C LEU D 1045 12.89 7.35 10.78
N GLY D 1046 12.70 6.04 10.97
CA GLY D 1046 11.47 5.35 10.64
C GLY D 1046 10.25 5.97 11.31
N TRP D 1047 10.36 6.33 12.59
CA TRP D 1047 9.32 6.97 13.38
C TRP D 1047 9.31 8.51 13.27
N HIS D 1048 9.98 9.14 12.30
CA HIS D 1048 9.99 10.61 12.14
C HIS D 1048 8.80 11.13 11.31
N CYS D 1049 7.87 11.83 11.97
CA CYS D 1049 6.81 12.61 11.30
C CYS D 1049 7.15 14.10 11.14
N GLY D 1050 8.22 14.59 11.79
CA GLY D 1050 8.64 16.01 11.78
C GLY D 1050 8.62 16.83 13.09
N PRO D 1051 7.89 16.52 14.19
CA PRO D 1051 7.61 17.51 15.24
C PRO D 1051 8.81 18.23 15.91
N PRO D 1052 9.90 17.55 16.33
CA PRO D 1052 10.97 18.19 17.09
C PRO D 1052 11.99 18.97 16.23
N LEU D 1053 11.78 19.09 14.91
CA LEU D 1053 12.60 19.89 13.99
C LEU D 1053 11.73 20.85 13.15
N CYS D 1064 14.62 13.44 19.46
CA CYS D 1064 15.12 12.68 18.31
C CYS D 1064 13.97 12.30 17.37
N THR D 1065 12.89 11.76 17.93
CA THR D 1065 11.54 11.82 17.36
C THR D 1065 10.50 11.70 18.48
N VAL D 1066 9.29 12.21 18.24
CA VAL D 1066 8.06 11.85 18.99
C VAL D 1066 6.97 11.32 18.07
N GLY D 1067 7.31 10.95 16.83
CA GLY D 1067 6.37 10.40 15.83
C GLY D 1067 5.04 11.15 15.77
N MET D 1068 3.95 10.43 16.03
CA MET D 1068 2.58 10.96 16.06
C MET D 1068 2.02 11.15 17.47
N ALA D 1069 2.84 11.41 18.50
CA ALA D 1069 2.41 11.44 19.90
C ALA D 1069 1.16 12.30 20.17
N THR D 1070 1.04 13.48 19.56
CA THR D 1070 -0.14 14.35 19.68
C THR D 1070 -1.42 13.69 19.16
N MET D 1071 -1.35 12.93 18.07
CA MET D 1071 -2.45 12.13 17.51
C MET D 1071 -2.94 11.04 18.47
N ILE D 1072 -2.02 10.38 19.18
CA ILE D 1072 -2.36 9.35 20.18
C ILE D 1072 -2.91 9.97 21.47
N LEU D 1073 -2.41 11.14 21.86
CA LEU D 1073 -2.92 11.89 23.00
C LEU D 1073 -4.34 12.43 22.75
N THR D 1074 -4.68 12.84 21.51
CA THR D 1074 -6.06 13.17 21.14
C THR D 1074 -7.04 12.03 21.41
N LEU D 1075 -6.66 10.77 21.15
CA LEU D 1075 -7.52 9.62 21.42
C LEU D 1075 -7.85 9.44 22.90
N LEU D 1076 -6.87 9.53 23.80
CA LEU D 1076 -7.11 9.29 25.24
C LEU D 1076 -7.82 10.45 25.96
N SER D 1077 -8.00 11.60 25.30
CA SER D 1077 -8.92 12.66 25.74
C SER D 1077 -10.32 12.53 25.13
N SER D 1078 -10.51 11.75 24.06
CA SER D 1078 -11.81 11.58 23.38
C SER D 1078 -12.82 10.81 24.25
N ALA D 1079 -14.12 10.92 23.93
CA ALA D 1079 -15.17 10.45 24.85
C ALA D 1079 -15.43 8.93 24.82
N TRP D 1080 -15.10 8.22 23.73
CA TRP D 1080 -15.37 6.77 23.59
C TRP D 1080 -14.11 5.90 23.65
N PHE D 1081 -12.99 6.32 23.06
CA PHE D 1081 -11.78 5.50 22.93
C PHE D 1081 -11.23 4.97 24.27
N PRO D 1082 -11.18 5.75 25.37
CA PRO D 1082 -10.75 5.26 26.67
C PRO D 1082 -11.52 4.06 27.23
N LEU D 1083 -12.75 3.81 26.78
CA LEU D 1083 -13.62 2.77 27.31
C LEU D 1083 -13.38 1.38 26.68
N ASP D 1084 -12.62 1.29 25.59
CA ASP D 1084 -12.05 0.02 25.13
C ASP D 1084 -10.69 -0.20 25.80
N LEU D 1085 -10.65 -1.06 26.81
CA LEU D 1085 -9.45 -1.27 27.63
C LEU D 1085 -8.25 -1.77 26.82
N SER D 1086 -8.45 -2.60 25.79
CA SER D 1086 -7.37 -3.08 24.93
C SER D 1086 -6.78 -1.95 24.08
N ALA D 1087 -7.62 -1.17 23.40
CA ALA D 1087 -7.13 -0.06 22.60
C ALA D 1087 -6.51 1.04 23.48
N HIS D 1088 -7.05 1.25 24.68
CA HIS D 1088 -6.55 2.21 25.66
C HIS D 1088 -5.17 1.84 26.17
N GLN D 1089 -4.95 0.59 26.60
CA GLN D 1089 -3.61 0.19 27.06
C GLN D 1089 -2.59 0.24 25.91
N ASP D 1090 -2.99 -0.05 24.68
CA ASP D 1090 -2.15 0.14 23.50
C ASP D 1090 -1.81 1.61 23.22
N ALA D 1091 -2.74 2.53 23.41
CA ALA D 1091 -2.45 3.96 23.32
C ALA D 1091 -1.48 4.44 24.40
N LEU D 1092 -1.61 4.01 25.65
CA LEU D 1092 -0.70 4.41 26.73
C LEU D 1092 0.72 3.91 26.45
N ILE D 1093 0.88 2.64 26.07
CA ILE D 1093 2.19 2.06 25.77
C ILE D 1093 2.86 2.80 24.61
N LEU D 1094 2.12 3.03 23.52
CA LEU D 1094 2.60 3.79 22.38
C LEU D 1094 2.95 5.24 22.74
N ALA D 1095 2.13 5.93 23.54
CA ALA D 1095 2.40 7.29 24.00
C ALA D 1095 3.66 7.40 24.86
N GLY D 1096 3.83 6.52 25.84
CA GLY D 1096 5.06 6.42 26.62
C GLY D 1096 6.29 6.13 25.76
N ASN D 1097 6.21 5.21 24.81
CA ASN D 1097 7.30 4.91 23.89
C ASN D 1097 7.69 6.12 23.01
N LEU D 1098 6.72 6.82 22.43
CA LEU D 1098 6.98 8.01 21.61
C LEU D 1098 7.60 9.16 22.42
N LEU D 1099 7.15 9.42 23.65
CA LEU D 1099 7.75 10.45 24.51
C LEU D 1099 9.09 10.05 25.14
N ALA D 1100 9.39 8.75 25.28
CA ALA D 1100 10.70 8.30 25.73
C ALA D 1100 11.78 8.49 24.65
N ALA D 1101 11.43 8.32 23.38
CA ALA D 1101 12.34 8.40 22.24
C ALA D 1101 12.89 9.80 21.91
N SER D 1102 12.36 10.87 22.51
CA SER D 1102 12.95 12.20 22.38
C SER D 1102 14.24 12.39 23.18
N ALA D 1103 14.49 11.58 24.22
CA ALA D 1103 15.28 11.97 25.38
C ALA D 1103 16.64 12.66 25.13
N PRO D 1104 17.63 12.07 24.44
CA PRO D 1104 18.97 12.65 24.42
C PRO D 1104 19.09 13.93 23.57
N LYS D 1105 18.06 14.29 22.78
CA LYS D 1105 17.94 15.61 22.15
C LYS D 1105 16.93 16.54 22.84
N SER D 1106 16.02 16.03 23.68
CA SER D 1106 15.05 16.84 24.43
C SER D 1106 15.47 17.17 25.86
N LEU D 1107 16.47 16.48 26.43
CA LEU D 1107 16.97 16.73 27.78
C LEU D 1107 17.81 18.02 27.87
N ARG D 1108 17.70 18.77 28.97
CA ARG D 1108 18.39 20.04 29.20
C ARG D 1108 19.78 19.85 29.82
N SER D 1109 19.82 19.61 31.14
CA SER D 1109 21.00 19.61 32.02
C SER D 1109 20.62 19.13 33.42
N GLU D 1125 12.07 26.37 32.33
CA GLU D 1125 11.00 26.67 33.30
C GLU D 1125 10.98 25.71 34.52
N GLU D 1126 10.20 26.07 35.54
CA GLU D 1126 10.22 25.42 36.86
C GLU D 1126 9.51 24.05 36.94
N VAL D 1127 8.58 23.75 36.03
CA VAL D 1127 7.90 22.44 35.94
C VAL D 1127 8.54 21.58 34.87
N TRP D 1128 8.80 20.30 35.16
CA TRP D 1128 9.59 19.39 34.34
C TRP D 1128 10.94 20.01 33.90
N PRO D 1129 11.83 20.40 34.85
CA PRO D 1129 13.07 21.11 34.54
C PRO D 1129 13.98 20.42 33.51
N ALA D 1130 14.03 19.09 33.53
CA ALA D 1130 14.87 18.30 32.64
C ALA D 1130 14.47 18.39 31.17
N LEU D 1131 13.23 18.77 30.84
CA LEU D 1131 12.84 18.99 29.46
C LEU D 1131 13.35 20.35 28.97
N GLY D 1132 14.30 20.33 28.05
CA GLY D 1132 14.78 21.53 27.35
C GLY D 1132 13.92 21.86 26.13
N ASP D 1133 13.39 20.84 25.46
CA ASP D 1133 12.38 21.00 24.40
C ASP D 1133 10.99 21.26 25.02
N ARG D 1134 10.71 22.51 25.37
CA ARG D 1134 9.48 22.91 26.08
C ARG D 1134 8.19 22.64 25.31
N ALA D 1135 8.24 22.34 24.01
CA ALA D 1135 7.09 21.87 23.25
C ALA D 1135 6.58 20.49 23.70
N LEU D 1136 7.42 19.67 24.35
CA LEU D 1136 7.04 18.34 24.84
C LEU D 1136 6.41 18.36 26.23
N VAL D 1137 6.57 19.43 27.01
CA VAL D 1137 6.04 19.51 28.38
C VAL D 1137 4.51 19.38 28.45
N PRO D 1138 3.70 20.02 27.58
CA PRO D 1138 2.26 19.74 27.50
C PRO D 1138 1.95 18.26 27.27
N MET D 1139 2.69 17.58 26.39
CA MET D 1139 2.47 16.15 26.09
C MET D 1139 2.76 15.28 27.32
N VAL D 1140 3.86 15.55 28.03
CA VAL D 1140 4.29 14.84 29.22
C VAL D 1140 3.35 15.09 30.40
N GLU D 1141 2.96 16.33 30.68
CA GLU D 1141 1.97 16.64 31.72
C GLU D 1141 0.60 16.01 31.44
N GLN D 1142 0.16 16.01 30.18
CA GLN D 1142 -1.07 15.35 29.76
C GLN D 1142 -1.01 13.86 30.08
N LEU D 1143 0.03 13.15 29.64
CA LEU D 1143 0.18 11.71 29.90
C LEU D 1143 0.29 11.41 31.40
N PHE D 1144 1.10 12.16 32.14
CA PHE D 1144 1.35 11.91 33.56
C PHE D 1144 0.10 12.11 34.42
N SER D 1145 -0.63 13.20 34.21
CA SER D 1145 -1.90 13.42 34.91
C SER D 1145 -2.95 12.38 34.51
N HIS D 1146 -3.04 11.97 33.24
CA HIS D 1146 -3.88 10.84 32.81
C HIS D 1146 -3.53 9.56 33.58
N LEU D 1147 -2.25 9.20 33.68
CA LEU D 1147 -1.80 7.99 34.37
C LEU D 1147 -2.22 8.00 35.83
N LEU D 1148 -2.04 9.10 36.54
CA LEU D 1148 -2.43 9.21 37.94
C LEU D 1148 -3.96 9.13 38.12
N LYS D 1149 -4.76 9.64 37.18
CA LYS D 1149 -6.22 9.49 37.24
C LYS D 1149 -6.64 8.03 37.04
N VAL D 1150 -6.13 7.34 36.01
CA VAL D 1150 -6.51 5.94 35.75
C VAL D 1150 -5.97 4.96 36.79
N ILE D 1151 -4.80 5.22 37.37
CA ILE D 1151 -4.29 4.46 38.51
C ILE D 1151 -5.15 4.73 39.74
N ASN D 1152 -5.62 5.96 39.98
CA ASN D 1152 -6.57 6.24 41.06
C ASN D 1152 -7.93 5.57 40.84
N ILE D 1153 -8.42 5.47 39.60
CA ILE D 1153 -9.61 4.70 39.29
C ILE D 1153 -9.41 3.23 39.73
N CYS D 1154 -8.28 2.61 39.37
CA CYS D 1154 -7.95 1.27 39.85
C CYS D 1154 -7.85 1.20 41.37
N ALA D 1155 -7.25 2.18 42.03
CA ALA D 1155 -7.14 2.22 43.48
C ALA D 1155 -8.52 2.23 44.15
N HIS D 1156 -9.47 3.02 43.61
CA HIS D 1156 -10.86 3.06 44.06
C HIS D 1156 -11.59 1.74 43.80
N VAL D 1157 -11.44 1.14 42.63
CA VAL D 1157 -12.10 -0.12 42.30
C VAL D 1157 -11.55 -1.30 43.11
N LEU D 1158 -10.24 -1.42 43.31
CA LEU D 1158 -9.64 -2.50 44.09
C LEU D 1158 -9.97 -2.41 45.58
N ASP D 1159 -10.12 -1.21 46.15
CA ASP D 1159 -10.54 -1.00 47.54
C ASP D 1159 -12.07 -1.02 47.75
N ASP D 1160 -12.88 -1.06 46.67
CA ASP D 1160 -14.35 -0.87 46.66
C ASP D 1160 -14.86 0.50 47.18
N VAL D 1161 -13.98 1.49 47.36
CA VAL D 1161 -14.35 2.84 47.81
C VAL D 1161 -14.97 3.65 46.67
N ALA D 1162 -16.21 4.08 46.84
CA ALA D 1162 -16.95 4.85 45.84
C ALA D 1162 -16.28 6.21 45.52
N PRO D 1163 -16.34 6.69 44.27
CA PRO D 1163 -15.81 8.00 43.90
C PRO D 1163 -16.68 9.15 44.45
N GLY D 1164 -16.06 10.15 45.10
CA GLY D 1164 -16.73 11.33 45.68
C GLY D 1164 -15.92 12.06 46.75
N SER D 1228 -3.44 15.94 44.24
CA SER D 1228 -4.71 16.21 43.57
C SER D 1228 -4.70 15.84 42.08
N LEU D 1229 -3.52 15.64 41.49
CA LEU D 1229 -3.35 15.37 40.05
C LEU D 1229 -4.13 14.12 39.61
N GLY D 1230 -4.21 13.10 40.45
CA GLY D 1230 -5.00 11.89 40.19
C GLY D 1230 -6.50 12.00 40.52
N SER D 1231 -7.00 13.12 41.01
CA SER D 1231 -8.42 13.29 41.33
C SER D 1231 -9.29 13.29 40.06
N PHE D 1232 -10.39 12.53 40.07
CA PHE D 1232 -11.21 12.27 38.87
C PHE D 1232 -12.72 12.36 39.10
N TYR D 1233 -13.16 12.57 40.35
CA TYR D 1233 -14.56 12.52 40.80
C TYR D 1233 -15.48 13.57 40.15
N HIS D 1234 -14.90 14.56 39.47
CA HIS D 1234 -15.58 15.67 38.78
C HIS D 1234 -15.47 15.61 37.24
N LEU D 1235 -15.01 14.51 36.65
CA LEU D 1235 -14.86 14.38 35.18
C LEU D 1235 -15.72 13.23 34.61
N PRO D 1236 -16.79 13.49 33.84
CA PRO D 1236 -17.68 12.46 33.30
C PRO D 1236 -16.99 11.35 32.49
N SER D 1237 -16.02 11.70 31.66
CA SER D 1237 -15.25 10.74 30.85
C SER D 1237 -14.51 9.71 31.71
N TYR D 1238 -13.99 10.12 32.87
CA TYR D 1238 -13.30 9.25 33.81
C TYR D 1238 -14.28 8.48 34.71
N LEU D 1239 -15.47 9.02 35.00
CA LEU D 1239 -16.49 8.27 35.72
C LEU D 1239 -17.06 7.12 34.88
N LYS D 1240 -17.25 7.29 33.58
CA LYS D 1240 -17.57 6.19 32.67
C LYS D 1240 -16.49 5.10 32.70
N LEU D 1241 -15.21 5.49 32.66
CA LEU D 1241 -14.08 4.56 32.76
C LEU D 1241 -14.05 3.81 34.10
N HIS D 1242 -14.38 4.47 35.21
CA HIS D 1242 -14.54 3.81 36.50
C HIS D 1242 -15.61 2.71 36.44
N ASP D 1243 -16.72 2.93 35.78
CA ASP D 1243 -17.79 1.94 35.71
C ASP D 1243 -17.47 0.77 34.76
N VAL D 1244 -16.76 1.01 33.65
CA VAL D 1244 -16.15 -0.06 32.83
C VAL D 1244 -15.19 -0.91 33.66
N LEU D 1245 -14.24 -0.30 34.38
CA LEU D 1245 -13.28 -1.02 35.18
C LEU D 1245 -13.90 -1.72 36.40
N LYS D 1246 -14.91 -1.12 37.06
CA LYS D 1246 -15.65 -1.76 38.14
C LYS D 1246 -16.35 -3.03 37.66
N ALA D 1247 -16.95 -3.01 36.47
CA ALA D 1247 -17.57 -4.17 35.88
C ALA D 1247 -16.56 -5.26 35.52
N THR D 1248 -15.42 -4.92 34.90
CA THR D 1248 -14.37 -5.90 34.59
C THR D 1248 -13.80 -6.53 35.87
N HIS D 1249 -13.59 -5.77 36.94
CA HIS D 1249 -13.15 -6.35 38.22
C HIS D 1249 -14.23 -7.21 38.91
N ALA D 1250 -15.50 -6.85 38.79
CA ALA D 1250 -16.61 -7.63 39.37
C ALA D 1250 -16.66 -9.08 38.84
N ASN D 1251 -16.37 -9.30 37.56
CA ASN D 1251 -16.27 -10.66 37.00
C ASN D 1251 -15.05 -11.44 37.53
N TYR D 1252 -13.91 -10.77 37.74
CA TYR D 1252 -12.72 -11.37 38.30
C TYR D 1252 -12.93 -11.87 39.75
N LYS D 1253 -13.68 -11.13 40.58
CA LYS D 1253 -13.98 -11.50 41.98
C LYS D 1253 -14.66 -12.86 42.15
N VAL D 1254 -15.44 -13.30 41.17
CA VAL D 1254 -16.29 -14.50 41.21
C VAL D 1254 -15.82 -15.63 40.27
N THR D 1255 -14.57 -15.60 39.82
CA THR D 1255 -13.96 -16.61 38.93
C THR D 1255 -12.59 -17.06 39.47
N LEU D 1256 -12.01 -18.15 38.96
CA LEU D 1256 -10.73 -18.72 39.44
C LEU D 1256 -9.73 -19.12 38.32
N ASP D 1257 -9.78 -18.48 37.15
CA ASP D 1257 -8.82 -18.72 36.05
C ASP D 1257 -7.43 -18.10 36.32
N LEU D 1258 -6.71 -18.56 37.34
CA LEU D 1258 -5.47 -17.94 37.83
C LEU D 1258 -4.28 -17.93 36.85
N GLN D 1259 -4.30 -18.71 35.77
CA GLN D 1259 -3.27 -18.63 34.71
C GLN D 1259 -3.62 -17.67 33.57
N ASN D 1260 -4.82 -17.08 33.53
CA ASN D 1260 -5.29 -16.28 32.40
C ASN D 1260 -4.54 -14.94 32.29
N SER D 1261 -3.69 -14.80 31.27
CA SER D 1261 -2.90 -13.59 31.00
C SER D 1261 -3.68 -12.46 30.32
N THR D 1262 -4.84 -12.75 29.69
CA THR D 1262 -5.65 -11.77 28.95
C THR D 1262 -6.72 -11.05 29.78
N GLU D 1263 -6.75 -11.24 31.10
CA GLU D 1263 -7.66 -10.55 32.03
C GLU D 1263 -7.51 -9.02 31.96
N LYS D 1264 -8.54 -8.31 31.46
CA LYS D 1264 -8.42 -6.93 31.02
C LYS D 1264 -8.23 -5.89 32.12
N PHE D 1265 -8.70 -6.11 33.35
CA PHE D 1265 -8.41 -5.19 34.45
C PHE D 1265 -6.93 -5.25 34.87
N GLY D 1266 -6.41 -6.45 35.12
CA GLY D 1266 -4.99 -6.63 35.41
C GLY D 1266 -4.10 -6.13 34.28
N GLY D 1267 -4.44 -6.44 33.03
CA GLY D 1267 -3.73 -5.96 31.85
C GLY D 1267 -3.70 -4.45 31.76
N PHE D 1268 -4.83 -3.78 31.94
CA PHE D 1268 -4.92 -2.33 31.98
C PHE D 1268 -4.07 -1.70 33.10
N LEU D 1269 -4.21 -2.18 34.34
CA LEU D 1269 -3.45 -1.67 35.48
C LEU D 1269 -1.95 -1.88 35.30
N ARG D 1270 -1.53 -3.05 34.83
CA ARG D 1270 -0.14 -3.37 34.46
C ARG D 1270 0.41 -2.37 33.45
N SER D 1271 -0.30 -2.10 32.36
CA SER D 1271 0.16 -1.12 31.36
C SER D 1271 0.24 0.30 31.92
N ALA D 1272 -0.69 0.72 32.78
CA ALA D 1272 -0.63 2.02 33.41
C ALA D 1272 0.60 2.16 34.32
N LEU D 1273 0.86 1.19 35.19
CA LEU D 1273 2.04 1.21 36.07
C LEU D 1273 3.37 1.15 35.29
N ASP D 1274 3.40 0.44 34.17
CA ASP D 1274 4.56 0.34 33.28
C ASP D 1274 4.87 1.67 32.61
N VAL D 1275 3.86 2.32 32.03
CA VAL D 1275 4.01 3.62 31.39
C VAL D 1275 4.30 4.74 32.40
N LEU D 1276 3.76 4.70 33.61
CA LEU D 1276 4.20 5.60 34.68
C LEU D 1276 5.67 5.37 35.04
N SER D 1277 6.10 4.12 35.22
CA SER D 1277 7.49 3.78 35.49
C SER D 1277 8.44 4.30 34.40
N GLN D 1278 8.00 4.28 33.15
CA GLN D 1278 8.75 4.82 32.02
C GLN D 1278 8.85 6.36 32.05
N ILE D 1279 7.76 7.08 32.31
CA ILE D 1279 7.77 8.55 32.27
C ILE D 1279 8.55 9.16 33.44
N LEU D 1280 8.65 8.44 34.57
CA LEU D 1280 9.48 8.83 35.72
C LEU D 1280 10.99 8.93 35.44
N GLU D 1281 11.51 8.37 34.35
CA GLU D 1281 12.90 8.67 33.93
C GLU D 1281 13.12 10.14 33.55
N LEU D 1282 12.06 10.87 33.14
CA LEU D 1282 12.12 12.29 32.79
C LEU D 1282 11.87 13.24 33.99
N ALA D 1283 11.46 12.72 35.15
CA ALA D 1283 11.05 13.52 36.31
C ALA D 1283 12.21 13.81 37.28
N THR D 1284 12.11 14.89 38.04
CA THR D 1284 13.04 15.19 39.16
C THR D 1284 12.27 15.59 40.42
N LEU D 1285 12.95 15.75 41.57
CA LEU D 1285 12.29 15.89 42.87
C LEU D 1285 11.27 17.04 42.97
N GLN D 1286 11.42 18.14 42.25
CA GLN D 1286 10.43 19.22 42.23
C GLN D 1286 9.17 18.90 41.40
N ASP D 1287 9.20 17.89 40.51
CA ASP D 1287 8.00 17.38 39.84
C ASP D 1287 7.19 16.43 40.74
N ILE D 1288 7.88 15.56 41.46
CA ILE D 1288 7.30 14.44 42.21
C ILE D 1288 7.12 14.75 43.71
N GLY D 1289 7.85 15.71 44.28
CA GLY D 1289 7.89 15.94 45.73
C GLY D 1289 6.57 16.38 46.36
N LYS D 1290 5.71 17.08 45.61
CA LYS D 1290 4.35 17.45 46.01
C LYS D 1290 3.32 16.32 45.82
N CYS D 1291 3.75 15.17 45.32
CA CYS D 1291 2.93 14.21 44.57
C CYS D 1291 3.22 12.74 44.98
N VAL D 1292 4.41 12.46 45.52
CA VAL D 1292 4.89 11.12 45.86
C VAL D 1292 4.01 10.36 46.86
N GLU D 1293 3.42 11.05 47.84
CA GLU D 1293 2.60 10.44 48.88
C GLU D 1293 1.23 9.97 48.33
N GLU D 1294 0.68 10.70 47.36
CA GLU D 1294 -0.48 10.30 46.56
C GLU D 1294 -0.15 9.07 45.68
N ILE D 1295 0.98 9.06 44.97
CA ILE D 1295 1.41 7.89 44.18
C ILE D 1295 1.64 6.65 45.06
N LEU D 1296 2.34 6.76 46.19
CA LEU D 1296 2.54 5.64 47.11
C LEU D 1296 1.23 5.14 47.72
N GLY D 1297 0.27 6.02 48.00
CA GLY D 1297 -1.07 5.63 48.44
C GLY D 1297 -1.81 4.81 47.39
N TYR D 1298 -1.70 5.17 46.11
CA TYR D 1298 -2.27 4.39 45.02
C TYR D 1298 -1.57 3.04 44.89
N LEU D 1299 -0.23 3.02 44.87
CA LEU D 1299 0.54 1.77 44.78
C LEU D 1299 0.23 0.80 45.92
N LYS D 1300 0.00 1.28 47.14
CA LYS D 1300 -0.42 0.46 48.29
C LYS D 1300 -1.72 -0.30 48.05
N SER D 1301 -2.65 0.26 47.28
CA SER D 1301 -3.91 -0.40 46.91
C SER D 1301 -3.74 -1.32 45.69
N CYS D 1302 -2.97 -0.92 44.68
CA CYS D 1302 -2.72 -1.71 43.49
C CYS D 1302 -1.78 -2.91 43.72
N PHE D 1303 -1.00 -2.92 44.81
CA PHE D 1303 0.04 -3.91 45.07
C PHE D 1303 -0.49 -5.35 45.10
N SER D 1304 -1.64 -5.64 45.71
CA SER D 1304 -2.16 -7.00 45.78
C SER D 1304 -2.60 -7.58 44.43
N ARG D 1305 -3.00 -6.74 43.47
CA ARG D 1305 -3.41 -7.16 42.12
C ARG D 1305 -2.25 -7.29 41.15
N GLU D 1306 -1.27 -6.38 41.18
CA GLU D 1306 -0.06 -6.41 40.33
C GLU D 1306 1.22 -6.11 41.14
N PRO D 1307 1.67 -7.00 42.05
CA PRO D 1307 2.78 -6.73 42.95
C PRO D 1307 4.10 -6.41 42.24
N MET D 1308 4.34 -7.05 41.11
CA MET D 1308 5.58 -6.97 40.35
C MET D 1308 5.72 -5.61 39.67
N MET D 1309 4.74 -5.20 38.85
CA MET D 1309 4.75 -3.87 38.23
C MET D 1309 4.62 -2.73 39.26
N ALA D 1310 3.94 -2.94 40.38
CA ALA D 1310 3.95 -1.99 41.49
C ALA D 1310 5.35 -1.84 42.11
N THR D 1311 6.11 -2.93 42.25
CA THR D 1311 7.49 -2.90 42.75
C THR D 1311 8.43 -2.17 41.78
N VAL D 1312 8.28 -2.38 40.47
CA VAL D 1312 8.98 -1.62 39.43
C VAL D 1312 8.70 -0.11 39.54
N CYS D 1313 7.45 0.27 39.81
CA CYS D 1313 7.09 1.67 40.01
C CYS D 1313 7.74 2.27 41.26
N VAL D 1314 7.75 1.55 42.39
CA VAL D 1314 8.48 1.94 43.60
C VAL D 1314 9.97 2.11 43.36
N GLN D 1315 10.61 1.26 42.56
CA GLN D 1315 12.02 1.42 42.20
C GLN D 1315 12.29 2.68 41.38
N GLN D 1316 11.46 3.00 40.39
CA GLN D 1316 11.57 4.25 39.63
C GLN D 1316 11.32 5.49 40.49
N LEU D 1317 10.37 5.40 41.41
CA LEU D 1317 10.03 6.45 42.37
C LEU D 1317 11.14 6.71 43.41
N LEU D 1318 11.90 5.69 43.81
CA LEU D 1318 13.18 5.86 44.53
C LEU D 1318 14.26 6.49 43.65
N LYS D 1319 14.45 6.05 42.41
CA LYS D 1319 15.42 6.68 41.49
C LYS D 1319 15.16 8.17 41.25
N THR D 1320 13.91 8.64 41.27
CA THR D 1320 13.57 10.07 41.20
C THR D 1320 13.86 10.83 42.50
N LEU D 1321 13.64 10.24 43.67
CA LEU D 1321 13.94 10.88 44.95
C LEU D 1321 15.45 11.03 45.20
N PHE D 1322 16.26 10.08 44.72
CA PHE D 1322 17.69 9.98 45.00
C PHE D 1322 18.61 10.45 43.85
N GLY D 1323 18.09 11.12 42.83
CA GLY D 1323 18.89 11.63 41.71
C GLY D 1323 19.69 10.56 40.96
N THR D 1324 19.09 9.41 40.66
CA THR D 1324 19.73 8.25 40.01
C THR D 1324 19.11 7.92 38.64
N ASN D 1325 18.07 8.65 38.21
CA ASN D 1325 17.39 8.48 36.93
C ASN D 1325 18.02 9.31 35.80
N LEU D 1326 17.59 9.10 34.56
CA LEU D 1326 18.09 9.81 33.39
C LEU D 1326 17.97 11.34 33.49
N ALA D 1327 16.88 11.88 34.05
CA ALA D 1327 16.72 13.32 34.25
C ALA D 1327 17.74 13.98 35.19
N SER D 1328 18.46 13.21 36.01
CA SER D 1328 19.42 13.70 37.00
C SER D 1328 20.86 13.20 36.80
N GLN D 1329 21.10 12.39 35.77
CA GLN D 1329 22.38 11.73 35.47
C GLN D 1329 22.73 11.81 33.97
N PHE D 1330 22.35 12.90 33.32
CA PHE D 1330 22.66 13.17 31.91
C PHE D 1330 23.72 14.27 31.79
N ASP D 1331 24.83 13.99 31.09
CA ASP D 1331 26.06 14.80 31.02
C ASP D 1331 26.57 15.28 32.41
N ARG D 1353 24.21 3.14 -3.58
CA ARG D 1353 25.53 2.87 -4.15
C ARG D 1353 26.05 1.43 -3.99
N PRO D 1354 25.88 0.74 -2.84
CA PRO D 1354 26.24 -0.67 -2.70
C PRO D 1354 25.54 -1.58 -3.71
N GLY D 1355 26.15 -2.73 -3.96
CA GLY D 1355 25.70 -3.68 -4.96
C GLY D 1355 26.25 -5.08 -4.73
N LEU D 1356 26.29 -5.87 -5.80
CA LEU D 1356 26.55 -7.31 -5.70
C LEU D 1356 28.00 -7.63 -5.34
N TYR D 1357 29.00 -6.90 -5.86
CA TYR D 1357 30.40 -7.07 -5.44
C TYR D 1357 30.60 -6.76 -3.95
N HIS D 1358 29.93 -5.71 -3.47
CA HIS D 1358 29.97 -5.26 -2.08
C HIS D 1358 29.44 -6.31 -1.11
N TYR D 1359 28.20 -6.75 -1.27
CA TYR D 1359 27.58 -7.64 -0.29
C TYR D 1359 28.07 -9.09 -0.36
N CYS D 1360 28.31 -9.62 -1.56
CA CYS D 1360 28.70 -11.02 -1.72
C CYS D 1360 30.17 -11.30 -1.45
N PHE D 1361 31.04 -10.29 -1.53
CA PHE D 1361 32.48 -10.49 -1.35
C PHE D 1361 33.16 -9.36 -0.59
N MET D 1362 33.20 -8.15 -1.14
CA MET D 1362 34.13 -7.12 -0.69
C MET D 1362 33.94 -6.65 0.75
N ALA D 1363 32.70 -6.49 1.22
CA ALA D 1363 32.42 -6.09 2.59
C ALA D 1363 32.68 -7.22 3.61
N PRO D 1364 32.20 -8.46 3.41
CA PRO D 1364 32.65 -9.62 4.18
C PRO D 1364 34.18 -9.76 4.25
N TYR D 1365 34.86 -9.70 3.10
CA TYR D 1365 36.31 -9.85 3.02
C TYR D 1365 37.03 -8.75 3.79
N THR D 1366 36.67 -7.48 3.58
CA THR D 1366 37.30 -6.35 4.27
C THR D 1366 37.08 -6.43 5.77
N HIS D 1367 35.88 -6.82 6.22
CA HIS D 1367 35.61 -7.00 7.64
C HIS D 1367 36.42 -8.15 8.26
N PHE D 1368 36.60 -9.25 7.54
CA PHE D 1368 37.44 -10.37 7.94
C PHE D 1368 38.93 -9.99 8.01
N THR D 1369 39.50 -9.35 6.97
CA THR D 1369 40.92 -9.01 6.95
C THR D 1369 41.31 -7.96 8.00
N GLN D 1370 40.45 -6.97 8.25
CA GLN D 1370 40.66 -5.99 9.31
C GLN D 1370 40.65 -6.64 10.70
N ALA D 1371 39.74 -7.58 10.94
CA ALA D 1371 39.71 -8.31 12.20
C ALA D 1371 40.97 -9.17 12.44
N LEU D 1372 41.51 -9.87 11.42
CA LEU D 1372 42.78 -10.61 11.58
C LEU D 1372 43.97 -9.68 11.85
N ALA D 1373 43.97 -8.46 11.30
CA ALA D 1373 45.00 -7.48 11.58
C ALA D 1373 44.91 -6.97 13.03
N ASP D 1374 43.71 -6.66 13.50
CA ASP D 1374 43.45 -6.26 14.88
C ASP D 1374 43.70 -7.37 15.91
N ALA D 1375 43.73 -8.65 15.51
CA ALA D 1375 43.96 -9.79 16.40
C ALA D 1375 45.35 -9.80 17.06
N SER D 1376 46.32 -9.08 16.49
CA SER D 1376 47.71 -9.00 16.96
C SER D 1376 47.96 -7.91 18.01
N LEU D 1377 47.00 -7.01 18.23
CA LEU D 1377 47.09 -5.88 19.17
C LEU D 1377 46.58 -6.24 20.57
N ILE D 1420 17.16 16.42 53.18
CA ILE D 1420 16.03 16.46 52.24
C ILE D 1420 15.29 15.11 52.21
N HIS D 1421 16.01 14.00 52.38
CA HIS D 1421 15.50 12.63 52.35
C HIS D 1421 14.81 12.19 53.65
N ASN D 1422 13.94 13.02 54.21
CA ASN D 1422 12.94 12.58 55.19
C ASN D 1422 11.88 11.64 54.55
N HIS D 1423 11.60 11.82 53.24
CA HIS D 1423 10.61 11.04 52.47
C HIS D 1423 10.84 9.53 52.43
N ILE D 1424 12.03 9.01 52.76
CA ILE D 1424 12.29 7.55 52.72
C ILE D 1424 11.29 6.75 53.59
N ARG D 1425 10.84 7.30 54.72
CA ARG D 1425 9.84 6.66 55.59
C ARG D 1425 8.45 6.48 54.94
N LEU D 1426 8.15 7.15 53.83
CA LEU D 1426 6.92 6.92 53.07
C LEU D 1426 6.92 5.56 52.36
N PHE D 1427 8.09 5.06 51.96
CA PHE D 1427 8.25 3.81 51.21
C PHE D 1427 8.18 2.57 52.11
N GLU D 1428 8.29 2.73 53.42
CA GLU D 1428 8.41 1.63 54.38
C GLU D 1428 7.27 0.60 54.34
N PRO D 1429 5.97 0.97 54.29
CA PRO D 1429 4.89 0.00 54.14
C PRO D 1429 4.99 -0.84 52.86
N LEU D 1430 5.32 -0.23 51.72
CA LEU D 1430 5.41 -0.93 50.45
C LEU D 1430 6.63 -1.85 50.37
N VAL D 1431 7.74 -1.48 51.01
CA VAL D 1431 8.93 -2.34 51.15
C VAL D 1431 8.62 -3.54 52.04
N ILE D 1432 7.94 -3.35 53.18
CA ILE D 1432 7.50 -4.43 54.06
C ILE D 1432 6.50 -5.36 53.39
N LYS D 1433 5.55 -4.84 52.59
CA LYS D 1433 4.69 -5.66 51.73
C LYS D 1433 5.48 -6.51 50.75
N ALA D 1434 6.45 -5.94 50.04
CA ALA D 1434 7.31 -6.68 49.11
C ALA D 1434 8.13 -7.80 49.81
N LEU D 1435 8.71 -7.52 50.97
CA LEU D 1435 9.40 -8.52 51.78
C LEU D 1435 8.47 -9.66 52.20
N LYS D 1436 7.28 -9.35 52.75
CA LYS D 1436 6.29 -10.36 53.12
C LYS D 1436 5.88 -11.19 51.90
N GLN D 1437 5.55 -10.54 50.78
CA GLN D 1437 5.13 -11.20 49.55
C GLN D 1437 6.17 -12.19 49.01
N TYR D 1438 7.46 -11.89 49.12
CA TYR D 1438 8.53 -12.81 48.73
C TYR D 1438 8.46 -14.13 49.49
N THR D 1439 8.07 -14.10 50.77
CA THR D 1439 8.02 -15.26 51.66
C THR D 1439 6.75 -16.09 51.55
N THR D 1440 5.76 -15.64 50.80
CA THR D 1440 4.48 -16.35 50.56
C THR D 1440 4.30 -16.81 49.12
N THR D 1441 4.77 -16.03 48.14
CA THR D 1441 4.59 -16.32 46.72
C THR D 1441 5.39 -17.52 46.21
N THR D 1442 5.02 -18.02 45.04
CA THR D 1442 5.83 -18.91 44.21
C THR D 1442 6.17 -18.28 42.85
N CYS D 1443 5.78 -17.02 42.61
CA CYS D 1443 6.08 -16.30 41.38
C CYS D 1443 7.53 -15.81 41.37
N VAL D 1444 8.39 -16.44 40.57
CA VAL D 1444 9.82 -16.10 40.52
C VAL D 1444 10.05 -14.70 39.95
N GLN D 1445 9.15 -14.20 39.10
CA GLN D 1445 9.23 -12.84 38.56
C GLN D 1445 8.96 -11.77 39.63
N LEU D 1446 8.08 -12.03 40.60
CA LEU D 1446 7.94 -11.14 41.76
C LEU D 1446 9.19 -11.20 42.61
N GLN D 1447 9.64 -12.41 42.96
CA GLN D 1447 10.82 -12.61 43.81
C GLN D 1447 12.08 -11.96 43.23
N LYS D 1448 12.30 -12.08 41.93
CA LYS D 1448 13.36 -11.43 41.18
C LYS D 1448 13.31 -9.90 41.33
N GLN D 1449 12.12 -9.30 41.30
CA GLN D 1449 11.93 -7.86 41.49
C GLN D 1449 12.16 -7.38 42.92
N VAL D 1450 11.75 -8.14 43.92
CA VAL D 1450 11.99 -7.79 45.33
C VAL D 1450 13.49 -7.86 45.66
N LEU D 1451 14.24 -8.80 45.07
CA LEU D 1451 15.69 -8.81 45.18
C LEU D 1451 16.34 -7.61 44.48
N ASP D 1452 15.84 -7.19 43.31
CA ASP D 1452 16.29 -5.98 42.62
C ASP D 1452 16.01 -4.71 43.45
N LEU D 1453 14.85 -4.64 44.12
CA LEU D 1453 14.50 -3.58 45.06
C LEU D 1453 15.48 -3.53 46.25
N LEU D 1454 15.71 -4.64 46.93
CA LEU D 1454 16.68 -4.68 48.04
C LEU D 1454 18.10 -4.36 47.58
N ALA D 1455 18.55 -4.84 46.42
CA ALA D 1455 19.85 -4.48 45.88
C ALA D 1455 19.94 -2.96 45.64
N GLN D 1456 18.89 -2.37 45.08
CA GLN D 1456 18.81 -0.92 44.92
C GLN D 1456 18.79 -0.18 46.26
N LEU D 1457 18.08 -0.66 47.28
CA LEU D 1457 18.06 -0.06 48.62
C LEU D 1457 19.42 -0.10 49.32
N VAL D 1458 20.22 -1.17 49.19
CA VAL D 1458 21.58 -1.18 49.74
C VAL D 1458 22.53 -0.29 48.92
N GLN D 1459 22.39 -0.17 47.59
CA GLN D 1459 23.14 0.82 46.81
C GLN D 1459 22.75 2.27 47.15
N LEU D 1460 21.48 2.56 47.43
CA LEU D 1460 20.97 3.85 47.92
C LEU D 1460 21.29 4.10 49.41
N ARG D 1461 22.10 3.23 50.02
CA ARG D 1461 22.63 3.34 51.38
C ARG D 1461 21.63 3.18 52.52
N VAL D 1462 20.54 2.42 52.31
CA VAL D 1462 19.60 2.06 53.39
C VAL D 1462 20.24 1.08 54.39
N ASN D 1463 20.00 1.27 55.68
CA ASN D 1463 20.50 0.43 56.75
C ASN D 1463 19.81 -0.95 56.81
N TYR D 1464 20.43 -1.97 56.20
CA TYR D 1464 19.84 -3.32 56.13
C TYR D 1464 19.57 -3.96 57.49
N CYS D 1465 20.43 -3.78 58.49
CA CYS D 1465 20.23 -4.39 59.81
C CYS D 1465 19.04 -3.84 60.60
N LEU D 1466 18.52 -2.65 60.27
CA LEU D 1466 17.26 -2.16 60.83
C LEU D 1466 16.05 -2.62 60.00
N LEU D 1467 16.21 -2.81 58.69
CA LEU D 1467 15.16 -3.29 57.80
C LEU D 1467 14.85 -4.78 57.98
N ASP D 1468 15.88 -5.62 58.11
CA ASP D 1468 15.77 -7.05 58.41
C ASP D 1468 16.09 -7.28 59.89
N SER D 1469 15.07 -7.19 60.75
CA SER D 1469 15.17 -7.00 62.22
C SER D 1469 16.12 -7.96 62.95
N ASP D 1470 16.23 -9.19 62.47
CA ASP D 1470 17.04 -10.27 63.07
C ASP D 1470 17.51 -11.26 61.99
N GLN D 1471 17.95 -10.75 60.82
CA GLN D 1471 18.41 -11.56 59.69
C GLN D 1471 17.37 -12.56 59.15
N VAL D 1472 16.08 -12.25 59.30
CA VAL D 1472 14.97 -13.15 58.98
C VAL D 1472 14.84 -13.35 57.48
N PHE D 1473 14.86 -12.28 56.70
CA PHE D 1473 14.72 -12.38 55.26
C PHE D 1473 15.95 -13.06 54.62
N ILE D 1474 17.17 -12.66 55.02
CA ILE D 1474 18.38 -13.32 54.52
C ILE D 1474 18.40 -14.80 54.92
N GLY D 1475 17.95 -15.15 56.12
CA GLY D 1475 17.75 -16.53 56.54
C GLY D 1475 16.79 -17.32 55.65
N PHE D 1476 15.68 -16.73 55.24
CA PHE D 1476 14.74 -17.33 54.30
C PHE D 1476 15.34 -17.52 52.91
N VAL D 1477 16.03 -16.51 52.37
CA VAL D 1477 16.76 -16.63 51.10
C VAL D 1477 17.83 -17.73 51.15
N LEU D 1478 18.59 -17.85 52.25
CA LEU D 1478 19.56 -18.93 52.41
C LEU D 1478 18.85 -20.29 52.52
N LYS D 1479 17.71 -20.39 53.21
CA LYS D 1479 16.87 -21.60 53.21
C LYS D 1479 16.34 -21.98 51.82
N GLN D 1480 16.15 -21.05 50.90
CA GLN D 1480 15.75 -21.38 49.54
C GLN D 1480 16.81 -22.18 48.77
N PHE D 1481 18.11 -22.01 49.05
CA PHE D 1481 19.14 -22.78 48.35
C PHE D 1481 19.02 -24.28 48.56
N GLU D 1482 18.52 -24.72 49.72
CA GLU D 1482 18.32 -26.15 49.99
C GLU D 1482 17.35 -26.78 48.99
N TYR D 1483 16.28 -26.08 48.64
CA TYR D 1483 15.31 -26.53 47.65
C TYR D 1483 15.81 -26.38 46.21
N ILE D 1484 16.62 -25.35 45.92
CA ILE D 1484 17.20 -25.10 44.60
C ILE D 1484 18.25 -26.16 44.24
N GLU D 1485 19.12 -26.53 45.18
CA GLU D 1485 20.12 -27.59 45.00
C GLU D 1485 19.49 -28.96 44.70
N VAL D 1486 18.48 -29.35 45.46
CA VAL D 1486 17.77 -30.63 45.34
C VAL D 1486 16.80 -30.69 44.13
N GLY D 1487 16.65 -29.60 43.39
CA GLY D 1487 15.79 -29.54 42.19
C GLY D 1487 14.29 -29.45 42.47
N GLN D 1488 13.91 -29.04 43.68
CA GLN D 1488 12.53 -28.91 44.15
C GLN D 1488 11.94 -27.49 43.97
N PHE D 1489 12.73 -26.52 43.54
CA PHE D 1489 12.31 -25.14 43.28
C PHE D 1489 12.17 -24.89 41.77
N ARG D 1490 10.92 -24.73 41.27
CA ARG D 1490 10.55 -24.99 39.87
C ARG D 1490 11.34 -24.21 38.82
N GLU D 1491 11.27 -22.88 38.91
CA GLU D 1491 11.76 -21.92 37.92
C GLU D 1491 12.99 -21.16 38.45
N SER D 1492 13.78 -21.83 39.30
CA SER D 1492 14.97 -21.28 39.97
C SER D 1492 16.04 -20.68 39.04
N GLU D 1493 16.04 -21.01 37.75
CA GLU D 1493 16.89 -20.35 36.75
C GLU D 1493 16.75 -18.83 36.77
N ALA D 1494 15.56 -18.30 37.07
CA ALA D 1494 15.29 -16.87 37.09
C ALA D 1494 15.77 -16.17 38.38
N ILE D 1495 15.79 -16.86 39.51
CA ILE D 1495 16.06 -16.25 40.82
C ILE D 1495 17.57 -16.22 41.16
N ILE D 1496 18.35 -17.20 40.71
CA ILE D 1496 19.78 -17.37 41.04
C ILE D 1496 20.62 -16.10 40.85
N PRO D 1497 20.66 -15.46 39.67
CA PRO D 1497 21.56 -14.32 39.44
C PRO D 1497 21.23 -13.12 40.34
N ASN D 1498 19.95 -12.89 40.65
CA ASN D 1498 19.53 -11.82 41.54
C ASN D 1498 19.86 -12.12 43.01
N ILE D 1499 19.76 -13.37 43.46
CA ILE D 1499 20.22 -13.73 44.80
C ILE D 1499 21.73 -13.50 44.91
N PHE D 1500 22.53 -13.97 43.96
CA PHE D 1500 23.97 -13.79 44.01
C PHE D 1500 24.37 -12.31 43.93
N PHE D 1501 23.74 -11.49 43.09
CA PHE D 1501 24.00 -10.05 43.11
C PHE D 1501 23.63 -9.40 44.45
N PHE D 1502 22.49 -9.72 45.04
CA PHE D 1502 22.10 -9.22 46.37
C PHE D 1502 23.07 -9.65 47.47
N LEU D 1503 23.50 -10.92 47.50
CA LEU D 1503 24.46 -11.42 48.49
C LEU D 1503 25.85 -10.77 48.34
N VAL D 1504 26.33 -10.62 47.11
CA VAL D 1504 27.59 -9.92 46.80
C VAL D 1504 27.58 -8.50 47.35
N LEU D 1505 26.53 -7.71 47.13
CA LEU D 1505 26.41 -6.38 47.73
C LEU D 1505 26.41 -6.43 49.25
N LEU D 1506 25.60 -7.32 49.83
CA LEU D 1506 25.41 -7.42 51.27
C LEU D 1506 26.68 -7.88 52.02
N SER D 1507 27.68 -8.40 51.32
CA SER D 1507 28.98 -8.76 51.89
C SER D 1507 29.93 -7.59 52.12
N TYR D 1508 29.71 -6.42 51.54
CA TYR D 1508 30.74 -5.37 51.53
C TYR D 1508 31.05 -4.77 52.90
N GLU D 1509 32.34 -4.49 53.09
CA GLU D 1509 32.92 -3.92 54.32
C GLU D 1509 32.51 -4.70 55.59
N ARG D 1510 32.51 -4.02 56.74
CA ARG D 1510 31.93 -4.51 58.00
C ARG D 1510 30.82 -3.57 58.47
N TYR D 1511 30.02 -3.06 57.52
CA TYR D 1511 28.94 -2.10 57.76
C TYR D 1511 27.89 -2.64 58.74
N HIS D 1512 27.14 -1.73 59.34
CA HIS D 1512 26.04 -2.05 60.28
C HIS D 1512 26.54 -2.85 61.49
N SER D 1513 25.69 -3.65 62.12
CA SER D 1513 26.04 -4.32 63.39
C SER D 1513 27.20 -5.31 63.27
N LYS D 1514 27.25 -6.06 62.16
CA LYS D 1514 28.30 -7.03 61.78
C LYS D 1514 28.21 -7.33 60.28
N GLN D 1515 29.27 -7.87 59.67
CA GLN D 1515 29.19 -8.44 58.32
C GLN D 1515 28.14 -9.57 58.29
N ILE D 1516 27.08 -9.41 57.49
CA ILE D 1516 25.95 -10.35 57.40
C ILE D 1516 26.36 -11.64 56.71
N ILE D 1517 27.12 -11.55 55.62
CA ILE D 1517 27.62 -12.68 54.82
C ILE D 1517 29.01 -12.34 54.28
N GLY D 1518 29.89 -13.32 54.13
CA GLY D 1518 31.21 -13.13 53.54
C GLY D 1518 31.34 -13.76 52.17
N ILE D 1519 32.27 -13.29 51.35
CA ILE D 1519 32.64 -13.95 50.09
C ILE D 1519 32.95 -15.45 50.27
N PRO D 1520 33.66 -15.93 51.31
CA PRO D 1520 33.85 -17.36 51.55
C PRO D 1520 32.53 -18.16 51.58
N LYS D 1521 31.47 -17.62 52.18
CA LYS D 1521 30.14 -18.22 52.19
C LYS D 1521 29.48 -18.14 50.82
N ILE D 1522 29.60 -17.03 50.10
CA ILE D 1522 29.04 -16.89 48.74
C ILE D 1522 29.68 -17.92 47.79
N ILE D 1523 30.99 -18.16 47.92
CA ILE D 1523 31.73 -19.22 47.24
C ILE D 1523 31.20 -20.61 47.62
N GLN D 1524 30.90 -20.87 48.89
CA GLN D 1524 30.29 -22.13 49.33
C GLN D 1524 28.85 -22.33 48.83
N LEU D 1525 28.02 -21.29 48.70
CA LEU D 1525 26.73 -21.42 48.03
C LEU D 1525 26.94 -21.77 46.56
N CYS D 1526 27.84 -21.05 45.87
CA CYS D 1526 28.11 -21.29 44.46
C CYS D 1526 28.73 -22.67 44.21
N ASP D 1527 29.60 -23.18 45.09
CA ASP D 1527 30.14 -24.54 44.93
C ASP D 1527 29.12 -25.62 45.34
N GLY D 1528 28.14 -25.28 46.17
CA GLY D 1528 26.98 -26.11 46.48
C GLY D 1528 26.07 -26.33 45.27
N ILE D 1529 25.68 -25.26 44.56
CA ILE D 1529 24.82 -25.35 43.36
C ILE D 1529 25.55 -25.93 42.14
N MET D 1530 26.88 -25.92 42.16
CA MET D 1530 27.74 -26.47 41.11
C MET D 1530 28.03 -27.97 41.27
N ALA D 1531 27.91 -28.53 42.48
CA ALA D 1531 28.41 -29.86 42.81
C ALA D 1531 27.75 -31.02 42.04
N SER D 1532 26.41 -31.09 42.06
CA SER D 1532 25.67 -32.29 41.60
C SER D 1532 24.25 -31.98 41.09
N GLY D 1533 23.93 -30.71 40.88
CA GLY D 1533 22.61 -30.26 40.44
C GLY D 1533 22.33 -30.44 38.95
N ARG D 1534 21.28 -29.77 38.45
CA ARG D 1534 20.96 -29.68 37.01
C ARG D 1534 21.87 -28.69 36.25
N LYS D 1535 21.63 -28.55 34.95
CA LYS D 1535 22.58 -28.06 33.92
C LYS D 1535 23.25 -26.72 34.23
N ALA D 1536 24.57 -26.67 34.04
CA ALA D 1536 25.41 -25.53 34.40
C ALA D 1536 24.99 -24.21 33.77
N VAL D 1537 24.60 -24.20 32.49
CA VAL D 1537 24.26 -22.96 31.75
C VAL D 1537 23.00 -22.25 32.27
N THR D 1538 22.18 -22.92 33.10
CA THR D 1538 21.00 -22.32 33.74
C THR D 1538 21.13 -22.16 35.25
N HIS D 1539 22.11 -22.81 35.90
CA HIS D 1539 22.26 -22.79 37.37
C HIS D 1539 23.62 -22.23 37.84
N ALA D 1540 24.71 -22.96 37.69
CA ALA D 1540 26.02 -22.53 38.21
C ALA D 1540 26.64 -21.34 37.47
N ILE D 1541 26.48 -21.23 36.15
CA ILE D 1541 27.04 -20.12 35.37
C ILE D 1541 26.37 -18.78 35.72
N PRO D 1542 25.03 -18.64 35.79
CA PRO D 1542 24.38 -17.45 36.33
C PRO D 1542 24.78 -17.07 37.75
N ALA D 1543 25.12 -18.05 38.61
CA ALA D 1543 25.68 -17.78 39.94
C ALA D 1543 27.11 -17.20 39.90
N LEU D 1544 27.97 -17.68 38.98
CA LEU D 1544 29.34 -17.20 38.85
C LEU D 1544 29.43 -15.78 38.30
N GLN D 1545 28.61 -15.41 37.30
CA GLN D 1545 28.75 -14.14 36.58
C GLN D 1545 28.78 -12.89 37.50
N PRO D 1546 27.90 -12.74 38.51
CA PRO D 1546 28.01 -11.70 39.53
C PRO D 1546 29.33 -11.73 40.31
N ILE D 1547 29.76 -12.91 40.79
CA ILE D 1547 30.94 -13.05 41.67
C ILE D 1547 32.21 -12.69 40.89
N VAL D 1548 32.33 -13.15 39.65
CA VAL D 1548 33.46 -12.84 38.78
C VAL D 1548 33.51 -11.33 38.49
N HIS D 1549 32.39 -10.70 38.13
CA HIS D 1549 32.38 -9.26 37.90
C HIS D 1549 32.75 -8.45 39.15
N ASP D 1550 32.30 -8.82 40.34
CA ASP D 1550 32.72 -8.13 41.55
C ASP D 1550 34.23 -8.29 41.84
N LEU D 1551 34.71 -9.53 41.96
CA LEU D 1551 36.06 -9.79 42.47
C LEU D 1551 37.16 -9.41 41.47
N PHE D 1552 36.87 -9.31 40.18
CA PHE D 1552 37.84 -8.94 39.15
C PHE D 1552 37.68 -7.52 38.61
N VAL D 1553 36.56 -6.83 38.84
CA VAL D 1553 36.37 -5.42 38.40
C VAL D 1553 36.29 -4.41 39.55
N LEU D 1554 35.67 -4.75 40.67
CA LEU D 1554 35.24 -3.77 41.68
C LEU D 1554 35.87 -3.94 43.06
N ARG D 1555 36.12 -5.17 43.52
CA ARG D 1555 36.61 -5.46 44.89
C ARG D 1555 38.04 -4.99 45.14
N GLY D 1563 45.94 -7.80 51.16
CA GLY D 1563 45.15 -8.29 50.02
C GLY D 1563 45.20 -9.81 49.82
N LYS D 1564 45.95 -10.53 50.66
CA LYS D 1564 46.17 -11.99 50.53
C LYS D 1564 44.87 -12.81 50.62
N GLU D 1565 43.90 -12.38 51.41
CA GLU D 1565 42.59 -13.05 51.51
C GLU D 1565 41.78 -12.91 50.21
N LEU D 1566 41.76 -11.72 49.63
CA LEU D 1566 41.10 -11.44 48.36
C LEU D 1566 41.76 -12.21 47.21
N GLU D 1567 43.09 -12.17 47.10
CA GLU D 1567 43.80 -12.91 46.05
C GLU D 1567 43.60 -14.43 46.19
N THR D 1568 43.49 -14.94 47.41
CA THR D 1568 43.13 -16.35 47.65
C THR D 1568 41.74 -16.65 47.13
N GLN D 1569 40.73 -15.84 47.46
CA GLN D 1569 39.37 -16.04 46.98
C GLN D 1569 39.29 -15.95 45.44
N LYS D 1570 40.03 -15.02 44.81
CA LYS D 1570 40.12 -14.92 43.35
C LYS D 1570 40.73 -16.17 42.72
N GLU D 1571 41.76 -16.76 43.32
CA GLU D 1571 42.35 -18.02 42.87
C GLU D 1571 41.35 -19.19 43.00
N VAL D 1572 40.52 -19.21 44.05
CA VAL D 1572 39.44 -20.21 44.20
C VAL D 1572 38.37 -20.05 43.12
N VAL D 1573 38.01 -18.82 42.74
CA VAL D 1573 37.08 -18.60 41.63
C VAL D 1573 37.66 -19.07 40.30
N VAL D 1574 38.95 -18.88 40.04
CA VAL D 1574 39.60 -19.43 38.86
C VAL D 1574 39.57 -20.96 38.86
N SER D 1575 39.75 -21.65 40.00
CA SER D 1575 39.60 -23.11 40.03
C SER D 1575 38.16 -23.58 39.78
N MET D 1576 37.14 -22.82 40.22
CA MET D 1576 35.75 -23.05 39.84
C MET D 1576 35.47 -22.83 38.36
N LEU D 1577 36.05 -21.79 37.74
CA LEU D 1577 35.90 -21.56 36.30
C LEU D 1577 36.55 -22.66 35.46
N LEU D 1578 37.74 -23.12 35.83
CA LEU D 1578 38.43 -24.19 35.10
C LEU D 1578 37.65 -25.52 35.11
N ARG D 1579 36.84 -25.78 36.14
CA ARG D 1579 35.93 -26.95 36.19
C ARG D 1579 34.76 -26.86 35.19
N LEU D 1580 34.50 -25.70 34.59
CA LEU D 1580 33.40 -25.45 33.66
C LEU D 1580 33.86 -24.93 32.29
N ILE D 1581 35.16 -24.84 32.04
CA ILE D 1581 35.76 -24.19 30.87
C ILE D 1581 35.22 -24.65 29.51
N GLN D 1582 34.63 -25.84 29.42
CA GLN D 1582 33.92 -26.34 28.25
C GLN D 1582 32.76 -25.42 27.78
N TYR D 1583 32.19 -24.56 28.62
CA TYR D 1583 31.04 -23.72 28.27
C TYR D 1583 31.45 -22.30 27.87
N HIS D 1584 30.94 -21.80 26.73
CA HIS D 1584 31.36 -20.51 26.18
C HIS D 1584 31.08 -19.31 27.10
N GLN D 1585 30.04 -19.37 27.92
CA GLN D 1585 29.71 -18.36 28.91
C GLN D 1585 30.82 -18.19 29.96
N VAL D 1586 31.59 -19.24 30.27
CA VAL D 1586 32.76 -19.13 31.14
C VAL D 1586 34.04 -18.78 30.39
N LEU D 1587 34.13 -19.01 29.08
CA LEU D 1587 35.15 -18.35 28.27
C LEU D 1587 34.96 -16.83 28.24
N GLU D 1588 33.73 -16.31 28.19
CA GLU D 1588 33.47 -14.87 28.38
C GLU D 1588 33.89 -14.37 29.77
N MET D 1589 33.71 -15.15 30.81
CA MET D 1589 34.30 -14.83 32.13
C MET D 1589 35.82 -14.89 32.11
N PHE D 1590 36.46 -15.81 31.38
CA PHE D 1590 37.91 -15.82 31.22
C PHE D 1590 38.46 -14.64 30.41
N ILE D 1591 37.75 -14.17 29.37
CA ILE D 1591 38.11 -12.94 28.68
C ILE D 1591 38.18 -11.77 29.67
N LEU D 1592 37.20 -11.66 30.56
CA LEU D 1592 37.19 -10.63 31.60
C LEU D 1592 38.38 -10.79 32.55
N VAL D 1593 38.63 -11.95 33.15
CA VAL D 1593 39.75 -12.08 34.12
C VAL D 1593 41.11 -11.84 33.44
N LEU D 1594 41.28 -12.25 32.19
CA LEU D 1594 42.50 -11.97 31.43
C LEU D 1594 42.64 -10.47 31.13
N GLN D 1595 41.59 -9.78 30.71
CA GLN D 1595 41.64 -8.33 30.48
C GLN D 1595 41.93 -7.54 31.77
N GLN D 1596 41.49 -8.03 32.92
CA GLN D 1596 41.76 -7.39 34.21
C GLN D 1596 43.16 -7.71 34.74
N CYS D 1597 43.66 -8.96 34.62
CA CYS D 1597 45.05 -9.24 35.00
C CYS D 1597 46.08 -8.64 34.04
N HIS D 1598 45.81 -8.51 32.73
CA HIS D 1598 46.69 -7.82 31.77
C HIS D 1598 47.02 -6.38 32.19
N LYS D 1599 46.06 -5.65 32.76
CA LYS D 1599 46.27 -4.30 33.28
C LYS D 1599 46.89 -4.26 34.68
N GLU D 1600 46.54 -5.17 35.59
CA GLU D 1600 47.10 -5.15 36.96
C GLU D 1600 48.51 -5.74 37.10
N ASN D 1601 48.84 -6.82 36.37
CA ASN D 1601 50.13 -7.51 36.45
C ASN D 1601 50.39 -8.46 35.26
N GLU D 1602 51.37 -8.13 34.41
CA GLU D 1602 51.69 -8.91 33.21
C GLU D 1602 52.20 -10.33 33.49
N ASP D 1603 52.91 -10.57 34.59
CA ASP D 1603 53.41 -11.92 34.92
C ASP D 1603 52.29 -12.86 35.39
N LYS D 1604 51.28 -12.36 36.09
CA LYS D 1604 50.03 -13.07 36.39
C LYS D 1604 49.25 -13.39 35.11
N TRP D 1605 49.20 -12.45 34.16
CA TRP D 1605 48.54 -12.61 32.87
C TRP D 1605 49.20 -13.66 31.97
N LYS D 1606 50.53 -13.68 31.91
CA LYS D 1606 51.29 -14.73 31.19
C LYS D 1606 51.05 -16.12 31.80
N ARG D 1607 51.17 -16.27 33.12
CA ARG D 1607 50.95 -17.54 33.83
C ARG D 1607 49.55 -18.10 33.60
N LEU D 1608 48.52 -17.31 33.85
CA LEU D 1608 47.13 -17.69 33.63
C LEU D 1608 46.83 -18.01 32.15
N SER D 1609 47.41 -17.28 31.20
CA SER D 1609 47.22 -17.55 29.79
C SER D 1609 47.86 -18.88 29.36
N ARG D 1610 49.01 -19.26 29.92
CA ARG D 1610 49.61 -20.58 29.70
C ARG D 1610 48.73 -21.68 30.31
N GLN D 1611 48.23 -21.49 31.52
CA GLN D 1611 47.34 -22.42 32.20
C GLN D 1611 46.03 -22.67 31.42
N ILE D 1612 45.43 -21.63 30.85
CA ILE D 1612 44.24 -21.75 30.01
C ILE D 1612 44.58 -22.45 28.69
N ALA D 1613 45.63 -22.06 27.97
CA ALA D 1613 45.96 -22.69 26.68
C ALA D 1613 46.31 -24.18 26.81
N ASP D 1614 47.02 -24.56 27.88
CA ASP D 1614 47.33 -25.95 28.19
C ASP D 1614 46.09 -26.80 28.53
N ILE D 1615 44.97 -26.20 28.96
CA ILE D 1615 43.70 -26.91 29.20
C ILE D 1615 42.84 -26.92 27.93
N ILE D 1616 42.72 -25.78 27.25
CA ILE D 1616 41.89 -25.61 26.05
C ILE D 1616 42.35 -26.49 24.90
N LEU D 1617 43.65 -26.57 24.60
CA LEU D 1617 44.10 -27.25 23.38
C LEU D 1617 43.91 -28.78 23.40
N PRO D 1618 44.16 -29.51 24.50
CA PRO D 1618 43.70 -30.88 24.67
C PRO D 1618 42.18 -31.04 24.56
N MET D 1619 41.39 -30.14 25.14
CA MET D 1619 39.92 -30.23 25.04
C MET D 1619 39.45 -30.09 23.61
N LEU D 1620 40.00 -29.15 22.83
CA LEU D 1620 39.73 -28.99 21.40
C LEU D 1620 40.12 -30.23 20.61
N ALA D 1621 41.29 -30.81 20.89
CA ALA D 1621 41.77 -32.02 20.24
C ALA D 1621 40.82 -33.23 20.41
N LYS D 1622 40.08 -33.27 21.51
CA LYS D 1622 39.14 -34.33 21.90
C LYS D 1622 37.66 -33.92 21.77
N GLN D 1623 37.38 -32.78 21.15
CA GLN D 1623 36.02 -32.23 20.95
C GLN D 1623 35.21 -32.01 22.24
N GLN D 1624 35.88 -31.68 23.36
CA GLN D 1624 35.25 -31.49 24.67
C GLN D 1624 34.72 -30.07 24.93
N MET D 1625 35.05 -29.08 24.09
CA MET D 1625 34.52 -27.70 24.15
C MET D 1625 33.12 -27.61 23.54
N HIS D 1626 32.17 -26.90 24.14
CA HIS D 1626 30.81 -26.70 23.59
C HIS D 1626 30.74 -25.56 22.57
N ILE D 1627 31.31 -25.77 21.39
CA ILE D 1627 31.56 -24.76 20.35
C ILE D 1627 30.81 -25.00 19.03
N ASP D 1628 29.75 -25.79 19.04
CA ASP D 1628 28.85 -26.06 17.90
C ASP D 1628 27.81 -24.93 17.71
N SER D 1629 28.26 -23.68 17.83
CA SER D 1629 27.45 -22.47 17.72
C SER D 1629 28.31 -21.30 17.23
N HIS D 1630 27.73 -20.41 16.43
CA HIS D 1630 28.40 -19.21 15.92
C HIS D 1630 28.86 -18.25 17.02
N GLU D 1631 28.07 -18.12 18.09
CA GLU D 1631 28.41 -17.26 19.22
C GLU D 1631 29.57 -17.85 20.05
N ALA D 1632 29.53 -19.15 20.30
CA ALA D 1632 30.59 -19.86 21.02
C ALA D 1632 31.92 -19.87 20.25
N LEU D 1633 31.89 -20.04 18.93
CA LEU D 1633 33.09 -19.97 18.11
C LEU D 1633 33.67 -18.55 18.09
N GLY D 1634 32.82 -17.52 18.09
CA GLY D 1634 33.23 -16.12 18.20
C GLY D 1634 33.85 -15.77 19.55
N VAL D 1635 33.33 -16.32 20.64
CA VAL D 1635 33.91 -16.20 21.98
C VAL D 1635 35.28 -16.89 22.09
N LEU D 1636 35.42 -18.09 21.53
CA LEU D 1636 36.71 -18.78 21.49
C LEU D 1636 37.75 -18.02 20.64
N ASN D 1637 37.35 -17.52 19.47
CA ASN D 1637 38.19 -16.65 18.65
C ASN D 1637 38.67 -15.39 19.38
N THR D 1638 37.84 -14.81 20.25
CA THR D 1638 38.20 -13.63 21.04
C THR D 1638 39.13 -13.98 22.21
N LEU D 1639 38.94 -15.12 22.87
CA LEU D 1639 39.83 -15.57 23.93
C LEU D 1639 41.26 -15.76 23.42
N PHE D 1640 41.45 -16.36 22.26
CA PHE D 1640 42.77 -16.49 21.65
C PHE D 1640 43.46 -15.16 21.29
N GLU D 1641 42.74 -14.04 21.16
CA GLU D 1641 43.35 -12.70 21.04
C GLU D 1641 43.75 -12.08 22.39
N ILE D 1642 43.14 -12.54 23.49
CA ILE D 1642 43.23 -11.95 24.83
C ILE D 1642 44.23 -12.71 25.73
N LEU D 1643 44.51 -13.99 25.41
CA LEU D 1643 45.64 -14.74 25.97
C LEU D 1643 46.98 -14.06 25.64
N ALA D 1644 47.93 -14.09 26.57
CA ALA D 1644 49.29 -13.62 26.33
C ALA D 1644 49.94 -14.37 25.16
N PRO D 1645 50.56 -13.70 24.17
CA PRO D 1645 51.00 -14.37 22.94
C PRO D 1645 52.15 -15.39 23.14
N SER D 1646 52.87 -15.30 24.25
CA SER D 1646 53.80 -16.34 24.74
C SER D 1646 53.15 -17.69 25.06
N SER D 1647 51.83 -17.72 25.27
CA SER D 1647 51.06 -18.95 25.59
C SER D 1647 50.87 -19.88 24.40
N LEU D 1648 50.95 -19.31 23.19
CA LEU D 1648 50.69 -19.95 21.91
C LEU D 1648 51.98 -20.03 21.07
N ARG D 1649 53.15 -19.78 21.68
CA ARG D 1649 54.38 -19.35 20.98
C ARG D 1649 55.05 -20.44 20.12
N PRO D 1650 55.50 -21.57 20.69
CA PRO D 1650 55.82 -22.73 19.86
C PRO D 1650 54.50 -23.34 19.38
N VAL D 1651 54.26 -23.34 18.06
CA VAL D 1651 52.96 -23.75 17.49
C VAL D 1651 52.66 -25.24 17.58
N ASP D 1652 53.56 -26.06 18.10
CA ASP D 1652 53.42 -27.51 18.24
C ASP D 1652 52.10 -27.93 18.89
N MET D 1653 51.69 -27.28 19.99
CA MET D 1653 50.47 -27.60 20.74
C MET D 1653 49.20 -27.27 19.93
N LEU D 1654 49.22 -26.16 19.18
CA LEU D 1654 48.17 -25.80 18.22
C LEU D 1654 48.10 -26.84 17.10
N LEU D 1655 49.23 -27.21 16.51
CA LEU D 1655 49.28 -28.18 15.42
C LEU D 1655 48.80 -29.57 15.85
N ARG D 1656 49.26 -30.07 17.00
CA ARG D 1656 48.81 -31.36 17.56
C ARG D 1656 47.34 -31.36 18.00
N SER D 1657 46.75 -30.20 18.32
CA SER D 1657 45.32 -30.06 18.54
C SER D 1657 44.50 -29.92 17.22
N MET D 1658 45.07 -29.33 16.17
CA MET D 1658 44.41 -29.17 14.86
C MET D 1658 44.41 -30.43 13.99
N PHE D 1659 45.56 -31.08 13.83
CA PHE D 1659 45.72 -32.25 12.97
C PHE D 1659 45.26 -33.52 13.70
N VAL D 1660 43.95 -33.64 13.87
CA VAL D 1660 43.26 -34.71 14.57
C VAL D 1660 42.04 -35.20 13.79
N THR D 1661 41.66 -36.45 13.95
CA THR D 1661 40.36 -36.99 13.53
C THR D 1661 39.34 -36.93 14.67
N PRO D 1662 38.03 -36.86 14.36
CA PRO D 1662 37.00 -37.07 15.38
C PRO D 1662 36.91 -38.56 15.76
N ASN D 1663 36.22 -38.90 16.85
CA ASN D 1663 35.92 -40.30 17.18
C ASN D 1663 34.93 -40.95 16.20
N THR D 1664 34.08 -40.16 15.54
CA THR D 1664 33.12 -40.59 14.52
C THR D 1664 32.79 -39.45 13.55
N MET D 1665 32.39 -39.74 12.32
CA MET D 1665 31.72 -38.79 11.42
C MET D 1665 30.27 -39.21 11.12
N ALA D 1666 29.70 -40.14 11.88
CA ALA D 1666 28.31 -40.57 11.74
C ALA D 1666 27.29 -39.58 12.33
N SER D 1667 27.71 -38.63 13.19
CA SER D 1667 26.83 -37.61 13.79
C SER D 1667 27.30 -36.19 13.55
N VAL D 1668 26.33 -35.33 13.22
CA VAL D 1668 26.52 -33.92 12.84
C VAL D 1668 27.16 -33.11 13.96
N SER D 1669 26.70 -33.30 15.21
CA SER D 1669 27.29 -32.65 16.37
C SER D 1669 28.80 -32.90 16.47
N THR D 1670 29.25 -34.14 16.19
CA THR D 1670 30.67 -34.48 16.25
C THR D 1670 31.47 -33.82 15.14
N VAL D 1671 30.97 -33.84 13.90
CA VAL D 1671 31.64 -33.21 12.77
C VAL D 1671 31.75 -31.70 12.96
N GLN D 1672 30.68 -31.05 13.41
CA GLN D 1672 30.67 -29.61 13.70
C GLN D 1672 31.66 -29.24 14.82
N LEU D 1673 31.66 -29.93 15.95
CA LEU D 1673 32.63 -29.68 17.02
C LEU D 1673 34.07 -29.80 16.54
N TRP D 1674 34.38 -30.85 15.78
CA TRP D 1674 35.68 -31.07 15.19
C TRP D 1674 36.11 -29.93 14.25
N ILE D 1675 35.27 -29.57 13.28
CA ILE D 1675 35.57 -28.49 12.32
C ILE D 1675 35.64 -27.12 13.03
N SER D 1676 34.80 -26.87 14.03
CA SER D 1676 34.81 -25.66 14.84
C SER D 1676 36.14 -25.46 15.57
N GLY D 1677 36.67 -26.52 16.21
CA GLY D 1677 38.00 -26.49 16.81
C GLY D 1677 39.11 -26.23 15.80
N ILE D 1678 39.03 -26.82 14.61
CA ILE D 1678 39.99 -26.54 13.55
C ILE D 1678 39.92 -25.08 13.10
N LEU D 1679 38.73 -24.52 12.88
CA LEU D 1679 38.58 -23.12 12.49
C LEU D 1679 39.09 -22.15 13.56
N ALA D 1680 38.89 -22.44 14.84
CA ALA D 1680 39.45 -21.67 15.93
C ALA D 1680 40.99 -21.66 15.92
N ILE D 1681 41.62 -22.81 15.71
CA ILE D 1681 43.08 -22.93 15.65
C ILE D 1681 43.65 -22.36 14.36
N LEU D 1682 43.02 -22.57 13.22
CA LEU D 1682 43.45 -22.05 11.92
C LEU D 1682 43.52 -20.51 11.94
N ARG D 1683 42.58 -19.84 12.60
CA ARG D 1683 42.58 -18.38 12.79
C ARG D 1683 43.77 -17.89 13.61
N VAL D 1684 44.21 -18.61 14.64
CA VAL D 1684 45.43 -18.30 15.41
C VAL D 1684 46.67 -18.41 14.52
N LEU D 1685 46.81 -19.51 13.79
CA LEU D 1685 47.96 -19.74 12.90
C LEU D 1685 48.13 -18.63 11.86
N ILE D 1686 47.05 -18.22 11.17
CA ILE D 1686 47.10 -17.19 10.12
C ILE D 1686 47.12 -15.73 10.63
N SER D 1687 47.08 -15.48 11.94
CA SER D 1687 47.12 -14.11 12.50
C SER D 1687 48.23 -13.87 13.51
N GLN D 1688 48.61 -14.86 14.33
CA GLN D 1688 49.63 -14.73 15.37
C GLN D 1688 50.97 -15.41 15.03
N SER D 1689 51.05 -16.10 13.90
CA SER D 1689 52.22 -16.82 13.39
C SER D 1689 52.42 -16.59 11.90
N THR D 1690 53.56 -16.99 11.38
CA THR D 1690 54.00 -16.78 9.99
C THR D 1690 54.16 -18.12 9.28
N GLU D 1691 53.99 -18.14 7.97
CA GLU D 1691 54.11 -19.34 7.12
C GLU D 1691 55.37 -20.17 7.42
N ASP D 1692 56.57 -19.60 7.42
CA ASP D 1692 57.80 -20.37 7.67
C ASP D 1692 57.91 -20.93 9.10
N ILE D 1693 57.34 -20.27 10.10
CA ILE D 1693 57.22 -20.82 11.46
C ILE D 1693 56.31 -22.05 11.44
N VAL D 1694 55.10 -21.93 10.90
CA VAL D 1694 54.11 -23.02 10.88
C VAL D 1694 54.61 -24.20 10.04
N LEU D 1695 55.07 -23.95 8.81
CA LEU D 1695 55.54 -24.99 7.91
C LEU D 1695 56.79 -25.72 8.41
N SER D 1696 57.73 -25.03 9.08
CA SER D 1696 58.87 -25.73 9.69
C SER D 1696 58.43 -26.66 10.83
N ARG D 1697 57.57 -26.19 11.75
CA ARG D 1697 57.05 -27.05 12.83
C ARG D 1697 56.16 -28.20 12.32
N ILE D 1698 55.44 -28.06 11.21
CA ILE D 1698 54.73 -29.18 10.58
C ILE D 1698 55.71 -30.24 10.07
N GLN D 1699 56.80 -29.84 9.39
CA GLN D 1699 57.79 -30.79 8.86
C GLN D 1699 58.54 -31.54 9.97
N GLU D 1700 58.84 -30.87 11.08
CA GLU D 1700 59.53 -31.44 12.23
C GLU D 1700 58.65 -32.32 13.12
N LEU D 1701 57.33 -32.36 12.90
CA LEU D 1701 56.37 -33.22 13.60
C LEU D 1701 55.76 -34.31 12.70
N SER D 1702 56.15 -34.38 11.43
CA SER D 1702 55.85 -35.49 10.51
C SER D 1702 54.36 -35.81 10.30
N PHE D 1703 53.49 -34.79 10.30
CA PHE D 1703 52.07 -34.95 9.94
C PHE D 1703 51.93 -35.46 8.51
N SER D 1704 50.92 -36.29 8.26
CA SER D 1704 50.68 -36.94 6.96
C SER D 1704 49.49 -36.29 6.25
N PRO D 1705 49.52 -36.05 4.92
CA PRO D 1705 48.36 -35.58 4.19
C PRO D 1705 47.20 -36.60 4.24
N TYR D 1706 47.52 -37.88 4.42
CA TYR D 1706 46.58 -38.99 4.52
C TYR D 1706 45.84 -39.07 5.87
N LEU D 1707 46.01 -38.10 6.77
CA LEU D 1707 45.27 -37.98 8.03
C LEU D 1707 43.74 -38.02 7.89
N ILE D 1708 43.20 -37.37 6.86
CA ILE D 1708 41.76 -37.40 6.50
C ILE D 1708 41.59 -37.67 5.00
N SER D 1709 42.21 -38.74 4.53
CA SER D 1709 41.94 -39.28 3.20
C SER D 1709 40.49 -39.77 3.09
N CYS D 1710 40.01 -40.01 1.87
CA CYS D 1710 38.68 -40.53 1.62
C CYS D 1710 38.43 -41.89 2.30
N THR D 1711 39.45 -42.73 2.47
CA THR D 1711 39.29 -44.02 3.16
C THR D 1711 39.05 -43.83 4.67
N VAL D 1712 39.74 -42.87 5.30
CA VAL D 1712 39.52 -42.49 6.70
C VAL D 1712 38.14 -41.88 6.90
N ILE D 1713 37.77 -40.92 6.04
CA ILE D 1713 36.45 -40.27 6.09
C ILE D 1713 35.34 -41.33 5.96
N ASN D 1714 35.44 -42.23 4.98
CA ASN D 1714 34.41 -43.23 4.73
C ASN D 1714 34.25 -44.20 5.89
N ARG D 1715 35.34 -44.68 6.51
CA ARG D 1715 35.20 -45.53 7.69
C ARG D 1715 34.65 -44.77 8.90
N LEU D 1716 35.00 -43.50 9.10
CA LEU D 1716 34.47 -42.69 10.20
C LEU D 1716 32.98 -42.37 10.01
N ARG D 1717 32.51 -42.23 8.77
CA ARG D 1717 31.06 -42.13 8.48
C ARG D 1717 30.28 -43.42 8.80
N ASP D 1718 30.90 -44.59 8.67
CA ASP D 1718 30.38 -45.86 9.22
C ASP D 1718 30.55 -45.99 10.75
N GLY D 1719 31.26 -45.06 11.39
CA GLY D 1719 31.52 -45.07 12.84
C GLY D 1719 32.70 -45.94 13.28
N ASP D 1720 33.54 -46.41 12.37
CA ASP D 1720 34.71 -47.25 12.66
C ASP D 1720 35.93 -46.39 13.06
N SER D 1721 36.01 -46.04 14.34
CA SER D 1721 37.02 -45.14 14.96
C SER D 1721 38.46 -45.55 14.71
N ASN D 1736 55.05 -34.59 -0.02
CA ASN D 1736 55.67 -34.79 1.29
C ASN D 1736 56.07 -33.47 1.99
N LEU D 1737 55.96 -32.34 1.29
CA LEU D 1737 56.22 -31.00 1.84
C LEU D 1737 55.20 -30.63 2.93
N PRO D 1738 55.57 -29.79 3.90
CA PRO D 1738 54.62 -29.37 4.93
C PRO D 1738 53.51 -28.50 4.33
N GLU D 1739 53.78 -27.66 3.33
CA GLU D 1739 52.74 -26.93 2.60
C GLU D 1739 51.72 -27.85 1.91
N GLU D 1740 52.14 -28.95 1.29
CA GLU D 1740 51.24 -29.93 0.66
C GLU D 1740 50.38 -30.63 1.71
N THR D 1741 50.97 -30.94 2.87
CA THR D 1741 50.30 -31.53 4.02
C THR D 1741 49.18 -30.62 4.54
N PHE D 1742 49.50 -29.34 4.73
CA PHE D 1742 48.56 -28.32 5.20
C PHE D 1742 47.45 -28.05 4.18
N SER D 1743 47.78 -27.86 2.90
CA SER D 1743 46.80 -27.67 1.84
C SER D 1743 45.86 -28.87 1.66
N ARG D 1744 46.34 -30.12 1.74
CA ARG D 1744 45.46 -31.30 1.69
C ARG D 1744 44.47 -31.33 2.84
N PHE D 1745 44.90 -31.00 4.06
CA PHE D 1745 44.02 -30.99 5.21
C PHE D 1745 42.85 -30.01 5.05
N LEU D 1746 43.13 -28.76 4.70
CA LEU D 1746 42.07 -27.78 4.43
C LEU D 1746 41.20 -28.18 3.22
N LEU D 1747 41.78 -28.67 2.11
CA LEU D 1747 40.99 -29.03 0.93
C LEU D 1747 40.14 -30.29 1.14
N GLN D 1748 40.49 -31.17 2.08
CA GLN D 1748 39.62 -32.28 2.51
C GLN D 1748 38.43 -31.80 3.36
N LEU D 1749 38.64 -30.86 4.29
CA LEU D 1749 37.56 -30.27 5.09
C LEU D 1749 36.49 -29.57 4.22
N VAL D 1750 36.90 -28.90 3.13
CA VAL D 1750 35.96 -28.33 2.16
C VAL D 1750 35.05 -29.41 1.60
N GLY D 1751 35.60 -30.54 1.15
CA GLY D 1751 34.82 -31.66 0.63
C GLY D 1751 33.89 -32.29 1.66
N ILE D 1752 34.31 -32.39 2.92
CA ILE D 1752 33.47 -32.87 4.03
C ILE D 1752 32.26 -31.94 4.22
N LEU D 1753 32.48 -30.64 4.35
CA LEU D 1753 31.42 -29.65 4.51
C LEU D 1753 30.46 -29.62 3.32
N LEU D 1754 30.97 -29.61 2.09
CA LEU D 1754 30.14 -29.63 0.89
C LEU D 1754 29.27 -30.89 0.80
N GLU D 1755 29.82 -32.05 1.12
CA GLU D 1755 29.08 -33.30 1.13
C GLU D 1755 27.98 -33.28 2.19
N ASP D 1756 28.29 -32.87 3.42
CA ASP D 1756 27.30 -32.75 4.48
C ASP D 1756 26.22 -31.69 4.19
N ILE D 1757 26.55 -30.58 3.52
CA ILE D 1757 25.55 -29.56 3.16
C ILE D 1757 24.62 -30.04 2.03
N VAL D 1758 25.12 -30.76 1.03
CA VAL D 1758 24.35 -31.20 -0.13
C VAL D 1758 23.56 -32.49 0.13
N THR D 1759 24.19 -33.51 0.72
CA THR D 1759 23.63 -34.87 0.81
C THR D 1759 22.66 -35.06 1.96
N LYS D 1760 22.92 -34.41 3.09
CA LYS D 1760 22.20 -34.65 4.34
C LYS D 1760 20.75 -34.16 4.29
N GLN D 1761 19.80 -35.04 4.59
CA GLN D 1761 18.36 -34.74 4.46
C GLN D 1761 17.86 -33.76 5.52
N LEU D 1762 17.08 -32.77 5.08
CA LEU D 1762 16.92 -31.47 5.72
C LEU D 1762 16.39 -31.48 7.17
N LYS D 1763 15.48 -32.40 7.51
CA LYS D 1763 14.87 -32.50 8.87
C LYS D 1763 15.09 -33.86 9.54
N VAL D 1764 15.38 -34.90 8.75
CA VAL D 1764 15.67 -36.26 9.20
C VAL D 1764 17.00 -36.33 9.95
N GLU D 1765 18.06 -35.79 9.34
CA GLU D 1765 19.44 -36.04 9.78
C GLU D 1765 20.09 -34.90 10.56
N MET D 1766 19.56 -33.66 10.46
CA MET D 1766 20.10 -32.48 11.15
C MET D 1766 19.01 -31.45 11.49
N SER D 1767 19.22 -30.68 12.55
CA SER D 1767 18.35 -29.55 12.93
C SER D 1767 18.55 -28.36 12.00
N GLU D 1768 17.59 -27.43 11.93
CA GLU D 1768 17.72 -26.21 11.15
C GLU D 1768 18.88 -25.32 11.66
N GLN D 1769 19.10 -25.28 12.97
CA GLN D 1769 20.26 -24.63 13.59
C GLN D 1769 21.59 -25.28 13.19
N GLN D 1770 21.61 -26.61 13.02
CA GLN D 1770 22.79 -27.33 12.53
C GLN D 1770 23.04 -27.06 11.04
N HIS D 1771 22.00 -27.04 10.21
CA HIS D 1771 22.15 -26.71 8.79
C HIS D 1771 22.79 -25.34 8.56
N THR D 1772 22.36 -24.30 9.27
CA THR D 1772 22.99 -22.98 9.14
C THR D 1772 24.40 -22.95 9.71
N PHE D 1773 24.71 -23.68 10.79
CA PHE D 1773 26.07 -23.69 11.32
C PHE D 1773 27.07 -24.42 10.41
N TYR D 1774 26.70 -25.49 9.70
CA TYR D 1774 27.49 -26.03 8.60
C TYR D 1774 27.82 -24.96 7.56
N CYS D 1775 26.84 -24.19 7.10
CA CYS D 1775 27.06 -23.11 6.13
C CYS D 1775 27.95 -21.99 6.66
N GLN D 1776 27.83 -21.63 7.94
CA GLN D 1776 28.69 -20.64 8.58
C GLN D 1776 30.13 -21.16 8.78
N GLU D 1777 30.31 -22.44 9.08
CA GLU D 1777 31.63 -23.08 9.10
C GLU D 1777 32.29 -23.06 7.73
N LEU D 1778 31.55 -23.43 6.68
CA LEU D 1778 32.07 -23.37 5.32
C LEU D 1778 32.39 -21.94 4.89
N GLY D 1779 31.54 -20.95 5.19
CA GLY D 1779 31.83 -19.55 4.93
C GLY D 1779 33.10 -19.08 5.62
N THR D 1780 33.32 -19.46 6.88
CA THR D 1780 34.55 -19.15 7.63
C THR D 1780 35.77 -19.83 7.02
N LEU D 1781 35.67 -21.11 6.66
CA LEU D 1781 36.74 -21.86 6.01
C LEU D 1781 37.14 -21.25 4.67
N LEU D 1782 36.17 -20.99 3.80
CA LEU D 1782 36.44 -20.39 2.51
C LEU D 1782 37.00 -18.96 2.64
N MET D 1783 36.55 -18.17 3.62
CA MET D 1783 37.14 -16.85 3.89
C MET D 1783 38.61 -16.94 4.35
N CYS D 1784 38.99 -17.95 5.15
CA CYS D 1784 40.39 -18.23 5.45
C CYS D 1784 41.21 -18.57 4.20
N LEU D 1785 40.74 -19.50 3.35
CA LEU D 1785 41.44 -19.88 2.13
C LEU D 1785 41.63 -18.68 1.19
N ILE D 1786 40.65 -17.78 1.09
CA ILE D 1786 40.78 -16.53 0.34
C ILE D 1786 41.84 -15.61 0.98
N HIS D 1787 41.90 -15.45 2.30
CA HIS D 1787 42.98 -14.68 2.93
C HIS D 1787 44.37 -15.29 2.72
N ILE D 1788 44.50 -16.61 2.78
CA ILE D 1788 45.75 -17.33 2.50
C ILE D 1788 46.19 -17.06 1.04
N PHE D 1789 45.33 -17.25 0.05
CA PHE D 1789 45.73 -17.11 -1.37
C PHE D 1789 45.78 -15.66 -1.88
N LYS D 1790 45.04 -14.71 -1.27
CA LYS D 1790 44.93 -13.30 -1.74
C LYS D 1790 45.88 -12.32 -1.05
N SER D 1791 46.29 -12.59 0.20
CA SER D 1791 47.18 -11.69 0.95
C SER D 1791 48.63 -11.64 0.45
N GLY D 1792 49.12 -12.71 -0.19
CA GLY D 1792 50.54 -12.87 -0.55
C GLY D 1792 51.46 -13.23 0.62
N MET D 1793 50.94 -13.34 1.85
CA MET D 1793 51.70 -13.71 3.07
C MET D 1793 51.88 -15.23 3.28
N PHE D 1794 51.32 -16.06 2.39
CA PHE D 1794 51.33 -17.53 2.49
C PHE D 1794 51.67 -18.14 1.11
N ARG D 1795 52.80 -17.71 0.55
CA ARG D 1795 53.20 -18.00 -0.84
C ARG D 1795 53.46 -19.47 -1.10
N ARG D 1796 54.08 -20.20 -0.17
CA ARG D 1796 54.33 -21.66 -0.30
C ARG D 1796 53.03 -22.45 -0.25
N ILE D 1797 52.14 -22.16 0.70
CA ILE D 1797 50.80 -22.78 0.80
C ILE D 1797 49.96 -22.47 -0.44
N THR D 1798 50.07 -21.28 -1.01
CA THR D 1798 49.37 -20.91 -2.26
C THR D 1798 49.86 -21.76 -3.44
N ALA D 1799 51.18 -21.88 -3.62
CA ALA D 1799 51.76 -22.71 -4.69
C ALA D 1799 51.38 -24.20 -4.55
N ALA D 1800 51.40 -24.73 -3.32
CA ALA D 1800 50.94 -26.08 -3.03
C ALA D 1800 49.46 -26.28 -3.35
N ALA D 1801 48.56 -25.40 -2.90
CA ALA D 1801 47.15 -25.45 -3.28
C ALA D 1801 46.94 -25.37 -4.81
N THR D 1802 47.65 -24.50 -5.53
CA THR D 1802 47.58 -24.47 -7.00
C THR D 1802 47.98 -25.81 -7.64
N ARG D 1803 49.01 -26.50 -7.12
CA ARG D 1803 49.33 -27.87 -7.55
C ARG D 1803 48.21 -28.86 -7.21
N LEU D 1804 47.73 -28.88 -5.97
CA LEU D 1804 46.69 -29.82 -5.53
C LEU D 1804 45.40 -29.70 -6.37
N PHE D 1805 44.93 -28.49 -6.67
CA PHE D 1805 43.71 -28.30 -7.46
C PHE D 1805 43.84 -28.86 -8.89
N ARG D 1806 45.05 -29.03 -9.42
CA ARG D 1806 45.29 -29.63 -10.75
C ARG D 1806 45.48 -31.15 -10.73
N SER D 1807 45.59 -31.77 -9.56
CA SER D 1807 45.95 -33.19 -9.47
C SER D 1807 44.75 -34.14 -9.70
N ASP D 1808 45.05 -35.37 -10.10
CA ASP D 1808 44.18 -36.52 -9.79
C ASP D 1808 44.17 -36.73 -8.27
N GLY D 1809 43.23 -37.49 -7.71
CA GLY D 1809 43.04 -37.63 -6.25
C GLY D 1809 44.10 -38.49 -5.52
N CYS D 1810 45.34 -38.55 -6.04
CA CYS D 1810 46.33 -39.59 -5.75
C CYS D 1810 45.74 -41.00 -5.93
N GLY D 1811 45.08 -41.22 -7.07
CA GLY D 1811 44.14 -42.32 -7.23
C GLY D 1811 42.80 -41.97 -6.57
N GLY D 1812 42.32 -42.82 -5.67
CA GLY D 1812 41.07 -42.58 -4.93
C GLY D 1812 41.23 -41.93 -3.56
N SER D 1813 42.43 -41.48 -3.19
CA SER D 1813 42.76 -41.12 -1.80
C SER D 1813 42.20 -39.77 -1.34
N PHE D 1814 42.01 -38.80 -2.23
CA PHE D 1814 41.62 -37.43 -1.91
C PHE D 1814 40.51 -36.92 -2.85
N TYR D 1815 39.75 -35.92 -2.41
CA TYR D 1815 38.78 -35.24 -3.27
C TYR D 1815 39.50 -34.53 -4.45
N THR D 1816 39.00 -34.74 -5.66
CA THR D 1816 39.48 -34.06 -6.86
C THR D 1816 38.77 -32.73 -7.04
N LEU D 1817 39.30 -31.84 -7.87
CA LEU D 1817 38.62 -30.60 -8.17
C LEU D 1817 37.26 -30.81 -8.84
N ASP D 1818 37.16 -31.74 -9.80
CA ASP D 1818 35.87 -32.01 -10.45
C ASP D 1818 34.83 -32.59 -9.47
N SER D 1819 35.20 -33.37 -8.46
CA SER D 1819 34.23 -33.85 -7.48
C SER D 1819 33.78 -32.77 -6.49
N LEU D 1820 34.70 -31.88 -6.06
CA LEU D 1820 34.34 -30.69 -5.28
C LEU D 1820 33.43 -29.72 -6.07
N ASN D 1821 33.67 -29.55 -7.38
CA ASN D 1821 32.81 -28.73 -8.23
C ASN D 1821 31.43 -29.35 -8.45
N LEU D 1822 31.27 -30.66 -8.57
CA LEU D 1822 29.94 -31.28 -8.64
C LEU D 1822 29.07 -30.99 -7.41
N ARG D 1823 29.64 -30.94 -6.20
CA ARG D 1823 28.90 -30.51 -5.02
C ARG D 1823 28.61 -29.01 -5.05
N ALA D 1824 29.61 -28.18 -5.35
CA ALA D 1824 29.44 -26.73 -5.41
C ALA D 1824 28.41 -26.28 -6.47
N ARG D 1825 28.35 -26.96 -7.62
CA ARG D 1825 27.36 -26.74 -8.67
C ARG D 1825 25.95 -27.07 -8.17
N SER D 1826 25.77 -28.11 -7.36
CA SER D 1826 24.50 -28.44 -6.75
C SER D 1826 24.02 -27.39 -5.75
N MET D 1827 24.94 -26.69 -5.05
CA MET D 1827 24.58 -25.59 -4.16
C MET D 1827 24.10 -24.30 -4.86
N ILE D 1828 24.21 -24.12 -6.18
CA ILE D 1828 23.83 -22.86 -6.87
C ILE D 1828 22.41 -22.41 -6.52
N THR D 1829 21.46 -23.33 -6.56
CA THR D 1829 20.02 -23.07 -6.36
C THR D 1829 19.63 -22.82 -4.90
N THR D 1830 20.55 -22.98 -3.95
CA THR D 1830 20.20 -23.07 -2.52
C THR D 1830 21.15 -22.29 -1.59
N HIS D 1831 22.43 -22.17 -1.93
CA HIS D 1831 23.44 -21.43 -1.13
C HIS D 1831 24.32 -20.54 -2.01
N PRO D 1832 23.76 -19.56 -2.74
CA PRO D 1832 24.51 -18.76 -3.70
C PRO D 1832 25.67 -17.97 -3.06
N ALA D 1833 25.57 -17.49 -1.82
CA ALA D 1833 26.65 -16.78 -1.14
C ALA D 1833 27.93 -17.65 -0.95
N LEU D 1834 27.79 -18.94 -0.68
CA LEU D 1834 28.92 -19.86 -0.51
C LEU D 1834 29.55 -20.24 -1.84
N VAL D 1835 28.73 -20.40 -2.87
CA VAL D 1835 29.18 -20.69 -4.25
C VAL D 1835 30.01 -19.54 -4.81
N LEU D 1836 29.65 -18.29 -4.53
CA LEU D 1836 30.46 -17.14 -4.92
C LEU D 1836 31.81 -17.07 -4.19
N LEU D 1837 31.91 -17.47 -2.92
CA LEU D 1837 33.23 -17.67 -2.30
C LEU D 1837 34.04 -18.80 -2.96
N TRP D 1838 33.41 -19.88 -3.42
CA TRP D 1838 34.09 -20.94 -4.15
C TRP D 1838 34.62 -20.44 -5.50
N CYS D 1839 33.81 -19.71 -6.29
CA CYS D 1839 34.27 -19.00 -7.48
C CYS D 1839 35.52 -18.14 -7.22
N GLN D 1840 35.56 -17.41 -6.11
CA GLN D 1840 36.71 -16.59 -5.76
C GLN D 1840 37.97 -17.44 -5.52
N ILE D 1841 37.88 -18.57 -4.80
CA ILE D 1841 38.98 -19.52 -4.63
C ILE D 1841 39.45 -20.10 -5.97
N LEU D 1842 38.55 -20.49 -6.87
CA LEU D 1842 38.92 -21.03 -8.17
C LEU D 1842 39.76 -20.06 -8.98
N LEU D 1843 39.45 -18.76 -8.97
CA LEU D 1843 40.26 -17.74 -9.63
C LEU D 1843 41.61 -17.52 -8.92
N LEU D 1844 41.67 -17.59 -7.59
CA LEU D 1844 42.92 -17.47 -6.85
C LEU D 1844 43.89 -18.64 -7.10
N VAL D 1845 43.40 -19.83 -7.42
CA VAL D 1845 44.23 -20.97 -7.86
C VAL D 1845 44.28 -21.13 -9.39
N ASN D 1846 43.85 -20.11 -10.14
CA ASN D 1846 43.90 -20.04 -11.61
C ASN D 1846 43.11 -21.15 -12.36
N HIS D 1847 42.05 -21.69 -11.76
CA HIS D 1847 41.12 -22.59 -12.43
C HIS D 1847 40.13 -21.82 -13.31
N THR D 1848 40.40 -21.73 -14.60
CA THR D 1848 39.68 -20.87 -15.57
C THR D 1848 39.03 -21.68 -16.69
N ASP D 1849 38.73 -22.95 -16.43
CA ASP D 1849 38.08 -23.88 -17.35
C ASP D 1849 36.59 -23.53 -17.53
N TYR D 1850 36.15 -23.37 -18.78
CA TYR D 1850 34.76 -23.04 -19.09
C TYR D 1850 33.75 -24.11 -18.67
N ARG D 1851 34.18 -25.34 -18.33
CA ARG D 1851 33.30 -26.36 -17.72
C ARG D 1851 32.76 -25.97 -16.34
N TRP D 1852 33.37 -25.00 -15.64
CA TRP D 1852 32.75 -24.32 -14.52
C TRP D 1852 32.10 -23.00 -14.95
N TRP D 1853 32.87 -22.10 -15.55
CA TRP D 1853 32.43 -20.71 -15.75
C TRP D 1853 31.23 -20.55 -16.69
N ALA D 1854 31.14 -21.33 -17.76
CA ALA D 1854 29.98 -21.31 -18.64
C ALA D 1854 28.71 -21.84 -17.96
N GLU D 1855 28.82 -22.66 -16.91
CA GLU D 1855 27.67 -23.13 -16.12
C GLU D 1855 27.19 -22.06 -15.15
N VAL D 1856 28.04 -21.57 -14.26
CA VAL D 1856 27.64 -20.54 -13.29
C VAL D 1856 27.22 -19.24 -13.97
N GLN D 1857 27.87 -18.82 -15.06
CA GLN D 1857 27.48 -17.64 -15.82
C GLN D 1857 26.35 -17.89 -16.82
N GLN D 1858 25.83 -19.11 -16.93
CA GLN D 1858 24.76 -19.48 -17.86
C GLN D 1858 25.03 -19.04 -19.29
N THR D 1859 26.24 -19.26 -19.78
CA THR D 1859 26.67 -18.82 -21.12
C THR D 1859 25.74 -19.37 -22.21
N PRO D 1860 25.10 -18.53 -23.05
CA PRO D 1860 24.26 -19.00 -24.15
C PRO D 1860 25.08 -19.64 -25.28
N LYS D 1861 24.42 -20.50 -26.06
CA LYS D 1861 25.00 -21.27 -27.19
C LYS D 1861 24.02 -21.42 -28.34
N GLY D 1889 12.44 -16.94 -13.82
CA GLY D 1889 13.55 -17.81 -13.48
C GLY D 1889 13.74 -18.01 -11.99
N MET D 1890 14.95 -18.41 -11.59
CA MET D 1890 15.36 -18.58 -10.19
C MET D 1890 16.27 -17.43 -9.74
N CYS D 1891 15.91 -16.78 -8.63
CA CYS D 1891 16.68 -15.65 -8.11
C CYS D 1891 18.09 -16.06 -7.68
N ASN D 1892 18.26 -17.19 -6.99
CA ASN D 1892 19.57 -17.68 -6.56
C ASN D 1892 20.51 -17.99 -7.74
N ARG D 1893 19.99 -18.49 -8.87
CA ARG D 1893 20.77 -18.65 -10.11
C ARG D 1893 21.22 -17.30 -10.66
N GLU D 1894 20.39 -16.27 -10.66
CA GLU D 1894 20.76 -14.91 -11.09
C GLU D 1894 21.83 -14.26 -10.21
N ILE D 1895 21.77 -14.46 -8.89
CA ILE D 1895 22.79 -13.98 -7.96
C ILE D 1895 24.15 -14.59 -8.30
N VAL D 1896 24.22 -15.91 -8.50
CA VAL D 1896 25.45 -16.59 -8.93
C VAL D 1896 25.85 -16.14 -10.31
N ARG D 1897 24.93 -16.01 -11.27
CA ARG D 1897 25.23 -15.60 -12.65
C ARG D 1897 25.91 -14.25 -12.73
N ARG D 1898 25.40 -13.25 -12.02
CA ARG D 1898 25.95 -11.90 -11.96
C ARG D 1898 27.24 -11.86 -11.15
N GLY D 1899 27.24 -12.42 -9.94
CA GLY D 1899 28.42 -12.50 -9.09
C GLY D 1899 29.59 -13.20 -9.77
N ALA D 1900 29.38 -14.28 -10.50
CA ALA D 1900 30.42 -14.98 -11.23
C ALA D 1900 31.04 -14.11 -12.33
N LEU D 1901 30.24 -13.40 -13.12
CA LEU D 1901 30.74 -12.51 -14.16
C LEU D 1901 31.56 -11.35 -13.58
N ILE D 1902 31.11 -10.76 -12.48
CA ILE D 1902 31.81 -9.71 -11.73
C ILE D 1902 33.17 -10.22 -11.23
N LEU D 1903 33.20 -11.39 -10.60
CA LEU D 1903 34.43 -12.00 -10.10
C LEU D 1903 35.39 -12.30 -11.26
N PHE D 1904 34.90 -12.80 -12.38
CA PHE D 1904 35.73 -13.04 -13.55
C PHE D 1904 36.26 -11.75 -14.17
N CYS D 1905 35.50 -10.65 -14.15
CA CYS D 1905 35.99 -9.32 -14.54
C CYS D 1905 37.13 -8.84 -13.62
N ASP D 1906 36.98 -9.02 -12.31
CA ASP D 1906 38.03 -8.71 -11.34
C ASP D 1906 39.31 -9.55 -11.53
N TYR D 1907 39.18 -10.75 -12.10
CA TYR D 1907 40.32 -11.60 -12.46
C TYR D 1907 41.02 -11.09 -13.73
N VAL D 1908 40.28 -10.91 -14.84
CA VAL D 1908 40.91 -10.50 -16.10
C VAL D 1908 41.59 -9.13 -16.01
N CYS D 1909 41.16 -8.22 -15.13
CA CYS D 1909 41.86 -6.96 -14.87
C CYS D 1909 43.28 -7.16 -14.33
N GLN D 1910 43.54 -8.26 -13.63
CA GLN D 1910 44.85 -8.66 -13.11
C GLN D 1910 45.65 -9.52 -14.10
N ASN D 1911 45.07 -9.84 -15.26
CA ASN D 1911 45.58 -10.76 -16.27
C ASN D 1911 45.47 -10.19 -17.69
N LEU D 1912 45.66 -8.88 -17.87
CA LEU D 1912 45.54 -8.23 -19.18
C LEU D 1912 46.61 -8.66 -20.21
N HIS D 1913 47.68 -9.34 -19.76
CA HIS D 1913 48.63 -10.06 -20.60
C HIS D 1913 48.05 -11.29 -21.31
N ASP D 1914 46.86 -11.77 -20.91
CA ASP D 1914 46.13 -12.89 -21.52
C ASP D 1914 44.96 -12.38 -22.39
N SER D 1915 44.92 -12.76 -23.66
CA SER D 1915 43.88 -12.31 -24.60
C SER D 1915 42.60 -13.14 -24.54
N GLU D 1916 42.68 -14.45 -24.28
CA GLU D 1916 41.56 -15.37 -24.46
C GLU D 1916 40.36 -15.09 -23.54
N HIS D 1917 40.58 -14.76 -22.27
CA HIS D 1917 39.50 -14.52 -21.30
C HIS D 1917 38.85 -13.14 -21.46
N LEU D 1918 39.61 -12.15 -21.95
CA LEU D 1918 39.12 -10.85 -22.41
C LEU D 1918 38.16 -11.03 -23.59
N THR D 1919 38.58 -11.74 -24.63
CA THR D 1919 37.75 -12.04 -25.81
C THR D 1919 36.52 -12.84 -25.42
N TRP D 1920 36.66 -13.89 -24.60
CA TRP D 1920 35.55 -14.76 -24.25
C TRP D 1920 34.44 -14.03 -23.49
N LEU D 1921 34.77 -13.18 -22.51
CA LEU D 1921 33.77 -12.34 -21.85
C LEU D 1921 33.02 -11.44 -22.85
N ILE D 1922 33.73 -10.74 -23.73
CA ILE D 1922 33.11 -9.84 -24.71
C ILE D 1922 32.21 -10.59 -25.69
N VAL D 1923 32.70 -11.65 -26.32
CA VAL D 1923 31.97 -12.40 -27.35
C VAL D 1923 30.71 -13.05 -26.80
N ASN D 1924 30.75 -13.59 -25.57
CA ASN D 1924 29.65 -14.36 -25.00
C ASN D 1924 28.74 -13.58 -24.03
N HIS D 1925 29.22 -12.51 -23.40
CA HIS D 1925 28.55 -11.82 -22.28
C HIS D 1925 28.40 -10.31 -22.43
N ILE D 1926 28.41 -9.76 -23.65
CA ILE D 1926 28.31 -8.31 -23.86
C ILE D 1926 27.10 -7.65 -23.20
N GLN D 1927 25.92 -8.27 -23.26
CA GLN D 1927 24.72 -7.74 -22.61
C GLN D 1927 24.89 -7.68 -21.09
N ASP D 1928 25.48 -8.72 -20.51
CA ASP D 1928 25.66 -8.83 -19.06
C ASP D 1928 26.72 -7.87 -18.52
N LEU D 1929 27.83 -7.70 -19.25
CA LEU D 1929 28.82 -6.65 -18.99
C LEU D 1929 28.19 -5.26 -18.98
N ILE D 1930 27.34 -4.93 -19.96
CA ILE D 1930 26.67 -3.63 -20.02
C ILE D 1930 25.67 -3.47 -18.86
N SER D 1931 24.85 -4.48 -18.56
CA SER D 1931 23.90 -4.40 -17.45
C SER D 1931 24.58 -4.23 -16.09
N LEU D 1932 25.72 -4.88 -15.89
CA LEU D 1932 26.50 -4.85 -14.65
C LEU D 1932 27.59 -3.77 -14.64
N SER D 1933 27.64 -2.88 -15.64
CA SER D 1933 28.72 -1.90 -15.84
C SER D 1933 28.90 -0.89 -14.69
N HIS D 1934 27.95 -0.79 -13.77
CA HIS D 1934 28.07 0.00 -12.53
C HIS D 1934 28.86 -0.69 -11.40
N GLU D 1935 29.04 -2.02 -11.43
CA GLU D 1935 29.83 -2.74 -10.42
C GLU D 1935 31.33 -2.44 -10.64
N PRO D 1936 32.10 -2.05 -9.61
CA PRO D 1936 33.47 -1.57 -9.79
C PRO D 1936 34.39 -2.48 -10.63
N PRO D 1937 34.44 -3.82 -10.43
CA PRO D 1937 35.30 -4.68 -11.25
C PRO D 1937 34.92 -4.72 -12.74
N VAL D 1938 33.63 -4.60 -13.04
CA VAL D 1938 33.12 -4.59 -14.44
C VAL D 1938 33.39 -3.23 -15.08
N GLN D 1939 33.33 -2.17 -14.29
CA GLN D 1939 33.75 -0.83 -14.69
C GLN D 1939 35.24 -0.81 -15.08
N ASP D 1940 36.10 -1.40 -14.24
CA ASP D 1940 37.53 -1.57 -14.50
C ASP D 1940 37.80 -2.43 -15.74
N PHE D 1941 37.03 -3.49 -15.97
CA PHE D 1941 37.09 -4.29 -17.19
C PHE D 1941 36.74 -3.47 -18.42
N ILE D 1942 35.67 -2.67 -18.38
CA ILE D 1942 35.28 -1.79 -19.49
C ILE D 1942 36.36 -0.72 -19.76
N SER D 1943 36.99 -0.16 -18.71
CA SER D 1943 38.14 0.74 -18.85
C SER D 1943 39.38 0.04 -19.42
N ALA D 1944 39.60 -1.24 -19.14
CA ALA D 1944 40.65 -2.05 -19.76
C ALA D 1944 40.36 -2.29 -21.24
N VAL D 1945 39.12 -2.58 -21.62
CA VAL D 1945 38.70 -2.71 -23.02
C VAL D 1945 38.92 -1.40 -23.79
N HIS D 1946 38.68 -0.24 -23.19
CA HIS D 1946 38.92 1.07 -23.83
C HIS D 1946 40.38 1.35 -24.17
N ARG D 1947 41.31 0.81 -23.38
CA ARG D 1947 42.76 1.00 -23.57
C ARG D 1947 43.37 0.08 -24.63
N ASN D 1948 42.62 -0.87 -25.18
CA ASN D 1948 43.09 -1.85 -26.15
C ASN D 1948 42.28 -1.78 -27.46
N SER D 1949 42.96 -1.61 -28.58
CA SER D 1949 42.34 -1.37 -29.89
C SER D 1949 41.53 -2.56 -30.41
N ALA D 1950 42.10 -3.76 -30.42
CA ALA D 1950 41.42 -4.97 -30.87
C ALA D 1950 40.24 -5.33 -29.96
N ALA D 1951 40.40 -5.22 -28.63
CA ALA D 1951 39.33 -5.47 -27.66
C ALA D 1951 38.16 -4.48 -27.81
N SER D 1952 38.43 -3.18 -27.97
CA SER D 1952 37.41 -2.20 -28.31
C SER D 1952 36.69 -2.51 -29.62
N GLY D 1953 37.40 -3.07 -30.59
CA GLY D 1953 36.81 -3.52 -31.86
C GLY D 1953 35.83 -4.67 -31.69
N LEU D 1954 36.21 -5.67 -30.89
CA LEU D 1954 35.31 -6.77 -30.52
C LEU D 1954 34.10 -6.26 -29.71
N PHE D 1955 34.27 -5.30 -28.81
CA PHE D 1955 33.18 -4.73 -28.03
C PHE D 1955 32.10 -4.08 -28.91
N ILE D 1956 32.50 -3.28 -29.89
CA ILE D 1956 31.60 -2.71 -30.90
C ILE D 1956 30.94 -3.82 -31.72
N GLN D 1957 31.69 -4.81 -32.21
CA GLN D 1957 31.11 -5.92 -32.98
C GLN D 1957 30.10 -6.74 -32.17
N ALA D 1958 30.35 -6.93 -30.88
CA ALA D 1958 29.46 -7.63 -29.97
C ALA D 1958 28.19 -6.82 -29.68
N ILE D 1959 28.28 -5.50 -29.52
CA ILE D 1959 27.10 -4.62 -29.42
C ILE D 1959 26.29 -4.68 -30.72
N GLN D 1960 26.95 -4.64 -31.87
CA GLN D 1960 26.31 -4.71 -33.17
C GLN D 1960 25.55 -6.03 -33.41
N SER D 1961 25.97 -7.13 -32.78
CA SER D 1961 25.28 -8.43 -32.82
C SER D 1961 24.27 -8.66 -31.68
N ARG D 1962 23.99 -7.67 -30.82
CA ARG D 1962 22.97 -7.74 -29.76
C ARG D 1962 22.12 -6.47 -29.59
N CYS D 1963 22.26 -5.46 -30.45
CA CYS D 1963 21.64 -4.15 -30.27
C CYS D 1963 20.10 -4.19 -30.13
N GLU D 1964 19.43 -5.18 -30.70
CA GLU D 1964 17.98 -5.40 -30.55
C GLU D 1964 17.53 -5.71 -29.09
N ASN D 1965 18.39 -6.31 -28.27
CA ASN D 1965 18.14 -6.48 -26.84
C ASN D 1965 18.55 -5.26 -26.00
N LEU D 1966 19.48 -4.45 -26.53
CA LEU D 1966 19.95 -3.21 -25.92
C LEU D 1966 18.99 -2.02 -26.14
N SER D 1967 18.00 -2.13 -27.03
CA SER D 1967 17.08 -1.02 -27.40
C SER D 1967 16.19 -0.46 -26.28
N THR D 1968 16.06 -1.17 -25.16
CA THR D 1968 15.34 -0.70 -23.95
C THR D 1968 16.01 0.55 -23.35
N PRO D 1969 15.28 1.58 -22.88
CA PRO D 1969 15.84 2.84 -22.39
C PRO D 1969 17.03 2.72 -21.42
N THR D 1970 16.90 1.96 -20.33
CA THR D 1970 18.00 1.78 -19.36
C THR D 1970 19.22 1.07 -19.96
N MET D 1971 19.03 0.12 -20.87
CA MET D 1971 20.13 -0.62 -21.50
C MET D 1971 20.84 0.20 -22.59
N LEU D 1972 20.10 1.00 -23.36
CA LEU D 1972 20.69 1.90 -24.34
C LEU D 1972 21.51 2.98 -23.64
N LYS D 1973 20.99 3.57 -22.55
CA LYS D 1973 21.75 4.47 -21.68
C LYS D 1973 23.07 3.86 -21.20
N LYS D 1974 23.04 2.63 -20.66
CA LYS D 1974 24.24 1.91 -20.21
C LYS D 1974 25.19 1.62 -21.36
N THR D 1975 24.68 1.26 -22.53
CA THR D 1975 25.46 1.02 -23.74
C THR D 1975 26.23 2.26 -24.17
N LEU D 1976 25.57 3.41 -24.23
CA LEU D 1976 26.21 4.68 -24.63
C LEU D 1976 27.21 5.16 -23.56
N GLN D 1977 26.96 4.92 -22.28
CA GLN D 1977 27.95 5.17 -21.22
C GLN D 1977 29.21 4.29 -21.36
N CYS D 1978 29.08 3.06 -21.83
CA CYS D 1978 30.23 2.22 -22.19
C CYS D 1978 30.95 2.73 -23.45
N LEU D 1979 30.24 3.02 -24.53
CA LEU D 1979 30.84 3.46 -25.79
C LEU D 1979 31.51 4.85 -25.73
N GLU D 1980 31.18 5.73 -24.78
CA GLU D 1980 31.73 7.09 -24.72
C GLU D 1980 33.27 7.12 -24.72
N GLY D 1981 33.91 6.23 -23.96
CA GLY D 1981 35.36 6.13 -23.83
C GLY D 1981 36.07 5.18 -24.81
N ILE D 1982 35.38 4.62 -25.81
CA ILE D 1982 35.96 3.60 -26.71
C ILE D 1982 37.23 4.10 -27.43
N HIS D 1983 38.17 3.20 -27.73
CA HIS D 1983 39.53 3.55 -28.20
C HIS D 1983 39.53 4.41 -29.48
N LEU D 1984 40.45 5.37 -29.59
CA LEU D 1984 40.52 6.34 -30.70
C LEU D 1984 40.60 5.68 -32.10
N SER D 1985 41.28 4.54 -32.23
CA SER D 1985 41.45 3.79 -33.49
C SER D 1985 40.20 3.05 -33.99
N GLN D 1986 39.11 3.07 -33.22
CA GLN D 1986 37.82 2.43 -33.53
C GLN D 1986 36.69 3.48 -33.78
N SER D 1987 37.04 4.74 -34.02
CA SER D 1987 36.09 5.85 -34.11
C SER D 1987 35.18 5.77 -35.34
N GLY D 1988 35.67 5.27 -36.47
CA GLY D 1988 34.81 5.00 -37.63
C GLY D 1988 33.83 3.85 -37.41
N ALA D 1989 34.25 2.82 -36.68
CA ALA D 1989 33.41 1.68 -36.33
C ALA D 1989 32.25 2.10 -35.40
N VAL D 1990 32.54 2.74 -34.26
CA VAL D 1990 31.49 3.20 -33.34
C VAL D 1990 30.56 4.24 -33.98
N LEU D 1991 31.09 5.16 -34.80
CA LEU D 1991 30.26 6.12 -35.53
C LEU D 1991 29.31 5.42 -36.51
N THR D 1992 29.77 4.36 -37.17
CA THR D 1992 28.93 3.57 -38.06
C THR D 1992 27.77 2.91 -37.31
N LEU D 1993 28.02 2.42 -36.09
CA LEU D 1993 26.99 1.85 -35.22
C LEU D 1993 25.96 2.90 -34.80
N TYR D 1994 26.39 4.12 -34.45
CA TYR D 1994 25.49 5.20 -34.06
C TYR D 1994 24.46 5.50 -35.13
N VAL D 1995 24.90 5.85 -36.34
CA VAL D 1995 23.98 6.23 -37.42
C VAL D 1995 23.14 5.04 -37.90
N ASP D 1996 23.72 3.85 -38.06
CA ASP D 1996 22.98 2.68 -38.53
C ASP D 1996 21.91 2.20 -37.54
N ARG D 1997 22.19 2.18 -36.23
CA ARG D 1997 21.34 1.52 -35.23
C ARG D 1997 20.78 2.43 -34.15
N LEU D 1998 21.61 3.27 -33.51
CA LEU D 1998 21.25 3.91 -32.24
C LEU D 1998 20.64 5.31 -32.37
N LEU D 1999 20.81 6.01 -33.49
CA LEU D 1999 20.35 7.40 -33.68
C LEU D 1999 18.83 7.55 -33.85
N CYS D 2000 18.12 6.52 -34.33
CA CYS D 2000 16.69 6.54 -34.62
C CYS D 2000 15.89 5.81 -33.53
N THR D 2001 15.45 6.54 -32.50
CA THR D 2001 14.64 6.03 -31.38
C THR D 2001 13.62 7.07 -30.92
N PRO D 2002 12.48 6.68 -30.30
CA PRO D 2002 11.55 7.64 -29.71
C PRO D 2002 12.09 8.29 -28.44
N PHE D 2003 13.05 7.65 -27.77
CA PHE D 2003 13.73 8.13 -26.58
C PHE D 2003 14.66 9.31 -26.91
N ARG D 2004 14.11 10.52 -26.92
CA ARG D 2004 14.80 11.77 -27.29
C ARG D 2004 16.02 12.08 -26.43
N VAL D 2005 16.00 11.76 -25.13
CA VAL D 2005 17.17 11.95 -24.25
C VAL D 2005 18.36 11.10 -24.69
N LEU D 2006 18.11 9.91 -25.24
CA LEU D 2006 19.15 9.01 -25.74
C LEU D 2006 19.56 9.37 -27.17
N ALA D 2007 18.62 9.70 -28.07
CA ALA D 2007 18.97 10.16 -29.42
C ALA D 2007 19.82 11.45 -29.41
N ARG D 2008 19.64 12.34 -28.44
CA ARG D 2008 20.51 13.49 -28.18
C ARG D 2008 21.91 13.07 -27.70
N MET D 2009 22.02 12.09 -26.81
CA MET D 2009 23.31 11.57 -26.34
C MET D 2009 24.08 10.86 -27.48
N VAL D 2010 23.39 10.09 -28.33
CA VAL D 2010 23.99 9.52 -29.55
C VAL D 2010 24.51 10.61 -30.48
N ASP D 2011 23.72 11.66 -30.74
CA ASP D 2011 24.12 12.80 -31.59
C ASP D 2011 25.41 13.49 -31.09
N ILE D 2012 25.48 13.75 -29.79
CA ILE D 2012 26.64 14.37 -29.16
C ILE D 2012 27.88 13.47 -29.26
N LEU D 2013 27.77 12.19 -28.92
CA LEU D 2013 28.88 11.23 -29.05
C LEU D 2013 29.31 11.05 -30.50
N ALA D 2014 28.38 11.00 -31.45
CA ALA D 2014 28.68 10.94 -32.87
C ALA D 2014 29.43 12.18 -33.36
N CYS D 2015 29.03 13.40 -32.94
CA CYS D 2015 29.75 14.62 -33.27
C CYS D 2015 31.18 14.63 -32.73
N ARG D 2016 31.39 14.21 -31.48
CA ARG D 2016 32.74 14.05 -30.91
C ARG D 2016 33.62 13.11 -31.73
N ARG D 2017 33.09 12.02 -32.28
CA ARG D 2017 33.86 11.06 -33.07
C ARG D 2017 34.27 11.59 -34.44
N VAL D 2018 33.43 12.40 -35.10
CA VAL D 2018 33.84 13.09 -36.33
C VAL D 2018 34.86 14.20 -36.04
N GLU D 2019 34.72 14.94 -34.95
CA GLU D 2019 35.75 15.86 -34.48
C GLU D 2019 37.08 15.14 -34.17
N MET D 2020 37.07 13.97 -33.55
CA MET D 2020 38.27 13.16 -33.35
C MET D 2020 38.90 12.67 -34.68
N LEU D 2021 38.11 12.23 -35.67
CA LEU D 2021 38.62 11.88 -37.00
C LEU D 2021 39.22 13.10 -37.74
N LEU D 2022 38.69 14.30 -37.55
CA LEU D 2022 39.25 15.53 -38.10
C LEU D 2022 40.54 15.96 -37.39
N ALA D 2023 40.61 15.82 -36.06
CA ALA D 2023 41.77 16.21 -35.25
C ALA D 2023 42.96 15.24 -35.41
N ALA D 2024 42.71 13.96 -35.63
CA ALA D 2024 43.73 12.96 -35.92
C ALA D 2024 44.38 13.15 -37.31
N ASN D 2025 45.55 12.54 -37.52
CA ASN D 2025 46.24 12.57 -38.82
C ASN D 2025 45.41 11.88 -39.91
N LEU D 2026 45.35 12.47 -41.11
CA LEU D 2026 44.43 12.03 -42.17
C LEU D 2026 44.67 10.59 -42.59
N GLN D 2027 45.93 10.13 -42.68
CA GLN D 2027 46.24 8.77 -43.11
C GLN D 2027 45.68 7.70 -42.15
N SER D 2028 45.48 8.01 -40.86
CA SER D 2028 44.75 7.13 -39.95
C SER D 2028 43.24 7.27 -40.12
N SER D 2029 42.71 8.50 -40.17
CA SER D 2029 41.25 8.74 -40.26
C SER D 2029 40.62 8.24 -41.56
N MET D 2030 41.34 8.32 -42.68
CA MET D 2030 40.92 7.74 -43.96
C MET D 2030 40.86 6.22 -43.93
N ALA D 2031 41.64 5.55 -43.07
CA ALA D 2031 41.56 4.10 -42.84
C ALA D 2031 40.41 3.73 -41.88
N GLN D 2032 40.15 4.55 -40.87
CA GLN D 2032 39.02 4.36 -39.95
C GLN D 2032 37.65 4.54 -40.62
N LEU D 2033 37.50 5.50 -41.53
CA LEU D 2033 36.25 5.77 -42.24
C LEU D 2033 36.50 5.93 -43.75
N PRO D 2034 36.43 4.84 -44.53
CA PRO D 2034 36.53 4.87 -45.99
C PRO D 2034 35.46 5.74 -46.66
N MET D 2035 35.78 6.30 -47.84
CA MET D 2035 34.87 7.17 -48.58
C MET D 2035 33.54 6.49 -48.95
N GLU D 2036 33.55 5.19 -49.23
CA GLU D 2036 32.32 4.41 -49.50
C GLU D 2036 31.40 4.31 -48.28
N GLU D 2037 31.96 4.21 -47.07
CA GLU D 2037 31.18 4.21 -45.82
C GLU D 2037 30.67 5.62 -45.48
N LEU D 2038 31.50 6.64 -45.70
CA LEU D 2038 31.07 8.04 -45.59
C LEU D 2038 29.90 8.36 -46.52
N ASN D 2039 29.98 7.93 -47.79
CA ASN D 2039 28.89 8.09 -48.74
C ASN D 2039 27.64 7.27 -48.36
N ARG D 2040 27.78 6.06 -47.81
CA ARG D 2040 26.62 5.30 -47.27
C ARG D 2040 25.94 6.05 -46.13
N ILE D 2041 26.72 6.56 -45.16
CA ILE D 2041 26.20 7.31 -44.01
C ILE D 2041 25.51 8.58 -44.46
N GLN D 2042 26.13 9.36 -45.35
CA GLN D 2042 25.53 10.57 -45.90
C GLN D 2042 24.19 10.30 -46.58
N GLU D 2043 24.11 9.31 -47.46
CA GLU D 2043 22.86 8.99 -48.14
C GLU D 2043 21.78 8.54 -47.16
N TYR D 2044 22.13 7.71 -46.18
CA TYR D 2044 21.21 7.25 -45.16
C TYR D 2044 20.65 8.41 -44.31
N LEU D 2045 21.48 9.35 -43.86
CA LEU D 2045 21.02 10.48 -43.06
C LEU D 2045 20.06 11.40 -43.85
N GLN D 2046 20.25 11.57 -45.16
CA GLN D 2046 19.27 12.27 -45.99
C GLN D 2046 17.97 11.48 -46.20
N SER D 2047 18.05 10.21 -46.65
CA SER D 2047 16.86 9.41 -46.94
C SER D 2047 15.97 9.15 -45.70
N SER D 2048 16.57 9.04 -44.52
CA SER D 2048 15.85 8.90 -43.24
C SER D 2048 15.36 10.23 -42.65
N GLY D 2049 15.78 11.37 -43.21
CA GLY D 2049 15.53 12.71 -42.65
C GLY D 2049 16.31 13.03 -41.38
N LEU D 2050 17.17 12.14 -40.89
CA LEU D 2050 17.99 12.37 -39.69
C LEU D 2050 19.02 13.48 -39.89
N ALA D 2051 19.38 13.82 -41.14
CA ALA D 2051 20.23 14.98 -41.46
C ALA D 2051 19.61 16.30 -40.99
N GLN D 2052 18.30 16.48 -41.18
CA GLN D 2052 17.56 17.67 -40.74
C GLN D 2052 17.33 17.69 -39.22
N ARG D 2053 17.27 16.52 -38.57
CA ARG D 2053 17.20 16.40 -37.11
C ARG D 2053 18.54 16.63 -36.40
N HIS D 2054 19.67 16.37 -37.09
CA HIS D 2054 21.03 16.42 -36.53
C HIS D 2054 22.01 17.18 -37.43
N GLN D 2055 21.77 18.46 -37.64
CA GLN D 2055 22.45 19.24 -38.69
C GLN D 2055 23.96 19.40 -38.40
N ARG D 2056 24.35 19.53 -37.13
CA ARG D 2056 25.76 19.60 -36.69
C ARG D 2056 26.52 18.35 -37.12
N LEU D 2057 25.96 17.15 -36.91
CA LEU D 2057 26.59 15.89 -37.30
C LEU D 2057 26.79 15.79 -38.82
N TYR D 2058 25.74 16.08 -39.59
CA TYR D 2058 25.81 16.03 -41.04
C TYR D 2058 26.83 17.03 -41.61
N SER D 2059 26.88 18.24 -41.05
CA SER D 2059 27.85 19.27 -41.39
C SER D 2059 29.29 18.78 -41.15
N LEU D 2060 29.55 18.14 -40.00
CA LEU D 2060 30.87 17.57 -39.70
C LEU D 2060 31.26 16.43 -40.67
N LEU D 2061 30.31 15.63 -41.12
CA LEU D 2061 30.57 14.57 -42.10
C LEU D 2061 30.90 15.15 -43.48
N ASP D 2062 30.20 16.17 -43.95
CA ASP D 2062 30.53 16.80 -45.23
C ASP D 2062 31.85 17.59 -45.19
N ARG D 2063 32.20 18.14 -44.02
CA ARG D 2063 33.54 18.69 -43.77
C ARG D 2063 34.60 17.60 -43.89
N PHE D 2064 34.40 16.42 -43.32
CA PHE D 2064 35.34 15.32 -43.45
C PHE D 2064 35.53 14.90 -44.92
N ARG D 2065 34.46 14.92 -45.74
CA ARG D 2065 34.58 14.75 -47.20
C ARG D 2065 35.48 15.84 -47.83
N LEU D 2066 35.30 17.11 -47.48
CA LEU D 2066 36.15 18.19 -47.97
C LEU D 2066 37.62 18.01 -47.54
N SER D 2067 37.86 17.48 -46.34
CA SER D 2067 39.20 17.10 -45.84
C SER D 2067 39.75 15.78 -46.40
N THR D 2068 39.02 15.07 -47.27
CA THR D 2068 39.40 13.77 -47.83
C THR D 2068 39.04 13.66 -49.33
N MET D 2069 39.24 14.74 -50.08
CA MET D 2069 39.10 14.79 -51.55
C MET D 2069 40.03 13.83 -52.30
N VAL D 2095 9.72 34.71 -58.63
CA VAL D 2095 8.42 34.08 -58.34
C VAL D 2095 7.31 35.13 -58.26
N SER D 2096 6.12 34.78 -58.75
CA SER D 2096 4.89 35.55 -58.54
C SER D 2096 3.95 34.76 -57.62
N PRO D 2097 3.54 35.30 -56.45
CA PRO D 2097 2.62 34.63 -55.53
C PRO D 2097 1.17 34.73 -56.02
N ASP D 2098 0.79 33.83 -56.91
CA ASP D 2098 -0.59 33.66 -57.40
C ASP D 2098 -1.36 32.56 -56.65
N LYS D 2099 -2.63 32.34 -57.05
CA LYS D 2099 -3.48 31.27 -56.53
C LYS D 2099 -2.76 29.92 -56.53
N ASP D 2100 -2.19 29.53 -57.66
CA ASP D 2100 -1.65 28.17 -57.82
C ASP D 2100 -0.32 27.97 -57.09
N TRP D 2101 0.48 29.03 -56.89
CA TRP D 2101 1.57 29.02 -55.91
C TRP D 2101 1.05 28.82 -54.47
N TYR D 2102 0.00 29.53 -54.07
CA TYR D 2102 -0.58 29.34 -52.73
C TYR D 2102 -1.08 27.92 -52.53
N VAL D 2103 -1.76 27.33 -53.52
CA VAL D 2103 -2.20 25.93 -53.44
C VAL D 2103 -1.03 24.96 -53.33
N HIS D 2104 0.08 25.20 -54.03
CA HIS D 2104 1.32 24.43 -53.88
C HIS D 2104 1.97 24.61 -52.50
N LEU D 2105 1.91 25.81 -51.92
CA LEU D 2105 2.38 26.09 -50.56
C LEU D 2105 1.54 25.33 -49.52
N VAL D 2106 0.21 25.41 -49.59
CA VAL D 2106 -0.66 24.72 -48.63
C VAL D 2106 -0.53 23.21 -48.76
N LYS D 2107 -0.42 22.67 -49.97
CA LYS D 2107 -0.14 21.26 -50.23
C LYS D 2107 1.13 20.77 -49.52
N SER D 2108 2.20 21.56 -49.49
CA SER D 2108 3.44 21.19 -48.80
C SER D 2108 3.28 20.95 -47.30
N GLN D 2109 2.31 21.62 -46.66
CA GLN D 2109 1.96 21.39 -45.25
C GLN D 2109 0.85 20.35 -45.08
N CYS D 2110 -0.22 20.43 -45.87
CA CYS D 2110 -1.48 19.72 -45.61
C CYS D 2110 -1.65 18.39 -46.39
N TRP D 2111 -0.82 18.09 -47.39
CA TRP D 2111 -0.68 16.74 -47.95
C TRP D 2111 0.57 16.04 -47.38
N THR D 2112 0.51 15.74 -46.08
CA THR D 2112 1.55 15.07 -45.30
C THR D 2112 0.95 13.99 -44.40
N ARG D 2113 1.77 13.33 -43.59
CA ARG D 2113 1.29 12.73 -42.33
C ARG D 2113 1.97 13.47 -41.19
N SER D 2114 1.19 14.14 -40.36
CA SER D 2114 1.64 14.95 -39.22
C SER D 2114 0.47 15.32 -38.30
N ASP D 2115 0.77 15.66 -37.04
CA ASP D 2115 -0.17 16.21 -36.06
C ASP D 2115 0.36 17.51 -35.41
N SER D 2116 1.35 18.17 -36.01
CA SER D 2116 2.18 19.20 -35.36
C SER D 2116 1.61 20.63 -35.33
N ALA D 2117 0.82 21.02 -36.33
CA ALA D 2117 0.37 22.41 -36.53
C ALA D 2117 -1.04 22.48 -37.15
N LEU D 2118 -1.97 21.69 -36.62
CA LEU D 2118 -3.23 21.41 -37.29
C LEU D 2118 -4.19 22.60 -37.32
N LEU D 2119 -4.25 23.45 -36.27
CA LEU D 2119 -5.07 24.65 -36.30
C LEU D 2119 -4.58 25.64 -37.37
N GLU D 2120 -3.27 25.83 -37.52
CA GLU D 2120 -2.70 26.62 -38.61
C GLU D 2120 -2.98 25.97 -39.96
N GLY D 2121 -2.89 24.64 -40.07
CA GLY D 2121 -3.20 23.92 -41.30
C GLY D 2121 -4.67 24.02 -41.75
N ALA D 2122 -5.61 24.05 -40.80
CA ALA D 2122 -7.02 24.25 -41.10
C ALA D 2122 -7.29 25.65 -41.69
N GLU D 2123 -6.66 26.70 -41.14
CA GLU D 2123 -6.77 28.05 -41.69
C GLU D 2123 -6.21 28.16 -43.11
N LEU D 2124 -5.17 27.41 -43.46
CA LEU D 2124 -4.60 27.41 -44.79
C LEU D 2124 -5.53 26.77 -45.82
N VAL D 2125 -6.16 25.64 -45.52
CA VAL D 2125 -7.15 25.05 -46.44
C VAL D 2125 -8.45 25.86 -46.51
N ASN D 2126 -8.79 26.65 -45.48
CA ASN D 2126 -9.92 27.58 -45.51
C ASN D 2126 -9.78 28.67 -46.58
N ARG D 2127 -8.56 28.99 -47.03
CA ARG D 2127 -8.31 29.96 -48.12
C ARG D 2127 -8.12 29.31 -49.49
N ILE D 2128 -8.14 27.98 -49.61
CA ILE D 2128 -8.25 27.32 -50.92
C ILE D 2128 -9.67 27.60 -51.47
N PRO D 2129 -9.85 27.95 -52.76
CA PRO D 2129 -11.17 28.24 -53.31
C PRO D 2129 -12.16 27.08 -53.12
N ALA D 2130 -13.44 27.39 -52.87
CA ALA D 2130 -14.48 26.39 -52.63
C ALA D 2130 -14.59 25.33 -53.75
N GLU D 2131 -14.36 25.69 -55.00
CA GLU D 2131 -14.36 24.78 -56.16
C GLU D 2131 -13.12 23.86 -56.22
N ASP D 2132 -12.03 24.18 -55.52
CA ASP D 2132 -10.85 23.33 -55.37
C ASP D 2132 -10.88 22.49 -54.06
N MET D 2133 -11.59 22.94 -53.01
CA MET D 2133 -11.54 22.33 -51.68
C MET D 2133 -11.85 20.84 -51.65
N ASN D 2134 -12.95 20.41 -52.26
CA ASN D 2134 -13.40 19.03 -52.15
C ASN D 2134 -12.39 18.06 -52.78
N ALA D 2135 -11.92 18.35 -53.98
CA ALA D 2135 -10.87 17.57 -54.63
C ALA D 2135 -9.51 17.63 -53.90
N PHE D 2136 -9.19 18.74 -53.22
CA PHE D 2136 -7.99 18.87 -52.39
C PHE D 2136 -8.03 17.96 -51.15
N MET D 2137 -9.18 17.83 -50.49
CA MET D 2137 -9.38 16.99 -49.32
C MET D 2137 -9.62 15.51 -49.63
N MET D 2138 -10.23 15.20 -50.77
CA MET D 2138 -10.57 13.83 -51.16
C MET D 2138 -9.38 13.06 -51.77
N ASN D 2139 -8.26 13.72 -52.07
CA ASN D 2139 -7.05 13.09 -52.58
C ASN D 2139 -6.43 12.10 -51.56
N SER D 2140 -5.73 11.07 -52.03
CA SER D 2140 -5.10 10.07 -51.16
C SER D 2140 -4.03 10.66 -50.23
N GLU D 2141 -3.34 11.70 -50.68
CA GLU D 2141 -2.21 12.29 -49.95
C GLU D 2141 -2.65 13.31 -48.87
N PHE D 2142 -3.92 13.70 -48.80
CA PHE D 2142 -4.39 14.65 -47.77
C PHE D 2142 -4.19 14.11 -46.35
N ASN D 2143 -3.92 14.99 -45.40
CA ASN D 2143 -3.75 14.63 -44.01
C ASN D 2143 -5.12 14.50 -43.31
N LEU D 2144 -5.60 13.29 -43.07
CA LEU D 2144 -6.88 13.05 -42.39
C LEU D 2144 -6.95 13.66 -40.98
N SER D 2145 -5.83 13.93 -40.30
CA SER D 2145 -5.84 14.69 -39.04
C SER D 2145 -6.36 16.12 -39.14
N LEU D 2146 -6.44 16.72 -40.34
CA LEU D 2146 -6.99 18.07 -40.50
C LEU D 2146 -8.52 18.12 -40.41
N LEU D 2147 -9.24 17.02 -40.65
CA LEU D 2147 -10.70 17.04 -40.78
C LEU D 2147 -11.43 17.54 -39.52
N ALA D 2148 -11.00 17.15 -38.31
CA ALA D 2148 -11.60 17.67 -37.08
C ALA D 2148 -11.35 19.18 -36.88
N PRO D 2149 -10.11 19.70 -36.96
CA PRO D 2149 -9.83 21.12 -37.05
C PRO D 2149 -10.66 21.86 -38.11
N CYS D 2150 -10.78 21.33 -39.32
CA CYS D 2150 -11.59 21.93 -40.40
C CYS D 2150 -13.08 22.02 -40.07
N LEU D 2151 -13.67 20.98 -39.47
CA LEU D 2151 -15.05 21.02 -39.01
C LEU D 2151 -15.24 22.00 -37.84
N SER D 2152 -14.29 22.09 -36.92
CA SER D 2152 -14.33 23.01 -35.79
C SER D 2152 -14.19 24.50 -36.21
N LEU D 2153 -13.25 24.79 -37.09
CA LEU D 2153 -13.09 26.11 -37.70
C LEU D 2153 -14.32 26.49 -38.53
N GLY D 2154 -14.78 25.61 -39.43
CA GLY D 2154 -15.96 25.86 -40.24
C GLY D 2154 -17.23 26.06 -39.41
N MET D 2155 -17.40 25.35 -38.30
CA MET D 2155 -18.53 25.55 -37.41
C MET D 2155 -18.52 26.94 -36.79
N SER D 2156 -17.35 27.50 -36.51
CA SER D 2156 -17.23 28.86 -35.97
C SER D 2156 -17.64 29.94 -36.98
N GLU D 2157 -17.69 29.61 -38.27
CA GLU D 2157 -18.26 30.44 -39.33
C GLU D 2157 -19.79 30.25 -39.41
N ILE D 2158 -20.27 29.00 -39.38
CA ILE D 2158 -21.71 28.68 -39.34
C ILE D 2158 -22.37 29.36 -38.12
N SER D 2159 -21.77 29.30 -36.93
CA SER D 2159 -22.26 29.97 -35.72
C SER D 2159 -22.05 31.50 -35.73
N GLY D 2160 -21.29 32.03 -36.70
CA GLY D 2160 -21.17 33.45 -36.98
C GLY D 2160 -22.24 33.98 -37.95
N GLY D 2161 -23.15 33.12 -38.42
CA GLY D 2161 -24.24 33.47 -39.32
C GLY D 2161 -23.89 33.46 -40.81
N GLN D 2162 -22.92 32.66 -41.25
CA GLN D 2162 -22.52 32.59 -42.65
C GLN D 2162 -22.26 31.16 -43.15
N LYS D 2163 -22.33 30.94 -44.47
CA LYS D 2163 -22.02 29.65 -45.10
C LYS D 2163 -20.53 29.31 -44.98
N SER D 2164 -20.20 28.06 -44.63
CA SER D 2164 -18.82 27.57 -44.60
C SER D 2164 -18.60 26.52 -45.67
N ALA D 2165 -17.81 26.84 -46.69
CA ALA D 2165 -17.42 25.87 -47.71
C ALA D 2165 -16.49 24.80 -47.13
N LEU D 2166 -15.70 25.17 -46.13
CA LEU D 2166 -14.79 24.28 -45.43
C LEU D 2166 -15.55 23.21 -44.65
N PHE D 2167 -16.59 23.60 -43.91
CA PHE D 2167 -17.43 22.66 -43.20
C PHE D 2167 -18.12 21.69 -44.15
N GLU D 2168 -18.71 22.18 -45.25
CA GLU D 2168 -19.34 21.31 -46.25
C GLU D 2168 -18.35 20.31 -46.87
N ALA D 2169 -17.18 20.74 -47.32
CA ALA D 2169 -16.19 19.82 -47.86
C ALA D 2169 -15.73 18.80 -46.82
N ALA D 2170 -15.42 19.23 -45.59
CA ALA D 2170 -14.90 18.35 -44.55
C ALA D 2170 -15.93 17.31 -44.11
N ARG D 2171 -17.21 17.69 -44.04
CA ARG D 2171 -18.33 16.80 -43.70
C ARG D 2171 -18.51 15.71 -44.74
N GLU D 2172 -18.54 16.08 -46.01
CA GLU D 2172 -18.67 15.13 -47.12
C GLU D 2172 -17.48 14.17 -47.19
N VAL D 2173 -16.26 14.68 -47.04
CA VAL D 2173 -15.06 13.82 -47.02
C VAL D 2173 -15.07 12.89 -45.81
N THR D 2174 -15.42 13.36 -44.62
CA THR D 2174 -15.57 12.50 -43.43
C THR D 2174 -16.57 11.37 -43.69
N LEU D 2175 -17.77 11.69 -44.17
CA LEU D 2175 -18.79 10.69 -44.45
C LEU D 2175 -18.38 9.72 -45.57
N ALA D 2176 -17.76 10.21 -46.64
CA ALA D 2176 -17.28 9.37 -47.73
C ALA D 2176 -16.19 8.39 -47.28
N ARG D 2177 -15.24 8.82 -46.44
CA ARG D 2177 -14.18 7.97 -45.89
C ARG D 2177 -14.73 6.95 -44.88
N VAL D 2178 -15.68 7.34 -44.04
CA VAL D 2178 -16.40 6.43 -43.12
C VAL D 2178 -17.09 5.29 -43.89
N SER D 2179 -17.86 5.58 -44.95
CA SER D 2179 -18.41 4.55 -45.81
C SER D 2179 -17.34 3.72 -46.54
N GLY D 2180 -16.27 4.36 -47.02
CA GLY D 2180 -15.20 3.70 -47.76
C GLY D 2180 -14.42 2.66 -46.96
N THR D 2181 -14.32 2.79 -45.65
CA THR D 2181 -13.66 1.78 -44.79
C THR D 2181 -14.64 0.71 -44.31
N VAL D 2182 -15.92 1.04 -44.09
CA VAL D 2182 -16.97 0.06 -43.78
C VAL D 2182 -17.17 -0.96 -44.91
N GLN D 2183 -16.99 -0.55 -46.17
CA GLN D 2183 -17.01 -1.45 -47.34
C GLN D 2183 -15.93 -2.55 -47.31
N GLN D 2184 -14.90 -2.41 -46.48
CA GLN D 2184 -13.80 -3.37 -46.34
C GLN D 2184 -14.02 -4.40 -45.24
N LEU D 2185 -15.02 -4.21 -44.36
CA LEU D 2185 -15.41 -5.17 -43.33
C LEU D 2185 -16.04 -6.43 -43.93
N PRO D 2186 -15.96 -7.60 -43.26
CA PRO D 2186 -16.68 -8.80 -43.67
C PRO D 2186 -18.20 -8.56 -43.84
N ALA D 2187 -18.81 -9.16 -44.86
CA ALA D 2187 -20.21 -8.91 -45.24
C ALA D 2187 -21.24 -9.36 -44.18
N VAL D 2188 -20.90 -10.34 -43.34
CA VAL D 2188 -21.71 -10.79 -42.21
C VAL D 2188 -20.95 -10.55 -40.90
N HIS D 2189 -21.50 -9.70 -40.03
CA HIS D 2189 -20.91 -9.33 -38.76
C HIS D 2189 -21.09 -10.43 -37.71
N HIS D 2190 -20.04 -10.75 -36.97
CA HIS D 2190 -20.08 -11.64 -35.80
C HIS D 2190 -19.70 -10.87 -34.55
N VAL D 2191 -20.22 -11.25 -33.40
CA VAL D 2191 -19.96 -10.57 -32.13
C VAL D 2191 -18.47 -10.68 -31.79
N PHE D 2192 -17.86 -9.58 -31.39
CA PHE D 2192 -16.52 -9.57 -30.80
C PHE D 2192 -16.55 -10.17 -29.39
N GLN D 2193 -15.73 -11.18 -29.15
CA GLN D 2193 -15.65 -11.89 -27.87
C GLN D 2193 -14.16 -12.12 -27.54
N PRO D 2194 -13.55 -11.34 -26.64
CA PRO D 2194 -12.11 -11.37 -26.38
C PRO D 2194 -11.56 -12.75 -26.00
N GLU D 2195 -12.38 -13.63 -25.45
CA GLU D 2195 -12.00 -14.99 -25.05
C GLU D 2195 -11.85 -15.99 -26.22
N LEU D 2196 -12.58 -15.84 -27.33
CA LEU D 2196 -12.72 -16.89 -28.36
C LEU D 2196 -12.97 -16.35 -29.79
N PRO D 2197 -11.96 -16.36 -30.68
CA PRO D 2197 -12.16 -16.21 -32.13
C PRO D 2197 -12.70 -17.51 -32.75
N ALA D 2198 -13.99 -17.79 -32.55
CA ALA D 2198 -14.61 -19.09 -32.85
C ALA D 2198 -14.90 -19.38 -34.34
N GLU D 2199 -14.92 -18.37 -35.22
CA GLU D 2199 -15.23 -18.51 -36.66
C GLU D 2199 -14.02 -18.11 -37.53
N PRO D 2200 -12.99 -18.97 -37.66
CA PRO D 2200 -11.67 -18.56 -38.13
C PRO D 2200 -11.63 -18.15 -39.61
N ALA D 2201 -11.94 -19.07 -40.52
CA ALA D 2201 -11.70 -18.86 -41.94
C ALA D 2201 -12.64 -17.80 -42.53
N ALA D 2202 -13.93 -17.88 -42.20
CA ALA D 2202 -14.95 -16.99 -42.74
C ALA D 2202 -14.81 -15.53 -42.28
N TYR D 2203 -14.14 -15.27 -41.14
CA TYR D 2203 -14.29 -13.99 -40.43
C TYR D 2203 -13.05 -13.53 -39.64
N TRP D 2204 -12.61 -14.25 -38.61
CA TRP D 2204 -11.56 -13.74 -37.71
C TRP D 2204 -10.20 -13.59 -38.39
N SER D 2205 -9.87 -14.41 -39.39
CA SER D 2205 -8.70 -14.19 -40.24
C SER D 2205 -8.76 -12.84 -40.99
N LYS D 2206 -9.93 -12.50 -41.56
CA LYS D 2206 -10.15 -11.22 -42.24
C LYS D 2206 -9.99 -10.03 -41.29
N LEU D 2207 -10.54 -10.10 -40.07
CA LEU D 2207 -10.30 -9.04 -39.08
C LEU D 2207 -8.83 -8.94 -38.65
N ASN D 2208 -8.10 -10.05 -38.50
CA ASN D 2208 -6.66 -10.05 -38.23
C ASN D 2208 -5.82 -9.49 -39.38
N ASP D 2209 -6.35 -9.44 -40.60
CA ASP D 2209 -5.70 -8.80 -41.73
C ASP D 2209 -6.05 -7.30 -41.82
N LEU D 2210 -7.27 -6.93 -41.42
CA LEU D 2210 -7.77 -5.57 -41.46
C LEU D 2210 -7.25 -4.72 -40.28
N PHE D 2211 -7.42 -5.21 -39.05
CA PHE D 2211 -6.77 -4.65 -37.87
C PHE D 2211 -5.31 -5.15 -37.81
N GLY D 2212 -4.38 -4.35 -37.29
CA GLY D 2212 -2.96 -4.70 -37.27
C GLY D 2212 -2.20 -4.50 -38.60
N ASP D 2213 -2.85 -3.97 -39.64
CA ASP D 2213 -2.22 -3.60 -40.92
C ASP D 2213 -1.27 -2.38 -40.83
N ALA D 2214 -1.25 -1.68 -39.69
CA ALA D 2214 -0.74 -0.33 -39.46
C ALA D 2214 -1.45 0.75 -40.31
N ALA D 2215 -1.43 0.67 -41.64
CA ALA D 2215 -2.02 1.68 -42.51
C ALA D 2215 -3.53 1.87 -42.32
N LEU D 2216 -4.31 0.78 -42.24
CA LEU D 2216 -5.75 0.86 -41.97
C LEU D 2216 -6.06 1.18 -40.52
N TYR D 2217 -5.45 0.47 -39.56
CA TYR D 2217 -5.71 0.67 -38.13
C TYR D 2217 -5.47 2.12 -37.68
N GLN D 2218 -4.42 2.79 -38.15
CA GLN D 2218 -4.15 4.20 -37.81
C GLN D 2218 -5.19 5.17 -38.39
N SER D 2219 -5.86 4.78 -39.49
CA SER D 2219 -6.91 5.61 -40.09
C SER D 2219 -8.19 5.64 -39.27
N LEU D 2220 -8.56 4.55 -38.58
CA LEU D 2220 -9.86 4.44 -37.89
C LEU D 2220 -10.04 5.45 -36.76
N PRO D 2221 -9.16 5.56 -35.74
CA PRO D 2221 -9.35 6.55 -34.69
C PRO D 2221 -9.08 7.98 -35.18
N THR D 2222 -8.28 8.16 -36.23
CA THR D 2222 -8.12 9.43 -36.94
C THR D 2222 -9.45 9.88 -37.56
N LEU D 2223 -10.12 9.03 -38.33
CA LEU D 2223 -11.48 9.33 -38.82
C LEU D 2223 -12.48 9.48 -37.68
N ALA D 2224 -12.39 8.67 -36.62
CA ALA D 2224 -13.33 8.75 -35.51
C ALA D 2224 -13.24 10.08 -34.76
N ARG D 2225 -12.07 10.70 -34.67
CA ARG D 2225 -11.91 12.09 -34.18
C ARG D 2225 -12.70 13.10 -35.02
N ALA D 2226 -12.70 12.97 -36.34
CA ALA D 2226 -13.48 13.82 -37.24
C ALA D 2226 -15.00 13.53 -37.18
N LEU D 2227 -15.39 12.26 -37.22
CA LEU D 2227 -16.79 11.86 -37.10
C LEU D 2227 -17.38 12.35 -35.76
N ALA D 2228 -16.68 12.19 -34.65
CA ALA D 2228 -17.09 12.74 -33.37
C ALA D 2228 -17.21 14.28 -33.38
N GLN D 2229 -16.30 15.02 -34.03
CA GLN D 2229 -16.40 16.47 -34.15
C GLN D 2229 -17.64 16.92 -34.94
N TYR D 2230 -18.07 16.14 -35.92
CA TYR D 2230 -19.32 16.36 -36.64
C TYR D 2230 -20.54 15.95 -35.81
N LEU D 2231 -20.55 14.78 -35.17
CA LEU D 2231 -21.69 14.31 -34.38
C LEU D 2231 -21.96 15.18 -33.15
N VAL D 2232 -20.97 15.82 -32.54
CA VAL D 2232 -21.20 16.73 -31.40
C VAL D 2232 -21.88 18.05 -31.81
N VAL D 2233 -21.80 18.46 -33.08
CA VAL D 2233 -22.46 19.68 -33.59
C VAL D 2233 -23.74 19.42 -34.39
N VAL D 2234 -24.00 18.20 -34.86
CA VAL D 2234 -25.05 17.94 -35.87
C VAL D 2234 -26.47 18.41 -35.51
N SER D 2235 -26.80 18.56 -34.23
CA SER D 2235 -28.09 19.09 -33.75
C SER D 2235 -28.20 20.62 -33.76
N LYS D 2236 -27.07 21.31 -33.72
CA LYS D 2236 -26.91 22.77 -33.82
C LYS D 2236 -26.89 23.27 -35.27
N LEU D 2237 -26.66 22.39 -36.24
CA LEU D 2237 -26.50 22.74 -37.65
C LEU D 2237 -27.80 23.11 -38.38
N PRO D 2238 -27.71 23.89 -39.48
CA PRO D 2238 -28.74 24.03 -40.50
C PRO D 2238 -29.32 22.70 -40.99
N SER D 2239 -30.58 22.72 -41.43
CA SER D 2239 -31.33 21.52 -41.79
C SER D 2239 -30.66 20.63 -42.85
N HIS D 2240 -30.04 21.22 -43.89
CA HIS D 2240 -29.38 20.45 -44.94
C HIS D 2240 -28.06 19.79 -44.51
N LEU D 2241 -27.51 20.15 -43.35
CA LEU D 2241 -26.27 19.61 -42.81
C LEU D 2241 -26.47 18.56 -41.70
N HIS D 2242 -27.71 18.22 -41.33
CA HIS D 2242 -28.01 17.03 -40.53
C HIS D 2242 -27.60 15.72 -41.23
N LEU D 2243 -27.54 14.64 -40.46
CA LEU D 2243 -27.02 13.34 -40.90
C LEU D 2243 -27.84 12.78 -42.09
N PRO D 2244 -27.22 12.36 -43.21
CA PRO D 2244 -27.94 11.70 -44.29
C PRO D 2244 -28.58 10.37 -43.84
N PRO D 2245 -29.87 10.12 -44.08
CA PRO D 2245 -30.50 8.87 -43.66
C PRO D 2245 -29.90 7.63 -44.34
N GLU D 2246 -29.31 7.75 -45.53
CA GLU D 2246 -28.59 6.65 -46.19
C GLU D 2246 -27.23 6.33 -45.56
N LYS D 2247 -26.69 7.17 -44.67
CA LYS D 2247 -25.39 6.98 -43.99
C LYS D 2247 -25.50 6.39 -42.58
N GLU D 2248 -26.69 6.30 -42.00
CA GLU D 2248 -26.86 5.91 -40.59
C GLU D 2248 -26.38 4.49 -40.26
N LYS D 2249 -26.61 3.52 -41.15
CA LYS D 2249 -26.09 2.15 -41.00
C LYS D 2249 -24.57 2.10 -41.12
N ASP D 2250 -23.98 2.76 -42.12
CA ASP D 2250 -22.52 2.86 -42.25
C ASP D 2250 -21.88 3.47 -41.00
N ILE D 2251 -22.49 4.50 -40.41
CA ILE D 2251 -21.97 5.12 -39.20
C ILE D 2251 -22.00 4.13 -38.03
N VAL D 2252 -23.09 3.40 -37.79
CA VAL D 2252 -23.11 2.37 -36.73
C VAL D 2252 -22.10 1.26 -36.99
N LYS D 2253 -21.95 0.78 -38.23
CA LYS D 2253 -20.93 -0.23 -38.57
C LYS D 2253 -19.51 0.27 -38.30
N PHE D 2254 -19.20 1.51 -38.66
CA PHE D 2254 -17.92 2.14 -38.39
C PHE D 2254 -17.62 2.30 -36.88
N VAL D 2255 -18.59 2.77 -36.10
CA VAL D 2255 -18.42 2.92 -34.65
C VAL D 2255 -18.12 1.58 -33.99
N VAL D 2256 -18.85 0.53 -34.36
CA VAL D 2256 -18.65 -0.82 -33.86
C VAL D 2256 -17.25 -1.32 -34.23
N ALA D 2257 -16.87 -1.19 -35.50
CA ALA D 2257 -15.54 -1.57 -35.96
C ALA D 2257 -14.40 -0.82 -35.27
N THR D 2258 -14.63 0.41 -34.82
CA THR D 2258 -13.59 1.19 -34.12
C THR D 2258 -13.36 0.67 -32.72
N LEU D 2259 -14.39 0.38 -31.93
CA LEU D 2259 -14.19 -0.26 -30.63
C LEU D 2259 -13.67 -1.69 -30.75
N GLU D 2260 -14.03 -2.42 -31.81
CA GLU D 2260 -13.47 -3.73 -32.10
C GLU D 2260 -11.98 -3.63 -32.43
N ALA D 2261 -11.54 -2.68 -33.26
CA ALA D 2261 -10.14 -2.40 -33.54
C ALA D 2261 -9.34 -2.01 -32.28
N LEU D 2262 -9.90 -1.17 -31.40
CA LEU D 2262 -9.26 -0.79 -30.13
C LEU D 2262 -9.11 -2.02 -29.21
N SER D 2263 -10.15 -2.85 -29.12
CA SER D 2263 -10.09 -4.11 -28.39
C SER D 2263 -9.08 -5.09 -28.99
N TRP D 2264 -9.02 -5.22 -30.32
CA TRP D 2264 -8.02 -6.04 -31.01
C TRP D 2264 -6.60 -5.59 -30.71
N HIS D 2265 -6.36 -4.26 -30.67
CA HIS D 2265 -5.07 -3.67 -30.33
C HIS D 2265 -4.65 -3.96 -28.88
N LEU D 2266 -5.57 -3.89 -27.91
CA LEU D 2266 -5.30 -4.31 -26.53
C LEU D 2266 -4.81 -5.76 -26.47
N ILE D 2267 -5.46 -6.68 -27.19
CA ILE D 2267 -5.13 -8.11 -27.14
C ILE D 2267 -3.75 -8.39 -27.74
N HIS D 2268 -3.45 -7.86 -28.93
CA HIS D 2268 -2.26 -8.22 -29.73
C HIS D 2268 -1.04 -7.35 -29.48
N GLU D 2269 -1.24 -6.17 -28.91
CA GLU D 2269 -0.20 -5.19 -28.62
C GLU D 2269 -0.37 -4.74 -27.15
N GLN D 2270 -0.74 -3.49 -26.90
CA GLN D 2270 -0.92 -2.92 -25.57
C GLN D 2270 -2.00 -1.82 -25.59
N ILE D 2271 -2.13 -1.04 -24.51
CA ILE D 2271 -3.01 0.12 -24.41
C ILE D 2271 -2.89 0.99 -25.68
N PRO D 2272 -3.99 1.28 -26.41
CA PRO D 2272 -3.95 2.21 -27.54
C PRO D 2272 -3.52 3.61 -27.06
N LEU D 2273 -3.16 4.48 -27.99
CA LEU D 2273 -2.93 5.89 -27.69
C LEU D 2273 -4.15 6.50 -26.97
N SER D 2274 -3.96 7.32 -25.94
CA SER D 2274 -5.09 7.91 -25.20
C SER D 2274 -6.03 8.74 -26.09
N LEU D 2275 -5.52 9.43 -27.12
CA LEU D 2275 -6.36 10.11 -28.12
C LEU D 2275 -7.19 9.15 -28.97
N ASP D 2276 -6.76 7.91 -29.16
CA ASP D 2276 -7.47 6.91 -29.95
C ASP D 2276 -8.55 6.21 -29.15
N LEU D 2277 -8.31 5.88 -27.88
CA LEU D 2277 -9.38 5.43 -26.99
C LEU D 2277 -10.48 6.49 -26.95
N GLN D 2278 -10.09 7.75 -26.75
CA GLN D 2278 -10.99 8.88 -26.76
C GLN D 2278 -11.76 9.02 -28.09
N ALA D 2279 -11.13 8.88 -29.24
CA ALA D 2279 -11.84 8.97 -30.52
C ALA D 2279 -12.92 7.88 -30.69
N GLY D 2280 -12.60 6.62 -30.41
CA GLY D 2280 -13.55 5.52 -30.49
C GLY D 2280 -14.70 5.63 -29.48
N LEU D 2281 -14.40 5.96 -28.24
CA LEU D 2281 -15.39 6.18 -27.19
C LEU D 2281 -16.20 7.48 -27.37
N ASP D 2282 -15.63 8.57 -27.91
CA ASP D 2282 -16.41 9.76 -28.27
C ASP D 2282 -17.47 9.41 -29.32
N CYS D 2283 -17.09 8.65 -30.35
CA CYS D 2283 -17.99 8.19 -31.38
C CYS D 2283 -19.11 7.32 -30.83
N CYS D 2284 -18.80 6.35 -29.97
CA CYS D 2284 -19.80 5.49 -29.35
C CYS D 2284 -20.78 6.30 -28.49
N CYS D 2285 -20.26 7.17 -27.63
CA CYS D 2285 -21.03 8.09 -26.82
C CYS D 2285 -21.98 8.97 -27.67
N LEU D 2286 -21.47 9.65 -28.69
CA LEU D 2286 -22.26 10.57 -29.52
C LEU D 2286 -23.25 9.84 -30.43
N ALA D 2287 -22.87 8.74 -31.08
CA ALA D 2287 -23.76 7.99 -31.95
C ALA D 2287 -25.00 7.47 -31.20
N LEU D 2288 -24.85 7.03 -29.96
CA LEU D 2288 -25.97 6.57 -29.14
C LEU D 2288 -26.85 7.71 -28.60
N GLN D 2289 -26.38 8.97 -28.60
CA GLN D 2289 -27.17 10.14 -28.19
C GLN D 2289 -28.11 10.65 -29.30
N LEU D 2290 -27.90 10.30 -30.56
CA LEU D 2290 -28.68 10.80 -31.69
C LEU D 2290 -29.79 9.81 -32.09
N PRO D 2291 -31.08 10.21 -32.09
CA PRO D 2291 -32.19 9.25 -32.18
C PRO D 2291 -32.23 8.43 -33.47
N GLY D 2292 -31.74 9.00 -34.56
CA GLY D 2292 -31.64 8.31 -35.85
C GLY D 2292 -30.54 7.26 -35.96
N LEU D 2293 -29.45 7.39 -35.20
CA LEU D 2293 -28.42 6.36 -35.09
C LEU D 2293 -28.80 5.34 -34.02
N TRP D 2294 -29.34 5.81 -32.90
CA TRP D 2294 -29.90 4.99 -31.84
C TRP D 2294 -30.91 3.97 -32.37
N SER D 2295 -31.87 4.40 -33.19
CA SER D 2295 -32.92 3.53 -33.75
C SER D 2295 -32.40 2.52 -34.79
N VAL D 2296 -31.19 2.68 -35.32
CA VAL D 2296 -30.52 1.63 -36.09
C VAL D 2296 -29.98 0.57 -35.15
N VAL D 2297 -29.19 0.92 -34.16
CA VAL D 2297 -28.59 -0.06 -33.24
C VAL D 2297 -29.61 -0.69 -32.27
N SER D 2298 -30.69 0.01 -31.91
CA SER D 2298 -31.80 -0.51 -31.10
C SER D 2298 -32.78 -1.40 -31.89
N SER D 2299 -32.32 -2.11 -32.90
CA SER D 2299 -33.14 -2.90 -33.82
C SER D 2299 -32.61 -4.33 -33.99
N THR D 2300 -33.48 -5.23 -34.46
CA THR D 2300 -33.15 -6.66 -34.59
C THR D 2300 -32.00 -6.90 -35.55
N GLU D 2301 -31.94 -6.16 -36.65
CA GLU D 2301 -30.91 -6.27 -37.68
C GLU D 2301 -29.49 -6.02 -37.14
N PHE D 2302 -29.38 -5.26 -36.04
CA PHE D 2302 -28.14 -4.84 -35.43
C PHE D 2302 -27.83 -5.50 -34.09
N VAL D 2303 -28.52 -6.57 -33.70
CA VAL D 2303 -28.28 -7.28 -32.43
C VAL D 2303 -26.82 -7.70 -32.26
N THR D 2304 -26.16 -8.27 -33.28
CA THR D 2304 -24.73 -8.64 -33.17
C THR D 2304 -23.82 -7.42 -33.03
N HIS D 2305 -24.20 -6.27 -33.59
CA HIS D 2305 -23.49 -5.00 -33.43
C HIS D 2305 -23.68 -4.42 -32.02
N ALA D 2306 -24.89 -4.42 -31.49
CA ALA D 2306 -25.18 -4.03 -30.11
C ALA D 2306 -24.45 -4.91 -29.10
N CYS D 2307 -24.40 -6.23 -29.32
CA CYS D 2307 -23.61 -7.15 -28.51
C CYS D 2307 -22.11 -6.86 -28.56
N SER D 2308 -21.56 -6.52 -29.73
CA SER D 2308 -20.17 -6.07 -29.84
C SER D 2308 -19.91 -4.80 -29.05
N LEU D 2309 -20.76 -3.77 -29.15
CA LEU D 2309 -20.58 -2.54 -28.35
C LEU D 2309 -20.49 -2.88 -26.86
N ILE D 2310 -21.39 -3.73 -26.36
CA ILE D 2310 -21.41 -4.13 -24.95
C ILE D 2310 -20.13 -4.93 -24.59
N HIS D 2311 -19.74 -5.92 -25.39
CA HIS D 2311 -18.51 -6.71 -25.16
C HIS D 2311 -17.27 -5.82 -25.14
N CYS D 2312 -17.09 -4.98 -26.16
CA CYS D 2312 -15.95 -4.08 -26.29
C CYS D 2312 -15.85 -3.09 -25.13
N VAL D 2313 -16.93 -2.41 -24.74
CA VAL D 2313 -16.92 -1.45 -23.64
C VAL D 2313 -16.57 -2.14 -22.33
N HIS D 2314 -17.17 -3.29 -22.02
CA HIS D 2314 -16.83 -4.07 -20.83
C HIS D 2314 -15.35 -4.50 -20.85
N PHE D 2315 -14.85 -4.98 -21.98
CA PHE D 2315 -13.46 -5.38 -22.15
C PHE D 2315 -12.47 -4.22 -21.95
N ILE D 2316 -12.71 -3.07 -22.58
CA ILE D 2316 -11.89 -1.86 -22.41
C ILE D 2316 -11.91 -1.39 -20.95
N LEU D 2317 -13.08 -1.36 -20.30
CA LEU D 2317 -13.22 -0.96 -18.91
C LEU D 2317 -12.40 -1.87 -17.98
N GLU D 2318 -12.53 -3.19 -18.08
CA GLU D 2318 -11.75 -4.10 -17.23
C GLU D 2318 -10.24 -4.04 -17.51
N ALA D 2319 -9.82 -3.92 -18.77
CA ALA D 2319 -8.42 -3.84 -19.15
C ALA D 2319 -7.70 -2.60 -18.61
N VAL D 2320 -8.44 -1.54 -18.29
CA VAL D 2320 -7.95 -0.30 -17.71
C VAL D 2320 -8.14 -0.28 -16.20
N ALA D 2321 -9.32 -0.65 -15.71
CA ALA D 2321 -9.73 -0.43 -14.33
C ALA D 2321 -9.43 -1.60 -13.38
N VAL D 2322 -9.34 -2.84 -13.86
CA VAL D 2322 -9.36 -4.02 -12.99
C VAL D 2322 -8.05 -4.80 -13.09
N GLN D 2323 -7.28 -4.82 -12.02
CA GLN D 2323 -6.06 -5.62 -11.90
C GLN D 2323 -6.35 -7.13 -11.86
N PRO D 2324 -5.45 -8.01 -12.34
CA PRO D 2324 -5.55 -9.45 -12.14
C PRO D 2324 -5.75 -9.84 -10.68
N GLY D 2325 -6.71 -10.70 -10.39
CA GLY D 2325 -7.11 -11.09 -9.03
C GLY D 2325 -8.07 -10.12 -8.32
N GLU D 2326 -8.51 -9.06 -8.98
CA GLU D 2326 -9.63 -8.20 -8.55
C GLU D 2326 -10.87 -8.38 -9.43
N GLN D 2327 -12.02 -7.88 -8.98
CA GLN D 2327 -13.30 -7.90 -9.69
C GLN D 2327 -13.82 -6.46 -9.82
N LEU D 2328 -14.59 -6.18 -10.88
CA LEU D 2328 -15.17 -4.85 -11.14
C LEU D 2328 -16.05 -4.38 -9.97
N LEU D 2329 -16.88 -5.24 -9.38
CA LEU D 2329 -17.69 -4.97 -8.19
C LEU D 2329 -17.06 -5.54 -6.91
N SER D 2330 -17.59 -5.11 -5.75
CA SER D 2330 -17.09 -5.47 -4.40
C SER D 2330 -17.59 -6.83 -3.87
N GLN D 2353 -33.33 -21.58 -28.41
CA GLN D 2353 -32.79 -20.70 -27.37
C GLN D 2353 -31.86 -19.63 -27.95
N ASN D 2354 -31.69 -18.51 -27.25
CA ASN D 2354 -30.81 -17.43 -27.69
C ASN D 2354 -29.32 -17.84 -27.65
N PRO D 2355 -28.47 -17.33 -28.57
CA PRO D 2355 -27.02 -17.45 -28.46
C PRO D 2355 -26.49 -16.95 -27.11
N LYS D 2356 -25.45 -17.58 -26.57
CA LYS D 2356 -24.94 -17.24 -25.22
C LYS D 2356 -24.33 -15.83 -25.12
N TYR D 2357 -23.95 -15.22 -26.24
CA TYR D 2357 -23.52 -13.83 -26.29
C TYR D 2357 -24.64 -12.85 -25.88
N ILE D 2358 -25.91 -13.16 -26.14
CA ILE D 2358 -27.06 -12.35 -25.73
C ILE D 2358 -27.15 -12.30 -24.21
N THR D 2359 -27.09 -13.46 -23.55
CA THR D 2359 -27.14 -13.54 -22.09
C THR D 2359 -25.92 -12.88 -21.45
N ALA D 2360 -24.74 -13.05 -22.05
CA ALA D 2360 -23.54 -12.36 -21.59
C ALA D 2360 -23.70 -10.82 -21.65
N ALA D 2361 -24.32 -10.28 -22.71
CA ALA D 2361 -24.58 -8.85 -22.84
C ALA D 2361 -25.47 -8.31 -21.72
N CYS D 2362 -26.54 -9.00 -21.37
CA CYS D 2362 -27.40 -8.63 -20.24
C CYS D 2362 -26.63 -8.57 -18.91
N GLU D 2363 -25.80 -9.59 -18.60
CA GLU D 2363 -25.00 -9.61 -17.38
C GLU D 2363 -23.93 -8.50 -17.36
N MET D 2364 -23.26 -8.26 -18.49
CA MET D 2364 -22.23 -7.21 -18.59
C MET D 2364 -22.81 -5.82 -18.35
N VAL D 2365 -23.94 -5.49 -19.00
CA VAL D 2365 -24.59 -4.18 -18.81
C VAL D 2365 -25.11 -4.02 -17.40
N ALA D 2366 -25.68 -5.06 -16.78
CA ALA D 2366 -26.10 -4.99 -15.39
C ALA D 2366 -24.94 -4.72 -14.43
N GLU D 2367 -23.79 -5.36 -14.63
CA GLU D 2367 -22.56 -5.13 -13.86
C GLU D 2367 -22.01 -3.71 -14.09
N MET D 2368 -22.01 -3.22 -15.33
CA MET D 2368 -21.57 -1.86 -15.64
C MET D 2368 -22.49 -0.79 -15.05
N VAL D 2369 -23.81 -0.98 -15.06
CA VAL D 2369 -24.75 -0.06 -14.42
C VAL D 2369 -24.59 -0.07 -12.90
N GLU D 2370 -24.27 -1.20 -12.30
CA GLU D 2370 -23.81 -1.27 -10.91
C GLU D 2370 -22.49 -0.49 -10.67
N SER D 2371 -21.52 -0.57 -11.59
CA SER D 2371 -20.22 0.08 -11.44
C SER D 2371 -20.25 1.62 -11.43
N LEU D 2372 -21.34 2.23 -11.93
CA LEU D 2372 -21.55 3.69 -11.91
C LEU D 2372 -21.64 4.28 -10.50
N GLN D 2373 -21.90 3.47 -9.47
CA GLN D 2373 -21.82 3.91 -8.08
C GLN D 2373 -20.39 3.99 -7.53
N SER D 2374 -19.44 3.28 -8.15
CA SER D 2374 -18.24 2.83 -7.43
C SER D 2374 -16.95 3.05 -8.22
N VAL D 2375 -16.81 2.37 -9.35
CA VAL D 2375 -15.65 2.40 -10.24
C VAL D 2375 -15.69 3.58 -11.19
N LEU D 2376 -16.89 3.99 -11.61
CA LEU D 2376 -17.10 5.10 -12.57
C LEU D 2376 -17.78 6.31 -11.93
N ALA D 2377 -17.78 6.41 -10.61
CA ALA D 2377 -18.15 7.62 -9.87
C ALA D 2377 -16.94 8.56 -9.76
N LEU D 2378 -16.95 9.66 -10.50
CA LEU D 2378 -15.77 10.51 -10.68
C LEU D 2378 -15.22 11.01 -9.33
N GLY D 2379 -13.98 10.66 -9.01
CA GLY D 2379 -13.33 11.06 -7.75
C GLY D 2379 -13.66 10.19 -6.53
N HIS D 2380 -14.52 9.17 -6.64
CA HIS D 2380 -14.77 8.19 -5.57
C HIS D 2380 -13.54 7.31 -5.32
N LYS D 2381 -13.36 6.76 -4.10
CA LYS D 2381 -12.17 5.97 -3.73
C LYS D 2381 -11.87 4.73 -4.60
N ARG D 2382 -12.85 4.18 -5.34
CA ARG D 2382 -12.65 3.10 -6.33
C ARG D 2382 -12.51 3.55 -7.78
N ASN D 2383 -12.63 4.85 -8.07
CA ASN D 2383 -12.35 5.41 -9.39
C ASN D 2383 -10.84 5.66 -9.61
N SER D 2384 -10.00 5.59 -8.59
CA SER D 2384 -8.57 5.94 -8.63
C SER D 2384 -7.70 5.14 -9.61
N GLY D 2385 -8.21 4.05 -10.20
CA GLY D 2385 -7.58 3.30 -11.28
C GLY D 2385 -8.04 3.68 -12.68
N VAL D 2386 -9.04 4.54 -12.84
CA VAL D 2386 -9.54 5.03 -14.14
C VAL D 2386 -9.07 6.47 -14.38
N PRO D 2387 -8.39 6.78 -15.49
CA PRO D 2387 -8.00 8.15 -15.77
C PRO D 2387 -9.23 9.03 -16.08
N ALA D 2388 -9.27 10.24 -15.55
CA ALA D 2388 -10.48 11.07 -15.51
C ALA D 2388 -11.08 11.39 -16.89
N PHE D 2389 -10.31 11.30 -17.98
CA PHE D 2389 -10.81 11.50 -19.33
C PHE D 2389 -11.71 10.36 -19.84
N LEU D 2390 -11.58 9.13 -19.31
CA LEU D 2390 -12.43 8.01 -19.72
C LEU D 2390 -13.75 7.94 -18.93
N THR D 2391 -13.78 8.47 -17.71
CA THR D 2391 -14.94 8.36 -16.81
C THR D 2391 -16.24 8.94 -17.37
N PRO D 2392 -16.35 10.20 -17.87
CA PRO D 2392 -17.61 10.74 -18.34
C PRO D 2392 -18.09 10.07 -19.64
N LEU D 2393 -17.20 9.64 -20.52
CA LEU D 2393 -17.54 8.85 -21.70
C LEU D 2393 -18.13 7.50 -21.32
N LEU D 2394 -17.45 6.73 -20.47
CA LEU D 2394 -17.91 5.42 -20.06
C LEU D 2394 -19.24 5.50 -19.31
N ARG D 2395 -19.46 6.49 -18.43
CA ARG D 2395 -20.77 6.74 -17.81
C ARG D 2395 -21.88 6.93 -18.83
N ASN D 2396 -21.69 7.82 -19.79
CA ASN D 2396 -22.71 8.17 -20.76
C ASN D 2396 -23.01 7.00 -21.72
N ILE D 2397 -21.98 6.31 -22.21
CA ILE D 2397 -22.11 5.07 -22.97
C ILE D 2397 -22.90 4.02 -22.18
N ILE D 2398 -22.55 3.73 -20.92
CA ILE D 2398 -23.20 2.67 -20.15
C ILE D 2398 -24.70 2.94 -19.94
N ILE D 2399 -25.08 4.17 -19.60
CA ILE D 2399 -26.48 4.56 -19.44
C ILE D 2399 -27.23 4.39 -20.77
N SER D 2400 -26.60 4.75 -21.87
CA SER D 2400 -27.20 4.61 -23.18
C SER D 2400 -27.32 3.15 -23.64
N LEU D 2401 -26.30 2.32 -23.44
CA LEU D 2401 -26.37 0.88 -23.75
C LEU D 2401 -27.45 0.16 -22.94
N ALA D 2402 -27.63 0.50 -21.67
CA ALA D 2402 -28.68 -0.03 -20.82
C ALA D 2402 -30.11 0.30 -21.26
N ARG D 2403 -30.29 1.27 -22.16
CA ARG D 2403 -31.59 1.62 -22.74
C ARG D 2403 -31.91 0.82 -24.00
N LEU D 2404 -30.99 0.01 -24.54
CA LEU D 2404 -31.26 -0.80 -25.72
C LEU D 2404 -32.37 -1.81 -25.38
N PRO D 2405 -33.36 -2.02 -26.26
CA PRO D 2405 -34.41 -3.03 -26.09
C PRO D 2405 -33.87 -4.41 -25.71
N LEU D 2406 -32.72 -4.77 -26.29
CA LEU D 2406 -31.97 -6.00 -26.05
C LEU D 2406 -31.72 -6.29 -24.55
N VAL D 2407 -31.38 -5.28 -23.76
CA VAL D 2407 -30.91 -5.46 -22.38
C VAL D 2407 -31.76 -4.72 -21.36
N ASN D 2408 -32.55 -3.72 -21.76
CA ASN D 2408 -33.22 -2.82 -20.84
C ASN D 2408 -34.12 -3.54 -19.82
N SER D 2409 -34.96 -4.49 -20.24
CA SER D 2409 -35.80 -5.28 -19.30
C SER D 2409 -34.97 -6.00 -18.24
N TYR D 2410 -33.89 -6.69 -18.62
CA TYR D 2410 -32.98 -7.35 -17.69
C TYR D 2410 -32.36 -6.34 -16.72
N THR D 2411 -31.79 -5.26 -17.24
CA THR D 2411 -31.06 -4.26 -16.45
C THR D 2411 -31.95 -3.57 -15.42
N ARG D 2412 -33.25 -3.39 -15.67
CA ARG D 2412 -34.20 -2.81 -14.73
C ARG D 2412 -34.45 -3.67 -13.48
N VAL D 2413 -34.24 -4.98 -13.54
CA VAL D 2413 -34.45 -5.91 -12.41
C VAL D 2413 -33.37 -5.74 -11.34
N PRO D 2414 -33.70 -5.42 -10.08
CA PRO D 2414 -32.72 -5.42 -8.99
C PRO D 2414 -32.06 -6.80 -8.82
N PRO D 2415 -30.72 -6.94 -8.80
CA PRO D 2415 -30.05 -8.24 -8.70
C PRO D 2415 -30.46 -9.11 -7.51
N LEU D 2416 -30.91 -8.51 -6.40
CA LEU D 2416 -31.45 -9.23 -5.25
C LEU D 2416 -32.72 -10.04 -5.60
N VAL D 2417 -33.52 -9.68 -6.59
CA VAL D 2417 -34.71 -10.46 -6.99
C VAL D 2417 -34.34 -11.76 -7.72
N TRP D 2418 -33.24 -11.80 -8.48
CA TRP D 2418 -32.72 -13.07 -9.00
C TRP D 2418 -32.24 -13.99 -7.86
N LYS D 2419 -31.62 -13.44 -6.80
CA LYS D 2419 -31.21 -14.18 -5.60
C LYS D 2419 -32.40 -14.70 -4.78
N LEU D 2420 -33.51 -13.96 -4.71
CA LEU D 2420 -34.79 -14.44 -4.16
C LEU D 2420 -35.47 -15.50 -5.06
N GLY D 2421 -34.97 -15.73 -6.28
CA GLY D 2421 -35.34 -16.89 -7.11
C GLY D 2421 -36.44 -16.64 -8.15
N TRP D 2422 -36.76 -15.38 -8.47
CA TRP D 2422 -37.66 -15.06 -9.57
C TRP D 2422 -37.09 -15.52 -10.92
N SER D 2423 -37.89 -16.17 -11.76
CA SER D 2423 -37.40 -16.81 -12.99
C SER D 2423 -38.49 -16.97 -14.06
N PRO D 2424 -39.13 -15.88 -14.54
CA PRO D 2424 -40.10 -15.94 -15.62
C PRO D 2424 -39.40 -16.25 -16.95
N LYS D 2425 -40.11 -16.83 -17.91
CA LYS D 2425 -39.61 -17.10 -19.25
C LYS D 2425 -39.71 -15.83 -20.11
N PRO D 2426 -38.59 -15.21 -20.54
CA PRO D 2426 -38.62 -14.02 -21.38
C PRO D 2426 -39.17 -14.30 -22.77
N GLY D 2427 -39.68 -13.29 -23.46
CA GLY D 2427 -40.17 -13.44 -24.83
C GLY D 2427 -40.41 -12.12 -25.52
N GLY D 2428 -39.67 -11.88 -26.60
CA GLY D 2428 -39.79 -10.71 -27.46
C GLY D 2428 -38.95 -10.87 -28.72
N ASP D 2429 -38.59 -9.76 -29.36
CA ASP D 2429 -37.78 -9.74 -30.59
C ASP D 2429 -36.40 -10.44 -30.43
N PHE D 2430 -35.80 -10.38 -29.24
CA PHE D 2430 -34.44 -10.88 -28.94
C PHE D 2430 -34.41 -12.06 -27.95
N GLY D 2431 -35.55 -12.42 -27.37
CA GLY D 2431 -35.62 -13.47 -26.35
C GLY D 2431 -35.23 -13.03 -24.94
N THR D 2432 -35.28 -11.72 -24.63
CA THR D 2432 -34.77 -11.12 -23.38
C THR D 2432 -35.78 -10.22 -22.66
N ALA D 2433 -36.99 -10.05 -23.18
CA ALA D 2433 -38.02 -9.21 -22.59
C ALA D 2433 -38.63 -9.86 -21.34
N PHE D 2434 -38.07 -9.54 -20.18
CA PHE D 2434 -38.64 -9.85 -18.87
C PHE D 2434 -39.89 -9.00 -18.59
N PRO D 2435 -40.82 -9.46 -17.73
CA PRO D 2435 -41.84 -8.61 -17.13
C PRO D 2435 -41.24 -7.46 -16.31
N GLU D 2436 -42.03 -6.45 -15.97
CA GLU D 2436 -41.69 -5.56 -14.86
C GLU D 2436 -41.80 -6.31 -13.52
N ILE D 2437 -41.04 -5.89 -12.52
CA ILE D 2437 -40.91 -6.61 -11.24
C ILE D 2437 -42.23 -6.63 -10.45
N PRO D 2438 -42.69 -7.80 -9.97
CA PRO D 2438 -43.84 -7.92 -9.08
C PRO D 2438 -43.76 -7.02 -7.85
N VAL D 2439 -44.84 -6.29 -7.56
CA VAL D 2439 -44.87 -5.29 -6.48
C VAL D 2439 -44.63 -5.88 -5.09
N GLU D 2440 -44.88 -7.17 -4.85
CA GLU D 2440 -44.57 -7.82 -3.58
C GLU D 2440 -43.07 -7.82 -3.25
N PHE D 2441 -42.17 -7.79 -4.23
CA PHE D 2441 -40.74 -7.64 -3.96
C PHE D 2441 -40.41 -6.22 -3.48
N LEU D 2442 -41.11 -5.18 -3.96
CA LEU D 2442 -40.83 -3.79 -3.64
C LEU D 2442 -41.23 -3.41 -2.21
N GLN D 2443 -41.83 -4.32 -1.43
CA GLN D 2443 -41.91 -4.18 0.03
C GLN D 2443 -40.57 -4.43 0.73
N GLU D 2444 -39.60 -5.10 0.10
CA GLU D 2444 -38.23 -5.15 0.60
C GLU D 2444 -37.54 -3.79 0.39
N LYS D 2445 -37.15 -3.12 1.47
CA LYS D 2445 -36.52 -1.79 1.47
C LYS D 2445 -35.27 -1.72 0.58
N GLU D 2446 -34.39 -2.71 0.66
CA GLU D 2446 -33.21 -2.78 -0.19
C GLU D 2446 -33.55 -3.00 -1.66
N VAL D 2447 -34.49 -3.90 -1.97
CA VAL D 2447 -34.89 -4.16 -3.36
C VAL D 2447 -35.52 -2.92 -3.98
N PHE D 2448 -36.30 -2.18 -3.20
CA PHE D 2448 -36.90 -0.94 -3.65
C PHE D 2448 -35.86 0.15 -3.88
N LYS D 2449 -34.89 0.37 -2.97
CA LYS D 2449 -33.78 1.30 -3.22
C LYS D 2449 -32.97 0.91 -4.46
N GLU D 2450 -32.70 -0.37 -4.66
CA GLU D 2450 -32.01 -0.84 -5.86
C GLU D 2450 -32.83 -0.69 -7.15
N PHE D 2451 -34.16 -0.82 -7.09
CA PHE D 2451 -35.04 -0.53 -8.21
C PHE D 2451 -35.03 0.96 -8.54
N ILE D 2452 -35.15 1.82 -7.52
CA ILE D 2452 -35.15 3.27 -7.65
C ILE D 2452 -33.85 3.75 -8.30
N TYR D 2453 -32.71 3.22 -7.89
CA TYR D 2453 -31.43 3.49 -8.53
C TYR D 2453 -31.45 3.24 -10.03
N ARG D 2454 -31.95 2.07 -10.47
CA ARG D 2454 -32.01 1.69 -11.88
C ARG D 2454 -33.00 2.53 -12.69
N ILE D 2455 -34.20 2.83 -12.19
CA ILE D 2455 -35.13 3.69 -12.92
C ILE D 2455 -34.63 5.14 -12.99
N ASN D 2456 -34.08 5.71 -11.92
CA ASN D 2456 -33.47 7.04 -11.98
C ASN D 2456 -32.27 7.11 -12.93
N THR D 2457 -31.41 6.10 -12.94
CA THR D 2457 -30.20 6.06 -13.77
C THR D 2457 -30.51 5.89 -15.26
N LEU D 2458 -31.41 4.98 -15.62
CA LEU D 2458 -31.75 4.70 -17.02
C LEU D 2458 -32.81 5.66 -17.58
N GLY D 2459 -33.65 6.25 -16.71
CA GLY D 2459 -34.84 6.98 -17.11
C GLY D 2459 -35.93 6.06 -17.66
N TRP D 2460 -36.59 6.47 -18.73
CA TRP D 2460 -37.61 5.69 -19.44
C TRP D 2460 -37.44 5.85 -20.96
N THR D 2461 -37.71 4.78 -21.70
CA THR D 2461 -37.49 4.71 -23.16
C THR D 2461 -38.73 5.01 -24.01
N SER D 2462 -39.91 5.10 -23.40
CA SER D 2462 -41.20 5.30 -24.10
C SER D 2462 -42.28 5.81 -23.13
N ARG D 2463 -43.41 6.30 -23.67
CA ARG D 2463 -44.60 6.59 -22.85
C ARG D 2463 -45.09 5.35 -22.12
N THR D 2464 -45.07 4.19 -22.77
CA THR D 2464 -45.46 2.91 -22.18
C THR D 2464 -44.64 2.60 -20.94
N GLN D 2465 -43.32 2.78 -21.01
CA GLN D 2465 -42.46 2.53 -19.87
C GLN D 2465 -42.66 3.54 -18.74
N PHE D 2466 -42.86 4.82 -19.05
CA PHE D 2466 -43.25 5.81 -18.04
C PHE D 2466 -44.52 5.40 -17.31
N GLU D 2467 -45.59 5.05 -18.05
CA GLU D 2467 -46.85 4.61 -17.46
C GLU D 2467 -46.73 3.31 -16.64
N GLU D 2468 -45.89 2.37 -17.07
CA GLU D 2468 -45.61 1.15 -16.30
C GLU D 2468 -44.86 1.44 -15.00
N THR D 2469 -43.85 2.31 -14.99
CA THR D 2469 -43.17 2.68 -13.74
C THR D 2469 -44.06 3.55 -12.86
N TRP D 2470 -44.88 4.41 -13.44
CA TRP D 2470 -45.92 5.15 -12.71
C TRP D 2470 -46.87 4.18 -12.00
N ALA D 2471 -47.45 3.21 -12.72
CA ALA D 2471 -48.32 2.20 -12.14
C ALA D 2471 -47.63 1.37 -11.05
N THR D 2472 -46.36 1.00 -11.27
CA THR D 2472 -45.55 0.28 -10.28
C THR D 2472 -45.38 1.08 -8.99
N LEU D 2473 -44.99 2.36 -9.07
CA LEU D 2473 -44.73 3.18 -7.89
C LEU D 2473 -46.03 3.54 -7.15
N LEU D 2474 -47.14 3.81 -7.84
CA LEU D 2474 -48.44 3.98 -7.20
C LEU D 2474 -48.84 2.73 -6.40
N GLY D 2475 -48.58 1.54 -6.93
CA GLY D 2475 -48.83 0.26 -6.25
C GLY D 2475 -48.07 0.06 -4.93
N VAL D 2476 -47.08 0.89 -4.61
CA VAL D 2476 -46.38 0.84 -3.31
C VAL D 2476 -47.09 1.71 -2.25
N LEU D 2477 -47.83 2.75 -2.66
CA LEU D 2477 -48.71 3.51 -1.76
C LEU D 2477 -50.10 2.87 -1.57
N VAL D 2478 -50.55 2.00 -2.50
CA VAL D 2478 -51.83 1.26 -2.41
C VAL D 2478 -51.74 -0.15 -3.02
N ARG D 2497 -45.60 0.76 5.76
CA ARG D 2497 -44.50 1.29 6.55
C ARG D 2497 -44.05 2.68 6.05
N THR D 2498 -43.81 3.62 6.96
CA THR D 2498 -43.45 5.00 6.63
C THR D 2498 -42.21 5.10 5.75
N GLN D 2499 -41.24 4.22 5.93
CA GLN D 2499 -40.01 4.20 5.13
C GLN D 2499 -40.25 3.90 3.65
N ILE D 2500 -41.07 2.91 3.30
CA ILE D 2500 -41.42 2.67 1.88
C ILE D 2500 -42.37 3.74 1.33
N ASN D 2501 -43.18 4.40 2.16
CA ASN D 2501 -43.93 5.58 1.74
C ASN D 2501 -42.98 6.73 1.39
N VAL D 2502 -42.00 7.04 2.23
CA VAL D 2502 -40.99 8.07 1.96
C VAL D 2502 -40.21 7.76 0.68
N LEU D 2503 -39.72 6.53 0.52
CA LEU D 2503 -39.03 6.09 -0.69
C LEU D 2503 -39.92 6.20 -1.94
N ALA D 2504 -41.19 5.82 -1.86
CA ALA D 2504 -42.11 5.93 -2.98
C ALA D 2504 -42.48 7.38 -3.31
N VAL D 2505 -42.63 8.25 -2.30
CA VAL D 2505 -42.87 9.68 -2.50
C VAL D 2505 -41.66 10.34 -3.18
N GLN D 2506 -40.44 9.99 -2.78
CA GLN D 2506 -39.24 10.46 -3.46
C GLN D 2506 -39.10 9.88 -4.87
N ALA D 2507 -39.39 8.59 -5.06
CA ALA D 2507 -39.34 7.94 -6.36
C ALA D 2507 -40.35 8.50 -7.37
N ILE D 2508 -41.60 8.74 -6.96
CA ILE D 2508 -42.64 9.29 -7.85
C ILE D 2508 -42.31 10.74 -8.19
N THR D 2509 -41.72 11.50 -7.26
CA THR D 2509 -41.25 12.87 -7.51
C THR D 2509 -40.19 12.87 -8.60
N SER D 2510 -39.20 11.99 -8.46
CA SER D 2510 -38.12 11.84 -9.44
C SER D 2510 -38.65 11.44 -10.80
N LEU D 2511 -39.63 10.53 -10.85
CA LEU D 2511 -40.28 10.10 -12.08
C LEU D 2511 -40.98 11.25 -12.79
N VAL D 2512 -41.88 11.98 -12.12
CA VAL D 2512 -42.61 13.07 -12.78
C VAL D 2512 -41.67 14.20 -13.19
N LEU D 2513 -40.69 14.55 -12.36
CA LEU D 2513 -39.69 15.58 -12.69
C LEU D 2513 -38.82 15.19 -13.89
N SER D 2514 -38.53 13.89 -14.07
CA SER D 2514 -37.84 13.37 -15.26
C SER D 2514 -38.53 13.68 -16.60
N ALA D 2515 -39.83 14.02 -16.59
CA ALA D 2515 -40.52 14.47 -17.79
C ALA D 2515 -40.12 15.90 -18.24
N MET D 2516 -39.54 16.70 -17.33
CA MET D 2516 -39.13 18.07 -17.59
C MET D 2516 -37.74 18.22 -18.23
N THR D 2517 -37.04 17.14 -18.60
CA THR D 2517 -35.69 17.23 -19.19
C THR D 2517 -35.74 17.60 -20.67
N VAL D 2518 -35.01 18.62 -21.12
CA VAL D 2518 -35.46 19.38 -22.31
C VAL D 2518 -35.27 18.72 -23.67
N PRO D 2519 -34.05 18.35 -24.12
CA PRO D 2519 -33.88 17.93 -25.51
C PRO D 2519 -34.74 16.70 -25.85
N VAL D 2520 -34.76 15.72 -24.95
CA VAL D 2520 -35.51 14.45 -25.02
C VAL D 2520 -35.96 14.09 -23.62
N ALA D 2521 -37.26 14.10 -23.33
CA ALA D 2521 -37.74 13.82 -21.97
C ALA D 2521 -37.39 12.38 -21.55
N GLY D 2522 -36.99 12.17 -20.30
CA GLY D 2522 -36.74 10.83 -19.77
C GLY D 2522 -35.45 10.14 -20.24
N ASN D 2523 -34.52 10.83 -20.90
CA ASN D 2523 -33.22 10.28 -21.30
C ASN D 2523 -32.05 10.99 -20.57
N PRO D 2524 -31.59 10.46 -19.41
CA PRO D 2524 -30.50 11.05 -18.63
C PRO D 2524 -29.16 11.18 -19.38
N ALA D 2525 -28.94 10.38 -20.43
CA ALA D 2525 -27.74 10.46 -21.24
C ALA D 2525 -27.74 11.61 -22.26
N VAL D 2526 -28.90 12.12 -22.70
CA VAL D 2526 -29.02 13.21 -23.70
C VAL D 2526 -29.44 14.54 -23.05
N SER D 2527 -30.12 14.50 -21.91
CA SER D 2527 -30.95 15.59 -21.41
C SER D 2527 -30.72 15.92 -19.95
N CYS D 2528 -31.03 17.15 -19.57
CA CYS D 2528 -31.06 17.65 -18.19
C CYS D 2528 -32.28 18.56 -18.01
N LEU D 2529 -32.61 18.90 -16.76
CA LEU D 2529 -33.85 19.58 -16.41
C LEU D 2529 -33.96 20.98 -17.02
N GLU D 2530 -35.15 21.32 -17.49
CA GLU D 2530 -35.47 22.67 -17.98
C GLU D 2530 -35.12 23.74 -16.96
N GLN D 2531 -34.55 24.84 -17.44
CA GLN D 2531 -34.44 26.09 -16.72
C GLN D 2531 -35.26 27.15 -17.46
N GLN D 2532 -35.95 27.99 -16.70
CA GLN D 2532 -36.54 29.22 -17.20
C GLN D 2532 -36.14 30.32 -16.23
N PRO D 2533 -35.09 31.11 -16.53
CA PRO D 2533 -34.52 32.03 -15.56
C PRO D 2533 -35.43 33.24 -15.24
N ARG D 2534 -35.16 33.94 -14.14
CA ARG D 2534 -35.95 35.11 -13.67
C ARG D 2534 -35.64 36.43 -14.38
N ASN D 2535 -34.51 36.54 -15.07
CA ASN D 2535 -34.01 37.76 -15.67
C ASN D 2535 -34.31 37.80 -17.18
N LYS D 2536 -34.91 38.89 -17.66
CA LYS D 2536 -35.22 39.12 -19.09
C LYS D 2536 -33.96 39.38 -19.93
N PRO D 2537 -34.00 39.16 -21.26
CA PRO D 2537 -32.98 39.64 -22.19
C PRO D 2537 -32.69 41.15 -22.06
N LEU D 2538 -31.41 41.52 -22.03
CA LEU D 2538 -30.96 42.90 -21.89
C LEU D 2538 -31.18 43.68 -23.21
N LYS D 2539 -31.76 44.87 -23.14
CA LYS D 2539 -31.94 45.75 -24.31
C LYS D 2539 -30.66 46.49 -24.71
N ALA D 2540 -29.74 46.73 -23.78
CA ALA D 2540 -28.46 47.37 -24.05
C ALA D 2540 -27.67 46.65 -25.17
N LEU D 2541 -27.75 45.32 -25.24
CA LEU D 2541 -27.07 44.51 -26.24
C LEU D 2541 -27.68 44.63 -27.66
N ASP D 2542 -28.84 45.26 -27.84
CA ASP D 2542 -29.39 45.58 -29.16
C ASP D 2542 -28.81 46.88 -29.76
N THR D 2543 -28.19 47.76 -28.95
CA THR D 2543 -27.59 49.03 -29.42
C THR D 2543 -26.36 48.80 -30.31
N ARG D 2544 -25.89 49.83 -31.03
CA ARG D 2544 -24.71 49.74 -31.92
C ARG D 2544 -23.46 49.23 -31.20
N PHE D 2545 -23.11 49.82 -30.05
CA PHE D 2545 -22.02 49.35 -29.19
C PHE D 2545 -22.37 48.06 -28.43
N GLY D 2546 -23.63 47.84 -28.04
CA GLY D 2546 -24.08 46.57 -27.49
C GLY D 2546 -23.83 45.37 -28.40
N ARG D 2547 -24.06 45.50 -29.71
CA ARG D 2547 -23.77 44.45 -30.71
C ARG D 2547 -22.28 44.11 -30.75
N LYS D 2548 -21.43 45.14 -30.70
CA LYS D 2548 -19.96 45.02 -30.67
C LYS D 2548 -19.47 44.40 -29.36
N LEU D 2549 -20.12 44.67 -28.24
CA LEU D 2549 -19.88 44.02 -26.96
C LEU D 2549 -20.24 42.54 -26.99
N SER D 2550 -21.35 42.15 -27.61
CA SER D 2550 -21.75 40.75 -27.75
C SER D 2550 -20.70 39.88 -28.48
N ILE D 2551 -20.00 40.42 -29.47
CA ILE D 2551 -18.92 39.69 -30.15
C ILE D 2551 -17.72 39.47 -29.21
N ILE D 2552 -17.24 40.53 -28.56
CA ILE D 2552 -16.01 40.49 -27.77
C ILE D 2552 -16.21 39.76 -26.43
N ARG D 2553 -17.31 40.02 -25.74
CA ARG D 2553 -17.72 39.35 -24.49
C ARG D 2553 -18.24 37.93 -24.74
N GLY D 2554 -18.63 37.61 -25.97
CA GLY D 2554 -18.93 36.27 -26.45
C GLY D 2554 -17.69 35.40 -26.64
N ILE D 2555 -16.60 35.97 -27.17
CA ILE D 2555 -15.29 35.34 -27.13
C ILE D 2555 -14.87 35.04 -25.69
N VAL D 2556 -14.91 36.02 -24.79
CA VAL D 2556 -14.50 35.79 -23.39
C VAL D 2556 -15.43 34.80 -22.67
N GLU D 2557 -16.73 34.81 -22.94
CA GLU D 2557 -17.68 33.86 -22.37
C GLU D 2557 -17.36 32.41 -22.74
N GLN D 2558 -17.10 32.15 -24.01
CA GLN D 2558 -16.76 30.82 -24.52
C GLN D 2558 -15.53 30.23 -23.83
N GLU D 2559 -14.58 31.07 -23.42
CA GLU D 2559 -13.37 30.65 -22.73
C GLU D 2559 -13.56 30.53 -21.21
N ILE D 2560 -14.33 31.40 -20.55
CA ILE D 2560 -14.72 31.16 -19.15
C ILE D 2560 -15.51 29.85 -19.01
N GLN D 2561 -16.45 29.57 -19.90
CA GLN D 2561 -17.18 28.30 -19.90
C GLN D 2561 -16.21 27.12 -20.03
N ALA D 2562 -15.31 27.13 -21.03
CA ALA D 2562 -14.38 26.02 -21.19
C ALA D 2562 -13.50 25.81 -19.95
N MET D 2563 -13.02 26.87 -19.31
CA MET D 2563 -12.10 26.78 -18.16
C MET D 2563 -12.72 26.42 -16.82
N VAL D 2564 -13.94 26.87 -16.47
CA VAL D 2564 -14.52 26.63 -15.14
C VAL D 2564 -15.91 26.00 -15.12
N SER D 2565 -16.56 25.77 -16.26
CA SER D 2565 -17.83 25.06 -16.28
C SER D 2565 -17.71 23.68 -15.63
N LYS D 2566 -18.69 23.30 -14.82
CA LYS D 2566 -18.86 21.95 -14.27
C LYS D 2566 -19.18 20.88 -15.35
N ARG D 2567 -19.48 21.29 -16.60
CA ARG D 2567 -19.72 20.45 -17.79
C ARG D 2567 -20.77 19.34 -17.58
N GLU D 2568 -21.73 19.53 -16.70
CA GLU D 2568 -22.54 18.44 -16.16
C GLU D 2568 -23.46 17.77 -17.20
N ASN D 2569 -23.84 18.50 -18.26
CA ASN D 2569 -24.60 18.03 -19.42
C ASN D 2569 -23.76 17.79 -20.69
N ILE D 2570 -22.43 17.74 -20.60
CA ILE D 2570 -21.54 17.43 -21.74
C ILE D 2570 -20.73 16.16 -21.44
N ALA D 2571 -20.84 15.12 -22.27
CA ALA D 2571 -20.15 13.86 -22.04
C ALA D 2571 -18.70 13.89 -22.53
N THR D 2572 -18.47 14.48 -23.71
CA THR D 2572 -17.19 14.39 -24.43
C THR D 2572 -16.27 15.59 -24.16
N HIS D 2573 -14.98 15.43 -24.49
CA HIS D 2573 -13.90 16.39 -24.20
C HIS D 2573 -14.00 17.73 -24.96
N HIS D 2574 -14.82 17.84 -25.99
CA HIS D 2574 -14.83 18.97 -26.95
C HIS D 2574 -15.10 20.31 -26.23
N LEU D 2575 -14.15 21.25 -26.28
CA LEU D 2575 -14.13 22.42 -25.38
C LEU D 2575 -15.32 23.37 -25.55
N TYR D 2576 -15.80 23.57 -26.76
CA TYR D 2576 -16.72 24.65 -27.11
C TYR D 2576 -18.15 24.17 -27.40
N GLN D 2577 -18.70 23.35 -26.51
CA GLN D 2577 -20.04 22.73 -26.64
C GLN D 2577 -21.01 23.10 -25.51
N ALA D 2578 -20.79 24.26 -24.87
CA ALA D 2578 -21.68 24.76 -23.84
C ALA D 2578 -23.10 25.01 -24.35
N TRP D 2579 -24.10 24.50 -23.64
CA TRP D 2579 -25.52 24.77 -23.85
C TRP D 2579 -26.28 24.74 -22.53
N ASP D 2580 -27.38 25.47 -22.46
CA ASP D 2580 -28.27 25.56 -21.30
C ASP D 2580 -29.67 25.01 -21.66
N PRO D 2581 -30.35 24.34 -20.73
CA PRO D 2581 -31.66 23.72 -20.97
C PRO D 2581 -32.80 24.76 -20.92
N VAL D 2582 -32.73 25.81 -21.73
CA VAL D 2582 -33.69 26.92 -21.74
C VAL D 2582 -34.42 26.96 -23.09
N PRO D 2583 -35.63 26.38 -23.20
CA PRO D 2583 -36.38 26.34 -24.44
C PRO D 2583 -37.16 27.64 -24.69
N SER D 2584 -37.34 28.01 -25.95
CA SER D 2584 -38.08 29.22 -26.35
C SER D 2584 -39.56 29.12 -25.99
N LEU D 2585 -39.97 29.78 -24.90
CA LEU D 2585 -41.34 29.81 -24.37
C LEU D 2585 -42.30 30.66 -25.23
N GLY D 2591 -40.62 24.43 -26.90
CA GLY D 2591 -39.89 24.99 -28.03
C GLY D 2591 -38.46 24.46 -28.15
N ALA D 2592 -37.77 24.81 -29.23
CA ALA D 2592 -36.35 24.55 -29.40
C ALA D 2592 -35.50 25.32 -28.37
N LEU D 2593 -34.28 24.85 -28.09
CA LEU D 2593 -33.37 25.51 -27.15
C LEU D 2593 -32.91 26.87 -27.66
N ILE D 2594 -32.88 27.87 -26.78
CA ILE D 2594 -32.19 29.15 -27.01
C ILE D 2594 -30.67 28.90 -26.94
N SER D 2595 -29.92 29.35 -27.94
CA SER D 2595 -28.45 29.17 -27.98
C SER D 2595 -27.74 29.87 -26.83
N HIS D 2596 -26.63 29.30 -26.33
CA HIS D 2596 -25.86 29.85 -25.20
C HIS D 2596 -25.44 31.32 -25.40
N GLU D 2597 -25.14 31.69 -26.65
CA GLU D 2597 -24.86 33.07 -27.09
C GLU D 2597 -25.94 34.09 -26.67
N LYS D 2598 -27.19 33.65 -26.69
CA LYS D 2598 -28.40 34.49 -26.60
C LYS D 2598 -29.01 34.44 -25.21
N LEU D 2599 -28.32 33.81 -24.26
CA LEU D 2599 -28.61 33.75 -22.82
C LEU D 2599 -27.53 34.48 -22.00
N LEU D 2600 -26.79 35.40 -22.63
CA LEU D 2600 -25.46 35.89 -22.25
C LEU D 2600 -25.29 36.23 -20.76
N LEU D 2601 -26.23 36.96 -20.17
CA LEU D 2601 -26.30 37.25 -18.72
C LEU D 2601 -27.68 36.92 -18.14
N GLN D 2602 -28.33 35.86 -18.64
CA GLN D 2602 -29.71 35.51 -18.29
C GLN D 2602 -29.85 34.38 -17.28
N ILE D 2603 -28.92 33.42 -17.23
CA ILE D 2603 -28.98 32.31 -16.26
C ILE D 2603 -28.89 32.84 -14.83
N ASN D 2604 -29.65 32.25 -13.91
CA ASN D 2604 -29.78 32.72 -12.54
C ASN D 2604 -28.42 32.81 -11.80
N PRO D 2605 -28.08 33.96 -11.16
CA PRO D 2605 -26.78 34.16 -10.52
C PRO D 2605 -26.37 33.10 -9.49
N GLU D 2606 -27.32 32.55 -8.72
CA GLU D 2606 -27.01 31.57 -7.68
C GLU D 2606 -26.73 30.16 -8.20
N ARG D 2607 -26.87 29.89 -9.51
CA ARG D 2607 -26.43 28.65 -10.15
C ARG D 2607 -24.94 28.73 -10.48
N GLU D 2608 -24.18 27.76 -9.99
CA GLU D 2608 -22.80 27.51 -10.36
C GLU D 2608 -22.65 27.25 -11.88
N LEU D 2609 -21.59 27.74 -12.51
CA LEU D 2609 -21.41 27.63 -13.96
C LEU D 2609 -21.37 26.16 -14.42
N GLY D 2610 -22.24 25.79 -15.36
CA GLY D 2610 -22.37 24.43 -15.87
C GLY D 2610 -23.06 23.43 -14.95
N SER D 2611 -23.58 23.83 -13.79
CA SER D 2611 -24.36 22.97 -12.90
C SER D 2611 -25.79 22.85 -13.40
N MET D 2612 -26.22 21.63 -13.73
CA MET D 2612 -27.51 21.34 -14.37
C MET D 2612 -28.47 20.58 -13.44
N SER D 2613 -28.02 20.29 -12.23
CA SER D 2613 -28.81 19.76 -11.12
C SER D 2613 -30.01 20.64 -10.77
N TYR D 2614 -31.05 20.02 -10.23
CA TYR D 2614 -32.24 20.70 -9.73
C TYR D 2614 -31.87 21.67 -8.60
N LYS D 2615 -32.27 22.93 -8.73
CA LYS D 2615 -32.16 23.96 -7.68
C LYS D 2615 -33.54 24.56 -7.45
N LEU D 2616 -33.84 24.88 -6.19
CA LEU D 2616 -35.05 25.64 -5.85
C LEU D 2616 -35.00 27.00 -6.55
N GLY D 2617 -35.88 27.22 -7.52
CA GLY D 2617 -35.80 28.34 -8.48
C GLY D 2617 -35.73 27.96 -9.97
N GLN D 2618 -35.86 26.69 -10.38
CA GLN D 2618 -35.71 26.23 -11.76
C GLN D 2618 -36.47 27.04 -12.80
N VAL D 2619 -37.76 27.26 -12.55
CA VAL D 2619 -38.69 27.96 -13.43
C VAL D 2619 -39.19 29.21 -12.72
N SER D 2620 -39.06 30.36 -13.35
CA SER D 2620 -39.56 31.66 -12.87
C SER D 2620 -41.09 31.79 -12.97
N ILE D 2621 -41.71 32.59 -12.09
CA ILE D 2621 -43.15 32.86 -12.14
C ILE D 2621 -43.57 33.47 -13.47
N HIS D 2622 -42.81 34.39 -14.07
CA HIS D 2622 -43.14 34.93 -15.40
C HIS D 2622 -43.25 33.84 -16.46
N SER D 2623 -42.55 32.72 -16.29
CA SER D 2623 -42.62 31.58 -17.21
C SER D 2623 -43.81 30.67 -16.95
N VAL D 2624 -44.19 30.45 -15.68
CA VAL D 2624 -45.46 29.79 -15.34
C VAL D 2624 -46.63 30.55 -15.95
N TRP D 2625 -46.67 31.87 -15.79
CA TRP D 2625 -47.70 32.72 -16.39
C TRP D 2625 -47.69 32.69 -17.93
N LEU D 2626 -46.57 33.02 -18.59
CA LEU D 2626 -46.51 33.12 -20.05
C LEU D 2626 -46.72 31.78 -20.77
N GLY D 2627 -46.23 30.67 -20.21
CA GLY D 2627 -46.37 29.35 -20.81
C GLY D 2627 -47.76 28.73 -20.66
N ASN D 2628 -48.45 29.02 -19.56
CA ASN D 2628 -49.76 28.43 -19.25
C ASN D 2628 -50.96 29.35 -19.56
N SER D 2629 -50.74 30.55 -20.10
CA SER D 2629 -51.76 31.56 -20.38
C SER D 2629 -52.65 31.90 -19.18
N ILE D 2630 -52.08 31.83 -17.98
CA ILE D 2630 -52.64 32.39 -16.75
C ILE D 2630 -51.83 33.63 -16.38
N THR D 2631 -52.45 34.75 -16.03
CA THR D 2631 -51.73 35.94 -15.55
C THR D 2631 -52.68 36.76 -14.65
N PRO D 2632 -52.28 37.08 -13.41
CA PRO D 2632 -53.13 37.81 -12.45
C PRO D 2632 -53.27 39.30 -12.78
N LYS D 2663 -49.12 20.48 -20.37
CA LYS D 2663 -49.91 19.33 -19.95
C LYS D 2663 -49.34 18.01 -20.50
N HIS D 2664 -48.72 18.04 -21.68
CA HIS D 2664 -48.02 16.92 -22.31
C HIS D 2664 -46.56 17.28 -22.58
N ARG D 2665 -45.61 16.54 -21.99
CA ARG D 2665 -44.15 16.85 -22.04
C ARG D 2665 -43.43 16.20 -23.21
N ALA D 2666 -43.54 14.87 -23.35
CA ALA D 2666 -43.13 14.13 -24.54
C ALA D 2666 -44.10 12.97 -24.79
N GLY D 2667 -45.31 13.28 -25.25
CA GLY D 2667 -46.44 12.36 -25.34
C GLY D 2667 -47.07 12.00 -23.98
N VAL D 2668 -46.27 11.91 -22.91
CA VAL D 2668 -46.71 11.63 -21.53
C VAL D 2668 -47.69 12.68 -21.01
N ASP D 2669 -48.83 12.24 -20.46
CA ASP D 2669 -49.81 13.12 -19.80
C ASP D 2669 -49.42 13.43 -18.35
N ILE D 2670 -48.77 14.58 -18.19
CA ILE D 2670 -48.31 15.10 -16.90
C ILE D 2670 -49.41 15.83 -16.14
N HIS D 2671 -50.47 16.28 -16.82
CA HIS D 2671 -51.67 16.76 -16.15
C HIS D 2671 -52.28 15.65 -15.27
N SER D 2672 -52.43 14.43 -15.78
CA SER D 2672 -52.93 13.30 -14.99
C SER D 2672 -52.10 13.04 -13.74
N CYS D 2673 -50.77 13.05 -13.84
CA CYS D 2673 -49.88 12.84 -12.69
C CYS D 2673 -50.02 13.93 -11.63
N SER D 2674 -49.86 15.18 -12.03
CA SER D 2674 -49.91 16.31 -11.09
C SER D 2674 -51.29 16.46 -10.44
N GLN D 2675 -52.39 16.21 -11.17
CA GLN D 2675 -53.74 16.15 -10.59
C GLN D 2675 -53.89 15.02 -9.57
N PHE D 2676 -53.43 13.81 -9.90
CA PHE D 2676 -53.49 12.69 -8.96
C PHE D 2676 -52.71 12.97 -7.67
N LEU D 2677 -51.50 13.52 -7.78
CA LEU D 2677 -50.64 13.81 -6.64
C LEU D 2677 -51.19 14.92 -5.74
N LEU D 2678 -51.80 15.97 -6.30
CA LEU D 2678 -52.51 16.97 -5.50
C LEU D 2678 -53.63 16.35 -4.67
N GLU D 2679 -54.44 15.49 -5.27
CA GLU D 2679 -55.48 14.73 -4.56
C GLU D 2679 -54.90 13.86 -3.44
N LEU D 2680 -53.87 13.04 -3.70
CA LEU D 2680 -53.26 12.27 -2.61
C LEU D 2680 -52.72 13.17 -1.50
N TYR D 2681 -51.83 14.10 -1.84
CA TYR D 2681 -51.04 14.82 -0.85
C TYR D 2681 -51.91 15.73 0.01
N SER D 2682 -52.88 16.43 -0.56
CA SER D 2682 -53.80 17.25 0.22
C SER D 2682 -54.59 16.40 1.24
N ARG D 2683 -55.11 15.23 0.85
CA ARG D 2683 -55.83 14.32 1.77
C ARG D 2683 -54.93 13.64 2.81
N TRP D 2684 -53.63 13.57 2.56
CA TRP D 2684 -52.67 12.80 3.38
C TRP D 2684 -51.94 13.66 4.42
N ILE D 2685 -51.83 14.97 4.18
CA ILE D 2685 -51.31 15.96 5.13
C ILE D 2685 -52.41 16.77 5.83
N LEU D 2686 -53.65 16.76 5.31
CA LEU D 2686 -54.85 17.28 6.00
C LEU D 2686 -55.91 16.16 6.17
N PRO D 2687 -55.78 15.26 7.17
CA PRO D 2687 -56.73 14.18 7.43
C PRO D 2687 -58.18 14.63 7.68
N ARG D 2693 -52.80 12.64 13.15
CA ARG D 2693 -53.26 11.32 12.74
C ARG D 2693 -52.48 10.81 11.51
N THR D 2694 -51.42 11.52 11.12
CA THR D 2694 -50.57 11.24 9.95
C THR D 2694 -49.07 11.37 10.31
N PRO D 2695 -48.17 10.47 9.88
CA PRO D 2695 -46.77 10.43 10.33
C PRO D 2695 -45.97 11.70 10.03
N ALA D 2696 -45.39 12.34 11.06
CA ALA D 2696 -44.60 13.56 10.94
C ALA D 2696 -43.34 13.42 10.04
N ILE D 2697 -42.73 12.24 10.02
CA ILE D 2697 -41.62 11.88 9.14
C ILE D 2697 -41.98 11.96 7.64
N LEU D 2698 -43.26 11.85 7.30
CA LEU D 2698 -43.77 11.81 5.93
C LEU D 2698 -44.31 13.15 5.44
N ILE D 2699 -44.80 14.01 6.34
CA ILE D 2699 -45.37 15.32 5.98
C ILE D 2699 -44.35 16.20 5.24
N SER D 2700 -43.13 16.31 5.76
CA SER D 2700 -42.07 17.10 5.15
C SER D 2700 -41.68 16.56 3.77
N GLU D 2701 -41.64 15.24 3.60
CA GLU D 2701 -41.33 14.60 2.32
C GLU D 2701 -42.43 14.79 1.27
N VAL D 2702 -43.70 14.80 1.69
CA VAL D 2702 -44.84 15.16 0.84
C VAL D 2702 -44.80 16.63 0.44
N VAL D 2703 -44.49 17.54 1.37
CA VAL D 2703 -44.38 18.97 1.04
C VAL D 2703 -43.13 19.28 0.21
N ARG D 2704 -42.02 18.56 0.40
CA ARG D 2704 -40.91 18.55 -0.57
C ARG D 2704 -41.41 18.14 -1.94
N SER D 2705 -42.20 17.07 -2.02
CA SER D 2705 -42.79 16.64 -3.29
C SER D 2705 -43.62 17.75 -3.93
N LEU D 2706 -44.47 18.46 -3.18
CA LEU D 2706 -45.26 19.58 -3.71
C LEU D 2706 -44.39 20.73 -4.23
N LEU D 2707 -43.38 21.11 -3.47
CA LEU D 2707 -42.43 22.15 -3.85
C LEU D 2707 -41.76 21.85 -5.18
N VAL D 2708 -41.37 20.58 -5.40
CA VAL D 2708 -40.73 20.13 -6.63
C VAL D 2708 -41.72 19.94 -7.77
N VAL D 2709 -42.77 19.15 -7.57
CA VAL D 2709 -43.76 18.75 -8.59
C VAL D 2709 -44.53 19.95 -9.15
N SER D 2710 -44.68 21.02 -8.39
CA SER D 2710 -45.34 22.24 -8.87
C SER D 2710 -44.63 22.94 -10.04
N ASP D 2711 -43.38 22.60 -10.35
CA ASP D 2711 -42.78 23.00 -11.63
C ASP D 2711 -43.52 22.45 -12.85
N LEU D 2712 -44.32 21.39 -12.67
CA LEU D 2712 -45.14 20.76 -13.71
C LEU D 2712 -46.57 21.31 -13.77
N PHE D 2713 -47.05 21.96 -12.71
CA PHE D 2713 -48.40 22.51 -12.64
C PHE D 2713 -48.65 23.53 -13.75
N THR D 2714 -49.89 23.60 -14.22
CA THR D 2714 -50.23 24.15 -15.54
C THR D 2714 -51.60 24.83 -15.60
N GLU D 2715 -52.40 24.72 -14.55
CA GLU D 2715 -53.70 25.39 -14.42
C GLU D 2715 -53.77 26.12 -13.06
N ARG D 2716 -54.38 27.31 -12.98
CA ARG D 2716 -54.34 28.15 -11.76
C ARG D 2716 -54.92 27.46 -10.53
N ASN D 2717 -55.98 26.67 -10.70
CA ASN D 2717 -56.62 25.91 -9.63
C ASN D 2717 -55.68 24.92 -8.92
N GLN D 2718 -54.59 24.49 -9.56
CA GLN D 2718 -53.55 23.67 -8.92
C GLN D 2718 -52.78 24.47 -7.86
N PHE D 2719 -52.40 25.71 -8.19
CA PHE D 2719 -51.72 26.59 -7.25
C PHE D 2719 -52.69 27.09 -6.16
N GLU D 2720 -53.96 27.36 -6.48
CA GLU D 2720 -54.98 27.69 -5.47
C GLU D 2720 -55.14 26.56 -4.47
N LEU D 2721 -55.29 25.32 -4.94
CA LEU D 2721 -55.42 24.14 -4.10
C LEU D 2721 -54.17 23.95 -3.21
N MET D 2722 -52.98 24.13 -3.78
CA MET D 2722 -51.72 24.09 -3.04
C MET D 2722 -51.62 25.21 -1.99
N TYR D 2723 -51.93 26.45 -2.34
CA TYR D 2723 -51.91 27.59 -1.42
C TYR D 2723 -52.84 27.37 -0.24
N VAL D 2724 -54.08 26.93 -0.49
CA VAL D 2724 -55.05 26.62 0.57
C VAL D 2724 -54.55 25.48 1.44
N THR D 2725 -54.07 24.39 0.84
CA THR D 2725 -53.55 23.23 1.57
C THR D 2725 -52.39 23.60 2.49
N LEU D 2726 -51.43 24.36 1.98
CA LEU D 2726 -50.25 24.74 2.76
C LEU D 2726 -50.60 25.75 3.85
N THR D 2727 -51.48 26.71 3.60
CA THR D 2727 -51.88 27.68 4.63
C THR D 2727 -52.77 27.07 5.70
N GLU D 2728 -53.53 26.01 5.39
CA GLU D 2728 -54.12 25.15 6.43
C GLU D 2728 -53.04 24.39 7.19
N LEU D 2729 -52.12 23.72 6.50
CA LEU D 2729 -51.05 22.94 7.14
C LEU D 2729 -50.22 23.79 8.10
N ARG D 2730 -50.02 25.08 7.77
CA ARG D 2730 -49.30 26.06 8.58
C ARG D 2730 -49.94 26.31 9.95
N ARG D 2731 -51.28 26.31 10.04
CA ARG D 2731 -52.01 26.41 11.33
C ARG D 2731 -52.30 25.06 11.99
N VAL D 2732 -52.31 23.97 11.22
CA VAL D 2732 -52.46 22.61 11.74
C VAL D 2732 -51.17 22.11 12.42
N HIS D 2733 -50.01 22.29 11.78
CA HIS D 2733 -48.73 21.73 12.24
C HIS D 2733 -48.10 22.54 13.38
N PRO D 2734 -47.34 21.94 14.32
CA PRO D 2734 -46.73 22.65 15.44
C PRO D 2734 -45.90 23.88 15.06
N SER D 2735 -45.95 24.92 15.89
CA SER D 2735 -45.20 26.18 15.70
C SER D 2735 -43.69 26.06 15.97
N GLU D 2736 -43.24 24.97 16.59
CA GLU D 2736 -41.83 24.69 16.91
C GLU D 2736 -41.08 23.93 15.80
N ASP D 2737 -41.67 23.81 14.60
CA ASP D 2737 -41.15 23.01 13.51
C ASP D 2737 -39.85 23.56 12.88
N GLU D 2738 -39.16 22.70 12.12
CA GLU D 2738 -37.87 22.99 11.50
C GLU D 2738 -37.77 22.33 10.12
N ILE D 2739 -37.90 21.00 10.07
CA ILE D 2739 -37.72 20.22 8.84
C ILE D 2739 -38.87 20.42 7.84
N LEU D 2740 -40.06 20.84 8.29
CA LEU D 2740 -41.16 21.21 7.39
C LEU D 2740 -41.02 22.65 6.86
N ALA D 2741 -40.65 23.60 7.71
CA ALA D 2741 -40.67 25.03 7.40
C ALA D 2741 -39.84 25.37 6.16
N GLN D 2742 -38.70 24.72 6.01
CA GLN D 2742 -37.80 24.87 4.87
C GLN D 2742 -38.44 24.50 3.51
N TYR D 2743 -39.45 23.63 3.49
CA TYR D 2743 -40.25 23.35 2.28
C TYR D 2743 -41.54 24.20 2.25
N LEU D 2744 -42.20 24.37 3.40
CA LEU D 2744 -43.48 25.07 3.51
C LEU D 2744 -43.39 26.54 3.09
N VAL D 2745 -42.34 27.26 3.48
CA VAL D 2745 -42.16 28.67 3.13
C VAL D 2745 -41.99 28.89 1.62
N PRO D 2746 -41.01 28.28 0.93
CA PRO D 2746 -40.87 28.47 -0.51
C PRO D 2746 -42.03 27.90 -1.32
N ALA D 2747 -42.68 26.81 -0.87
CA ALA D 2747 -43.85 26.28 -1.57
C ALA D 2747 -45.04 27.24 -1.48
N THR D 2748 -45.28 27.81 -0.29
CA THR D 2748 -46.33 28.83 -0.09
C THR D 2748 -46.04 30.09 -0.90
N CYS D 2749 -44.80 30.57 -0.90
CA CYS D 2749 -44.43 31.76 -1.67
C CYS D 2749 -44.53 31.53 -3.18
N LYS D 2750 -44.11 30.37 -3.68
CA LYS D 2750 -44.27 29.99 -5.08
C LYS D 2750 -45.74 29.96 -5.48
N ALA D 2751 -46.61 29.36 -4.66
CA ALA D 2751 -48.05 29.35 -4.90
C ALA D 2751 -48.60 30.78 -4.89
N ALA D 2752 -48.33 31.54 -3.83
CA ALA D 2752 -48.75 32.93 -3.68
C ALA D 2752 -48.29 33.83 -4.82
N ALA D 2753 -47.06 33.65 -5.30
CA ALA D 2753 -46.51 34.40 -6.39
C ALA D 2753 -47.24 34.07 -7.69
N VAL D 2754 -47.52 32.81 -8.00
CA VAL D 2754 -48.33 32.47 -9.18
C VAL D 2754 -49.75 33.03 -9.05
N LEU D 2755 -50.30 33.12 -7.84
CA LEU D 2755 -51.60 33.75 -7.55
C LEU D 2755 -51.57 35.30 -7.54
N GLY D 2756 -50.41 35.95 -7.71
CA GLY D 2756 -50.30 37.36 -8.04
C GLY D 2756 -50.18 38.35 -6.87
N MET D 2757 -50.06 37.89 -5.62
CA MET D 2757 -49.83 38.76 -4.46
C MET D 2757 -50.87 39.90 -4.29
N ASP D 2758 -52.16 39.63 -4.56
CA ASP D 2758 -53.27 40.48 -4.11
C ASP D 2758 -53.34 40.56 -2.58
N LYS D 2759 -54.00 41.56 -1.98
CA LYS D 2759 -54.13 41.66 -0.51
C LYS D 2759 -54.76 40.44 0.16
N ALA D 2760 -55.57 39.67 -0.56
CA ALA D 2760 -56.12 38.39 -0.10
C ALA D 2760 -55.06 37.31 0.20
N VAL D 2761 -53.82 37.47 -0.30
CA VAL D 2761 -52.70 36.54 -0.13
C VAL D 2761 -51.43 37.22 0.38
N ALA D 2762 -51.17 38.48 0.02
CA ALA D 2762 -49.91 39.15 0.33
C ALA D 2762 -49.60 39.26 1.83
N GLU D 2763 -50.51 39.75 2.68
CA GLU D 2763 -50.23 39.92 4.12
C GLU D 2763 -49.90 38.60 4.85
N PRO D 2764 -50.65 37.49 4.67
CA PRO D 2764 -50.23 36.17 5.13
C PRO D 2764 -48.80 35.77 4.70
N VAL D 2765 -48.43 36.03 3.45
CA VAL D 2765 -47.14 35.62 2.86
C VAL D 2765 -45.99 36.49 3.36
N SER D 2766 -46.18 37.80 3.47
CA SER D 2766 -45.19 38.72 4.02
C SER D 2766 -44.88 38.36 5.47
N ARG D 2767 -45.91 38.07 6.28
CA ARG D 2767 -45.73 37.69 7.69
C ARG D 2767 -44.97 36.38 7.86
N LEU D 2768 -45.16 35.42 6.97
CA LEU D 2768 -44.41 34.16 6.94
C LEU D 2768 -42.94 34.37 6.52
N LEU D 2769 -42.70 35.13 5.44
CA LEU D 2769 -41.35 35.46 4.99
C LEU D 2769 -40.56 36.24 6.04
N GLU D 2770 -41.11 37.35 6.54
CA GLU D 2770 -40.45 38.21 7.53
C GLU D 2770 -40.05 37.44 8.80
N SER D 2771 -40.97 36.63 9.34
CA SER D 2771 -40.69 35.84 10.55
C SER D 2771 -39.70 34.72 10.30
N THR D 2772 -39.73 34.05 9.14
CA THR D 2772 -38.82 32.91 8.90
C THR D 2772 -37.40 33.32 8.52
N LEU D 2773 -37.14 34.58 8.14
CA LEU D 2773 -35.77 35.11 8.05
C LEU D 2773 -35.04 35.08 9.41
N ARG D 2774 -35.74 35.00 10.54
CA ARG D 2774 -35.15 34.85 11.89
C ARG D 2774 -34.84 33.41 12.30
N SER D 2775 -35.20 32.42 11.49
CA SER D 2775 -35.07 31.00 11.86
C SER D 2775 -33.60 30.58 12.04
N SER D 2776 -33.31 29.84 13.10
CA SER D 2776 -31.95 29.38 13.41
C SER D 2776 -31.41 28.39 12.38
N HIS D 2777 -32.27 27.50 11.87
CA HIS D 2777 -31.96 26.53 10.81
C HIS D 2777 -31.57 27.25 9.51
N LEU D 2778 -30.35 27.07 9.01
CA LEU D 2778 -29.90 27.79 7.82
C LEU D 2778 -30.71 27.46 6.56
N PRO D 2779 -31.10 26.19 6.29
CA PRO D 2779 -32.00 25.90 5.17
C PRO D 2779 -33.35 26.63 5.23
N SER D 2780 -33.89 26.91 6.42
CA SER D 2780 -35.14 27.68 6.53
C SER D 2780 -34.97 29.14 6.11
N ARG D 2781 -33.80 29.74 6.38
CA ARG D 2781 -33.42 31.06 5.83
C ARG D 2781 -33.23 31.01 4.32
N VAL D 2782 -32.47 30.04 3.80
CA VAL D 2782 -32.26 29.89 2.34
C VAL D 2782 -33.59 29.65 1.60
N GLY D 2783 -34.50 28.86 2.18
CA GLY D 2783 -35.85 28.67 1.69
C GLY D 2783 -36.68 29.95 1.71
N ALA D 2784 -36.59 30.75 2.78
CA ALA D 2784 -37.22 32.06 2.82
C ALA D 2784 -36.71 32.99 1.72
N LEU D 2785 -35.40 32.97 1.43
CA LEU D 2785 -34.80 33.78 0.37
C LEU D 2785 -35.23 33.34 -1.03
N HIS D 2786 -35.39 32.05 -1.30
CA HIS D 2786 -36.06 31.60 -2.53
C HIS D 2786 -37.55 31.97 -2.57
N GLY D 2787 -38.24 31.95 -1.44
CA GLY D 2787 -39.60 32.49 -1.34
C GLY D 2787 -39.67 33.96 -1.75
N ILE D 2788 -38.80 34.80 -1.19
CA ILE D 2788 -38.62 36.20 -1.57
C ILE D 2788 -38.36 36.34 -3.08
N LEU D 2789 -37.43 35.58 -3.65
CA LEU D 2789 -37.15 35.63 -5.10
C LEU D 2789 -38.37 35.28 -5.96
N TYR D 2790 -39.25 34.38 -5.52
CA TYR D 2790 -40.52 34.14 -6.21
C TYR D 2790 -41.48 35.35 -6.09
N VAL D 2791 -41.75 35.85 -4.88
CA VAL D 2791 -42.73 36.95 -4.72
C VAL D 2791 -42.27 38.26 -5.35
N LEU D 2792 -40.96 38.54 -5.43
CA LEU D 2792 -40.44 39.73 -6.11
C LEU D 2792 -40.66 39.76 -7.62
N GLU D 2793 -41.00 38.65 -8.28
CA GLU D 2793 -41.41 38.67 -9.69
C GLU D 2793 -42.79 39.32 -9.91
N CYS D 2794 -43.60 39.47 -8.86
CA CYS D 2794 -44.95 40.01 -8.95
C CYS D 2794 -44.97 41.53 -9.14
N ASP D 2795 -46.03 42.03 -9.76
CA ASP D 2795 -46.39 43.46 -9.74
C ASP D 2795 -47.00 43.80 -8.37
N LEU D 2796 -46.17 43.82 -7.32
CA LEU D 2796 -46.60 44.05 -5.93
C LEU D 2796 -47.41 45.35 -5.76
N LEU D 2797 -48.37 45.30 -4.85
CA LEU D 2797 -49.12 46.47 -4.37
C LEU D 2797 -48.23 47.33 -3.46
N ASP D 2798 -48.40 48.66 -3.52
CA ASP D 2798 -47.52 49.62 -2.84
C ASP D 2798 -47.43 49.38 -1.33
N ASP D 2799 -48.54 48.98 -0.70
CA ASP D 2799 -48.62 48.73 0.74
C ASP D 2799 -47.84 47.48 1.18
N THR D 2800 -47.57 46.56 0.25
CA THR D 2800 -46.64 45.44 0.47
C THR D 2800 -45.21 45.87 0.18
N ALA D 2801 -44.96 46.55 -0.95
CA ALA D 2801 -43.62 46.98 -1.33
C ALA D 2801 -42.97 47.93 -0.30
N LYS D 2802 -43.74 48.87 0.29
CA LYS D 2802 -43.24 49.81 1.31
C LYS D 2802 -42.93 49.19 2.68
N GLN D 2803 -43.17 47.89 2.86
CA GLN D 2803 -43.03 47.19 4.14
C GLN D 2803 -42.14 45.95 4.03
N LEU D 2804 -42.33 45.14 2.98
CA LEU D 2804 -41.54 43.93 2.69
C LEU D 2804 -40.10 44.25 2.21
N ILE D 2805 -39.92 45.18 1.26
CA ILE D 2805 -38.60 45.52 0.70
C ILE D 2805 -37.60 46.03 1.78
N PRO D 2806 -37.97 46.93 2.71
CA PRO D 2806 -37.13 47.30 3.85
C PRO D 2806 -36.66 46.15 4.74
N VAL D 2807 -37.46 45.10 4.92
CA VAL D 2807 -37.06 43.94 5.73
C VAL D 2807 -36.01 43.12 5.01
N ILE D 2808 -36.17 42.91 3.70
CA ILE D 2808 -35.19 42.18 2.90
C ILE D 2808 -33.86 42.94 2.87
N SER D 2809 -33.86 44.25 2.61
CA SER D 2809 -32.62 45.01 2.48
C SER D 2809 -31.84 45.07 3.80
N ASP D 2810 -32.50 45.21 4.96
CA ASP D 2810 -31.84 45.11 6.26
C ASP D 2810 -31.27 43.71 6.54
N TYR D 2811 -31.98 42.65 6.18
CA TYR D 2811 -31.46 41.29 6.31
C TYR D 2811 -30.22 41.06 5.41
N LEU D 2812 -30.23 41.55 4.18
CA LEU D 2812 -29.09 41.43 3.27
C LEU D 2812 -27.87 42.22 3.74
N LEU D 2813 -28.02 43.50 4.06
CA LEU D 2813 -26.93 44.33 4.56
C LEU D 2813 -26.35 43.80 5.88
N SER D 2814 -27.16 43.18 6.73
CA SER D 2814 -26.69 42.59 7.99
C SER D 2814 -25.82 41.36 7.79
N ASN D 2815 -26.23 40.41 6.94
CA ASN D 2815 -25.54 39.12 6.79
C ASN D 2815 -24.43 39.12 5.72
N LEU D 2816 -24.47 39.96 4.67
CA LEU D 2816 -23.36 40.06 3.70
C LEU D 2816 -22.18 40.89 4.22
N LYS D 2817 -22.44 42.07 4.83
CA LYS D 2817 -21.38 43.02 5.26
C LYS D 2817 -20.41 42.41 6.27
N GLY D 2818 -20.88 41.45 7.09
CA GLY D 2818 -20.07 40.74 8.06
C GLY D 2818 -19.15 39.69 7.44
N ILE D 2819 -19.67 38.86 6.54
CA ILE D 2819 -18.97 37.68 6.00
C ILE D 2819 -18.06 37.98 4.80
N ALA D 2820 -18.23 39.10 4.10
CA ALA D 2820 -17.60 39.34 2.79
C ALA D 2820 -16.06 39.19 2.75
N HIS D 2821 -15.35 39.46 3.85
CA HIS D 2821 -13.89 39.35 3.90
C HIS D 2821 -13.35 37.90 4.00
N CYS D 2822 -14.22 36.92 4.29
CA CYS D 2822 -13.81 35.55 4.67
C CYS D 2822 -14.85 34.48 4.24
N VAL D 2823 -15.44 34.65 3.06
CA VAL D 2823 -16.57 33.86 2.54
C VAL D 2823 -16.44 32.34 2.76
N ASN D 2824 -15.25 31.74 2.60
CA ASN D 2824 -15.06 30.28 2.70
C ASN D 2824 -15.35 29.68 4.09
N ILE D 2825 -15.45 30.50 5.15
CA ILE D 2825 -15.87 30.09 6.49
C ILE D 2825 -17.40 29.83 6.55
N HIS D 2826 -18.16 30.25 5.52
CA HIS D 2826 -19.62 30.33 5.51
C HIS D 2826 -20.23 29.45 4.40
N SER D 2827 -21.48 29.02 4.55
CA SER D 2827 -22.12 28.12 3.59
C SER D 2827 -22.31 28.77 2.22
N GLN D 2828 -21.88 28.10 1.15
CA GLN D 2828 -21.86 28.69 -0.20
C GLN D 2828 -23.26 29.05 -0.70
N GLN D 2829 -24.25 28.18 -0.53
CA GLN D 2829 -25.62 28.44 -1.00
C GLN D 2829 -26.26 29.66 -0.30
N HIS D 2830 -25.90 29.94 0.96
CA HIS D 2830 -26.36 31.15 1.65
C HIS D 2830 -25.83 32.44 1.01
N VAL D 2831 -24.52 32.52 0.72
CA VAL D 2831 -23.94 33.70 0.04
C VAL D 2831 -24.47 33.86 -1.39
N LEU D 2832 -24.58 32.76 -2.14
CA LEU D 2832 -25.08 32.78 -3.51
C LEU D 2832 -26.54 33.22 -3.60
N VAL D 2833 -27.43 32.77 -2.72
CA VAL D 2833 -28.84 33.20 -2.76
C VAL D 2833 -28.99 34.65 -2.31
N MET D 2834 -28.21 35.11 -1.33
CA MET D 2834 -28.23 36.50 -0.88
C MET D 2834 -27.79 37.49 -1.95
N CYS D 2835 -26.74 37.16 -2.70
CA CYS D 2835 -26.33 37.95 -3.86
C CYS D 2835 -27.45 38.02 -4.91
N ALA D 2836 -28.05 36.88 -5.26
CA ALA D 2836 -29.11 36.85 -6.25
C ALA D 2836 -30.31 37.74 -5.88
N THR D 2837 -30.75 37.72 -4.61
CA THR D 2837 -31.76 38.69 -4.13
C THR D 2837 -31.30 40.12 -4.31
N ALA D 2838 -30.08 40.48 -3.90
CA ALA D 2838 -29.60 41.86 -4.02
C ALA D 2838 -29.59 42.34 -5.47
N PHE D 2839 -29.12 41.52 -6.41
CA PHE D 2839 -29.07 41.90 -7.82
C PHE D 2839 -30.47 42.09 -8.42
N TYR D 2840 -31.43 41.21 -8.09
CA TYR D 2840 -32.81 41.37 -8.54
C TYR D 2840 -33.48 42.62 -7.93
N LEU D 2841 -33.22 42.94 -6.66
CA LEU D 2841 -33.69 44.18 -6.03
C LEU D 2841 -33.12 45.44 -6.69
N ILE D 2842 -31.81 45.49 -6.96
CA ILE D 2842 -31.18 46.67 -7.55
C ILE D 2842 -31.66 46.90 -8.99
N GLU D 2843 -31.82 45.85 -9.78
CA GLU D 2843 -32.28 45.96 -11.16
C GLU D 2843 -33.76 46.33 -11.26
N ASN D 2844 -34.65 45.70 -10.48
CA ASN D 2844 -36.10 45.75 -10.68
C ASN D 2844 -36.85 46.64 -9.68
N TYR D 2845 -36.23 46.97 -8.56
CA TYR D 2845 -36.76 47.83 -7.49
C TYR D 2845 -35.79 48.99 -7.14
N PRO D 2846 -35.30 49.76 -8.13
CA PRO D 2846 -34.21 50.73 -7.92
C PRO D 2846 -34.64 51.97 -7.13
N LEU D 2847 -35.91 52.38 -7.26
CA LEU D 2847 -36.45 53.53 -6.53
C LEU D 2847 -36.90 53.16 -5.11
N ASP D 2848 -37.31 51.92 -4.90
CA ASP D 2848 -37.91 51.45 -3.64
C ASP D 2848 -36.87 51.02 -2.60
N VAL D 2849 -35.71 50.51 -3.02
CA VAL D 2849 -34.66 50.05 -2.11
C VAL D 2849 -33.84 51.23 -1.57
N GLY D 2850 -33.32 51.14 -0.34
CA GLY D 2850 -32.77 52.27 0.41
C GLY D 2850 -31.55 52.93 -0.25
N PRO D 2851 -31.28 54.24 -0.01
CA PRO D 2851 -30.16 54.97 -0.64
C PRO D 2851 -28.75 54.37 -0.42
N GLU D 2852 -28.50 53.72 0.73
CA GLU D 2852 -27.22 53.02 0.98
C GLU D 2852 -27.09 51.73 0.16
N PHE D 2853 -28.21 51.09 -0.17
CA PHE D 2853 -28.25 49.95 -1.09
C PHE D 2853 -27.82 50.37 -2.50
N SER D 2854 -27.56 49.40 -3.37
CA SER D 2854 -26.74 49.56 -4.58
C SER D 2854 -25.28 49.85 -4.23
N ALA D 2855 -24.95 51.05 -3.74
CA ALA D 2855 -23.58 51.41 -3.35
C ALA D 2855 -22.94 50.42 -2.36
N SER D 2856 -23.63 50.09 -1.27
CA SER D 2856 -23.09 49.22 -0.23
C SER D 2856 -22.91 47.78 -0.69
N ILE D 2857 -23.85 47.26 -1.50
CA ILE D 2857 -23.77 45.95 -2.14
C ILE D 2857 -22.57 45.88 -3.07
N ILE D 2858 -22.40 46.88 -3.94
CA ILE D 2858 -21.26 46.97 -4.85
C ILE D 2858 -19.93 47.00 -4.09
N GLN D 2859 -19.85 47.72 -2.96
CA GLN D 2859 -18.67 47.72 -2.11
C GLN D 2859 -18.38 46.33 -1.52
N MET D 2860 -19.35 45.67 -0.88
CA MET D 2860 -19.11 44.38 -0.24
C MET D 2860 -18.99 43.21 -1.22
N CYS D 2861 -19.56 43.29 -2.43
CA CYS D 2861 -19.18 42.41 -3.53
C CYS D 2861 -17.76 42.66 -4.02
N GLY D 2862 -17.31 43.91 -4.09
CA GLY D 2862 -15.91 44.26 -4.34
C GLY D 2862 -14.96 43.66 -3.29
N VAL D 2863 -15.33 43.67 -2.01
CA VAL D 2863 -14.58 43.01 -0.93
C VAL D 2863 -14.52 41.49 -1.09
N MET D 2864 -15.55 40.84 -1.65
CA MET D 2864 -15.45 39.43 -2.06
C MET D 2864 -14.49 39.24 -3.24
N LEU D 2865 -14.62 40.02 -4.31
CA LEU D 2865 -13.75 39.90 -5.48
C LEU D 2865 -12.28 40.20 -5.15
N SER D 2866 -12.00 41.16 -4.28
CA SER D 2866 -10.63 41.50 -3.83
C SER D 2866 -10.03 40.51 -2.81
N GLY D 2867 -10.73 39.44 -2.46
CA GLY D 2867 -10.20 38.34 -1.66
C GLY D 2867 -9.13 37.51 -2.39
N SER D 2868 -8.62 36.48 -1.72
CA SER D 2868 -7.64 35.54 -2.27
C SER D 2868 -8.33 34.33 -2.90
N GLU D 2869 -7.56 33.47 -3.57
CA GLU D 2869 -8.06 32.22 -4.12
C GLU D 2869 -8.62 31.29 -3.02
N GLU D 2870 -8.12 31.41 -1.79
CA GLU D 2870 -8.58 30.65 -0.63
C GLU D 2870 -9.76 31.31 0.09
N SER D 2871 -9.79 32.62 0.33
CA SER D 2871 -10.86 33.24 1.13
C SER D 2871 -12.18 33.43 0.38
N THR D 2872 -12.15 33.64 -0.94
CA THR D 2872 -13.32 33.71 -1.81
C THR D 2872 -13.31 32.54 -2.79
N PRO D 2873 -14.09 31.47 -2.56
CA PRO D 2873 -14.22 30.33 -3.49
C PRO D 2873 -14.54 30.73 -4.93
N SER D 2874 -14.10 29.93 -5.90
CA SER D 2874 -14.25 30.22 -7.32
C SER D 2874 -15.72 30.39 -7.76
N ILE D 2875 -16.64 29.54 -7.31
CA ILE D 2875 -18.06 29.65 -7.70
C ILE D 2875 -18.69 30.95 -7.20
N ILE D 2876 -18.29 31.44 -6.02
CA ILE D 2876 -18.80 32.71 -5.46
C ILE D 2876 -18.17 33.90 -6.15
N TYR D 2877 -16.88 33.82 -6.49
CA TYR D 2877 -16.20 34.80 -7.34
C TYR D 2877 -16.92 35.01 -8.67
N HIS D 2878 -17.22 33.95 -9.43
CA HIS D 2878 -17.94 34.05 -10.69
C HIS D 2878 -19.39 34.54 -10.52
N CYS D 2879 -20.11 34.10 -9.49
CA CYS D 2879 -21.45 34.59 -9.18
C CYS D 2879 -21.48 36.10 -8.95
N ALA D 2880 -20.67 36.59 -8.01
CA ALA D 2880 -20.63 37.99 -7.65
C ALA D 2880 -20.26 38.85 -8.86
N LEU D 2881 -19.26 38.43 -9.63
CA LEU D 2881 -18.81 39.14 -10.82
C LEU D 2881 -19.86 39.19 -11.93
N ARG D 2882 -20.47 38.05 -12.28
CA ARG D 2882 -21.48 37.94 -13.33
C ARG D 2882 -22.77 38.69 -12.96
N GLY D 2883 -23.08 38.78 -11.67
CA GLY D 2883 -24.15 39.60 -11.14
C GLY D 2883 -23.89 41.10 -11.32
N LEU D 2884 -22.75 41.61 -10.85
CA LEU D 2884 -22.32 42.99 -11.06
C LEU D 2884 -22.28 43.37 -12.54
N GLU D 2885 -21.79 42.47 -13.37
CA GLU D 2885 -21.72 42.65 -14.81
C GLU D 2885 -23.10 42.81 -15.46
N ARG D 2886 -24.11 42.08 -14.99
CA ARG D 2886 -25.49 42.30 -15.41
C ARG D 2886 -26.01 43.65 -14.92
N LEU D 2887 -25.78 44.03 -13.66
CA LEU D 2887 -26.25 45.31 -13.10
C LEU D 2887 -25.78 46.53 -13.90
N LEU D 2888 -24.65 46.45 -14.60
CA LEU D 2888 -24.10 47.57 -15.37
C LEU D 2888 -24.64 47.65 -16.80
N LEU D 2889 -25.02 46.51 -17.40
CA LEU D 2889 -25.68 46.47 -18.71
C LEU D 2889 -27.19 46.66 -18.60
N SER D 2890 -27.76 46.31 -17.45
CA SER D 2890 -28.98 46.96 -16.96
C SER D 2890 -28.68 48.46 -16.83
N GLU D 2891 -29.54 49.32 -17.34
CA GLU D 2891 -29.30 50.77 -17.33
C GLU D 2891 -29.52 51.42 -15.94
N GLN D 2892 -29.92 50.64 -14.93
CA GLN D 2892 -30.61 51.15 -13.74
C GLN D 2892 -29.70 51.65 -12.60
N LEU D 2893 -28.37 51.54 -12.71
CA LEU D 2893 -27.45 52.12 -11.72
C LEU D 2893 -27.46 53.67 -11.76
N SER D 2894 -27.29 54.32 -10.61
CA SER D 2894 -26.89 55.73 -10.54
C SER D 2894 -25.41 55.85 -10.91
N ARG D 2895 -24.98 56.94 -11.57
CA ARG D 2895 -23.63 57.00 -12.19
C ARG D 2895 -22.49 56.78 -11.19
N LEU D 2896 -22.63 57.25 -9.95
CA LEU D 2896 -21.63 57.02 -8.91
C LEU D 2896 -21.43 55.54 -8.57
N ASP D 2897 -22.48 54.72 -8.65
CA ASP D 2897 -22.39 53.26 -8.52
C ASP D 2897 -21.70 52.61 -9.73
N ALA D 2898 -22.08 53.02 -10.94
CA ALA D 2898 -21.49 52.52 -12.18
C ALA D 2898 -19.99 52.83 -12.29
N GLU D 2899 -19.58 54.07 -12.01
CA GLU D 2899 -18.17 54.50 -12.02
C GLU D 2899 -17.36 53.79 -10.92
N SER D 2900 -17.95 53.56 -9.74
CA SER D 2900 -17.33 52.76 -8.67
C SER D 2900 -17.05 51.32 -9.10
N LEU D 2901 -17.93 50.71 -9.91
CA LEU D 2901 -17.71 49.36 -10.44
C LEU D 2901 -16.56 49.30 -11.47
N VAL D 2902 -16.37 50.35 -12.29
CA VAL D 2902 -15.18 50.43 -13.16
C VAL D 2902 -13.89 50.45 -12.35
N LYS D 2903 -13.85 51.23 -11.26
CA LYS D 2903 -12.70 51.28 -10.34
C LYS D 2903 -12.41 49.91 -9.69
N LEU D 2904 -13.43 49.12 -9.38
CA LEU D 2904 -13.28 47.77 -8.85
C LEU D 2904 -12.78 46.74 -9.88
N SER D 2905 -12.98 46.97 -11.18
CA SER D 2905 -12.70 45.98 -12.22
C SER D 2905 -11.21 45.81 -12.52
N VAL D 2906 -10.48 46.92 -12.75
CA VAL D 2906 -9.09 46.88 -13.26
C VAL D 2906 -8.11 46.24 -12.26
N ASP D 2907 -8.34 46.43 -10.96
CA ASP D 2907 -7.55 45.82 -9.88
C ASP D 2907 -7.67 44.29 -9.79
N ARG D 2908 -8.62 43.67 -10.51
CA ARG D 2908 -8.83 42.21 -10.53
C ARG D 2908 -8.46 41.49 -11.81
N VAL D 2909 -8.07 42.22 -12.85
CA VAL D 2909 -7.43 41.64 -14.03
C VAL D 2909 -5.98 41.23 -13.72
N ASN D 2910 -5.27 42.01 -12.91
CA ASN D 2910 -3.87 41.75 -12.51
C ASN D 2910 -3.75 40.71 -11.38
N VAL D 2911 -4.13 39.45 -11.64
CA VAL D 2911 -4.06 38.33 -10.67
C VAL D 2911 -3.46 37.05 -11.27
N HIS D 2912 -3.14 36.09 -10.40
CA HIS D 2912 -2.45 34.84 -10.73
C HIS D 2912 -3.26 33.91 -11.65
N SER D 2913 -4.48 33.56 -11.23
CA SER D 2913 -5.29 32.48 -11.82
C SER D 2913 -5.90 32.88 -13.18
N PRO D 2914 -5.72 32.11 -14.27
CA PRO D 2914 -6.27 32.43 -15.58
C PRO D 2914 -7.78 32.69 -15.56
N HIS D 2915 -8.56 31.85 -14.87
CA HIS D 2915 -10.02 31.98 -14.85
C HIS D 2915 -10.53 33.19 -14.06
N ARG D 2916 -9.89 33.56 -12.95
CA ARG D 2916 -10.26 34.77 -12.19
C ARG D 2916 -9.96 36.05 -12.97
N ALA D 2917 -8.83 36.08 -13.69
CA ALA D 2917 -8.45 37.18 -14.55
C ALA D 2917 -9.32 37.27 -15.81
N MET D 2918 -9.62 36.16 -16.46
CA MET D 2918 -10.52 36.10 -17.61
C MET D 2918 -11.92 36.62 -17.31
N ALA D 2919 -12.47 36.29 -16.15
CA ALA D 2919 -13.73 36.87 -15.69
C ALA D 2919 -13.61 38.38 -15.46
N ALA D 2920 -12.58 38.85 -14.76
CA ALA D 2920 -12.36 40.28 -14.54
C ALA D 2920 -12.15 41.07 -15.83
N LEU D 2921 -11.61 40.44 -16.86
CA LEU D 2921 -11.53 41.01 -18.21
C LEU D 2921 -12.92 41.20 -18.82
N GLY D 2922 -13.82 40.21 -18.71
CA GLY D 2922 -15.21 40.36 -19.14
C GLY D 2922 -15.88 41.59 -18.51
N LEU D 2923 -15.72 41.75 -17.19
CA LEU D 2923 -16.24 42.91 -16.47
C LEU D 2923 -15.67 44.23 -16.99
N MET D 2924 -14.36 44.31 -17.20
CA MET D 2924 -13.72 45.50 -17.77
C MET D 2924 -14.28 45.83 -19.15
N LEU D 2925 -14.46 44.85 -20.03
CA LEU D 2925 -15.02 45.05 -21.36
C LEU D 2925 -16.44 45.63 -21.29
N THR D 2926 -17.33 45.06 -20.47
CA THR D 2926 -18.70 45.60 -20.35
C THR D 2926 -18.69 47.02 -19.81
N CYS D 2927 -17.77 47.37 -18.90
CA CYS D 2927 -17.60 48.74 -18.44
C CYS D 2927 -17.21 49.69 -19.57
N MET D 2928 -16.24 49.32 -20.38
CA MET D 2928 -15.74 50.18 -21.45
C MET D 2928 -16.74 50.37 -22.59
N TYR D 2929 -17.50 49.35 -22.99
CA TYR D 2929 -18.55 49.50 -24.00
C TYR D 2929 -19.86 50.11 -23.46
N THR D 2930 -20.09 50.11 -22.14
CA THR D 2930 -21.19 50.86 -21.49
C THR D 2930 -20.88 52.37 -21.39
N GLY D 2931 -19.60 52.75 -21.30
CA GLY D 2931 -19.17 54.15 -21.22
C GLY D 2931 -19.19 54.95 -22.54
N LYS D 2932 -19.41 54.31 -23.69
CA LYS D 2932 -19.59 54.98 -25.01
C LYS D 2932 -21.01 55.53 -25.19
N VAL D 2953 -9.40 62.13 -22.36
CA VAL D 2953 -9.57 61.16 -23.46
C VAL D 2953 -8.46 60.11 -23.51
N ILE D 2954 -7.35 60.33 -22.79
CA ILE D 2954 -6.21 59.41 -22.71
C ILE D 2954 -6.46 58.20 -21.78
N VAL D 2955 -7.51 58.21 -20.97
CA VAL D 2955 -7.77 57.17 -19.95
C VAL D 2955 -8.01 55.77 -20.54
N ALA D 2956 -8.46 55.68 -21.79
CA ALA D 2956 -8.53 54.41 -22.51
C ALA D 2956 -7.15 53.75 -22.69
N MET D 2957 -6.08 54.54 -22.81
CA MET D 2957 -4.71 54.05 -22.97
C MET D 2957 -4.22 53.30 -21.71
N GLU D 2958 -4.63 53.74 -20.53
CA GLU D 2958 -4.38 53.02 -19.27
C GLU D 2958 -5.12 51.68 -19.22
N ARG D 2959 -6.24 51.52 -19.96
CA ARG D 2959 -6.94 50.24 -20.13
C ARG D 2959 -6.27 49.33 -21.15
N VAL D 2960 -5.84 49.86 -22.30
CA VAL D 2960 -5.21 49.02 -23.33
C VAL D 2960 -3.88 48.45 -22.84
N SER D 2961 -3.13 49.19 -22.02
CA SER D 2961 -1.88 48.69 -21.46
C SER D 2961 -2.09 47.56 -20.45
N VAL D 2962 -3.27 47.42 -19.85
CA VAL D 2962 -3.64 46.21 -19.09
C VAL D 2962 -3.81 45.01 -20.02
N LEU D 2963 -4.41 45.16 -21.21
CA LEU D 2963 -4.51 44.04 -22.15
C LEU D 2963 -3.13 43.58 -22.64
N PHE D 2964 -2.26 44.50 -23.02
CA PHE D 2964 -0.90 44.14 -23.41
C PHE D 2964 -0.09 43.50 -22.27
N ASP D 2965 -0.21 43.98 -21.04
CA ASP D 2965 0.37 43.33 -19.88
C ASP D 2965 -0.15 41.90 -19.67
N ARG D 2966 -1.44 41.63 -19.88
CA ARG D 2966 -1.97 40.27 -19.75
C ARG D 2966 -1.53 39.34 -20.89
N ILE D 2967 -1.23 39.82 -22.08
CA ILE D 2967 -0.50 39.00 -23.06
C ILE D 2967 0.92 38.72 -22.54
N ARG D 2968 1.64 39.68 -21.97
CA ARG D 2968 3.01 39.44 -21.47
C ARG D 2968 3.12 38.55 -20.24
N LYS D 2969 2.19 38.59 -19.30
CA LYS D 2969 2.32 37.89 -18.01
C LYS D 2969 1.29 36.78 -17.76
N GLY D 2970 0.32 36.60 -18.64
CA GLY D 2970 -0.64 35.52 -18.57
C GLY D 2970 -0.11 34.19 -19.11
N PHE D 2971 -0.67 33.08 -18.63
CA PHE D 2971 -0.48 31.76 -19.23
C PHE D 2971 -0.96 31.74 -20.69
N PRO D 2972 -0.47 30.81 -21.53
CA PRO D 2972 -0.83 30.76 -22.94
C PRO D 2972 -2.35 30.74 -23.17
N CYS D 2973 -3.10 30.01 -22.34
CA CYS D 2973 -4.56 29.91 -22.42
C CYS D 2973 -5.29 31.22 -22.10
N GLU D 2974 -4.68 32.15 -21.35
CA GLU D 2974 -5.19 33.51 -21.21
C GLU D 2974 -4.68 34.40 -22.35
N ALA D 2975 -3.38 34.41 -22.60
CA ALA D 2975 -2.76 35.33 -23.54
C ALA D 2975 -3.29 35.16 -24.97
N ARG D 2976 -3.57 33.94 -25.41
CA ARG D 2976 -4.16 33.65 -26.72
C ARG D 2976 -5.58 34.19 -26.87
N VAL D 2977 -6.32 34.29 -25.76
CA VAL D 2977 -7.67 34.87 -25.72
C VAL D 2977 -7.58 36.39 -25.70
N VAL D 2978 -6.71 36.98 -24.88
CA VAL D 2978 -6.48 38.43 -24.87
C VAL D 2978 -6.02 38.92 -26.25
N ALA D 2979 -5.17 38.17 -26.94
CA ALA D 2979 -4.73 38.48 -28.30
C ALA D 2979 -5.83 38.35 -29.38
N ARG D 2980 -6.89 37.55 -29.17
CA ARG D 2980 -8.00 37.43 -30.13
C ARG D 2980 -8.99 38.59 -30.04
N ILE D 2981 -9.23 39.12 -28.84
CA ILE D 2981 -10.11 40.28 -28.64
C ILE D 2981 -9.43 41.62 -28.95
N LEU D 2982 -8.10 41.71 -28.85
CA LEU D 2982 -7.35 42.95 -28.90
C LEU D 2982 -7.54 43.77 -30.20
N PRO D 2983 -7.50 43.20 -31.42
CA PRO D 2983 -7.78 43.96 -32.64
C PRO D 2983 -9.10 44.74 -32.64
N GLN D 2984 -10.19 44.18 -32.11
CA GLN D 2984 -11.47 44.88 -32.07
C GLN D 2984 -11.50 45.97 -30.99
N PHE D 2985 -10.95 45.69 -29.81
CA PHE D 2985 -10.80 46.69 -28.75
C PHE D 2985 -9.99 47.91 -29.21
N LEU D 2986 -8.89 47.70 -29.96
CA LEU D 2986 -8.12 48.78 -30.55
C LEU D 2986 -8.97 49.60 -31.54
N ASP D 2987 -9.62 48.93 -32.49
CA ASP D 2987 -10.46 49.55 -33.53
C ASP D 2987 -11.69 50.30 -32.98
N ASP D 2988 -12.26 49.86 -31.85
CA ASP D 2988 -13.42 50.48 -31.22
C ASP D 2988 -13.10 51.68 -30.32
N PHE D 2989 -11.95 51.72 -29.63
CA PHE D 2989 -11.62 52.78 -28.67
C PHE D 2989 -10.59 53.82 -29.14
N PHE D 2990 -9.79 53.57 -30.18
CA PHE D 2990 -8.68 54.45 -30.57
C PHE D 2990 -8.67 54.77 -32.08
N PRO D 2991 -8.22 55.96 -32.50
CA PRO D 2991 -7.64 56.16 -33.83
C PRO D 2991 -6.39 55.28 -33.99
N PRO D 2992 -6.17 54.63 -35.14
CA PRO D 2992 -5.04 53.71 -35.31
C PRO D 2992 -3.68 54.30 -34.93
N GLN D 2993 -3.45 55.58 -35.24
CA GLN D 2993 -2.19 56.27 -35.01
C GLN D 2993 -1.79 56.30 -33.53
N ASP D 2994 -2.76 56.30 -32.63
CA ASP D 2994 -2.50 56.39 -31.19
C ASP D 2994 -2.01 55.06 -30.58
N ILE D 2995 -2.18 53.94 -31.29
CA ILE D 2995 -1.83 52.60 -30.81
C ILE D 2995 -0.89 51.83 -31.73
N MET D 2996 -0.65 52.29 -32.97
CA MET D 2996 0.24 51.68 -33.95
C MET D 2996 1.69 51.55 -33.45
N ASN D 2997 2.16 52.54 -32.68
CA ASN D 2997 3.43 52.49 -31.96
C ASN D 2997 3.49 51.33 -30.97
N LYS D 2998 2.43 51.13 -30.17
CA LYS D 2998 2.38 50.10 -29.14
C LYS D 2998 2.26 48.70 -29.75
N VAL D 2999 1.43 48.52 -30.77
CA VAL D 2999 1.21 47.22 -31.43
C VAL D 2999 2.52 46.64 -31.96
N ILE D 3000 3.33 47.46 -32.64
CA ILE D 3000 4.59 46.99 -33.23
C ILE D 3000 5.66 46.80 -32.15
N GLY D 3001 5.71 47.67 -31.13
CA GLY D 3001 6.65 47.54 -30.03
C GLY D 3001 6.43 46.30 -29.16
N GLU D 3002 5.18 45.95 -28.89
CA GLU D 3002 4.81 44.75 -28.14
C GLU D 3002 5.00 43.45 -28.95
N PHE D 3003 5.10 43.50 -30.28
CA PHE D 3003 5.56 42.38 -31.12
C PHE D 3003 7.09 42.24 -31.14
N LEU D 3004 7.82 43.35 -31.09
CA LEU D 3004 9.30 43.34 -31.12
C LEU D 3004 9.98 43.12 -29.78
N SER D 3005 9.32 43.37 -28.67
CA SER D 3005 9.98 43.39 -27.36
C SER D 3005 10.59 42.03 -26.99
N ASN D 3006 11.82 42.03 -26.48
CA ASN D 3006 12.43 40.82 -25.93
C ASN D 3006 11.68 40.31 -24.69
N GLN D 3007 10.88 41.15 -24.03
CA GLN D 3007 9.98 40.79 -22.93
C GLN D 3007 8.60 40.28 -23.41
N GLN D 3008 8.39 40.03 -24.71
CA GLN D 3008 7.19 39.40 -25.27
C GLN D 3008 7.31 37.86 -25.31
N PRO D 3009 6.63 37.07 -24.44
CA PRO D 3009 6.72 35.61 -24.49
C PRO D 3009 6.02 34.96 -25.69
N TYR D 3010 5.08 35.67 -26.34
CA TYR D 3010 4.19 35.11 -27.35
C TYR D 3010 4.16 35.94 -28.64
N PRO D 3011 5.29 36.13 -29.33
CA PRO D 3011 5.29 36.92 -30.55
C PRO D 3011 4.39 36.33 -31.63
N GLN D 3012 4.17 35.02 -31.66
CA GLN D 3012 3.22 34.36 -32.57
C GLN D 3012 1.74 34.68 -32.27
N PHE D 3013 1.39 35.11 -31.06
CA PHE D 3013 0.06 35.66 -30.78
C PHE D 3013 -0.03 37.12 -31.23
N MET D 3014 1.01 37.91 -30.98
CA MET D 3014 1.10 39.30 -31.43
C MET D 3014 1.14 39.45 -32.96
N ALA D 3015 1.70 38.49 -33.70
CA ALA D 3015 1.72 38.53 -35.15
C ALA D 3015 0.32 38.69 -35.76
N THR D 3016 -0.68 37.98 -35.24
CA THR D 3016 -2.07 38.08 -35.70
C THR D 3016 -2.70 39.43 -35.33
N VAL D 3017 -2.30 40.06 -34.22
CA VAL D 3017 -2.72 41.43 -33.88
C VAL D 3017 -2.16 42.43 -34.89
N VAL D 3018 -0.86 42.39 -35.18
CA VAL D 3018 -0.23 43.27 -36.17
C VAL D 3018 -0.89 43.09 -37.53
N TYR D 3019 -1.16 41.84 -37.92
CA TYR D 3019 -1.89 41.51 -39.15
C TYR D 3019 -3.27 42.14 -39.20
N LYS D 3020 -4.11 41.93 -38.17
CA LYS D 3020 -5.48 42.46 -38.17
C LYS D 3020 -5.52 43.99 -38.10
N VAL D 3021 -4.58 44.64 -37.44
CA VAL D 3021 -4.46 46.11 -37.47
C VAL D 3021 -4.06 46.63 -38.86
N PHE D 3022 -3.07 46.05 -39.52
CA PHE D 3022 -2.67 46.47 -40.86
C PHE D 3022 -3.71 46.14 -41.94
N GLN D 3023 -4.35 44.97 -41.88
CA GLN D 3023 -5.40 44.62 -42.85
C GLN D 3023 -6.66 45.47 -42.65
N THR D 3024 -6.98 45.88 -41.44
CA THR D 3024 -8.01 46.91 -41.20
C THR D 3024 -7.67 48.23 -41.89
N LEU D 3025 -6.44 48.75 -41.75
CA LEU D 3025 -6.01 49.96 -42.47
C LEU D 3025 -6.10 49.82 -43.99
N HIS D 3026 -5.75 48.66 -44.56
CA HIS D 3026 -5.98 48.40 -45.99
C HIS D 3026 -7.47 48.31 -46.38
N SER D 3027 -8.36 47.79 -45.53
CA SER D 3027 -9.80 47.80 -45.82
C SER D 3027 -10.39 49.20 -45.81
N THR D 3028 -9.97 50.09 -44.91
CA THR D 3028 -10.45 51.48 -44.81
C THR D 3028 -9.73 52.43 -45.77
N GLY D 3029 -9.13 51.92 -46.86
CA GLY D 3029 -8.42 52.70 -47.89
C GLY D 3029 -7.16 53.43 -47.42
N GLN D 3030 -6.73 53.20 -46.18
CA GLN D 3030 -5.71 53.96 -45.46
C GLN D 3030 -4.30 53.37 -45.67
N SER D 3031 -4.05 52.84 -46.87
CA SER D 3031 -2.84 52.10 -47.25
C SER D 3031 -1.53 52.88 -47.10
N SER D 3032 -1.54 54.22 -47.19
CA SER D 3032 -0.36 55.06 -47.00
C SER D 3032 0.21 54.94 -45.58
N MET D 3033 -0.63 54.78 -44.56
CA MET D 3033 -0.18 54.60 -43.18
C MET D 3033 0.60 53.29 -43.00
N VAL D 3034 0.34 52.27 -43.81
CA VAL D 3034 1.12 51.03 -43.81
C VAL D 3034 2.48 51.20 -44.47
N ARG D 3035 2.59 51.93 -45.59
CA ARG D 3035 3.91 52.30 -46.17
C ARG D 3035 4.78 53.00 -45.13
N ASP D 3036 4.20 53.99 -44.46
CA ASP D 3036 4.88 54.75 -43.42
C ASP D 3036 5.35 53.87 -42.27
N TRP D 3037 4.46 53.19 -41.56
CA TRP D 3037 4.83 52.45 -40.35
C TRP D 3037 5.71 51.23 -40.60
N VAL D 3038 5.66 50.61 -41.79
CA VAL D 3038 6.65 49.58 -42.15
C VAL D 3038 8.05 50.18 -42.24
N MET D 3039 8.22 51.22 -43.06
CA MET D 3039 9.53 51.83 -43.25
C MET D 3039 10.06 52.57 -42.02
N LEU D 3040 9.19 53.20 -41.23
CA LEU D 3040 9.57 53.84 -39.98
C LEU D 3040 10.10 52.84 -38.93
N SER D 3041 9.85 51.54 -39.08
CA SER D 3041 10.19 50.54 -38.06
C SER D 3041 11.12 49.42 -38.54
N LEU D 3042 11.39 49.31 -39.83
CA LEU D 3042 12.25 48.27 -40.43
C LEU D 3042 13.63 48.09 -39.75
N SER D 3043 14.26 49.17 -39.29
CA SER D 3043 15.54 49.12 -38.57
C SER D 3043 15.42 48.60 -37.13
N ASN D 3044 14.25 48.66 -36.49
CA ASN D 3044 14.01 47.97 -35.22
C ASN D 3044 13.93 46.44 -35.43
N PHE D 3045 13.39 45.99 -36.56
CA PHE D 3045 13.28 44.57 -36.88
C PHE D 3045 14.63 43.93 -37.16
N THR D 3046 15.54 44.59 -37.87
CA THR D 3046 16.90 44.06 -38.11
C THR D 3046 17.78 44.03 -36.86
N GLN D 3047 17.35 44.65 -35.76
CA GLN D 3047 17.96 44.57 -34.42
C GLN D 3047 17.39 43.44 -33.52
N ARG D 3048 16.55 42.52 -34.02
CA ARG D 3048 16.17 41.29 -33.30
C ARG D 3048 17.43 40.42 -33.07
N ALA D 3049 17.58 39.86 -31.87
CA ALA D 3049 18.86 39.26 -31.47
C ALA D 3049 19.23 37.95 -32.21
N PRO D 3050 18.44 36.87 -32.19
CA PRO D 3050 18.69 35.71 -33.05
C PRO D 3050 18.30 36.01 -34.51
N VAL D 3051 19.10 35.59 -35.48
CA VAL D 3051 18.83 35.80 -36.92
C VAL D 3051 17.60 35.03 -37.41
N ALA D 3052 17.28 33.88 -36.82
CA ALA D 3052 16.02 33.19 -37.09
C ALA D 3052 14.81 34.05 -36.69
N MET D 3053 14.82 34.65 -35.50
CA MET D 3053 13.78 35.56 -35.00
C MET D 3053 13.75 36.95 -35.65
N ALA D 3054 14.80 37.34 -36.36
CA ALA D 3054 14.84 38.56 -37.16
C ALA D 3054 14.40 38.35 -38.62
N THR D 3055 14.58 37.14 -39.16
CA THR D 3055 14.12 36.75 -40.50
C THR D 3055 12.64 36.40 -40.47
N TRP D 3056 12.26 35.60 -39.46
CA TRP D 3056 10.91 35.63 -38.90
C TRP D 3056 10.66 37.03 -38.32
N SER D 3057 9.45 37.36 -37.89
CA SER D 3057 9.03 38.74 -37.59
C SER D 3057 8.98 39.63 -38.82
N LEU D 3058 10.05 39.81 -39.59
CA LEU D 3058 9.97 40.48 -40.89
C LEU D 3058 9.09 39.73 -41.87
N SER D 3059 9.14 38.40 -41.93
CA SER D 3059 8.17 37.65 -42.73
C SER D 3059 6.72 37.87 -42.26
N CYS D 3060 6.43 37.94 -40.96
CA CYS D 3060 5.10 38.32 -40.47
C CYS D 3060 4.70 39.74 -40.89
N PHE D 3061 5.63 40.68 -40.80
CA PHE D 3061 5.42 42.09 -41.08
C PHE D 3061 5.11 42.31 -42.56
N PHE D 3062 5.89 41.71 -43.46
CA PHE D 3062 5.63 41.84 -44.88
C PHE D 3062 4.40 41.05 -45.35
N VAL D 3063 4.00 39.96 -44.67
CA VAL D 3063 2.69 39.33 -44.90
C VAL D 3063 1.54 40.23 -44.41
N SER D 3064 1.64 40.82 -43.23
CA SER D 3064 0.66 41.73 -42.64
C SER D 3064 0.48 43.03 -43.45
N ALA D 3065 1.54 43.54 -44.05
CA ALA D 3065 1.53 44.73 -44.89
C ALA D 3065 0.98 44.50 -46.30
N SER D 3066 0.91 43.27 -46.78
CA SER D 3066 0.66 42.98 -48.20
C SER D 3066 -0.76 43.33 -48.65
N THR D 3067 -0.88 43.78 -49.90
CA THR D 3067 -2.17 43.99 -50.60
C THR D 3067 -2.57 42.78 -51.45
N SER D 3068 -1.63 41.90 -51.82
CA SER D 3068 -1.95 40.66 -52.53
C SER D 3068 -2.66 39.65 -51.60
N PRO D 3069 -3.83 39.12 -51.98
CA PRO D 3069 -4.61 38.25 -51.09
C PRO D 3069 -3.93 36.90 -50.86
N TRP D 3070 -3.27 36.36 -51.88
CA TRP D 3070 -2.55 35.09 -51.81
C TRP D 3070 -1.28 35.16 -50.96
N VAL D 3071 -0.68 36.35 -50.79
CA VAL D 3071 0.38 36.58 -49.80
C VAL D 3071 -0.21 36.79 -48.41
N ALA D 3072 -1.23 37.62 -48.27
CA ALA D 3072 -1.87 37.87 -46.99
C ALA D 3072 -2.49 36.59 -46.37
N ALA D 3073 -2.76 35.57 -47.18
CA ALA D 3073 -3.24 34.26 -46.72
C ALA D 3073 -2.20 33.40 -45.97
N ILE D 3074 -0.88 33.59 -46.16
CA ILE D 3074 0.13 32.65 -45.65
C ILE D 3074 0.48 32.80 -44.17
N LEU D 3075 -0.06 33.76 -43.42
CA LEU D 3075 0.39 34.02 -42.05
C LEU D 3075 0.40 32.78 -41.13
N PRO D 3076 -0.58 31.85 -41.16
CA PRO D 3076 -0.51 30.62 -40.38
C PRO D 3076 0.72 29.73 -40.71
N HIS D 3077 1.15 29.68 -41.98
CA HIS D 3077 2.36 28.96 -42.41
C HIS D 3077 3.65 29.62 -41.90
N VAL D 3078 3.64 30.95 -41.77
CA VAL D 3078 4.73 31.70 -41.15
C VAL D 3078 4.73 31.47 -39.65
N ILE D 3079 3.60 31.57 -38.97
CA ILE D 3079 3.46 31.38 -37.52
C ILE D 3079 3.87 29.97 -37.07
N SER D 3080 3.51 28.92 -37.80
CA SER D 3080 3.88 27.54 -37.46
C SER D 3080 5.40 27.26 -37.54
N ARG D 3081 6.20 28.13 -38.18
CA ARG D 3081 7.63 27.97 -38.41
C ARG D 3081 8.53 28.91 -37.59
N MET D 3082 8.05 29.46 -36.49
CA MET D 3082 8.68 30.55 -35.73
C MET D 3082 10.17 30.37 -35.39
N GLY D 3083 10.60 29.17 -34.96
CA GLY D 3083 12.01 28.95 -34.63
C GLY D 3083 12.95 28.64 -35.81
N LYS D 3084 12.42 28.37 -37.01
CA LYS D 3084 13.16 27.70 -38.09
C LYS D 3084 13.96 28.66 -38.97
N LEU D 3085 15.05 28.16 -39.55
CA LEU D 3085 15.87 28.88 -40.53
C LEU D 3085 16.44 27.92 -41.60
N GLU D 3086 15.57 27.13 -42.21
CA GLU D 3086 15.89 26.34 -43.41
C GLU D 3086 15.87 27.22 -44.67
N GLN D 3087 16.29 26.68 -45.81
CA GLN D 3087 16.38 27.44 -47.06
C GLN D 3087 15.01 27.99 -47.52
N VAL D 3088 13.93 27.26 -47.26
CA VAL D 3088 12.56 27.72 -47.54
C VAL D 3088 12.11 28.89 -46.66
N ASP D 3089 12.65 29.03 -45.46
CA ASP D 3089 12.35 30.14 -44.54
C ASP D 3089 13.04 31.44 -44.99
N VAL D 3090 14.25 31.32 -45.54
CA VAL D 3090 14.96 32.42 -46.21
C VAL D 3090 14.30 32.78 -47.55
N ASN D 3091 14.00 31.82 -48.42
CA ASN D 3091 13.31 32.06 -49.69
C ASN D 3091 11.96 32.77 -49.51
N LEU D 3092 11.14 32.36 -48.54
CA LEU D 3092 9.87 33.02 -48.24
C LEU D 3092 10.09 34.48 -47.82
N PHE D 3093 11.01 34.75 -46.90
CA PHE D 3093 11.38 36.11 -46.50
C PHE D 3093 11.78 36.96 -47.72
N CYS D 3094 12.61 36.42 -48.61
CA CYS D 3094 13.00 37.11 -49.84
C CYS D 3094 11.80 37.41 -50.76
N LEU D 3095 10.89 36.46 -50.97
CA LEU D 3095 9.72 36.62 -51.84
C LEU D 3095 8.75 37.68 -51.30
N VAL D 3096 8.42 37.61 -50.01
CA VAL D 3096 7.43 38.49 -49.40
C VAL D 3096 8.00 39.91 -49.21
N ALA D 3097 9.28 40.06 -48.90
CA ALA D 3097 9.95 41.37 -48.95
C ALA D 3097 10.05 41.90 -50.40
N THR D 3098 10.29 41.05 -51.39
CA THR D 3098 10.31 41.44 -52.81
C THR D 3098 8.95 41.97 -53.25
N ASP D 3099 7.86 41.29 -52.97
CA ASP D 3099 6.56 41.72 -53.52
C ASP D 3099 6.08 43.05 -52.93
N PHE D 3100 6.39 43.33 -51.65
CA PHE D 3100 6.20 44.67 -51.07
C PHE D 3100 7.03 45.74 -51.81
N TYR D 3101 8.28 45.43 -52.15
CA TYR D 3101 9.17 46.31 -52.91
C TYR D 3101 8.74 46.48 -54.40
N ARG D 3102 8.02 45.52 -54.99
CA ARG D 3102 7.45 45.63 -56.35
C ARG D 3102 6.11 46.38 -56.41
N HIS D 3103 5.30 46.32 -55.35
CA HIS D 3103 3.87 46.67 -55.41
C HIS D 3103 3.38 47.67 -54.35
N GLN D 3104 4.23 48.15 -53.44
CA GLN D 3104 3.80 49.04 -52.36
C GLN D 3104 4.80 50.17 -52.02
N ILE D 3105 6.10 49.88 -52.04
CA ILE D 3105 7.16 50.87 -52.35
C ILE D 3105 7.31 50.95 -53.89
N GLU D 3107 8.28 55.28 -54.98
CA GLU D 3107 9.14 56.44 -55.15
C GLU D 3107 10.60 56.15 -54.76
N GLU D 3108 11.55 56.74 -55.50
CA GLU D 3108 12.97 56.40 -55.43
C GLU D 3108 13.61 56.67 -54.07
N LEU D 3109 13.17 57.69 -53.34
CA LEU D 3109 13.72 58.01 -52.02
C LEU D 3109 13.42 56.93 -50.97
N ASP D 3110 12.28 56.26 -51.09
CA ASP D 3110 11.93 55.11 -50.25
C ASP D 3110 12.63 53.85 -50.76
N ARG D 3111 12.56 53.62 -52.08
CA ARG D 3111 13.17 52.47 -52.76
C ARG D 3111 14.68 52.36 -52.51
N ARG D 3112 15.38 53.49 -52.35
CA ARG D 3112 16.77 53.55 -51.89
C ARG D 3112 16.91 53.34 -50.39
N ALA D 3113 16.19 54.08 -49.55
CA ALA D 3113 16.33 54.01 -48.09
C ALA D 3113 16.03 52.61 -47.52
N PHE D 3114 15.13 51.86 -48.17
CA PHE D 3114 14.87 50.45 -47.87
C PHE D 3114 16.13 49.58 -48.09
N GLN D 3115 16.86 49.76 -49.20
CA GLN D 3115 18.15 49.09 -49.39
C GLN D 3115 19.22 49.59 -48.42
N SER D 3116 19.20 50.86 -48.01
CA SER D 3116 20.18 51.38 -47.06
C SER D 3116 20.06 50.74 -45.68
N VAL D 3117 18.85 50.64 -45.13
CA VAL D 3117 18.59 49.96 -43.85
C VAL D 3117 18.92 48.46 -43.91
N LEU D 3118 18.72 47.83 -45.06
CA LEU D 3118 19.08 46.44 -45.34
C LEU D 3118 20.60 46.20 -45.44
N GLU D 3119 21.33 47.10 -46.09
CA GLU D 3119 22.77 46.95 -46.37
C GLU D 3119 23.62 46.87 -45.09
N VAL D 3120 23.18 47.53 -44.02
CA VAL D 3120 23.83 47.50 -42.69
C VAL D 3120 23.98 46.07 -42.14
N VAL D 3121 23.13 45.12 -42.53
CA VAL D 3121 23.14 43.72 -42.05
C VAL D 3121 23.40 42.69 -43.16
N ALA D 3122 23.71 43.14 -44.38
CA ALA D 3122 23.90 42.30 -45.57
C ALA D 3122 25.27 41.59 -45.64
N ALA D 3123 25.79 41.10 -44.51
CA ALA D 3123 27.02 40.33 -44.42
C ALA D 3123 26.97 39.05 -45.31
N PRO D 3124 28.10 38.55 -45.85
CA PRO D 3124 28.11 37.69 -47.03
C PRO D 3124 27.18 36.47 -47.06
N GLY D 3125 26.91 35.84 -45.92
CA GLY D 3125 26.03 34.66 -45.82
C GLY D 3125 24.58 34.94 -45.37
N SER D 3126 24.23 36.16 -44.99
CA SER D 3126 22.95 36.43 -44.29
C SER D 3126 21.73 36.42 -45.23
N PRO D 3127 20.51 36.15 -44.70
CA PRO D 3127 19.26 36.31 -45.46
C PRO D 3127 19.11 37.72 -46.05
N TYR D 3128 19.59 38.73 -45.34
CA TYR D 3128 19.62 40.11 -45.82
C TYR D 3128 20.50 40.30 -47.05
N HIS D 3129 21.64 39.59 -47.15
CA HIS D 3129 22.47 39.60 -48.36
C HIS D 3129 21.74 38.93 -49.53
N ARG D 3130 21.10 37.78 -49.29
CA ARG D 3130 20.32 37.03 -50.29
C ARG D 3130 19.15 37.85 -50.85
N LEU D 3131 18.49 38.65 -50.00
CA LEU D 3131 17.42 39.56 -50.37
C LEU D 3131 17.95 40.84 -51.03
N LEU D 3132 19.05 41.43 -50.57
CA LEU D 3132 19.64 42.60 -51.24
C LEU D 3132 20.02 42.28 -52.69
N THR D 3133 20.53 41.09 -53.00
CA THR D 3133 20.72 40.62 -54.38
C THR D 3133 19.40 40.58 -55.17
N CYS D 3134 18.30 40.12 -54.59
CA CYS D 3134 16.99 40.12 -55.26
C CYS D 3134 16.45 41.53 -55.55
N LEU D 3135 16.72 42.51 -54.69
CA LEU D 3135 16.27 43.89 -54.89
C LEU D 3135 17.19 44.67 -55.85
N ARG D 3136 18.50 44.56 -55.69
CA ARG D 3136 19.51 45.33 -56.43
C ARG D 3136 19.73 44.82 -57.85
N ASN D 3137 19.52 43.52 -58.10
CA ASN D 3137 19.62 42.83 -59.39
C ASN D 3137 20.96 43.08 -60.13
N GLY E 101 -17.69 18.95 26.73
CA GLY E 101 -16.76 19.49 25.74
C GLY E 101 -16.46 18.48 24.61
N PRO E 102 -15.67 17.42 24.88
CA PRO E 102 -15.41 16.36 23.92
C PRO E 102 -16.67 15.53 23.60
N GLY E 103 -17.61 15.41 24.53
CA GLY E 103 -18.89 14.74 24.31
C GLY E 103 -19.84 15.54 23.38
N GLU E 104 -19.88 16.86 23.55
CA GLU E 104 -20.61 17.76 22.64
C GLU E 104 -20.02 17.70 21.22
N ALA E 105 -18.69 17.75 21.10
CA ALA E 105 -18.00 17.59 19.83
C ALA E 105 -18.32 16.24 19.17
N LEU E 106 -18.24 15.13 19.93
CA LEU E 106 -18.62 13.81 19.45
C LEU E 106 -20.06 13.79 18.91
N ALA E 107 -21.03 14.28 19.68
CA ALA E 107 -22.42 14.33 19.27
C ALA E 107 -22.61 15.13 17.98
N LEU E 108 -21.91 16.26 17.82
CA LEU E 108 -21.94 17.01 16.55
C LEU E 108 -21.33 16.22 15.39
N THR E 109 -20.29 15.42 15.59
CA THR E 109 -19.79 14.54 14.50
C THR E 109 -20.84 13.51 14.08
N GLU E 110 -21.58 12.92 15.02
CA GLU E 110 -22.64 11.95 14.71
C GLU E 110 -23.86 12.60 14.04
N ALA E 111 -24.29 13.76 14.52
CA ALA E 111 -25.36 14.56 13.93
C ALA E 111 -25.02 15.11 12.54
N ALA E 112 -23.75 15.44 12.28
CA ALA E 112 -23.29 15.78 10.94
C ALA E 112 -23.31 14.55 10.04
N ARG E 113 -22.75 13.42 10.49
CA ARG E 113 -22.71 12.17 9.72
C ARG E 113 -24.09 11.61 9.41
N LEU E 114 -25.11 11.91 10.22
CA LEU E 114 -26.50 11.57 9.93
C LEU E 114 -26.99 12.27 8.66
N PHE E 115 -26.89 13.61 8.59
CA PHE E 115 -27.24 14.36 7.39
C PHE E 115 -26.40 13.94 6.19
N LEU E 116 -25.14 13.61 6.41
CA LEU E 116 -24.20 13.21 5.36
C LEU E 116 -24.53 11.81 4.80
N ARG E 117 -24.94 10.84 5.64
CA ARG E 117 -25.51 9.55 5.19
C ARG E 117 -26.82 9.77 4.42
N GLN E 118 -27.67 10.67 4.88
CA GLN E 118 -28.91 11.03 4.21
C GLN E 118 -28.64 11.63 2.82
N GLU E 119 -27.63 12.47 2.69
CA GLU E 119 -27.18 13.02 1.41
C GLU E 119 -26.65 11.93 0.49
N ARG E 120 -25.83 11.00 1.00
CA ARG E 120 -25.29 9.87 0.24
C ARG E 120 -26.39 8.94 -0.29
N ASP E 121 -27.44 8.66 0.50
CA ASP E 121 -28.60 7.91 0.02
C ASP E 121 -29.23 8.60 -1.20
N ALA E 122 -29.64 9.85 -1.08
CA ALA E 122 -30.29 10.57 -2.16
C ALA E 122 -29.39 10.74 -3.41
N ARG E 123 -28.11 11.10 -3.21
CA ARG E 123 -27.19 11.47 -4.30
C ARG E 123 -26.53 10.27 -4.96
N GLN E 124 -26.01 9.34 -4.17
CA GLN E 124 -25.13 8.27 -4.67
C GLN E 124 -25.84 6.91 -4.74
N ARG E 125 -26.66 6.54 -3.75
CA ARG E 125 -27.35 5.23 -3.76
C ARG E 125 -28.67 5.24 -4.53
N LEU E 126 -29.40 6.35 -4.57
CA LEU E 126 -30.65 6.50 -5.34
C LEU E 126 -30.47 7.29 -6.64
N VAL E 127 -29.43 8.12 -6.76
CA VAL E 127 -29.16 9.00 -7.92
C VAL E 127 -30.39 9.86 -8.28
N CYS E 128 -31.04 10.41 -7.26
CA CYS E 128 -32.30 11.15 -7.39
C CYS E 128 -32.11 12.50 -8.13
N PRO E 129 -32.77 12.73 -9.28
CA PRO E 129 -32.71 14.01 -10.01
C PRO E 129 -33.21 15.22 -9.20
N ALA E 130 -34.10 15.00 -8.23
CA ALA E 130 -34.64 16.03 -7.34
C ALA E 130 -33.82 16.26 -6.06
N ALA E 131 -32.64 15.63 -5.93
CA ALA E 131 -31.75 15.75 -4.78
C ALA E 131 -30.96 17.08 -4.75
N TYR E 132 -31.66 18.20 -4.59
CA TYR E 132 -31.04 19.43 -4.10
C TYR E 132 -30.63 19.27 -2.63
N GLY E 133 -29.42 19.71 -2.28
CA GLY E 133 -28.66 19.28 -1.11
C GLY E 133 -28.99 19.95 0.22
N GLU E 134 -30.26 19.95 0.63
CA GLU E 134 -30.66 20.41 1.98
C GLU E 134 -29.94 19.66 3.13
N PRO E 135 -29.78 18.32 3.13
CA PRO E 135 -28.95 17.63 4.11
C PRO E 135 -27.47 18.05 4.06
N LEU E 136 -26.86 18.23 2.88
CA LEU E 136 -25.50 18.74 2.75
C LEU E 136 -25.33 20.16 3.34
N GLN E 137 -26.28 21.06 3.10
CA GLN E 137 -26.30 22.37 3.74
C GLN E 137 -26.39 22.26 5.25
N ALA E 138 -27.18 21.31 5.78
CA ALA E 138 -27.26 21.06 7.21
C ALA E 138 -25.97 20.45 7.77
N ALA E 139 -25.31 19.53 7.06
CA ALA E 139 -24.03 18.93 7.44
C ALA E 139 -22.88 19.96 7.49
N ALA E 140 -22.76 20.82 6.48
CA ALA E 140 -21.77 21.89 6.44
C ALA E 140 -21.98 22.96 7.52
N SER E 141 -23.22 23.35 7.84
CA SER E 141 -23.51 24.20 9.00
C SER E 141 -23.22 23.53 10.34
N ALA E 142 -23.53 22.25 10.51
CA ALA E 142 -23.24 21.51 11.74
C ALA E 142 -21.74 21.42 12.01
N LEU E 143 -20.94 21.01 11.01
CA LEU E 143 -19.49 20.98 11.15
C LEU E 143 -18.88 22.37 11.27
N GLY E 144 -19.45 23.41 10.67
CA GLY E 144 -18.97 24.79 10.86
C GLY E 144 -19.00 25.23 12.33
N ALA E 145 -20.10 24.94 13.05
CA ALA E 145 -20.16 25.11 14.50
C ALA E 145 -19.17 24.20 15.26
N ALA E 146 -18.98 22.94 14.83
CA ALA E 146 -18.10 21.99 15.52
C ALA E 146 -16.59 22.28 15.34
N VAL E 147 -16.16 22.77 14.18
CA VAL E 147 -14.79 23.23 13.91
C VAL E 147 -14.48 24.46 14.75
N ARG E 148 -15.41 25.43 14.82
CA ARG E 148 -15.31 26.57 15.75
C ARG E 148 -15.11 26.10 17.18
N LEU E 149 -15.87 25.10 17.62
CA LEU E 149 -15.77 24.48 18.94
C LEU E 149 -14.41 23.80 19.17
N HIS E 150 -13.95 22.91 18.28
CA HIS E 150 -12.64 22.25 18.45
C HIS E 150 -11.44 23.23 18.44
N LEU E 151 -11.51 24.32 17.68
CA LEU E 151 -10.47 25.36 17.69
C LEU E 151 -10.53 26.27 18.93
N GLU E 152 -11.70 26.56 19.51
CA GLU E 152 -11.80 27.18 20.84
C GLU E 152 -11.28 26.26 21.96
N LEU E 153 -11.52 24.95 21.87
CA LEU E 153 -10.90 23.93 22.73
C LEU E 153 -9.40 23.70 22.40
N GLY E 154 -8.84 24.40 21.42
CA GLY E 154 -7.40 24.48 21.18
C GLY E 154 -6.74 23.18 20.70
N GLN E 155 -7.47 22.30 20.02
CA GLN E 155 -6.96 21.00 19.52
C GLN E 155 -7.10 20.89 17.99
N PRO E 156 -6.19 21.51 17.21
CA PRO E 156 -6.30 21.61 15.76
C PRO E 156 -6.41 20.28 15.02
N ALA E 157 -5.77 19.22 15.48
CA ALA E 157 -5.80 17.90 14.85
C ALA E 157 -7.21 17.25 14.88
N ALA E 158 -8.02 17.56 15.90
CA ALA E 158 -9.40 17.12 16.00
C ALA E 158 -10.36 17.97 15.14
N ALA E 159 -10.08 19.26 14.93
CA ALA E 159 -10.78 20.06 13.92
C ALA E 159 -10.45 19.62 12.48
N ALA E 160 -9.18 19.30 12.21
CA ALA E 160 -8.75 18.83 10.90
C ALA E 160 -9.43 17.52 10.49
N ALA E 161 -9.72 16.62 11.44
CA ALA E 161 -10.46 15.39 11.16
C ALA E 161 -11.87 15.68 10.60
N LEU E 162 -12.63 16.63 11.18
CA LEU E 162 -13.91 17.07 10.62
C LEU E 162 -13.77 17.60 9.20
N CYS E 163 -12.73 18.40 8.95
CA CYS E 163 -12.46 18.97 7.65
C CYS E 163 -12.15 17.89 6.61
N LEU E 164 -11.43 16.82 6.97
CA LEU E 164 -11.16 15.69 6.08
C LEU E 164 -12.44 14.90 5.76
N GLU E 165 -13.29 14.64 6.76
CA GLU E 165 -14.58 13.97 6.57
C GLU E 165 -15.51 14.76 5.64
N LEU E 166 -15.65 16.08 5.83
CA LEU E 166 -16.44 16.92 4.94
C LEU E 166 -15.80 17.06 3.56
N ALA E 167 -14.48 17.18 3.45
CA ALA E 167 -13.80 17.25 2.17
C ALA E 167 -14.02 15.97 1.34
N ALA E 168 -13.86 14.80 1.95
CA ALA E 168 -14.14 13.52 1.32
C ALA E 168 -15.60 13.40 0.86
N ALA E 169 -16.55 13.85 1.68
CA ALA E 169 -17.96 13.89 1.31
C ALA E 169 -18.20 14.77 0.08
N LEU E 170 -17.73 16.01 0.07
CA LEU E 170 -17.91 16.91 -1.07
C LEU E 170 -17.30 16.36 -2.36
N ARG E 171 -16.15 15.66 -2.29
CA ARG E 171 -15.56 14.98 -3.45
C ARG E 171 -16.44 13.84 -3.95
N ASP E 172 -16.88 12.94 -3.08
CA ASP E 172 -17.78 11.83 -3.44
C ASP E 172 -19.11 12.31 -4.05
N LEU E 173 -19.67 13.39 -3.49
CA LEU E 173 -20.92 14.00 -3.95
C LEU E 173 -20.76 14.88 -5.21
N GLY E 174 -19.60 14.87 -5.86
CA GLY E 174 -19.38 15.53 -7.16
C GLY E 174 -19.08 17.03 -7.10
N GLN E 175 -18.57 17.56 -5.97
CA GLN E 175 -18.19 18.96 -5.78
C GLN E 175 -16.70 19.12 -5.43
N PRO E 176 -15.76 18.83 -6.35
CA PRO E 176 -14.33 18.78 -6.04
C PRO E 176 -13.71 20.13 -5.66
N ALA E 177 -14.21 21.26 -6.18
CA ALA E 177 -13.72 22.57 -5.80
C ALA E 177 -13.94 22.88 -4.32
N ALA E 178 -15.13 22.55 -3.79
CA ALA E 178 -15.44 22.68 -2.37
C ALA E 178 -14.64 21.70 -1.49
N ALA E 179 -14.35 20.50 -2.01
CA ALA E 179 -13.50 19.52 -1.34
C ALA E 179 -12.05 20.02 -1.21
N ALA E 180 -11.47 20.55 -2.29
CA ALA E 180 -10.10 21.06 -2.30
C ALA E 180 -9.87 22.18 -1.27
N GLY E 181 -10.85 23.06 -1.08
CA GLY E 181 -10.82 24.06 -0.02
C GLY E 181 -10.80 23.47 1.39
N HIS E 182 -11.64 22.47 1.68
CA HIS E 182 -11.66 21.81 2.99
C HIS E 182 -10.44 20.92 3.26
N PHE E 183 -9.85 20.30 2.24
CA PHE E 183 -8.57 19.60 2.37
C PHE E 183 -7.43 20.55 2.71
N GLN E 184 -7.35 21.74 2.10
CA GLN E 184 -6.36 22.75 2.47
C GLN E 184 -6.59 23.34 3.87
N ARG E 185 -7.84 23.49 4.34
CA ARG E 185 -8.10 23.84 5.74
C ARG E 185 -7.65 22.75 6.72
N ALA E 186 -7.83 21.48 6.41
CA ALA E 186 -7.27 20.39 7.22
C ALA E 186 -5.73 20.45 7.26
N ALA E 187 -5.09 20.61 6.11
CA ALA E 187 -3.64 20.70 6.02
C ALA E 187 -3.06 21.84 6.86
N GLN E 188 -3.65 23.02 6.81
CA GLN E 188 -3.21 24.18 7.58
C GLN E 188 -3.31 23.96 9.09
N LEU E 189 -4.36 23.29 9.56
CA LEU E 189 -4.55 22.92 10.96
C LEU E 189 -3.60 21.82 11.44
N GLN E 190 -3.20 20.89 10.58
CA GLN E 190 -2.22 19.84 10.91
C GLN E 190 -0.78 20.33 10.89
N LEU E 191 -0.39 21.18 9.93
CA LEU E 191 1.01 21.48 9.60
C LEU E 191 1.94 21.91 10.75
N PRO E 192 1.54 22.72 11.76
CA PRO E 192 2.45 23.05 12.87
C PRO E 192 2.82 21.87 13.79
N GLN E 193 2.14 20.72 13.68
CA GLN E 193 2.27 19.58 14.59
C GLN E 193 2.39 18.22 13.91
N LEU E 194 1.83 18.01 12.71
CA LEU E 194 1.83 16.74 11.98
C LEU E 194 2.15 16.93 10.48
N PRO E 195 3.41 17.20 10.09
CA PRO E 195 3.77 17.44 8.70
C PRO E 195 3.39 16.36 7.68
N LEU E 196 3.46 15.06 7.99
CA LEU E 196 3.04 14.01 7.05
C LEU E 196 1.52 14.01 6.81
N ALA E 197 0.72 14.20 7.86
CA ALA E 197 -0.73 14.33 7.75
C ALA E 197 -1.12 15.52 6.87
N ALA E 198 -0.44 16.66 7.03
CA ALA E 198 -0.63 17.83 6.20
C ALA E 198 -0.27 17.57 4.73
N LEU E 199 0.85 16.89 4.44
CA LEU E 199 1.19 16.46 3.09
C LEU E 199 0.14 15.53 2.48
N GLN E 200 -0.40 14.60 3.27
CA GLN E 200 -1.47 13.72 2.79
C GLN E 200 -2.74 14.52 2.43
N ALA E 201 -3.14 15.47 3.28
CA ALA E 201 -4.26 16.37 3.01
C ALA E 201 -4.03 17.26 1.76
N LEU E 202 -2.85 17.85 1.59
CA LEU E 202 -2.52 18.64 0.39
C LEU E 202 -2.50 17.77 -0.88
N GLY E 203 -2.12 16.51 -0.78
CA GLY E 203 -2.18 15.58 -1.90
C GLY E 203 -3.62 15.34 -2.37
N GLU E 204 -4.57 15.23 -1.45
CA GLU E 204 -5.99 15.11 -1.79
C GLU E 204 -6.56 16.42 -2.34
N ALA E 205 -6.13 17.57 -1.84
CA ALA E 205 -6.51 18.86 -2.40
C ALA E 205 -6.04 19.01 -3.84
N ALA E 206 -4.81 18.61 -4.14
CA ALA E 206 -4.29 18.62 -5.50
C ALA E 206 -5.09 17.69 -6.42
N SER E 207 -5.47 16.49 -5.96
CA SER E 207 -6.35 15.61 -6.73
C SER E 207 -7.72 16.25 -7.00
N CYS E 208 -8.29 16.94 -6.01
CA CYS E 208 -9.55 17.67 -6.18
C CYS E 208 -9.44 18.85 -7.15
N GLN E 209 -8.36 19.63 -7.13
CA GLN E 209 -8.13 20.69 -8.11
C GLN E 209 -7.99 20.14 -9.52
N LEU E 210 -7.33 19.00 -9.70
CA LEU E 210 -7.27 18.31 -10.99
C LEU E 210 -8.66 17.84 -11.45
N LEU E 211 -9.50 17.30 -10.57
CA LEU E 211 -10.89 16.96 -10.91
C LEU E 211 -11.67 18.19 -11.36
N ALA E 212 -11.50 19.33 -10.68
CA ALA E 212 -12.10 20.62 -10.99
C ALA E 212 -11.46 21.37 -12.19
N ARG E 213 -10.54 20.74 -12.96
CA ARG E 213 -9.73 21.33 -14.05
C ARG E 213 -8.95 22.60 -13.68
N ASP E 214 -8.64 22.81 -12.40
CA ASP E 214 -7.91 23.97 -11.88
C ASP E 214 -6.39 23.74 -11.87
N TYR E 215 -5.81 23.53 -13.05
CA TYR E 215 -4.45 23.02 -13.19
C TYR E 215 -3.38 23.95 -12.61
N THR E 216 -3.55 25.28 -12.73
CA THR E 216 -2.65 26.25 -12.10
C THR E 216 -2.72 26.21 -10.58
N GLY E 217 -3.87 25.86 -10.00
CA GLY E 217 -4.04 25.66 -8.56
C GLY E 217 -3.41 24.36 -8.07
N ALA E 218 -3.62 23.27 -8.82
CA ALA E 218 -2.95 22.00 -8.58
C ALA E 218 -1.42 22.14 -8.60
N LEU E 219 -0.88 22.87 -9.59
CA LEU E 219 0.54 23.15 -9.72
C LEU E 219 1.10 23.83 -8.47
N ALA E 220 0.42 24.85 -7.95
CA ALA E 220 0.83 25.52 -6.72
C ALA E 220 0.76 24.62 -5.47
N VAL E 221 -0.21 23.74 -5.33
CA VAL E 221 -0.27 22.83 -4.17
C VAL E 221 0.83 21.79 -4.24
N PHE E 222 1.12 21.22 -5.42
CA PHE E 222 2.26 20.31 -5.54
C PHE E 222 3.59 21.01 -5.22
N THR E 223 3.77 22.30 -5.57
CA THR E 223 5.02 23.00 -5.21
C THR E 223 5.13 23.20 -3.71
N ARG E 224 4.03 23.51 -3.01
CA ARG E 224 4.00 23.66 -1.56
C ARG E 224 4.36 22.35 -0.87
N MET E 225 3.79 21.24 -1.33
CA MET E 225 4.14 19.91 -0.86
C MET E 225 5.61 19.59 -1.05
N GLN E 226 6.18 19.82 -2.24
CA GLN E 226 7.57 19.46 -2.48
C GLN E 226 8.54 20.26 -1.61
N ARG E 227 8.22 21.51 -1.31
CA ARG E 227 8.96 22.33 -0.33
C ARG E 227 8.85 21.74 1.08
N LEU E 228 7.65 21.51 1.58
CA LEU E 228 7.43 20.98 2.93
C LEU E 228 8.04 19.60 3.13
N ALA E 229 8.01 18.75 2.11
CA ALA E 229 8.61 17.43 2.12
C ALA E 229 10.15 17.48 2.24
N ARG E 230 10.83 18.40 1.54
CA ARG E 230 12.27 18.66 1.74
C ARG E 230 12.57 19.24 3.13
N GLU E 231 11.78 20.20 3.59
CA GLU E 231 11.97 20.91 4.86
C GLU E 231 11.84 19.99 6.09
N HIS E 232 10.84 19.11 6.13
CA HIS E 232 10.61 18.19 7.26
C HIS E 232 11.16 16.77 7.07
N GLY E 233 11.39 16.34 5.84
CA GLY E 233 11.70 14.94 5.53
C GLY E 233 13.14 14.62 5.18
N SER E 234 14.03 15.62 5.10
CA SER E 234 15.47 15.44 4.81
C SER E 234 16.30 15.11 6.04
N PRO E 274 21.12 15.05 1.08
CA PRO E 274 19.85 15.51 0.50
C PRO E 274 18.77 14.42 0.37
N ALA E 275 19.09 13.17 0.73
CA ALA E 275 18.16 12.05 0.70
C ALA E 275 17.00 12.21 1.70
N ALA E 276 15.78 11.90 1.29
CA ALA E 276 14.60 11.95 2.14
C ALA E 276 14.34 10.60 2.83
N LEU E 277 13.68 10.64 3.98
CA LEU E 277 13.13 9.45 4.63
C LEU E 277 12.01 8.82 3.78
N GLY E 278 11.84 7.51 3.84
CA GLY E 278 11.00 6.74 2.89
C GLY E 278 9.58 7.28 2.68
N ALA E 279 8.87 7.70 3.73
CA ALA E 279 7.52 8.25 3.60
C ALA E 279 7.51 9.60 2.83
N PHE E 280 8.38 10.53 3.21
CA PHE E 280 8.53 11.81 2.50
C PHE E 280 9.08 11.64 1.10
N SER E 281 9.91 10.63 0.85
CA SER E 281 10.46 10.32 -0.47
C SER E 281 9.35 9.96 -1.47
N ASP E 282 8.36 9.17 -1.06
CA ASP E 282 7.20 8.85 -1.91
C ASP E 282 6.36 10.09 -2.26
N VAL E 283 6.25 11.06 -1.34
CA VAL E 283 5.64 12.36 -1.62
C VAL E 283 6.47 13.18 -2.61
N LEU E 284 7.79 13.27 -2.46
CA LEU E 284 8.65 13.97 -3.41
C LEU E 284 8.52 13.40 -4.82
N VAL E 285 8.51 12.08 -4.94
CA VAL E 285 8.35 11.37 -6.21
C VAL E 285 7.01 11.68 -6.87
N ARG E 286 5.90 11.72 -6.11
CA ARG E 286 4.62 12.17 -6.66
C ARG E 286 4.73 13.60 -7.17
N CYS E 287 5.19 14.53 -6.33
CA CYS E 287 5.25 15.95 -6.65
C CYS E 287 6.12 16.23 -7.88
N GLU E 288 7.31 15.65 -7.98
CA GLU E 288 8.18 15.79 -9.15
C GLU E 288 7.47 15.44 -10.45
N VAL E 289 6.94 14.22 -10.59
CA VAL E 289 6.31 13.76 -11.84
C VAL E 289 5.08 14.61 -12.15
N SER E 290 4.24 14.91 -11.16
CA SER E 290 3.04 15.74 -11.35
C SER E 290 3.35 17.17 -11.77
N ARG E 291 4.35 17.81 -11.16
CA ARG E 291 4.77 19.17 -11.49
C ARG E 291 5.33 19.27 -12.89
N VAL E 292 6.16 18.32 -13.32
CA VAL E 292 6.71 18.33 -14.68
C VAL E 292 5.60 18.23 -15.73
N LEU E 293 4.62 17.33 -15.56
CA LEU E 293 3.51 17.23 -16.51
C LEU E 293 2.62 18.49 -16.48
N LEU E 294 2.33 19.03 -15.29
CA LEU E 294 1.61 20.31 -15.17
C LEU E 294 2.35 21.47 -15.83
N LEU E 295 3.66 21.56 -15.71
CA LEU E 295 4.46 22.58 -16.39
C LEU E 295 4.50 22.37 -17.90
N LEU E 296 4.54 21.13 -18.42
CA LEU E 296 4.41 20.88 -19.85
C LEU E 296 3.00 21.19 -20.39
N LEU E 297 1.96 21.04 -19.58
CA LEU E 297 0.58 21.43 -19.92
C LEU E 297 0.43 22.95 -19.98
N LEU E 298 0.81 23.65 -18.92
CA LEU E 298 0.55 25.07 -18.73
C LEU E 298 1.57 25.99 -19.40
N GLN E 299 2.84 25.57 -19.49
CA GLN E 299 3.96 26.32 -20.08
C GLN E 299 4.04 27.79 -19.61
N PRO E 300 4.26 28.08 -18.32
CA PRO E 300 4.28 29.44 -17.78
C PRO E 300 5.22 30.41 -18.52
N PRO E 301 4.84 31.68 -18.73
CA PRO E 301 5.75 32.70 -19.29
C PRO E 301 6.90 32.96 -18.31
N PRO E 302 7.99 33.62 -18.73
CA PRO E 302 9.09 33.99 -17.83
C PRO E 302 8.66 34.70 -16.54
N ALA E 303 7.57 35.47 -16.59
CA ALA E 303 6.94 36.12 -15.44
C ALA E 303 6.37 35.16 -14.38
N LYS E 304 6.13 33.89 -14.70
CA LYS E 304 5.50 32.88 -13.81
C LYS E 304 6.25 31.55 -13.76
N LEU E 305 7.32 31.39 -14.53
CA LEU E 305 8.35 30.38 -14.33
C LEU E 305 9.16 30.72 -13.07
N LEU E 306 8.61 30.41 -11.90
CA LEU E 306 9.29 30.60 -10.61
C LEU E 306 10.66 29.90 -10.57
N PRO E 307 11.61 30.37 -9.73
CA PRO E 307 12.87 29.68 -9.47
C PRO E 307 12.72 28.17 -9.23
N GLU E 308 11.73 27.74 -8.44
CA GLU E 308 11.46 26.32 -8.19
C GLU E 308 11.00 25.54 -9.43
N HIS E 309 10.24 26.16 -10.34
CA HIS E 309 9.81 25.55 -11.60
C HIS E 309 10.99 25.42 -12.55
N ALA E 310 11.75 26.50 -12.75
CA ALA E 310 12.95 26.51 -13.59
C ALA E 310 13.99 25.50 -13.09
N GLN E 311 14.24 25.46 -11.77
CA GLN E 311 15.12 24.50 -11.12
C GLN E 311 14.67 23.04 -11.33
N THR E 312 13.36 22.79 -11.29
CA THR E 312 12.84 21.44 -11.52
C THR E 312 12.99 21.04 -12.98
N LEU E 313 12.58 21.89 -13.90
CA LEU E 313 12.58 21.61 -15.31
C LEU E 313 13.98 21.43 -15.88
N GLU E 314 14.99 22.15 -15.38
CA GLU E 314 16.32 22.07 -15.97
C GLU E 314 16.97 20.68 -15.80
N LYS E 315 16.63 19.91 -14.74
CA LYS E 315 16.98 18.48 -14.60
C LYS E 315 16.58 17.62 -15.79
N TYR E 316 15.55 18.01 -16.54
CA TYR E 316 14.97 17.26 -17.65
C TYR E 316 15.29 17.86 -19.03
N SER E 317 16.23 18.80 -19.08
CA SER E 317 16.49 19.73 -20.17
C SER E 317 18.01 19.84 -20.45
N TRP E 318 18.40 20.49 -21.55
CA TRP E 318 19.81 20.74 -21.89
C TRP E 318 20.21 22.21 -21.71
N GLU E 319 21.34 22.46 -21.07
CA GLU E 319 21.84 23.83 -20.80
C GLU E 319 22.58 24.44 -22.01
N ALA E 320 23.15 23.60 -22.87
CA ALA E 320 24.04 23.97 -23.97
C ALA E 320 23.95 22.94 -25.10
N PHE E 321 24.37 23.32 -26.30
CA PHE E 321 24.19 22.51 -27.53
C PHE E 321 24.92 21.15 -27.51
N ASP E 322 26.00 20.98 -26.74
CA ASP E 322 26.70 19.70 -26.56
C ASP E 322 26.51 19.05 -25.17
N SER E 323 25.56 19.51 -24.35
CA SER E 323 25.18 18.83 -23.09
C SER E 323 24.25 17.63 -23.33
N HIS E 324 24.50 16.51 -22.65
CA HIS E 324 23.63 15.31 -22.69
C HIS E 324 22.23 15.55 -22.09
N GLY E 325 22.04 16.61 -21.31
CA GLY E 325 21.03 16.67 -20.26
C GLY E 325 21.58 16.06 -18.96
N GLN E 326 21.06 16.48 -17.83
CA GLN E 326 21.59 16.12 -16.51
C GLN E 326 21.37 14.64 -16.17
N GLU E 327 22.25 14.08 -15.35
CA GLU E 327 22.09 12.74 -14.78
C GLU E 327 21.16 12.76 -13.55
N SER E 328 20.50 11.64 -13.26
CA SER E 328 19.58 11.54 -12.13
C SER E 328 20.30 11.62 -10.78
N SER E 329 19.70 12.31 -9.81
CA SER E 329 20.08 12.28 -8.40
C SER E 329 19.63 11.02 -7.65
N GLY E 330 19.00 10.07 -8.35
CA GLY E 330 18.43 8.84 -7.79
C GLY E 330 17.05 9.03 -7.14
N GLN E 331 16.37 10.15 -7.42
CA GLN E 331 15.03 10.45 -6.92
C GLN E 331 13.95 9.52 -7.49
N LEU E 332 13.95 9.36 -8.81
CA LEU E 332 13.07 8.55 -9.64
C LEU E 332 13.75 7.26 -10.10
N PRO E 333 13.01 6.17 -10.37
CA PRO E 333 13.51 5.08 -11.18
C PRO E 333 14.15 5.60 -12.47
N GLU E 334 15.24 4.99 -12.89
CA GLU E 334 15.98 5.40 -14.10
C GLU E 334 15.09 5.36 -15.35
N GLU E 335 14.23 4.35 -15.49
CA GLU E 335 13.39 4.22 -16.68
C GLU E 335 12.33 5.32 -16.76
N LEU E 336 11.65 5.63 -15.65
CA LEU E 336 10.72 6.76 -15.59
C LEU E 336 11.41 8.10 -15.80
N PHE E 337 12.60 8.30 -15.22
CA PHE E 337 13.40 9.51 -15.43
C PHE E 337 13.80 9.71 -16.90
N LEU E 338 14.28 8.68 -17.58
CA LEU E 338 14.63 8.75 -19.01
C LEU E 338 13.42 9.04 -19.90
N LEU E 339 12.24 8.52 -19.56
CA LEU E 339 11.01 8.79 -20.29
C LEU E 339 10.53 10.23 -20.03
N LEU E 340 10.61 10.77 -18.81
CA LEU E 340 10.36 12.19 -18.56
C LEU E 340 11.33 13.11 -19.29
N GLN E 341 12.64 12.84 -19.26
CA GLN E 341 13.59 13.62 -20.06
C GLN E 341 13.26 13.57 -21.54
N SER E 342 12.91 12.40 -22.07
CA SER E 342 12.51 12.25 -23.45
C SER E 342 11.25 13.06 -23.78
N LEU E 343 10.28 13.10 -22.88
CA LEU E 343 9.05 13.85 -23.06
C LEU E 343 9.33 15.36 -23.06
N VAL E 344 10.00 15.88 -22.03
CA VAL E 344 10.44 17.28 -21.97
C VAL E 344 11.30 17.67 -23.18
N MET E 345 12.12 16.78 -23.72
CA MET E 345 12.89 17.06 -24.94
C MET E 345 12.06 16.99 -26.22
N ALA E 346 11.11 16.06 -26.32
CA ALA E 346 10.19 15.97 -27.45
C ALA E 346 9.28 17.21 -27.55
N THR E 347 8.88 17.82 -26.43
CA THR E 347 8.16 19.10 -26.43
C THR E 347 9.05 20.29 -26.76
N HIS E 348 10.36 20.27 -26.47
CA HIS E 348 11.29 21.29 -26.99
C HIS E 348 11.42 21.21 -28.52
N GLU E 349 11.63 20.02 -29.08
CA GLU E 349 11.85 19.87 -30.53
C GLU E 349 10.58 19.60 -31.34
N LYS E 350 9.40 19.78 -30.72
CA LYS E 350 8.04 19.62 -31.30
C LYS E 350 7.81 18.26 -31.99
N ASP E 351 8.45 17.20 -31.50
CA ASP E 351 8.28 15.84 -32.04
C ASP E 351 7.02 15.18 -31.46
N THR E 352 5.90 15.31 -32.17
CA THR E 352 4.62 14.77 -31.72
C THR E 352 4.57 13.23 -31.85
N GLU E 353 5.24 12.63 -32.84
CA GLU E 353 5.35 11.17 -32.95
C GLU E 353 6.11 10.55 -31.76
N ALA E 354 7.15 11.22 -31.27
CA ALA E 354 7.82 10.84 -30.04
C ALA E 354 6.90 10.97 -28.82
N ILE E 355 6.14 12.05 -28.68
CA ILE E 355 5.23 12.22 -27.54
C ILE E 355 4.17 11.10 -27.53
N LYS E 356 3.58 10.76 -28.68
CA LYS E 356 2.64 9.64 -28.83
C LYS E 356 3.25 8.29 -28.47
N SER E 357 4.50 8.03 -28.86
CA SER E 357 5.23 6.82 -28.46
C SER E 357 5.52 6.78 -26.95
N LEU E 358 5.94 7.90 -26.37
CA LEU E 358 6.25 8.01 -24.95
C LEU E 358 4.98 7.93 -24.09
N GLN E 359 3.82 8.32 -24.62
CA GLN E 359 2.56 8.19 -23.90
C GLN E 359 2.18 6.72 -23.66
N VAL E 360 2.23 5.86 -24.68
CA VAL E 360 1.97 4.42 -24.51
C VAL E 360 3.07 3.73 -23.69
N GLU E 361 4.33 4.15 -23.83
CA GLU E 361 5.43 3.57 -23.05
C GLU E 361 5.34 3.91 -21.57
N MET E 362 4.97 5.13 -21.20
CA MET E 362 4.85 5.54 -19.79
C MET E 362 3.58 5.05 -19.10
N TRP E 363 2.55 4.61 -19.83
CA TRP E 363 1.27 4.22 -19.24
C TRP E 363 1.38 3.26 -18.04
N PRO E 364 2.13 2.12 -18.10
CA PRO E 364 2.30 1.25 -16.94
C PRO E 364 3.00 1.88 -15.74
N LEU E 365 3.86 2.89 -15.93
CA LEU E 365 4.71 3.45 -14.89
C LEU E 365 4.02 4.54 -14.04
N LEU E 366 3.00 5.18 -14.60
CA LEU E 366 2.28 6.30 -13.97
C LEU E 366 1.07 5.82 -13.16
N THR E 367 0.68 6.58 -12.15
CA THR E 367 -0.69 6.49 -11.57
C THR E 367 -1.73 6.95 -12.60
N ALA E 368 -3.00 6.58 -12.43
CA ALA E 368 -4.08 6.97 -13.36
C ALA E 368 -4.27 8.49 -13.43
N GLU E 369 -4.12 9.20 -12.30
CA GLU E 369 -4.08 10.67 -12.25
C GLU E 369 -2.95 11.24 -13.13
N GLN E 370 -1.75 10.68 -13.06
CA GLN E 370 -0.62 11.10 -13.90
C GLN E 370 -0.84 10.71 -15.37
N ASN E 371 -1.45 9.57 -15.67
CA ASN E 371 -1.87 9.24 -17.04
C ASN E 371 -2.91 10.23 -17.58
N HIS E 372 -3.81 10.78 -16.75
CA HIS E 372 -4.69 11.88 -17.13
C HIS E 372 -3.90 13.15 -17.45
N LEU E 373 -2.96 13.56 -16.60
CA LEU E 373 -2.06 14.69 -16.90
C LEU E 373 -1.31 14.49 -18.22
N LEU E 374 -0.68 13.34 -18.44
CA LEU E 374 0.04 13.09 -19.67
C LEU E 374 -0.89 13.05 -20.89
N HIS E 375 -2.14 12.57 -20.77
CA HIS E 375 -3.17 12.73 -21.81
C HIS E 375 -3.44 14.21 -22.12
N LEU E 376 -3.57 15.08 -21.12
CA LEU E 376 -3.78 16.51 -21.34
C LEU E 376 -2.59 17.18 -22.04
N VAL E 377 -1.35 16.74 -21.78
CA VAL E 377 -0.17 17.26 -22.49
C VAL E 377 -0.23 16.90 -23.96
N LEU E 378 -0.53 15.65 -24.32
CA LEU E 378 -0.68 15.25 -25.71
C LEU E 378 -1.90 15.92 -26.39
N GLN E 379 -3.00 16.11 -25.66
CA GLN E 379 -4.18 16.79 -26.18
C GLN E 379 -3.92 18.29 -26.43
N GLU E 380 -3.37 19.04 -25.46
CA GLU E 380 -3.01 20.45 -25.65
C GLU E 380 -1.89 20.64 -26.69
N THR E 381 -1.07 19.62 -26.95
CA THR E 381 -0.07 19.62 -28.02
C THR E 381 -0.70 19.54 -29.40
N ILE E 382 -1.73 18.71 -29.59
CA ILE E 382 -2.34 18.50 -30.91
C ILE E 382 -3.48 19.49 -31.17
N SER E 383 -4.30 19.79 -30.17
CA SER E 383 -5.44 20.72 -30.26
C SER E 383 -5.38 21.77 -29.14
N PRO E 384 -4.59 22.85 -29.30
CA PRO E 384 -4.45 23.92 -28.32
C PRO E 384 -5.76 24.59 -27.89
N SER E 385 -5.92 24.83 -26.59
CA SER E 385 -7.04 25.59 -26.02
C SER E 385 -6.90 27.10 -26.25
N GLY E 386 -7.99 27.86 -26.17
CA GLY E 386 -7.98 29.33 -26.24
C GLY E 386 -8.11 29.94 -27.63
N GLN E 387 -8.19 29.13 -28.69
CA GLN E 387 -8.42 29.60 -30.06
C GLN E 387 -9.92 29.67 -30.45
N GLY E 388 -10.83 29.13 -29.64
CA GLY E 388 -12.26 29.05 -29.97
C GLY E 388 -12.62 28.00 -31.04
N VAL E 389 -11.67 27.12 -31.37
CA VAL E 389 -11.76 26.02 -32.35
C VAL E 389 -11.07 24.76 -31.82
#